data_4RYD
#
_entry.id   4RYD
#
_cell.length_a   141.652
_cell.length_b   152.701
_cell.length_c   168.398
_cell.angle_alpha   90.00
_cell.angle_beta   90.00
_cell.angle_gamma   90.00
#
_symmetry.space_group_name_H-M   'P 21 21 21'
#
loop_
_entity.id
_entity.type
_entity.pdbx_description
1 polymer Furin
2 polymer para-guanidinomethyl-phenylacetyl-Arg-(3-methylvaline)-Arg-(amidomethyl)benzamidine
3 non-polymer 'FORMIC ACID'
4 non-polymer 'CALCIUM ION'
5 non-polymer 'SODIUM ION'
6 water water
#
loop_
_entity_poly.entity_id
_entity_poly.type
_entity_poly.pdbx_seq_one_letter_code
_entity_poly.pdbx_strand_id
1 'polypeptide(L)'
;DVYQEPTDPKFPQQWYLSGVTQRDLNVKAAWAQGYTGHGIVVSILDDGIEKNHPDLAGNYDPGASFDVNDQDPDPQPRYT
QMNDNRHGTRCAGEVAAVANNGVCGVGVAYNARIGGVRMLDGEVTDAVEARSLGLNPNHIHIYSASWGPEDDGKTVDGPA
RLAEEAFFRGVSQGRGGLGSIFVWASGNGGREHDSCNCDGYTNSIYTLSISSATQFGNVPWYSEACSSTLATTYSSGNQN
EKQIVTTDLRQKCTESHTGTSASAPLAAGIIALTLEANKNLTWRDMQHLVVQTSKPAHLNANDWATNGVGRKVSHSYGYG
LLDAGAMVALAQNWTTVAPQRKCIIDILTEPKDIGKRLEVRKTVTACLGEPNHITRLEHAQARLTLSYNRRGDLAIHLVS
PMGTRSTLLAARPHDYSADGFNDWAFMTTHSWDEDPSGEWVLEIENTSEANNYGTLTKFTLVLYGTASGSLVPRGSHHHH
HH
;
A,B,C,D,E,F
2 'polypeptide(L)' (2UE)R(TBG)R(00S) H,I,J,K,L,N
#
loop_
_chem_comp.id
_chem_comp.type
_chem_comp.name
_chem_comp.formula
00S non-polymer 4-(aminomethyl)benzenecarboximidamide 'C8 H11 N3'
2UE non-polymer 1-[4-(2-oxoethyl)benzyl]guanidine 'C10 H13 N3 O'
CA non-polymer 'CALCIUM ION' 'Ca 2'
FMT non-polymer 'FORMIC ACID' 'C H2 O2'
NA non-polymer 'SODIUM ION' 'Na 1'
#
# COMPACT_ATOMS: atom_id res chain seq x y z
N VAL A 2 -31.30 -11.47 3.67
CA VAL A 2 -29.83 -11.65 3.53
C VAL A 2 -29.02 -10.68 4.40
N TYR A 3 -29.61 -9.53 4.74
CA TYR A 3 -28.94 -8.53 5.58
C TYR A 3 -28.58 -9.02 7.00
N GLN A 4 -27.35 -8.78 7.43
CA GLN A 4 -26.91 -9.15 8.78
C GLN A 4 -26.84 -7.89 9.66
N GLU A 5 -27.67 -7.82 10.70
CA GLU A 5 -27.69 -6.65 11.61
C GLU A 5 -26.43 -6.54 12.50
N PRO A 6 -26.19 -5.35 13.08
CA PRO A 6 -25.04 -5.07 13.96
C PRO A 6 -24.82 -6.05 15.11
N THR A 7 -23.56 -6.33 15.40
CA THR A 7 -23.18 -7.25 16.47
C THR A 7 -22.65 -6.51 17.70
N ASP A 8 -22.64 -5.18 17.62
CA ASP A 8 -22.15 -4.34 18.72
C ASP A 8 -22.84 -4.73 20.03
N PRO A 9 -22.06 -4.80 21.11
CA PRO A 9 -22.59 -5.18 22.43
C PRO A 9 -23.84 -4.45 22.90
N LYS A 10 -23.97 -3.16 22.58
CA LYS A 10 -25.12 -2.39 23.04
C LYS A 10 -26.25 -2.25 22.03
N PHE A 11 -26.06 -2.79 20.83
CA PHE A 11 -27.11 -2.68 19.81
C PHE A 11 -28.47 -3.18 20.31
N PRO A 12 -28.47 -4.30 21.07
CA PRO A 12 -29.75 -4.80 21.57
C PRO A 12 -30.47 -3.80 22.48
N GLN A 13 -29.72 -2.89 23.10
CA GLN A 13 -30.32 -1.89 23.97
C GLN A 13 -30.80 -0.67 23.18
N GLN A 14 -30.49 -0.63 21.89
CA GLN A 14 -30.93 0.51 21.09
C GLN A 14 -32.32 0.21 20.53
N TRP A 15 -33.26 0.16 21.48
CA TRP A 15 -34.67 -0.13 21.22
C TRP A 15 -35.33 0.73 20.14
N TYR A 16 -34.90 1.97 20.03
CA TYR A 16 -35.47 2.92 19.06
C TYR A 16 -35.03 2.67 17.62
N LEU A 17 -33.95 1.90 17.45
CA LEU A 17 -33.46 1.62 16.10
C LEU A 17 -34.19 0.43 15.52
N SER A 18 -34.24 -0.64 16.31
CA SER A 18 -34.88 -1.88 15.91
C SER A 18 -35.44 -2.57 17.14
N GLY A 19 -36.67 -3.07 17.03
CA GLY A 19 -37.30 -3.75 18.15
C GLY A 19 -38.43 -4.64 17.68
N VAL A 20 -38.72 -5.67 18.46
CA VAL A 20 -39.79 -6.59 18.11
C VAL A 20 -41.12 -5.87 18.38
N THR A 21 -41.14 -5.05 19.42
CA THR A 21 -42.33 -4.31 19.84
C THR A 21 -42.92 -3.38 18.77
N GLN A 22 -42.33 -3.37 17.57
CA GLN A 22 -42.82 -2.54 16.47
C GLN A 22 -42.94 -1.04 16.82
N ARG A 23 -42.34 -0.65 17.94
CA ARG A 23 -42.38 0.74 18.36
C ARG A 23 -40.95 1.31 18.26
N ASP A 24 -40.51 1.54 17.04
CA ASP A 24 -39.18 2.06 16.77
C ASP A 24 -39.15 2.91 15.50
N LEU A 25 -37.98 3.41 15.14
CA LEU A 25 -37.83 4.27 13.97
C LEU A 25 -37.66 3.50 12.65
N ASN A 26 -37.85 2.19 12.72
CA ASN A 26 -37.77 1.33 11.54
C ASN A 26 -36.49 1.52 10.73
N VAL A 27 -35.37 1.66 11.44
CA VAL A 27 -34.07 1.87 10.82
C VAL A 27 -33.48 0.61 10.19
N LYS A 28 -33.70 -0.54 10.81
CA LYS A 28 -33.18 -1.78 10.28
C LYS A 28 -33.73 -2.01 8.87
N ALA A 29 -35.00 -1.65 8.67
CA ALA A 29 -35.64 -1.80 7.35
C ALA A 29 -34.88 -0.99 6.29
N ALA A 30 -34.32 0.15 6.70
CA ALA A 30 -33.57 0.97 5.76
C ALA A 30 -32.21 0.31 5.49
N TRP A 31 -31.56 -0.18 6.55
CA TRP A 31 -30.28 -0.85 6.37
C TRP A 31 -30.46 -2.07 5.47
N ALA A 32 -31.55 -2.80 5.68
CA ALA A 32 -31.83 -3.99 4.89
C ALA A 32 -32.00 -3.64 3.41
N GLN A 33 -32.55 -2.45 3.13
CA GLN A 33 -32.71 -2.01 1.75
C GLN A 33 -31.36 -1.60 1.17
N GLY A 34 -30.33 -1.61 2.00
CA GLY A 34 -28.99 -1.27 1.55
C GLY A 34 -28.48 0.13 1.86
N TYR A 35 -29.15 0.85 2.76
CA TYR A 35 -28.71 2.20 3.08
C TYR A 35 -28.15 2.36 4.49
N THR A 36 -26.90 2.78 4.58
CA THR A 36 -26.23 2.96 5.86
C THR A 36 -25.56 4.34 5.99
N GLY A 37 -25.78 5.19 4.99
CA GLY A 37 -25.21 6.51 5.02
C GLY A 37 -23.89 6.66 4.30
N HIS A 38 -23.48 5.62 3.58
CA HIS A 38 -22.22 5.70 2.86
C HIS A 38 -22.20 6.91 1.93
N GLY A 39 -21.12 7.66 1.97
CA GLY A 39 -21.00 8.82 1.09
C GLY A 39 -21.61 10.12 1.58
N ILE A 40 -22.33 10.07 2.69
CA ILE A 40 -22.97 11.28 3.23
C ILE A 40 -22.13 11.86 4.37
N VAL A 41 -22.12 13.19 4.46
CA VAL A 41 -21.33 13.87 5.48
C VAL A 41 -22.25 14.65 6.41
N VAL A 42 -22.15 14.36 7.71
CA VAL A 42 -22.97 15.01 8.71
C VAL A 42 -22.07 15.71 9.71
N SER A 43 -22.45 16.92 10.11
CA SER A 43 -21.66 17.67 11.07
C SER A 43 -22.51 18.05 12.29
N ILE A 44 -21.95 17.83 13.47
CA ILE A 44 -22.62 18.13 14.73
C ILE A 44 -22.15 19.50 15.24
N LEU A 45 -23.02 20.50 15.20
CA LEU A 45 -22.63 21.83 15.69
C LEU A 45 -22.94 21.79 17.19
N ASP A 46 -21.91 21.69 18.02
CA ASP A 46 -22.12 21.56 19.44
C ASP A 46 -20.92 22.01 20.28
N ASP A 47 -20.61 21.25 21.34
CA ASP A 47 -19.50 21.61 22.22
C ASP A 47 -18.22 20.86 21.93
N GLY A 48 -18.15 20.24 20.75
CA GLY A 48 -16.96 19.51 20.37
C GLY A 48 -17.29 18.04 20.10
N ILE A 49 -16.32 17.33 19.54
CA ILE A 49 -16.48 15.92 19.24
C ILE A 49 -15.18 15.19 19.56
N GLU A 50 -15.28 14.12 20.35
CA GLU A 50 -14.10 13.34 20.70
C GLU A 50 -13.75 12.50 19.46
N LYS A 51 -12.99 13.08 18.54
CA LYS A 51 -12.64 12.40 17.30
C LYS A 51 -11.88 11.10 17.44
N ASN A 52 -11.24 10.90 18.59
CA ASN A 52 -10.48 9.69 18.83
C ASN A 52 -11.30 8.65 19.60
N HIS A 53 -12.59 8.89 19.77
CA HIS A 53 -13.43 7.92 20.49
C HIS A 53 -13.42 6.62 19.68
N PRO A 54 -13.22 5.47 20.36
CA PRO A 54 -13.20 4.20 19.64
C PRO A 54 -14.42 3.91 18.76
N ASP A 55 -15.55 4.51 19.07
CA ASP A 55 -16.72 4.25 18.22
C ASP A 55 -16.98 5.38 17.22
N LEU A 56 -16.08 6.36 17.15
CA LEU A 56 -16.22 7.48 16.22
C LEU A 56 -15.05 7.64 15.26
N ALA A 57 -13.84 7.34 15.72
CA ALA A 57 -12.64 7.51 14.88
C ALA A 57 -12.79 6.95 13.47
N GLY A 58 -13.38 5.77 13.37
CA GLY A 58 -13.55 5.14 12.09
C GLY A 58 -14.36 5.94 11.07
N ASN A 59 -15.26 6.80 11.54
CA ASN A 59 -16.07 7.60 10.61
C ASN A 59 -15.74 9.10 10.69
N TYR A 60 -14.84 9.49 11.60
CA TYR A 60 -14.51 10.89 11.76
C TYR A 60 -14.03 11.55 10.49
N ASP A 61 -14.54 12.75 10.22
CA ASP A 61 -14.16 13.50 9.03
C ASP A 61 -13.70 14.92 9.38
N PRO A 62 -12.39 15.17 9.28
CA PRO A 62 -11.78 16.47 9.57
C PRO A 62 -12.39 17.57 8.70
N GLY A 63 -12.77 17.20 7.48
CA GLY A 63 -13.35 18.14 6.55
C GLY A 63 -14.73 18.63 6.97
N ALA A 64 -15.36 17.93 7.90
CA ALA A 64 -16.68 18.33 8.38
C ALA A 64 -16.54 18.90 9.80
N SER A 65 -15.31 19.23 10.18
CA SER A 65 -15.07 19.73 11.52
C SER A 65 -14.28 21.02 11.61
N PHE A 66 -14.38 21.67 12.77
CA PHE A 66 -13.65 22.89 13.04
C PHE A 66 -13.91 23.33 14.47
N ASP A 67 -13.01 24.14 15.01
CA ASP A 67 -13.16 24.65 16.37
C ASP A 67 -13.33 26.16 16.23
N VAL A 68 -14.57 26.62 16.21
CA VAL A 68 -14.86 28.04 16.09
C VAL A 68 -14.60 28.79 17.37
N ASN A 69 -14.76 28.11 18.51
CA ASN A 69 -14.52 28.73 19.81
C ASN A 69 -13.04 29.16 19.98
N ASP A 70 -12.11 28.28 19.61
CA ASP A 70 -10.69 28.60 19.74
C ASP A 70 -10.02 28.89 18.40
N GLN A 71 -10.79 28.90 17.32
CA GLN A 71 -10.25 29.19 16.00
C GLN A 71 -9.12 28.27 15.56
N ASP A 72 -9.41 26.98 15.44
CA ASP A 72 -8.45 26.02 14.95
C ASP A 72 -9.26 24.89 14.36
N PRO A 73 -8.64 24.03 13.56
CA PRO A 73 -9.40 22.93 12.96
C PRO A 73 -9.72 21.72 13.82
N ASP A 74 -9.19 21.67 15.03
CA ASP A 74 -9.38 20.54 15.93
C ASP A 74 -10.53 20.73 16.94
N PRO A 75 -11.68 20.06 16.72
CA PRO A 75 -12.88 20.13 17.55
C PRO A 75 -12.86 19.31 18.85
N GLN A 76 -11.69 18.81 19.24
CA GLN A 76 -11.60 18.01 20.45
C GLN A 76 -12.27 18.75 21.63
N PRO A 77 -13.09 18.04 22.43
CA PRO A 77 -13.76 18.70 23.56
C PRO A 77 -12.75 19.11 24.63
N ARG A 78 -13.11 20.11 25.41
CA ARG A 78 -12.27 20.58 26.51
C ARG A 78 -12.68 19.76 27.71
N TYR A 79 -11.74 18.98 28.25
CA TYR A 79 -12.05 18.13 29.39
C TYR A 79 -12.07 18.85 30.73
N THR A 80 -13.08 18.55 31.54
CA THR A 80 -13.22 19.11 32.86
C THR A 80 -13.77 18.01 33.78
N GLN A 81 -13.60 18.19 35.09
CA GLN A 81 -14.07 17.21 36.08
C GLN A 81 -15.57 16.94 35.95
N MET A 82 -16.33 17.96 35.59
CA MET A 82 -17.78 17.79 35.46
C MET A 82 -18.19 17.21 34.11
N ASN A 83 -17.24 17.05 33.19
CA ASN A 83 -17.54 16.54 31.86
C ASN A 83 -18.62 17.36 31.16
N ASP A 84 -18.50 18.68 31.29
CA ASP A 84 -19.45 19.62 30.69
C ASP A 84 -19.55 19.49 29.18
N ASN A 85 -18.41 19.21 28.53
CA ASN A 85 -18.40 19.14 27.07
C ASN A 85 -18.53 17.75 26.48
N ARG A 86 -19.42 16.94 27.05
CA ARG A 86 -19.65 15.57 26.56
C ARG A 86 -20.85 15.52 25.61
N HIS A 87 -21.60 16.62 25.56
CA HIS A 87 -22.83 16.70 24.77
C HIS A 87 -22.66 16.44 23.28
N GLY A 88 -21.72 17.12 22.64
CA GLY A 88 -21.53 16.93 21.20
C GLY A 88 -21.16 15.51 20.83
N THR A 89 -20.30 14.91 21.66
CA THR A 89 -19.86 13.54 21.42
C THR A 89 -21.04 12.56 21.52
N ARG A 90 -21.94 12.81 22.46
CA ARG A 90 -23.10 11.94 22.59
C ARG A 90 -24.00 12.06 21.34
N CYS A 91 -24.19 13.28 20.85
CA CYS A 91 -25.02 13.47 19.68
C CYS A 91 -24.37 12.83 18.44
N ALA A 92 -23.05 12.98 18.30
CA ALA A 92 -22.31 12.39 17.18
C ALA A 92 -22.51 10.86 17.08
N GLY A 93 -22.40 10.18 18.21
CA GLY A 93 -22.57 8.73 18.22
C GLY A 93 -23.94 8.24 17.76
N GLU A 94 -24.98 9.04 18.01
CA GLU A 94 -26.33 8.68 17.59
C GLU A 94 -26.42 8.62 16.09
N VAL A 95 -25.72 9.55 15.44
CA VAL A 95 -25.73 9.63 14.00
C VAL A 95 -24.84 8.60 13.32
N ALA A 96 -23.58 8.50 13.77
CA ALA A 96 -22.66 7.62 13.07
C ALA A 96 -21.67 6.79 13.86
N ALA A 97 -22.07 6.27 15.01
CA ALA A 97 -21.17 5.42 15.77
C ALA A 97 -20.84 4.23 14.85
N VAL A 98 -19.59 3.79 14.87
CA VAL A 98 -19.14 2.66 14.03
C VAL A 98 -19.87 1.36 14.38
N ALA A 99 -20.16 0.57 13.36
CA ALA A 99 -20.87 -0.69 13.54
C ALA A 99 -19.96 -1.93 13.49
N ASN A 100 -20.41 -3.00 14.14
CA ASN A 100 -19.71 -4.27 14.15
C ASN A 100 -18.25 -4.20 14.57
N ASN A 101 -17.97 -3.41 15.61
CA ASN A 101 -16.59 -3.27 16.04
C ASN A 101 -16.45 -3.60 17.52
N GLY A 102 -17.42 -4.34 18.05
CA GLY A 102 -17.40 -4.74 19.46
C GLY A 102 -17.36 -3.60 20.47
N VAL A 103 -17.74 -2.40 20.04
CA VAL A 103 -17.76 -1.26 20.94
C VAL A 103 -19.12 -0.58 20.98
N CYS A 104 -19.62 -0.35 22.20
CA CYS A 104 -20.89 0.33 22.44
C CYS A 104 -22.00 -0.12 21.46
N GLY A 105 -22.67 0.85 20.83
CA GLY A 105 -23.74 0.53 19.89
C GLY A 105 -23.39 0.92 18.46
N VAL A 106 -24.39 1.39 17.71
CA VAL A 106 -24.20 1.82 16.33
C VAL A 106 -25.00 3.08 16.03
N GLY A 107 -24.54 3.86 15.06
CA GLY A 107 -25.27 5.06 14.70
C GLY A 107 -26.35 4.71 13.70
N VAL A 108 -27.31 5.60 13.50
CA VAL A 108 -28.38 5.37 12.52
C VAL A 108 -27.76 5.20 11.13
N ALA A 109 -26.78 6.05 10.82
CA ALA A 109 -26.06 6.01 9.54
C ALA A 109 -24.62 5.62 9.88
N TYR A 110 -24.42 4.35 10.23
CA TYR A 110 -23.10 3.89 10.64
C TYR A 110 -21.98 3.89 9.63
N ASN A 111 -22.29 4.22 8.38
CA ASN A 111 -21.24 4.29 7.35
C ASN A 111 -21.08 5.74 6.87
N ALA A 112 -21.80 6.65 7.49
CA ALA A 112 -21.68 8.06 7.12
C ALA A 112 -20.41 8.65 7.73
N ARG A 113 -19.95 9.76 7.18
CA ARG A 113 -18.79 10.43 7.72
C ARG A 113 -19.34 11.46 8.69
N ILE A 114 -18.73 11.53 9.87
CA ILE A 114 -19.20 12.43 10.91
C ILE A 114 -18.14 13.45 11.33
N GLY A 115 -18.57 14.70 11.46
CA GLY A 115 -17.67 15.75 11.87
C GLY A 115 -18.32 16.52 13.01
N GLY A 116 -17.56 17.44 13.58
CA GLY A 116 -18.11 18.24 14.66
C GLY A 116 -17.54 19.64 14.64
N VAL A 117 -18.38 20.62 14.96
CA VAL A 117 -17.92 21.98 15.05
C VAL A 117 -18.03 22.36 16.52
N ARG A 118 -16.90 22.71 17.11
CA ARG A 118 -16.88 23.10 18.51
C ARG A 118 -17.23 24.57 18.49
N MET A 119 -18.46 24.89 18.93
CA MET A 119 -18.91 26.27 18.93
C MET A 119 -19.75 26.69 20.15
N LEU A 120 -20.09 25.74 21.01
CA LEU A 120 -20.88 26.08 22.20
C LEU A 120 -20.04 26.35 23.43
N ASP A 121 -18.76 25.96 23.38
CA ASP A 121 -17.88 26.12 24.52
C ASP A 121 -17.12 27.45 24.47
N GLY A 122 -17.86 28.54 24.64
CA GLY A 122 -17.30 29.87 24.60
C GLY A 122 -18.44 30.84 24.36
N GLU A 123 -18.13 32.07 24.00
CA GLU A 123 -19.20 33.03 23.76
C GLU A 123 -19.83 32.65 22.43
N VAL A 124 -21.12 32.32 22.45
CA VAL A 124 -21.81 31.95 21.22
C VAL A 124 -22.42 33.19 20.57
N THR A 125 -21.62 33.85 19.74
CA THR A 125 -22.04 35.05 19.05
C THR A 125 -22.69 34.73 17.71
N ASP A 126 -23.23 35.76 17.08
CA ASP A 126 -23.85 35.62 15.78
C ASP A 126 -22.78 35.11 14.79
N ALA A 127 -21.59 35.68 14.87
CA ALA A 127 -20.48 35.28 13.99
C ALA A 127 -20.11 33.82 14.21
N VAL A 128 -20.08 33.40 15.48
CA VAL A 128 -19.76 32.02 15.81
C VAL A 128 -20.80 31.10 15.17
N GLU A 129 -22.06 31.45 15.30
CA GLU A 129 -23.13 30.63 14.72
C GLU A 129 -23.02 30.59 13.20
N ALA A 130 -22.85 31.76 12.58
CA ALA A 130 -22.77 31.85 11.14
C ALA A 130 -21.61 31.04 10.55
N ARG A 131 -20.46 31.07 11.22
CA ARG A 131 -19.32 30.31 10.72
C ARG A 131 -19.56 28.80 10.85
N SER A 132 -20.35 28.40 11.84
CA SER A 132 -20.66 26.99 12.06
C SER A 132 -21.68 26.50 11.04
N LEU A 133 -22.79 27.23 10.91
CA LEU A 133 -23.84 26.86 9.96
C LEU A 133 -23.32 26.91 8.52
N GLY A 134 -22.33 27.77 8.28
CA GLY A 134 -21.79 27.91 6.94
C GLY A 134 -20.47 27.19 6.70
N LEU A 135 -20.12 26.26 7.57
CA LEU A 135 -18.87 25.53 7.39
C LEU A 135 -18.93 24.60 6.20
N ASN A 136 -17.95 24.70 5.30
CA ASN A 136 -17.85 23.79 4.15
C ASN A 136 -19.19 23.33 3.57
N PRO A 137 -20.03 24.26 3.12
CA PRO A 137 -21.35 23.95 2.54
C PRO A 137 -21.34 22.99 1.35
N ASN A 138 -20.20 22.83 0.70
CA ASN A 138 -20.15 21.93 -0.44
C ASN A 138 -19.55 20.59 -0.11
N HIS A 139 -19.19 20.39 1.16
CA HIS A 139 -18.65 19.10 1.58
C HIS A 139 -19.64 18.45 2.55
N ILE A 140 -20.12 19.24 3.51
CA ILE A 140 -21.09 18.77 4.51
C ILE A 140 -22.49 18.76 3.91
N HIS A 141 -23.24 17.68 4.12
CA HIS A 141 -24.59 17.60 3.59
C HIS A 141 -25.63 17.97 4.62
N ILE A 142 -25.44 17.50 5.84
CA ILE A 142 -26.40 17.70 6.91
C ILE A 142 -25.77 18.29 8.17
N TYR A 143 -26.44 19.29 8.73
CA TYR A 143 -25.98 19.94 9.95
C TYR A 143 -26.99 19.60 11.02
N SER A 144 -26.52 19.16 12.19
CA SER A 144 -27.42 18.82 13.29
C SER A 144 -27.14 19.75 14.46
N ALA A 145 -28.18 20.37 14.99
CA ALA A 145 -28.00 21.30 16.10
C ALA A 145 -28.92 21.01 17.27
N SER A 146 -28.33 20.56 18.38
CA SER A 146 -29.10 20.27 19.58
C SER A 146 -28.88 21.38 20.62
N TRP A 147 -29.20 22.60 20.22
CA TRP A 147 -29.03 23.76 21.09
C TRP A 147 -29.91 24.87 20.57
N GLY A 148 -30.08 25.92 21.35
CA GLY A 148 -30.88 27.04 20.91
C GLY A 148 -31.06 28.06 22.01
N PRO A 149 -32.01 28.99 21.85
CA PRO A 149 -32.26 30.03 22.86
C PRO A 149 -32.72 29.38 24.16
N GLU A 150 -32.57 30.09 25.27
CA GLU A 150 -32.96 29.58 26.56
C GLU A 150 -34.45 29.17 26.63
N ASP A 151 -34.73 28.08 27.32
CA ASP A 151 -36.09 27.57 27.44
C ASP A 151 -36.76 27.99 28.75
N ASP A 152 -36.69 29.26 29.10
CA ASP A 152 -37.30 29.70 30.35
C ASP A 152 -38.78 29.96 30.19
N GLY A 153 -39.27 29.87 28.96
CA GLY A 153 -40.68 30.09 28.73
C GLY A 153 -41.09 31.55 28.71
N LYS A 154 -40.11 32.44 28.59
CA LYS A 154 -40.43 33.84 28.53
C LYS A 154 -39.58 34.61 27.53
N THR A 155 -38.74 33.89 26.79
CA THR A 155 -37.93 34.58 25.81
C THR A 155 -38.41 34.33 24.39
N VAL A 156 -38.16 35.31 23.52
CA VAL A 156 -38.49 35.24 22.12
C VAL A 156 -37.14 35.59 21.52
N ASP A 157 -36.53 34.64 20.83
CA ASP A 157 -35.20 34.86 20.29
C ASP A 157 -35.00 33.96 19.08
N GLY A 158 -34.06 34.34 18.23
CA GLY A 158 -33.76 33.59 17.03
C GLY A 158 -32.42 34.01 16.48
N PRO A 159 -32.04 33.53 15.28
CA PRO A 159 -30.74 33.90 14.70
C PRO A 159 -30.60 35.38 14.37
N ALA A 160 -29.41 35.92 14.61
CA ALA A 160 -29.11 37.31 14.27
C ALA A 160 -28.79 37.31 12.77
N ARG A 161 -28.45 38.47 12.22
CA ARG A 161 -28.23 38.60 10.78
C ARG A 161 -27.27 37.65 10.08
N LEU A 162 -26.07 37.48 10.62
CA LEU A 162 -25.11 36.59 9.98
C LEU A 162 -25.59 35.15 9.96
N ALA A 163 -26.18 34.69 11.06
CA ALA A 163 -26.70 33.33 11.11
C ALA A 163 -27.85 33.17 10.10
N GLU A 164 -28.70 34.18 9.99
CA GLU A 164 -29.80 34.11 9.03
C GLU A 164 -29.22 33.99 7.63
N GLU A 165 -28.22 34.82 7.33
CA GLU A 165 -27.59 34.77 6.02
C GLU A 165 -26.96 33.41 5.78
N ALA A 166 -26.41 32.80 6.83
CA ALA A 166 -25.80 31.49 6.67
C ALA A 166 -26.87 30.47 6.30
N PHE A 167 -28.03 30.56 6.95
CA PHE A 167 -29.13 29.64 6.65
C PHE A 167 -29.55 29.80 5.19
N PHE A 168 -29.75 31.05 4.78
CA PHE A 168 -30.19 31.36 3.41
C PHE A 168 -29.17 30.91 2.37
N ARG A 169 -27.89 31.19 2.61
CA ARG A 169 -26.84 30.77 1.68
C ARG A 169 -26.85 29.23 1.64
N GLY A 170 -27.05 28.63 2.81
CA GLY A 170 -27.06 27.20 2.90
C GLY A 170 -28.12 26.51 2.05
N VAL A 171 -29.38 26.86 2.22
CA VAL A 171 -30.44 26.24 1.43
C VAL A 171 -30.38 26.64 -0.05
N SER A 172 -29.76 27.78 -0.34
CA SER A 172 -29.66 28.26 -1.72
C SER A 172 -28.50 27.67 -2.49
N GLN A 173 -27.33 27.68 -1.87
CA GLN A 173 -26.10 27.24 -2.52
C GLN A 173 -25.47 25.97 -1.99
N GLY A 174 -25.74 25.62 -0.74
CA GLY A 174 -25.16 24.41 -0.18
C GLY A 174 -25.43 23.17 -1.03
N ARG A 175 -24.61 22.14 -0.85
CA ARG A 175 -24.76 20.89 -1.60
C ARG A 175 -24.94 21.13 -3.09
N GLY A 176 -24.05 21.93 -3.68
CA GLY A 176 -24.16 22.19 -5.10
C GLY A 176 -25.49 22.78 -5.54
N GLY A 177 -26.14 23.56 -4.68
CA GLY A 177 -27.40 24.16 -5.07
C GLY A 177 -28.63 23.40 -4.62
N LEU A 178 -28.45 22.18 -4.15
CA LEU A 178 -29.59 21.39 -3.68
C LEU A 178 -30.03 21.90 -2.31
N GLY A 179 -29.11 22.55 -1.59
CA GLY A 179 -29.40 23.12 -0.28
C GLY A 179 -29.02 22.31 0.94
N SER A 180 -28.26 22.92 1.85
CA SER A 180 -27.85 22.29 3.10
C SER A 180 -29.09 21.83 3.88
N ILE A 181 -28.97 20.70 4.59
CA ILE A 181 -30.09 20.21 5.39
C ILE A 181 -29.78 20.59 6.84
N PHE A 182 -30.62 21.41 7.45
CA PHE A 182 -30.43 21.84 8.84
C PHE A 182 -31.46 21.15 9.75
N VAL A 183 -30.99 20.27 10.64
CA VAL A 183 -31.86 19.55 11.57
C VAL A 183 -31.76 20.21 12.95
N TRP A 184 -32.89 20.56 13.54
CA TRP A 184 -32.90 21.24 14.83
C TRP A 184 -33.72 20.55 15.92
N ALA A 185 -33.22 20.58 17.14
CA ALA A 185 -33.93 20.01 18.29
C ALA A 185 -34.96 21.07 18.69
N SER A 186 -36.23 20.68 18.82
CA SER A 186 -37.28 21.66 19.15
C SER A 186 -37.24 22.32 20.52
N GLY A 187 -36.54 21.74 21.49
CA GLY A 187 -36.46 22.40 22.80
C GLY A 187 -36.78 21.59 24.03
N ASN A 188 -36.26 22.01 25.18
CA ASN A 188 -36.50 21.32 26.44
C ASN A 188 -37.33 22.16 27.41
N GLY A 189 -38.09 23.13 26.90
CA GLY A 189 -38.87 23.99 27.78
C GLY A 189 -40.26 23.55 28.24
N GLY A 190 -40.57 22.27 28.09
CA GLY A 190 -41.87 21.76 28.48
C GLY A 190 -42.31 22.10 29.91
N ARG A 191 -41.42 21.98 30.89
CA ARG A 191 -41.78 22.28 32.27
C ARG A 191 -42.09 23.77 32.46
N GLU A 192 -41.49 24.63 31.63
CA GLU A 192 -41.71 26.07 31.72
C GLU A 192 -42.83 26.52 30.78
N HIS A 193 -43.53 25.55 30.19
CA HIS A 193 -44.62 25.86 29.26
C HIS A 193 -44.13 26.66 28.06
N ASP A 194 -42.90 26.42 27.65
CA ASP A 194 -42.32 27.14 26.52
C ASP A 194 -42.98 26.72 25.19
N SER A 195 -42.88 27.59 24.19
CA SER A 195 -43.43 27.32 22.87
C SER A 195 -42.30 27.37 21.85
N CYS A 196 -42.13 26.33 21.05
CA CYS A 196 -41.05 26.35 20.09
C CYS A 196 -41.26 27.31 18.93
N ASN A 197 -42.38 28.04 18.93
CA ASN A 197 -42.60 29.04 17.89
C ASN A 197 -41.98 30.37 18.34
N CYS A 198 -41.49 30.41 19.56
CA CYS A 198 -40.85 31.61 20.08
C CYS A 198 -39.33 31.43 19.95
N ASP A 199 -38.95 30.45 19.16
CA ASP A 199 -37.55 30.10 18.91
C ASP A 199 -37.38 30.27 17.40
N GLY A 200 -36.58 31.23 16.99
CA GLY A 200 -36.39 31.49 15.57
C GLY A 200 -35.62 30.44 14.77
N TYR A 201 -34.91 29.55 15.46
CA TYR A 201 -34.16 28.51 14.77
C TYR A 201 -35.12 27.37 14.40
N THR A 202 -35.90 26.93 15.37
CA THR A 202 -36.87 25.87 15.13
C THR A 202 -37.99 26.36 14.20
N ASN A 203 -38.42 27.60 14.44
CA ASN A 203 -39.50 28.26 13.70
C ASN A 203 -39.17 28.56 12.23
N SER A 204 -37.89 28.51 11.89
CA SER A 204 -37.45 28.77 10.52
C SER A 204 -37.90 27.71 9.51
N ILE A 205 -38.24 28.12 8.30
CA ILE A 205 -38.64 27.14 7.30
C ILE A 205 -37.40 26.38 6.81
N TYR A 206 -36.22 26.93 7.04
CA TYR A 206 -34.97 26.31 6.59
C TYR A 206 -34.50 25.14 7.46
N THR A 207 -35.09 24.98 8.63
CA THR A 207 -34.69 23.88 9.51
C THR A 207 -35.81 22.85 9.69
N LEU A 208 -35.43 21.59 9.88
CA LEU A 208 -36.43 20.55 10.14
C LEU A 208 -36.42 20.45 11.65
N SER A 209 -37.44 21.01 12.30
CA SER A 209 -37.51 20.97 13.74
C SER A 209 -38.07 19.61 14.16
N ILE A 210 -37.35 18.95 15.06
CA ILE A 210 -37.70 17.61 15.53
C ILE A 210 -38.05 17.53 17.02
N SER A 211 -39.21 16.95 17.34
CA SER A 211 -39.62 16.81 18.73
C SER A 211 -39.34 15.38 19.23
N SER A 212 -39.72 15.11 20.49
CA SER A 212 -39.47 13.80 21.10
C SER A 212 -40.70 13.03 21.58
N ALA A 213 -40.53 11.73 21.70
CA ALA A 213 -41.58 10.83 22.19
C ALA A 213 -40.89 9.86 23.16
N THR A 214 -41.57 9.49 24.23
CA THR A 214 -40.99 8.54 25.19
C THR A 214 -41.17 7.12 24.66
N GLN A 215 -40.47 6.17 25.25
CA GLN A 215 -40.56 4.80 24.80
C GLN A 215 -42.00 4.29 24.74
N PHE A 216 -42.82 4.63 25.73
CA PHE A 216 -44.20 4.16 25.74
C PHE A 216 -45.11 5.01 24.85
N GLY A 217 -44.50 5.89 24.06
CA GLY A 217 -45.27 6.71 23.14
C GLY A 217 -45.98 7.94 23.69
N ASN A 218 -45.41 8.55 24.74
CA ASN A 218 -46.01 9.72 25.33
C ASN A 218 -45.22 11.02 25.09
N VAL A 219 -45.86 12.15 25.36
CA VAL A 219 -45.20 13.44 25.22
C VAL A 219 -44.33 13.64 26.46
N PRO A 220 -43.00 13.66 26.29
CA PRO A 220 -42.05 13.82 27.39
C PRO A 220 -42.28 15.10 28.19
N TRP A 221 -41.89 15.10 29.46
CA TRP A 221 -42.06 16.29 30.30
C TRP A 221 -41.36 17.53 29.73
N TYR A 222 -40.22 17.34 29.07
CA TYR A 222 -39.46 18.46 28.53
C TYR A 222 -39.93 18.99 27.19
N SER A 223 -40.85 18.27 26.55
CA SER A 223 -41.35 18.64 25.24
C SER A 223 -42.07 19.99 25.11
N GLU A 224 -41.77 20.71 24.03
CA GLU A 224 -42.42 22.00 23.75
C GLU A 224 -43.33 21.79 22.55
N ALA A 225 -44.56 22.29 22.66
CA ALA A 225 -45.51 22.17 21.57
C ALA A 225 -45.53 23.45 20.73
N CYS A 226 -45.74 23.30 19.43
CA CYS A 226 -45.83 24.43 18.52
C CYS A 226 -46.12 23.88 17.13
N SER A 227 -46.62 24.74 16.25
CA SER A 227 -46.98 24.37 14.90
C SER A 227 -45.81 24.29 13.92
N SER A 228 -44.64 24.77 14.31
CA SER A 228 -43.50 24.75 13.40
C SER A 228 -42.75 23.41 13.38
N THR A 229 -43.01 22.57 14.38
CA THR A 229 -42.35 21.26 14.44
C THR A 229 -42.80 20.40 13.25
N LEU A 230 -41.86 19.65 12.66
CA LEU A 230 -42.17 18.82 11.50
C LEU A 230 -42.41 17.35 11.80
N ALA A 231 -41.56 16.75 12.63
CA ALA A 231 -41.69 15.34 12.96
C ALA A 231 -41.06 15.01 14.31
N THR A 232 -41.06 13.73 14.65
CA THR A 232 -40.58 13.26 15.94
C THR A 232 -39.68 12.03 15.88
N THR A 233 -38.79 11.92 16.87
CA THR A 233 -37.96 10.72 17.01
C THR A 233 -37.98 10.43 18.50
N TYR A 234 -37.71 9.18 18.87
CA TYR A 234 -37.70 8.79 20.28
C TYR A 234 -36.58 9.43 21.07
N SER A 235 -36.83 9.56 22.38
CA SER A 235 -35.85 10.07 23.32
C SER A 235 -36.23 9.53 24.70
N SER A 236 -35.81 10.22 25.76
CA SER A 236 -36.08 9.76 27.11
C SER A 236 -37.47 10.14 27.67
N GLY A 237 -37.85 9.46 28.75
CA GLY A 237 -39.13 9.72 29.40
C GLY A 237 -38.97 9.54 30.90
N ASN A 238 -39.82 8.71 31.50
CA ASN A 238 -39.71 8.49 32.95
C ASN A 238 -38.66 7.41 33.24
N GLN A 239 -38.47 7.08 34.51
CA GLN A 239 -37.45 6.11 34.86
C GLN A 239 -37.78 4.66 34.57
N ASN A 240 -38.98 4.38 34.07
CA ASN A 240 -39.34 3.01 33.71
C ASN A 240 -39.12 2.88 32.20
N GLU A 241 -38.86 4.00 31.54
CA GLU A 241 -38.63 4.00 30.10
C GLU A 241 -37.14 4.07 29.77
N LYS A 242 -36.73 3.37 28.71
CA LYS A 242 -35.33 3.37 28.34
C LYS A 242 -34.91 4.70 27.72
N GLN A 243 -33.60 4.93 27.62
CA GLN A 243 -33.10 6.17 27.05
C GLN A 243 -32.20 5.92 25.85
N ILE A 244 -31.43 6.92 25.44
CA ILE A 244 -30.59 6.77 24.28
C ILE A 244 -29.17 6.28 24.60
N VAL A 245 -28.74 5.26 23.85
CA VAL A 245 -27.42 4.65 24.00
C VAL A 245 -26.48 5.24 22.96
N THR A 246 -25.36 5.80 23.41
CA THR A 246 -24.42 6.41 22.49
C THR A 246 -23.02 6.56 23.08
N THR A 247 -22.12 7.13 22.28
CA THR A 247 -20.73 7.38 22.68
C THR A 247 -20.66 8.51 23.69
N ASP A 248 -19.83 8.36 24.72
CA ASP A 248 -19.70 9.38 25.74
C ASP A 248 -18.26 9.84 25.84
N LEU A 249 -18.06 11.03 26.41
CA LEU A 249 -16.74 11.62 26.60
C LEU A 249 -15.81 10.65 27.34
N ARG A 250 -14.52 10.78 27.10
CA ARG A 250 -13.51 9.93 27.71
C ARG A 250 -13.62 8.50 27.21
N GLN A 251 -13.97 8.37 25.94
CA GLN A 251 -14.07 7.07 25.28
C GLN A 251 -14.98 6.06 25.98
N LYS A 252 -16.07 6.55 26.55
CA LYS A 252 -17.02 5.69 27.24
C LYS A 252 -18.29 5.49 26.44
N CYS A 253 -19.19 4.70 26.98
CA CYS A 253 -20.46 4.42 26.35
C CYS A 253 -21.52 4.80 27.37
N THR A 254 -22.59 5.46 26.94
CA THR A 254 -23.61 5.84 27.89
C THR A 254 -24.97 5.31 27.43
N GLU A 255 -25.84 5.03 28.39
CA GLU A 255 -27.17 4.55 28.06
C GLU A 255 -28.15 5.58 28.57
N SER A 256 -27.62 6.75 28.93
CA SER A 256 -28.47 7.80 29.47
C SER A 256 -28.41 9.15 28.76
N HIS A 257 -28.41 9.16 27.44
CA HIS A 257 -28.42 10.42 26.69
C HIS A 257 -29.93 10.75 26.70
N THR A 258 -30.27 11.99 27.05
CA THR A 258 -31.67 12.37 27.20
C THR A 258 -32.15 13.68 26.57
N GLY A 259 -33.45 13.94 26.71
CA GLY A 259 -34.04 15.17 26.23
C GLY A 259 -34.14 15.41 24.74
N THR A 260 -34.49 16.65 24.41
CA THR A 260 -34.63 17.05 23.02
C THR A 260 -33.32 16.86 22.28
N SER A 261 -32.20 16.95 22.99
CA SER A 261 -30.87 16.80 22.39
C SER A 261 -30.68 15.50 21.63
N ALA A 262 -31.29 14.42 22.14
CA ALA A 262 -31.14 13.11 21.51
C ALA A 262 -32.01 12.88 20.28
N SER A 263 -33.04 13.68 20.10
CA SER A 263 -33.92 13.48 18.96
C SER A 263 -33.40 13.99 17.64
N ALA A 264 -32.87 15.21 17.61
CA ALA A 264 -32.38 15.75 16.34
C ALA A 264 -31.31 14.87 15.66
N PRO A 265 -30.34 14.37 16.43
CA PRO A 265 -29.31 13.51 15.83
C PRO A 265 -29.88 12.26 15.15
N LEU A 266 -30.90 11.66 15.75
CA LEU A 266 -31.51 10.47 15.17
C LEU A 266 -32.17 10.85 13.84
N ALA A 267 -32.78 12.02 13.81
CA ALA A 267 -33.40 12.50 12.61
C ALA A 267 -32.30 12.75 11.57
N ALA A 268 -31.21 13.39 12.01
CA ALA A 268 -30.11 13.67 11.08
C ALA A 268 -29.61 12.36 10.47
N GLY A 269 -29.53 11.32 11.28
CA GLY A 269 -29.08 10.03 10.77
C GLY A 269 -30.01 9.47 9.73
N ILE A 270 -31.31 9.49 10.02
CA ILE A 270 -32.29 8.96 9.08
C ILE A 270 -32.24 9.74 7.76
N ILE A 271 -32.05 11.05 7.86
CA ILE A 271 -31.96 11.88 6.68
C ILE A 271 -30.71 11.50 5.87
N ALA A 272 -29.64 11.12 6.55
CA ALA A 272 -28.41 10.71 5.87
C ALA A 272 -28.70 9.44 5.05
N LEU A 273 -29.46 8.52 5.62
CA LEU A 273 -29.79 7.28 4.90
C LEU A 273 -30.61 7.66 3.68
N THR A 274 -31.49 8.64 3.84
CA THR A 274 -32.37 9.07 2.77
C THR A 274 -31.58 9.71 1.62
N LEU A 275 -30.58 10.51 1.95
CA LEU A 275 -29.77 11.15 0.92
C LEU A 275 -28.96 10.10 0.17
N GLU A 276 -28.55 9.03 0.85
CA GLU A 276 -27.79 7.99 0.16
C GLU A 276 -28.73 7.34 -0.87
N ALA A 277 -29.99 7.12 -0.48
CA ALA A 277 -30.99 6.54 -1.36
C ALA A 277 -31.25 7.44 -2.58
N ASN A 278 -31.11 8.74 -2.40
CA ASN A 278 -31.31 9.70 -3.49
C ASN A 278 -30.54 10.98 -3.20
N LYS A 279 -29.32 11.07 -3.73
CA LYS A 279 -28.45 12.22 -3.51
C LYS A 279 -28.92 13.50 -4.19
N ASN A 280 -29.93 13.42 -5.03
CA ASN A 280 -30.43 14.61 -5.72
C ASN A 280 -31.58 15.31 -5.03
N LEU A 281 -31.97 14.85 -3.84
CA LEU A 281 -33.06 15.48 -3.11
C LEU A 281 -32.66 16.88 -2.66
N THR A 282 -33.54 17.86 -2.86
CA THR A 282 -33.25 19.24 -2.44
C THR A 282 -33.67 19.39 -0.97
N TRP A 283 -33.34 20.50 -0.35
CA TRP A 283 -33.73 20.72 1.05
C TRP A 283 -35.26 20.69 1.19
N ARG A 284 -35.99 21.12 0.17
CA ARG A 284 -37.45 21.07 0.24
C ARG A 284 -37.96 19.65 0.01
N ASP A 285 -37.33 18.90 -0.91
CA ASP A 285 -37.76 17.52 -1.15
C ASP A 285 -37.71 16.75 0.17
N MET A 286 -36.64 16.98 0.92
CA MET A 286 -36.45 16.27 2.18
C MET A 286 -37.60 16.53 3.15
N GLN A 287 -38.08 17.77 3.22
CA GLN A 287 -39.18 18.06 4.11
C GLN A 287 -40.47 17.37 3.61
N HIS A 288 -40.63 17.29 2.29
CA HIS A 288 -41.81 16.64 1.73
C HIS A 288 -41.81 15.16 2.13
N LEU A 289 -40.65 14.52 2.00
CA LEU A 289 -40.51 13.11 2.37
C LEU A 289 -40.91 12.85 3.82
N VAL A 290 -40.45 13.73 4.71
CA VAL A 290 -40.76 13.60 6.14
C VAL A 290 -42.26 13.73 6.40
N VAL A 291 -42.88 14.71 5.74
CA VAL A 291 -44.31 14.93 5.92
C VAL A 291 -45.09 13.70 5.45
N GLN A 292 -44.71 13.18 4.29
CA GLN A 292 -45.41 12.04 3.72
C GLN A 292 -45.22 10.71 4.41
N THR A 293 -44.02 10.46 4.95
CA THR A 293 -43.75 9.17 5.56
C THR A 293 -43.84 9.07 7.07
N SER A 294 -43.94 10.18 7.77
CA SER A 294 -44.00 10.11 9.23
C SER A 294 -45.29 9.50 9.74
N LYS A 295 -45.16 8.69 10.79
CA LYS A 295 -46.28 7.94 11.36
C LYS A 295 -46.80 8.40 12.72
N PRO A 296 -48.09 8.73 12.80
CA PRO A 296 -48.65 9.16 14.08
C PRO A 296 -48.92 7.94 14.98
N ALA A 297 -49.43 6.87 14.36
CA ALA A 297 -49.78 5.66 15.08
C ALA A 297 -48.76 5.30 16.13
N HIS A 298 -49.27 4.98 17.31
CA HIS A 298 -48.46 4.59 18.46
C HIS A 298 -48.09 5.76 19.35
N LEU A 299 -48.31 6.99 18.87
CA LEU A 299 -47.99 8.19 19.64
C LEU A 299 -49.23 8.78 20.28
N ASN A 300 -49.20 8.99 21.59
CA ASN A 300 -50.34 9.55 22.29
C ASN A 300 -50.24 11.06 22.47
N ALA A 301 -51.32 11.75 22.14
CA ALA A 301 -51.39 13.20 22.27
C ALA A 301 -52.87 13.56 22.33
N ASN A 302 -53.18 14.67 22.98
CA ASN A 302 -54.57 15.07 23.09
C ASN A 302 -54.97 16.03 21.98
N ASP A 303 -54.07 16.32 21.06
CA ASP A 303 -54.41 17.25 19.99
C ASP A 303 -54.26 16.72 18.58
N TRP A 304 -54.24 15.41 18.39
CA TRP A 304 -54.14 14.89 17.03
C TRP A 304 -55.34 15.43 16.26
N ALA A 305 -55.10 15.95 15.06
CA ALA A 305 -56.18 16.47 14.24
C ALA A 305 -55.85 16.19 12.78
N THR A 306 -56.88 15.97 11.97
CA THR A 306 -56.67 15.67 10.57
C THR A 306 -56.71 16.98 9.78
N ASN A 307 -55.70 17.22 8.95
CA ASN A 307 -55.68 18.46 8.20
C ASN A 307 -56.44 18.35 6.89
N GLY A 308 -56.37 19.40 6.09
CA GLY A 308 -57.09 19.45 4.83
C GLY A 308 -56.79 18.36 3.82
N VAL A 309 -55.68 17.67 3.96
CA VAL A 309 -55.33 16.62 3.02
C VAL A 309 -55.36 15.24 3.65
N GLY A 310 -56.03 15.14 4.79
CA GLY A 310 -56.17 13.85 5.44
C GLY A 310 -55.03 13.33 6.29
N ARG A 311 -54.07 14.19 6.62
CA ARG A 311 -52.96 13.73 7.44
C ARG A 311 -53.16 14.17 8.88
N LYS A 312 -52.79 13.30 9.82
CA LYS A 312 -52.90 13.61 11.24
C LYS A 312 -51.70 14.46 11.65
N VAL A 313 -51.95 15.49 12.45
CA VAL A 313 -50.88 16.36 12.91
C VAL A 313 -51.12 16.73 14.38
N SER A 314 -50.03 16.89 15.12
CA SER A 314 -50.10 17.26 16.53
C SER A 314 -49.05 18.34 16.77
N HIS A 315 -49.32 19.26 17.70
CA HIS A 315 -48.38 20.31 17.99
C HIS A 315 -47.20 19.77 18.81
N SER A 316 -47.35 18.56 19.33
CA SER A 316 -46.28 17.94 20.11
C SER A 316 -45.39 17.08 19.24
N TYR A 317 -45.93 16.61 18.12
CA TYR A 317 -45.20 15.68 17.24
C TYR A 317 -45.06 16.02 15.77
N GLY A 318 -45.74 17.05 15.31
CA GLY A 318 -45.67 17.35 13.89
C GLY A 318 -46.46 16.24 13.20
N TYR A 319 -45.90 15.64 12.17
CA TYR A 319 -46.61 14.58 11.47
C TYR A 319 -46.39 13.21 12.07
N GLY A 320 -45.68 13.16 13.20
CA GLY A 320 -45.45 11.88 13.83
C GLY A 320 -44.01 11.40 13.84
N LEU A 321 -43.86 10.10 14.13
CA LEU A 321 -42.57 9.45 14.22
C LEU A 321 -41.92 9.23 12.84
N LEU A 322 -40.62 9.51 12.73
CA LEU A 322 -39.93 9.27 11.47
C LEU A 322 -39.89 7.76 11.22
N ASP A 323 -39.95 7.39 9.95
CA ASP A 323 -39.95 5.99 9.53
C ASP A 323 -38.83 5.85 8.49
N ALA A 324 -37.65 5.40 8.94
CA ALA A 324 -36.50 5.28 8.04
C ALA A 324 -36.75 4.42 6.82
N GLY A 325 -37.34 3.25 7.02
CA GLY A 325 -37.63 2.38 5.89
C GLY A 325 -38.50 3.06 4.85
N ALA A 326 -39.54 3.75 5.31
CA ALA A 326 -40.44 4.45 4.38
C ALA A 326 -39.71 5.63 3.71
N MET A 327 -38.87 6.32 4.47
CA MET A 327 -38.12 7.45 3.96
C MET A 327 -37.23 7.04 2.77
N VAL A 328 -36.42 6.00 2.96
CA VAL A 328 -35.53 5.57 1.90
C VAL A 328 -36.30 4.96 0.73
N ALA A 329 -37.43 4.31 1.02
CA ALA A 329 -38.23 3.72 -0.05
C ALA A 329 -38.80 4.83 -0.96
N LEU A 330 -39.45 5.81 -0.35
CA LEU A 330 -40.04 6.91 -1.11
C LEU A 330 -39.00 7.77 -1.84
N ALA A 331 -37.82 7.91 -1.23
CA ALA A 331 -36.75 8.71 -1.80
C ALA A 331 -36.32 8.22 -3.17
N GLN A 332 -36.19 6.92 -3.34
CA GLN A 332 -35.75 6.36 -4.60
C GLN A 332 -36.59 6.74 -5.79
N ASN A 333 -37.91 6.79 -5.59
CA ASN A 333 -38.85 7.12 -6.66
C ASN A 333 -39.23 8.61 -6.75
N TRP A 334 -38.74 9.42 -5.84
CA TRP A 334 -39.10 10.83 -5.77
C TRP A 334 -38.72 11.74 -6.92
N THR A 335 -39.69 12.52 -7.37
CA THR A 335 -39.50 13.49 -8.45
C THR A 335 -39.30 14.86 -7.77
N THR A 336 -38.21 15.55 -8.06
CA THR A 336 -37.95 16.84 -7.45
C THR A 336 -39.12 17.80 -7.58
N VAL A 337 -39.48 18.45 -6.48
CA VAL A 337 -40.59 19.37 -6.50
C VAL A 337 -40.31 20.61 -7.33
N ALA A 338 -41.38 21.24 -7.81
CA ALA A 338 -41.26 22.44 -8.62
C ALA A 338 -40.61 23.56 -7.83
N PRO A 339 -40.13 24.61 -8.52
CA PRO A 339 -39.49 25.74 -7.86
C PRO A 339 -40.39 26.34 -6.77
N GLN A 340 -39.78 26.80 -5.69
CA GLN A 340 -40.54 27.36 -4.60
C GLN A 340 -41.11 28.74 -4.92
N ARG A 341 -42.40 28.92 -4.70
CA ARG A 341 -43.05 30.21 -4.91
C ARG A 341 -43.33 30.81 -3.55
N LYS A 342 -43.47 32.12 -3.52
CA LYS A 342 -43.74 32.83 -2.28
C LYS A 342 -44.80 33.88 -2.51
N CYS A 343 -45.93 33.75 -1.83
CA CYS A 343 -47.02 34.69 -1.97
C CYS A 343 -47.19 35.49 -0.69
N ILE A 344 -47.01 36.80 -0.79
CA ILE A 344 -47.13 37.70 0.36
C ILE A 344 -48.47 38.41 0.36
N ILE A 345 -49.20 38.30 1.47
CA ILE A 345 -50.51 38.92 1.60
C ILE A 345 -50.61 39.72 2.90
N ASP A 346 -50.57 41.04 2.81
CA ASP A 346 -50.68 41.89 3.99
C ASP A 346 -52.17 41.98 4.29
N ILE A 347 -52.59 41.51 5.46
CA ILE A 347 -54.00 41.48 5.82
C ILE A 347 -54.68 42.73 6.38
N LEU A 348 -54.09 43.40 7.37
CA LEU A 348 -54.73 44.57 7.96
C LEU A 348 -54.77 45.86 7.16
N THR A 349 -55.93 46.53 7.23
CA THR A 349 -56.09 47.82 6.56
C THR A 349 -56.11 48.88 7.66
N GLU A 350 -56.08 48.43 8.91
CA GLU A 350 -56.07 49.32 10.07
C GLU A 350 -55.73 48.53 11.32
N PRO A 351 -55.19 49.19 12.35
CA PRO A 351 -54.83 48.50 13.59
C PRO A 351 -56.09 47.89 14.20
N LYS A 352 -55.91 46.82 14.97
CA LYS A 352 -57.03 46.15 15.62
C LYS A 352 -56.79 46.03 17.12
N ASP A 353 -57.79 46.45 17.90
CA ASP A 353 -57.69 46.37 19.35
C ASP A 353 -57.85 44.89 19.69
N ILE A 354 -57.02 44.38 20.59
CA ILE A 354 -57.11 42.97 20.94
C ILE A 354 -58.17 42.70 22.00
N GLY A 355 -58.07 43.40 23.13
CA GLY A 355 -59.05 43.19 24.19
C GLY A 355 -59.03 41.77 24.72
N LYS A 356 -60.21 41.19 24.90
CA LYS A 356 -60.32 39.83 25.42
C LYS A 356 -60.17 38.83 24.30
N ARG A 357 -60.60 39.21 23.11
CA ARG A 357 -60.50 38.34 21.96
C ARG A 357 -60.61 39.11 20.65
N LEU A 358 -59.80 38.69 19.68
CA LEU A 358 -59.80 39.33 18.37
C LEU A 358 -59.81 38.25 17.31
N GLU A 359 -60.59 38.48 16.28
CA GLU A 359 -60.68 37.55 15.18
C GLU A 359 -60.57 38.33 13.88
N VAL A 360 -59.66 37.91 13.03
CA VAL A 360 -59.44 38.57 11.76
C VAL A 360 -59.65 37.55 10.65
N ARG A 361 -60.60 37.85 9.76
CA ARG A 361 -60.91 36.98 8.63
C ARG A 361 -60.50 37.64 7.33
N LYS A 362 -60.04 36.83 6.39
CA LYS A 362 -59.61 37.36 5.11
C LYS A 362 -59.64 36.27 4.06
N THR A 363 -60.32 36.54 2.96
CA THR A 363 -60.38 35.57 1.87
C THR A 363 -59.25 35.95 0.92
N VAL A 364 -58.39 34.99 0.61
CA VAL A 364 -57.26 35.27 -0.26
C VAL A 364 -57.33 34.43 -1.52
N THR A 365 -56.62 34.88 -2.56
CA THR A 365 -56.59 34.17 -3.83
C THR A 365 -55.27 33.45 -3.99
N ALA A 366 -54.35 33.65 -3.04
CA ALA A 366 -53.03 33.01 -3.06
C ALA A 366 -52.27 33.36 -4.34
N CYS A 367 -52.31 34.64 -4.71
CA CYS A 367 -51.60 35.12 -5.89
C CYS A 367 -52.08 34.52 -7.21
N LEU A 368 -53.38 34.23 -7.28
CA LEU A 368 -53.95 33.67 -8.50
C LEU A 368 -53.64 34.59 -9.69
N GLY A 369 -53.30 33.99 -10.82
CA GLY A 369 -53.01 34.78 -12.00
C GLY A 369 -51.62 35.40 -12.01
N GLU A 370 -50.86 35.22 -10.93
CA GLU A 370 -49.50 35.77 -10.86
C GLU A 370 -48.48 34.64 -10.90
N PRO A 371 -47.20 34.97 -11.11
CA PRO A 371 -46.12 33.98 -11.17
C PRO A 371 -45.96 33.15 -9.88
N ASN A 372 -46.32 33.75 -8.75
CA ASN A 372 -46.22 33.07 -7.47
C ASN A 372 -47.53 32.47 -6.96
N HIS A 373 -48.43 32.14 -7.88
CA HIS A 373 -49.71 31.55 -7.54
C HIS A 373 -49.42 30.20 -6.87
N ILE A 374 -50.04 29.95 -5.71
CA ILE A 374 -49.83 28.70 -5.00
C ILE A 374 -51.09 27.89 -4.77
N THR A 375 -51.08 26.66 -5.24
CA THR A 375 -52.23 25.78 -5.07
C THR A 375 -51.87 24.63 -4.14
N ARG A 376 -50.58 24.44 -3.92
CA ARG A 376 -50.11 23.38 -3.04
C ARG A 376 -49.14 24.01 -2.02
N LEU A 377 -49.65 24.26 -0.83
CA LEU A 377 -48.88 24.90 0.22
C LEU A 377 -47.79 24.06 0.85
N GLU A 378 -46.73 24.73 1.30
CA GLU A 378 -45.65 24.07 2.00
C GLU A 378 -45.71 24.76 3.37
N HIS A 379 -44.75 25.63 3.69
CA HIS A 379 -44.81 26.33 4.98
C HIS A 379 -45.71 27.56 4.85
N ALA A 380 -46.23 28.04 5.98
CA ALA A 380 -47.00 29.29 5.97
C ALA A 380 -46.54 30.06 7.21
N GLN A 381 -46.38 31.37 7.07
CA GLN A 381 -45.99 32.21 8.20
C GLN A 381 -47.04 33.29 8.41
N ALA A 382 -47.28 33.63 9.67
CA ALA A 382 -48.19 34.71 10.01
C ALA A 382 -47.22 35.68 10.70
N ARG A 383 -46.82 36.73 9.99
CA ARG A 383 -45.91 37.71 10.57
C ARG A 383 -46.73 38.74 11.33
N LEU A 384 -46.63 38.69 12.65
CA LEU A 384 -47.39 39.60 13.49
C LEU A 384 -46.58 40.66 14.23
N THR A 385 -47.16 41.84 14.33
CA THR A 385 -46.58 42.95 15.07
C THR A 385 -47.73 43.40 15.95
N LEU A 386 -47.53 43.34 17.26
CA LEU A 386 -48.58 43.72 18.19
C LEU A 386 -48.02 44.12 19.52
N SER A 387 -48.81 44.89 20.25
CA SER A 387 -48.43 45.35 21.58
C SER A 387 -49.40 44.68 22.54
N TYR A 388 -48.93 44.41 23.76
CA TYR A 388 -49.78 43.80 24.77
C TYR A 388 -49.09 44.02 26.11
N ASN A 389 -49.88 44.09 27.18
CA ASN A 389 -49.29 44.33 28.48
C ASN A 389 -48.65 43.11 29.12
N ARG A 390 -49.19 41.92 28.84
CA ARG A 390 -48.65 40.68 29.41
C ARG A 390 -48.66 39.60 28.32
N ARG A 391 -47.57 39.54 27.57
CA ARG A 391 -47.43 38.61 26.45
C ARG A 391 -47.85 37.16 26.67
N GLY A 392 -47.41 36.57 27.78
CA GLY A 392 -47.74 35.18 28.06
C GLY A 392 -49.20 34.83 28.20
N ASP A 393 -50.08 35.82 28.35
CA ASP A 393 -51.50 35.54 28.48
C ASP A 393 -52.16 35.32 27.13
N LEU A 394 -51.44 35.63 26.06
CA LEU A 394 -51.98 35.46 24.73
C LEU A 394 -51.89 34.04 24.19
N ALA A 395 -52.85 33.70 23.35
CA ALA A 395 -52.88 32.41 22.67
C ALA A 395 -53.30 32.85 21.27
N ILE A 396 -52.58 32.39 20.25
CA ILE A 396 -52.86 32.78 18.89
C ILE A 396 -53.05 31.56 18.01
N HIS A 397 -54.14 31.57 17.24
CA HIS A 397 -54.45 30.46 16.36
C HIS A 397 -54.66 30.94 14.93
N LEU A 398 -54.35 30.08 13.98
CA LEU A 398 -54.52 30.40 12.57
C LEU A 398 -55.26 29.25 11.91
N VAL A 399 -56.40 29.55 11.27
CA VAL A 399 -57.19 28.52 10.62
C VAL A 399 -57.12 28.66 9.11
N SER A 400 -56.72 27.58 8.45
CA SER A 400 -56.59 27.59 6.99
C SER A 400 -57.96 27.45 6.35
N PRO A 401 -58.08 27.83 5.07
CA PRO A 401 -59.37 27.71 4.37
C PRO A 401 -59.95 26.31 4.49
N MET A 402 -59.09 25.30 4.53
CA MET A 402 -59.57 23.93 4.62
C MET A 402 -59.85 23.48 6.05
N GLY A 403 -59.91 24.44 6.97
CA GLY A 403 -60.22 24.14 8.35
C GLY A 403 -59.15 23.66 9.29
N THR A 404 -57.88 23.72 8.89
CA THR A 404 -56.81 23.27 9.77
C THR A 404 -56.43 24.37 10.76
N ARG A 405 -56.58 24.07 12.05
CA ARG A 405 -56.27 25.04 13.09
C ARG A 405 -54.86 24.90 13.64
N SER A 406 -54.00 25.86 13.30
CA SER A 406 -52.64 25.85 13.79
C SER A 406 -52.53 26.79 14.97
N THR A 407 -52.06 26.28 16.10
CA THR A 407 -51.87 27.15 17.25
C THR A 407 -50.47 27.73 17.12
N LEU A 408 -50.40 29.00 16.69
CA LEU A 408 -49.14 29.70 16.51
C LEU A 408 -48.48 29.99 17.85
N LEU A 409 -49.30 30.20 18.89
CA LEU A 409 -48.78 30.50 20.22
C LEU A 409 -49.74 30.08 21.32
N ALA A 410 -49.25 29.25 22.23
CA ALA A 410 -50.08 28.84 23.36
C ALA A 410 -49.67 29.74 24.51
N ALA A 411 -50.51 29.84 25.53
CA ALA A 411 -50.19 30.68 26.69
C ALA A 411 -48.85 30.27 27.32
N ARG A 412 -48.09 31.27 27.76
CA ARG A 412 -46.81 31.04 28.41
C ARG A 412 -46.89 31.78 29.74
N PRO A 413 -47.35 31.08 30.78
CA PRO A 413 -47.49 31.67 32.12
C PRO A 413 -46.30 32.48 32.68
N HIS A 414 -45.08 32.10 32.33
CA HIS A 414 -43.92 32.83 32.84
C HIS A 414 -43.56 34.06 32.01
N ASP A 415 -44.21 34.24 30.86
CA ASP A 415 -43.91 35.38 30.01
C ASP A 415 -44.69 36.63 30.40
N TYR A 416 -44.07 37.48 31.23
CA TYR A 416 -44.70 38.70 31.69
C TYR A 416 -44.25 39.91 30.87
N SER A 417 -43.59 39.65 29.75
CA SER A 417 -43.11 40.73 28.89
C SER A 417 -44.19 41.69 28.42
N ALA A 418 -43.83 42.96 28.35
CA ALA A 418 -44.73 44.00 27.88
C ALA A 418 -44.26 44.47 26.52
N ASP A 419 -43.30 43.74 25.94
CA ASP A 419 -42.76 44.11 24.63
C ASP A 419 -43.50 43.61 23.41
N GLY A 420 -44.49 42.75 23.60
CA GLY A 420 -45.24 42.24 22.46
C GLY A 420 -44.39 41.51 21.42
N PHE A 421 -44.84 41.53 20.16
CA PHE A 421 -44.14 40.90 19.06
C PHE A 421 -43.87 41.93 17.97
N ASN A 422 -42.64 41.93 17.46
CA ASN A 422 -42.26 42.87 16.43
C ASN A 422 -41.96 42.13 15.14
N ASP A 423 -42.97 42.07 14.27
CA ASP A 423 -42.86 41.36 13.00
C ASP A 423 -42.28 39.96 13.24
N TRP A 424 -42.86 39.23 14.19
CA TRP A 424 -42.40 37.89 14.49
C TRP A 424 -43.11 36.93 13.54
N ALA A 425 -42.34 36.06 12.88
CA ALA A 425 -42.91 35.15 11.89
C ALA A 425 -43.32 33.77 12.39
N PHE A 426 -44.48 33.69 13.04
CA PHE A 426 -45.00 32.41 13.53
C PHE A 426 -45.16 31.50 12.31
N MET A 427 -44.65 30.27 12.39
CA MET A 427 -44.73 29.37 11.26
C MET A 427 -45.47 28.08 11.56
N THR A 428 -46.18 27.55 10.57
CA THR A 428 -46.90 26.29 10.75
C THR A 428 -46.67 25.37 9.56
N THR A 429 -46.51 24.09 9.86
CA THR A 429 -46.30 23.07 8.85
C THR A 429 -47.56 22.23 8.69
N HIS A 430 -48.57 22.53 9.50
CA HIS A 430 -49.80 21.74 9.50
C HIS A 430 -50.71 21.77 8.28
N SER A 431 -50.54 22.76 7.41
CA SER A 431 -51.37 22.84 6.23
C SER A 431 -50.60 22.45 4.98
N TRP A 432 -49.51 21.73 5.18
CA TRP A 432 -48.67 21.28 4.07
C TRP A 432 -49.52 20.52 3.05
N ASP A 433 -49.38 20.89 1.79
CA ASP A 433 -50.11 20.32 0.65
C ASP A 433 -51.56 20.78 0.49
N GLU A 434 -52.05 21.60 1.40
CA GLU A 434 -53.41 22.12 1.26
C GLU A 434 -53.46 23.22 0.19
N ASP A 435 -54.66 23.51 -0.31
CA ASP A 435 -54.84 24.59 -1.26
C ASP A 435 -55.04 25.75 -0.31
N PRO A 436 -54.20 26.80 -0.43
CA PRO A 436 -54.31 27.97 0.44
C PRO A 436 -55.32 29.05 0.08
N SER A 437 -55.98 28.94 -1.06
CA SER A 437 -56.95 29.97 -1.42
C SER A 437 -58.23 29.81 -0.63
N GLY A 438 -58.82 30.93 -0.23
CA GLY A 438 -60.04 30.86 0.55
C GLY A 438 -59.90 31.73 1.80
N GLU A 439 -60.78 31.51 2.77
CA GLU A 439 -60.76 32.31 3.98
C GLU A 439 -59.84 31.78 5.08
N TRP A 440 -58.92 32.64 5.53
CA TRP A 440 -58.01 32.30 6.62
C TRP A 440 -58.55 33.08 7.80
N VAL A 441 -58.40 32.55 9.00
CA VAL A 441 -58.87 33.23 10.20
C VAL A 441 -57.78 33.25 11.27
N LEU A 442 -57.49 34.44 11.79
CA LEU A 442 -56.48 34.59 12.83
C LEU A 442 -57.25 34.87 14.10
N GLU A 443 -56.93 34.15 15.16
CA GLU A 443 -57.60 34.35 16.44
C GLU A 443 -56.58 34.68 17.50
N ILE A 444 -56.82 35.76 18.23
CA ILE A 444 -55.94 36.16 19.30
C ILE A 444 -56.83 36.27 20.54
N GLU A 445 -56.49 35.57 21.61
CA GLU A 445 -57.31 35.59 22.79
C GLU A 445 -56.51 35.79 24.06
N ASN A 446 -57.14 36.44 25.03
CA ASN A 446 -56.56 36.66 26.32
C ASN A 446 -57.02 35.44 27.12
N THR A 447 -56.08 34.56 27.46
CA THR A 447 -56.40 33.35 28.20
C THR A 447 -56.52 33.56 29.71
N SER A 448 -56.20 34.76 30.19
CA SER A 448 -56.30 35.03 31.62
C SER A 448 -57.57 35.81 31.94
N GLU A 449 -57.88 35.93 33.23
CA GLU A 449 -59.07 36.67 33.63
C GLU A 449 -58.69 38.15 33.81
N ALA A 450 -57.40 38.43 33.81
CA ALA A 450 -56.91 39.79 33.98
C ALA A 450 -57.40 40.68 32.85
N ASN A 451 -57.57 41.96 33.13
CA ASN A 451 -58.02 42.91 32.12
C ASN A 451 -56.79 43.38 31.34
N ASN A 452 -56.39 42.59 30.35
CA ASN A 452 -55.22 42.94 29.54
C ASN A 452 -55.62 43.80 28.36
N TYR A 453 -54.63 44.47 27.77
CA TYR A 453 -54.90 45.33 26.64
C TYR A 453 -53.73 45.37 25.66
N GLY A 454 -54.05 45.67 24.40
CA GLY A 454 -53.02 45.74 23.39
C GLY A 454 -53.61 45.94 22.01
N THR A 455 -52.75 46.10 21.02
CA THR A 455 -53.19 46.32 19.65
C THR A 455 -52.40 45.52 18.62
N LEU A 456 -53.11 44.96 17.65
CA LEU A 456 -52.47 44.21 16.58
C LEU A 456 -52.33 45.22 15.45
N THR A 457 -51.09 45.59 15.12
CA THR A 457 -50.87 46.57 14.07
C THR A 457 -50.46 45.99 12.72
N LYS A 458 -50.05 44.73 12.69
CA LYS A 458 -49.66 44.13 11.42
C LYS A 458 -49.85 42.63 11.42
N PHE A 459 -50.42 42.13 10.32
CA PHE A 459 -50.63 40.71 10.12
C PHE A 459 -50.37 40.45 8.65
N THR A 460 -49.22 39.85 8.38
CA THR A 460 -48.84 39.54 7.00
C THR A 460 -48.81 38.03 6.87
N LEU A 461 -49.56 37.51 5.91
CA LEU A 461 -49.62 36.08 5.69
C LEU A 461 -48.65 35.74 4.56
N VAL A 462 -47.69 34.88 4.84
CA VAL A 462 -46.72 34.51 3.82
C VAL A 462 -46.86 33.05 3.50
N LEU A 463 -47.15 32.76 2.23
CA LEU A 463 -47.35 31.39 1.77
C LEU A 463 -46.19 30.94 0.88
N TYR A 464 -45.67 29.75 1.15
CA TYR A 464 -44.61 29.15 0.33
C TYR A 464 -45.22 27.91 -0.30
N GLY A 465 -44.81 27.59 -1.52
CA GLY A 465 -45.36 26.40 -2.15
C GLY A 465 -45.22 26.35 -3.67
N THR A 466 -46.04 25.52 -4.29
CA THR A 466 -46.00 25.32 -5.74
C THR A 466 -47.42 25.32 -6.33
N ALA A 467 -47.46 25.25 -7.66
CA ALA A 467 -48.72 25.22 -8.40
C ALA A 467 -48.75 23.94 -9.24
N TYR B 3 -23.64 52.58 -38.96
CA TYR B 3 -24.68 52.83 -37.91
C TYR B 3 -25.25 54.25 -38.00
N GLN B 4 -26.57 54.35 -38.11
CA GLN B 4 -27.23 55.64 -38.17
C GLN B 4 -27.83 55.97 -36.80
N GLU B 5 -27.41 57.08 -36.22
CA GLU B 5 -27.91 57.49 -34.91
C GLU B 5 -29.38 57.93 -34.97
N PRO B 6 -30.08 57.91 -33.83
CA PRO B 6 -31.49 58.29 -33.74
C PRO B 6 -31.83 59.61 -34.43
N THR B 7 -33.04 59.68 -34.98
CA THR B 7 -33.51 60.88 -35.68
C THR B 7 -34.51 61.65 -34.81
N ASP B 8 -34.83 61.11 -33.64
CA ASP B 8 -35.78 61.75 -32.74
C ASP B 8 -35.45 63.23 -32.56
N PRO B 9 -36.48 64.08 -32.55
CA PRO B 9 -36.31 65.53 -32.39
C PRO B 9 -35.47 66.00 -31.20
N LYS B 10 -35.56 65.29 -30.07
CA LYS B 10 -34.79 65.68 -28.89
C LYS B 10 -33.46 64.97 -28.68
N PHE B 11 -33.13 64.01 -29.54
CA PHE B 11 -31.88 63.28 -29.38
C PHE B 11 -30.67 64.22 -29.31
N PRO B 12 -30.65 65.28 -30.13
CA PRO B 12 -29.50 66.20 -30.08
C PRO B 12 -29.32 66.85 -28.69
N GLN B 13 -30.40 66.94 -27.92
CA GLN B 13 -30.31 67.54 -26.59
C GLN B 13 -29.91 66.51 -25.53
N GLN B 14 -29.84 65.24 -25.90
CA GLN B 14 -29.44 64.22 -24.95
C GLN B 14 -27.91 64.13 -24.96
N TRP B 15 -27.31 65.20 -24.48
CA TRP B 15 -25.86 65.37 -24.39
C TRP B 15 -25.12 64.23 -23.68
N TYR B 16 -25.76 63.62 -22.69
CA TYR B 16 -25.15 62.55 -21.91
C TYR B 16 -25.07 61.21 -22.67
N LEU B 17 -25.87 61.06 -23.72
CA LEU B 17 -25.85 59.82 -24.50
C LEU B 17 -24.73 59.87 -25.51
N SER B 18 -24.68 60.96 -26.27
CA SER B 18 -23.66 61.14 -27.30
C SER B 18 -23.37 62.62 -27.46
N GLY B 19 -22.09 62.96 -27.55
CA GLY B 19 -21.69 64.34 -27.70
C GLY B 19 -20.30 64.45 -28.29
N VAL B 20 -20.04 65.57 -28.96
CA VAL B 20 -18.73 65.79 -29.57
C VAL B 20 -17.73 66.10 -28.44
N THR B 21 -18.23 66.76 -27.39
CA THR B 21 -17.42 67.16 -26.25
C THR B 21 -16.76 66.01 -25.50
N GLN B 22 -16.94 64.79 -25.98
CA GLN B 22 -16.33 63.61 -25.36
C GLN B 22 -16.66 63.46 -23.87
N ARG B 23 -17.64 64.21 -23.40
CA ARG B 23 -18.06 64.13 -22.00
C ARG B 23 -19.46 63.56 -21.96
N ASP B 24 -19.55 62.24 -22.21
CA ASP B 24 -20.83 61.53 -22.21
C ASP B 24 -20.64 60.08 -21.76
N LEU B 25 -21.74 59.32 -21.73
CA LEU B 25 -21.72 57.93 -21.30
C LEU B 25 -21.27 56.94 -22.38
N ASN B 26 -20.85 57.48 -23.53
CA ASN B 26 -20.35 56.66 -24.63
C ASN B 26 -21.33 55.59 -25.06
N VAL B 27 -22.62 55.94 -25.09
CA VAL B 27 -23.67 55.02 -25.47
C VAL B 27 -23.73 54.72 -26.98
N LYS B 28 -23.49 55.73 -27.79
CA LYS B 28 -23.53 55.56 -29.24
C LYS B 28 -22.54 54.45 -29.64
N ALA B 29 -21.38 54.42 -28.99
CA ALA B 29 -20.37 53.41 -29.26
C ALA B 29 -20.93 52.01 -28.99
N ALA B 30 -21.85 51.89 -28.04
CA ALA B 30 -22.45 50.60 -27.74
C ALA B 30 -23.47 50.26 -28.82
N TRP B 31 -24.27 51.25 -29.21
CA TRP B 31 -25.27 51.05 -30.26
C TRP B 31 -24.54 50.64 -31.54
N ALA B 32 -23.45 51.34 -31.85
CA ALA B 32 -22.67 51.07 -33.05
C ALA B 32 -22.15 49.63 -33.07
N GLN B 33 -21.86 49.08 -31.90
CA GLN B 33 -21.39 47.70 -31.82
C GLN B 33 -22.57 46.73 -32.01
N GLY B 34 -23.76 47.29 -32.14
CA GLY B 34 -24.95 46.47 -32.36
C GLY B 34 -25.83 46.19 -31.15
N TYR B 35 -25.63 46.91 -30.04
CA TYR B 35 -26.42 46.66 -28.85
C TYR B 35 -27.39 47.80 -28.52
N THR B 36 -28.67 47.46 -28.47
CA THR B 36 -29.71 48.44 -28.19
C THR B 36 -30.69 47.95 -27.13
N GLY B 37 -30.39 46.80 -26.54
CA GLY B 37 -31.25 46.26 -25.48
C GLY B 37 -32.29 45.25 -25.93
N HIS B 38 -32.22 44.84 -27.19
CA HIS B 38 -33.20 43.90 -27.66
C HIS B 38 -33.19 42.62 -26.84
N GLY B 39 -34.37 42.17 -26.42
CA GLY B 39 -34.47 40.96 -25.65
C GLY B 39 -34.33 41.11 -24.13
N ILE B 40 -33.96 42.30 -23.68
CA ILE B 40 -33.78 42.53 -22.24
C ILE B 40 -35.04 43.18 -21.65
N VAL B 41 -35.39 42.80 -20.43
CA VAL B 41 -36.57 43.34 -19.77
C VAL B 41 -36.18 44.15 -18.52
N VAL B 42 -36.60 45.41 -18.50
CA VAL B 42 -36.29 46.30 -17.38
C VAL B 42 -37.59 46.77 -16.75
N SER B 43 -37.62 46.83 -15.43
CA SER B 43 -38.81 47.27 -14.70
C SER B 43 -38.48 48.43 -13.78
N ILE B 44 -39.30 49.49 -13.86
CA ILE B 44 -39.13 50.69 -13.03
C ILE B 44 -40.02 50.62 -11.80
N LEU B 45 -39.43 50.42 -10.62
CA LEU B 45 -40.21 50.35 -9.39
C LEU B 45 -40.37 51.78 -8.95
N ASP B 46 -41.57 52.34 -9.11
CA ASP B 46 -41.76 53.75 -8.78
C ASP B 46 -43.25 54.09 -8.53
N ASP B 47 -43.68 55.25 -9.01
CA ASP B 47 -45.06 55.69 -8.82
C ASP B 47 -45.98 55.41 -9.99
N GLY B 48 -45.57 54.50 -10.86
CA GLY B 48 -46.37 54.13 -12.00
C GLY B 48 -45.68 54.45 -13.31
N ILE B 49 -46.27 53.98 -14.41
CA ILE B 49 -45.71 54.23 -15.73
C ILE B 49 -46.86 54.47 -16.72
N GLU B 50 -46.76 55.56 -17.49
CA GLU B 50 -47.78 55.88 -18.49
C GLU B 50 -47.52 54.97 -19.68
N LYS B 51 -48.08 53.76 -19.62
CA LYS B 51 -47.88 52.75 -20.66
C LYS B 51 -48.33 53.16 -22.05
N ASN B 52 -49.23 54.13 -22.13
CA ASN B 52 -49.74 54.61 -23.40
C ASN B 52 -48.97 55.84 -23.91
N HIS B 53 -47.88 56.20 -23.24
CA HIS B 53 -47.11 57.36 -23.69
C HIS B 53 -46.61 57.05 -25.10
N PRO B 54 -46.72 58.01 -26.01
CA PRO B 54 -46.25 57.78 -27.39
C PRO B 54 -44.80 57.34 -27.53
N ASP B 55 -43.95 57.64 -26.54
CA ASP B 55 -42.56 57.22 -26.65
C ASP B 55 -42.25 55.98 -25.79
N LEU B 56 -43.29 55.38 -25.21
CA LEU B 56 -43.12 54.20 -24.37
C LEU B 56 -43.96 53.00 -24.81
N ALA B 57 -45.16 53.26 -25.32
CA ALA B 57 -46.07 52.20 -25.75
C ALA B 57 -45.38 51.11 -26.58
N GLY B 58 -44.56 51.54 -27.53
CA GLY B 58 -43.86 50.60 -28.39
C GLY B 58 -42.98 49.59 -27.68
N ASN B 59 -42.50 49.92 -26.49
CA ASN B 59 -41.63 49.00 -25.76
C ASN B 59 -42.29 48.50 -24.47
N TYR B 60 -43.46 49.01 -24.16
CA TYR B 60 -44.15 48.61 -22.93
C TYR B 60 -44.35 47.12 -22.81
N ASP B 61 -44.08 46.59 -21.62
CA ASP B 61 -44.22 45.17 -21.35
C ASP B 61 -45.06 44.92 -20.11
N PRO B 62 -46.29 44.43 -20.29
CA PRO B 62 -47.22 44.15 -19.19
C PRO B 62 -46.64 43.11 -18.23
N GLY B 63 -45.83 42.21 -18.79
CA GLY B 63 -45.22 41.16 -17.99
C GLY B 63 -44.21 41.67 -17.00
N ALA B 64 -43.71 42.88 -17.22
CA ALA B 64 -42.74 43.50 -16.32
C ALA B 64 -43.42 44.58 -15.49
N SER B 65 -44.76 44.54 -15.44
CA SER B 65 -45.50 45.55 -14.71
C SER B 65 -46.56 45.03 -13.75
N PHE B 66 -46.95 45.89 -12.82
CA PHE B 66 -47.97 45.55 -11.85
C PHE B 66 -48.27 46.77 -10.99
N ASP B 67 -49.46 46.80 -10.39
CA ASP B 67 -49.83 47.91 -9.50
C ASP B 67 -49.96 47.32 -8.10
N VAL B 68 -48.90 47.42 -7.31
CA VAL B 68 -48.89 46.88 -5.95
C VAL B 68 -49.69 47.78 -5.01
N ASN B 69 -49.77 49.07 -5.31
CA ASN B 69 -50.52 50.01 -4.48
C ASN B 69 -52.03 49.71 -4.48
N ASP B 70 -52.60 49.45 -5.66
CA ASP B 70 -54.03 49.15 -5.77
C ASP B 70 -54.31 47.67 -6.05
N GLN B 71 -53.27 46.86 -6.09
CA GLN B 71 -53.43 45.43 -6.34
C GLN B 71 -54.13 45.09 -7.64
N ASP B 72 -53.54 45.48 -8.77
CA ASP B 72 -54.08 45.14 -10.08
C ASP B 72 -52.88 45.17 -11.01
N PRO B 73 -53.02 44.59 -12.20
CA PRO B 73 -51.89 44.57 -13.12
C PRO B 73 -51.59 45.84 -13.91
N ASP B 74 -52.45 46.85 -13.79
CA ASP B 74 -52.28 48.09 -14.53
C ASP B 74 -51.57 49.18 -13.75
N PRO B 75 -50.30 49.46 -14.09
CA PRO B 75 -49.45 50.47 -13.44
C PRO B 75 -49.67 51.92 -13.87
N GLN B 76 -50.76 52.20 -14.57
CA GLN B 76 -51.03 53.56 -15.03
C GLN B 76 -50.94 54.52 -13.83
N PRO B 77 -50.26 55.67 -14.01
CA PRO B 77 -50.14 56.64 -12.91
C PRO B 77 -51.49 57.24 -12.55
N ARG B 78 -51.60 57.74 -11.33
CA ARG B 78 -52.82 58.39 -10.87
C ARG B 78 -52.63 59.86 -11.19
N TYR B 79 -53.49 60.41 -12.04
CA TYR B 79 -53.36 61.81 -12.44
C TYR B 79 -53.92 62.80 -11.43
N THR B 80 -53.17 63.86 -11.18
CA THR B 80 -53.55 64.92 -10.27
C THR B 80 -53.07 66.24 -10.86
N GLN B 81 -53.67 67.34 -10.42
CA GLN B 81 -53.29 68.66 -10.92
C GLN B 81 -51.81 68.98 -10.75
N MET B 82 -51.21 68.49 -9.68
CA MET B 82 -49.80 68.73 -9.43
C MET B 82 -48.88 67.78 -10.17
N ASN B 83 -49.46 66.79 -10.83
CA ASN B 83 -48.66 65.81 -11.57
C ASN B 83 -47.62 65.14 -10.67
N ASP B 84 -48.07 64.78 -9.48
CA ASP B 84 -47.23 64.12 -8.48
C ASP B 84 -46.65 62.81 -8.97
N ASN B 85 -47.43 62.05 -9.73
CA ASN B 85 -46.99 60.75 -10.17
C ASN B 85 -46.37 60.68 -11.57
N ARG B 86 -45.54 61.66 -11.88
CA ARG B 86 -44.88 61.72 -13.19
C ARG B 86 -43.46 61.14 -13.11
N HIS B 87 -43.01 60.89 -11.89
CA HIS B 87 -41.67 60.39 -11.64
C HIS B 87 -41.29 59.08 -12.31
N GLY B 88 -42.11 58.05 -12.16
CA GLY B 88 -41.80 56.78 -12.76
C GLY B 88 -41.74 56.83 -14.27
N THR B 89 -42.64 57.61 -14.86
CA THR B 89 -42.69 57.75 -16.31
C THR B 89 -41.41 58.41 -16.83
N ARG B 90 -40.90 59.39 -16.09
CA ARG B 90 -39.67 60.04 -16.50
C ARG B 90 -38.48 59.07 -16.45
N CYS B 91 -38.43 58.25 -15.41
CA CYS B 91 -37.34 57.29 -15.27
C CYS B 91 -37.42 56.23 -16.36
N ALA B 92 -38.65 55.81 -16.71
CA ALA B 92 -38.84 54.78 -17.73
C ALA B 92 -38.31 55.23 -19.10
N GLY B 93 -38.60 56.48 -19.47
CA GLY B 93 -38.13 57.00 -20.74
C GLY B 93 -36.61 57.02 -20.88
N GLU B 94 -35.91 57.24 -19.77
CA GLU B 94 -34.45 57.27 -19.80
C GLU B 94 -33.89 55.93 -20.23
N VAL B 95 -34.55 54.87 -19.77
CA VAL B 95 -34.12 53.53 -20.07
C VAL B 95 -34.50 53.04 -21.46
N ALA B 96 -35.78 53.18 -21.80
CA ALA B 96 -36.23 52.66 -23.08
C ALA B 96 -37.21 53.45 -23.93
N ALA B 97 -37.08 54.78 -23.98
CA ALA B 97 -37.97 55.54 -24.85
C ALA B 97 -37.72 55.05 -26.28
N VAL B 98 -38.78 54.95 -27.07
CA VAL B 98 -38.68 54.47 -28.45
C VAL B 98 -37.83 55.38 -29.33
N ALA B 99 -37.05 54.77 -30.22
CA ALA B 99 -36.19 55.53 -31.12
C ALA B 99 -36.74 55.69 -32.54
N ASN B 100 -36.25 56.72 -33.22
CA ASN B 100 -36.63 57.02 -34.59
C ASN B 100 -38.13 57.04 -34.84
N ASN B 101 -38.87 57.69 -33.95
CA ASN B 101 -40.32 57.72 -34.11
C ASN B 101 -40.84 59.14 -34.06
N GLY B 102 -39.95 60.10 -34.32
CA GLY B 102 -40.32 61.50 -34.33
C GLY B 102 -40.89 62.05 -33.02
N VAL B 103 -40.67 61.33 -31.92
CA VAL B 103 -41.18 61.77 -30.63
C VAL B 103 -40.09 61.90 -29.57
N CYS B 104 -40.04 63.05 -28.94
CA CYS B 104 -39.10 63.33 -27.86
C CYS B 104 -37.68 62.82 -28.19
N GLY B 105 -37.08 62.06 -27.28
CA GLY B 105 -35.73 61.54 -27.51
C GLY B 105 -35.70 60.02 -27.60
N VAL B 106 -34.66 59.41 -27.05
CA VAL B 106 -34.52 57.95 -27.05
C VAL B 106 -33.97 57.43 -25.72
N GLY B 107 -34.25 56.17 -25.41
CA GLY B 107 -33.75 55.58 -24.19
C GLY B 107 -32.37 55.01 -24.46
N VAL B 108 -31.60 54.73 -23.41
CA VAL B 108 -30.27 54.15 -23.57
C VAL B 108 -30.39 52.81 -24.27
N ALA B 109 -31.40 52.04 -23.88
CA ALA B 109 -31.68 50.73 -24.47
C ALA B 109 -33.02 50.86 -25.18
N TYR B 110 -33.03 51.60 -26.29
CA TYR B 110 -34.27 51.83 -27.00
C TYR B 110 -35.00 50.65 -27.62
N ASN B 111 -34.40 49.47 -27.56
CA ASN B 111 -35.08 48.28 -28.09
C ASN B 111 -35.41 47.30 -26.95
N ALA B 112 -35.15 47.72 -25.72
CA ALA B 112 -35.46 46.87 -24.57
C ALA B 112 -36.95 46.96 -24.26
N ARG B 113 -37.45 46.01 -23.49
CA ARG B 113 -38.85 46.04 -23.11
C ARG B 113 -38.85 46.69 -21.75
N ILE B 114 -39.80 47.61 -21.55
CA ILE B 114 -39.88 48.35 -20.31
C ILE B 114 -41.19 48.17 -19.59
N GLY B 115 -41.11 47.93 -18.29
CA GLY B 115 -42.31 47.76 -17.49
C GLY B 115 -42.23 48.68 -16.27
N GLY B 116 -43.31 48.75 -15.52
CA GLY B 116 -43.30 49.60 -14.35
C GLY B 116 -44.14 49.01 -13.23
N VAL B 117 -43.67 49.14 -12.00
CA VAL B 117 -44.43 48.67 -10.86
C VAL B 117 -44.87 49.91 -10.10
N ARG B 118 -46.17 50.10 -9.99
CA ARG B 118 -46.69 51.23 -9.26
C ARG B 118 -46.66 50.81 -7.79
N MET B 119 -45.73 51.36 -7.02
CA MET B 119 -45.62 51.00 -5.61
C MET B 119 -45.31 52.15 -4.66
N LEU B 120 -45.04 53.33 -5.20
CA LEU B 120 -44.76 54.47 -4.34
C LEU B 120 -45.99 55.33 -4.03
N ASP B 121 -47.06 55.15 -4.80
CA ASP B 121 -48.27 55.95 -4.61
C ASP B 121 -49.25 55.29 -3.66
N GLY B 122 -48.87 55.28 -2.38
CA GLY B 122 -49.67 54.67 -1.34
C GLY B 122 -48.77 54.38 -0.16
N GLU B 123 -49.21 53.56 0.79
CA GLU B 123 -48.36 53.24 1.92
C GLU B 123 -47.28 52.27 1.44
N VAL B 124 -46.02 52.68 1.53
CA VAL B 124 -44.92 51.84 1.08
C VAL B 124 -44.45 50.94 2.22
N THR B 125 -45.11 49.80 2.36
CA THR B 125 -44.76 48.86 3.42
C THR B 125 -43.68 47.89 2.97
N ASP B 126 -43.21 47.09 3.92
CA ASP B 126 -42.19 46.08 3.64
C ASP B 126 -42.77 45.14 2.59
N ALA B 127 -44.03 44.73 2.78
CA ALA B 127 -44.70 43.82 1.85
C ALA B 127 -44.77 44.42 0.43
N VAL B 128 -45.08 45.71 0.37
CA VAL B 128 -45.17 46.42 -0.90
C VAL B 128 -43.81 46.38 -1.61
N GLU B 129 -42.76 46.64 -0.85
CA GLU B 129 -41.42 46.62 -1.41
C GLU B 129 -41.04 45.22 -1.89
N ALA B 130 -41.27 44.23 -1.03
CA ALA B 130 -40.93 42.84 -1.36
C ALA B 130 -41.63 42.34 -2.61
N ARG B 131 -42.91 42.67 -2.76
CA ARG B 131 -43.65 42.21 -3.93
C ARG B 131 -43.15 42.90 -5.20
N SER B 132 -42.62 44.11 -5.06
CA SER B 132 -42.10 44.84 -6.21
C SER B 132 -40.73 44.31 -6.62
N LEU B 133 -39.83 44.17 -5.65
CA LEU B 133 -38.49 43.66 -5.91
C LEU B 133 -38.55 42.22 -6.39
N GLY B 134 -39.59 41.49 -5.95
CA GLY B 134 -39.72 40.09 -6.34
C GLY B 134 -40.70 39.84 -7.47
N LEU B 135 -41.06 40.87 -8.22
CA LEU B 135 -42.00 40.68 -9.31
C LEU B 135 -41.40 39.91 -10.48
N ASN B 136 -42.06 38.83 -10.90
CA ASN B 136 -41.62 38.05 -12.05
C ASN B 136 -40.12 37.97 -12.25
N PRO B 137 -39.38 37.44 -11.25
CA PRO B 137 -37.91 37.30 -11.26
C PRO B 137 -37.34 36.53 -12.45
N ASN B 138 -38.16 35.73 -13.11
CA ASN B 138 -37.67 34.98 -14.26
C ASN B 138 -38.04 35.59 -15.60
N HIS B 139 -38.71 36.74 -15.55
CA HIS B 139 -39.06 37.45 -16.77
C HIS B 139 -38.27 38.74 -16.82
N ILE B 140 -38.31 39.48 -15.70
CA ILE B 140 -37.60 40.75 -15.57
C ILE B 140 -36.11 40.52 -15.31
N HIS B 141 -35.25 41.21 -16.04
CA HIS B 141 -33.80 41.05 -15.83
C HIS B 141 -33.23 42.12 -14.90
N ILE B 142 -33.67 43.35 -15.10
CA ILE B 142 -33.17 44.49 -14.37
C ILE B 142 -34.25 45.30 -13.66
N TYR B 143 -34.01 45.61 -12.40
CA TYR B 143 -34.96 46.42 -11.63
C TYR B 143 -34.26 47.75 -11.36
N SER B 144 -34.95 48.87 -11.59
CA SER B 144 -34.38 50.18 -11.34
C SER B 144 -35.20 50.89 -10.27
N ALA B 145 -34.54 51.38 -9.22
CA ALA B 145 -35.26 52.06 -8.15
C ALA B 145 -34.68 53.42 -7.83
N SER B 146 -35.45 54.46 -8.13
CA SER B 146 -35.05 55.82 -7.85
C SER B 146 -35.83 56.34 -6.65
N TRP B 147 -35.69 55.64 -5.53
CA TRP B 147 -36.36 56.01 -4.29
C TRP B 147 -35.63 55.36 -3.13
N GLY B 148 -35.96 55.77 -1.91
CA GLY B 148 -35.32 55.19 -0.75
C GLY B 148 -35.74 55.90 0.52
N PRO B 149 -35.03 55.66 1.62
CA PRO B 149 -35.32 56.28 2.91
C PRO B 149 -35.12 57.79 2.79
N GLU B 150 -35.77 58.55 3.67
CA GLU B 150 -35.67 59.99 3.65
C GLU B 150 -34.23 60.51 3.76
N ASP B 151 -33.92 61.56 3.01
CA ASP B 151 -32.57 62.14 3.00
C ASP B 151 -32.43 63.35 3.94
N ASP B 152 -32.93 63.24 5.17
CA ASP B 152 -32.82 64.37 6.09
C ASP B 152 -31.45 64.45 6.75
N GLY B 153 -30.60 63.46 6.50
CA GLY B 153 -29.28 63.45 7.07
C GLY B 153 -29.23 63.06 8.53
N LYS B 154 -30.29 62.42 9.01
CA LYS B 154 -30.30 62.00 10.40
C LYS B 154 -30.94 60.63 10.58
N THR B 155 -31.32 60.00 9.48
CA THR B 155 -31.94 58.71 9.60
C THR B 155 -31.00 57.60 9.16
N VAL B 156 -31.18 56.42 9.75
CA VAL B 156 -30.44 55.22 9.40
C VAL B 156 -31.58 54.25 9.16
N ASP B 157 -31.75 53.84 7.91
CA ASP B 157 -32.86 52.97 7.56
C ASP B 157 -32.49 52.11 6.36
N GLY B 158 -33.19 51.00 6.20
CA GLY B 158 -32.93 50.09 5.09
C GLY B 158 -34.11 49.14 4.95
N PRO B 159 -34.00 48.12 4.08
CA PRO B 159 -35.10 47.17 3.89
C PRO B 159 -35.48 46.34 5.10
N ALA B 160 -36.78 46.10 5.28
CA ALA B 160 -37.24 45.28 6.39
C ALA B 160 -37.08 43.82 5.92
N ARG B 161 -37.46 42.84 6.76
CA ARG B 161 -37.27 41.43 6.41
C ARG B 161 -37.74 40.90 5.06
N LEU B 162 -38.99 41.19 4.69
CA LEU B 162 -39.48 40.70 3.40
C LEU B 162 -38.69 41.27 2.23
N ALA B 163 -38.36 42.56 2.30
CA ALA B 163 -37.60 43.20 1.22
C ALA B 163 -36.22 42.59 1.14
N GLU B 164 -35.61 42.32 2.30
CA GLU B 164 -34.29 41.70 2.33
C GLU B 164 -34.37 40.34 1.67
N GLU B 165 -35.40 39.58 2.04
CA GLU B 165 -35.56 38.24 1.48
C GLU B 165 -35.78 38.33 -0.03
N ALA B 166 -36.49 39.37 -0.47
CA ALA B 166 -36.72 39.54 -1.91
C ALA B 166 -35.38 39.77 -2.61
N PHE B 167 -34.53 40.60 -2.01
CA PHE B 167 -33.22 40.87 -2.59
C PHE B 167 -32.42 39.57 -2.69
N PHE B 168 -32.40 38.82 -1.59
CA PHE B 168 -31.66 37.57 -1.57
C PHE B 168 -32.18 36.52 -2.55
N ARG B 169 -33.50 36.36 -2.62
CA ARG B 169 -34.09 35.41 -3.55
C ARG B 169 -33.72 35.89 -4.96
N GLY B 170 -33.77 37.20 -5.16
CA GLY B 170 -33.45 37.78 -6.46
C GLY B 170 -32.06 37.46 -6.99
N VAL B 171 -31.01 37.76 -6.22
CA VAL B 171 -29.67 37.49 -6.69
C VAL B 171 -29.36 35.99 -6.72
N SER B 172 -30.10 35.21 -5.95
CA SER B 172 -29.88 33.76 -5.89
C SER B 172 -30.60 33.00 -6.98
N GLN B 173 -31.88 33.31 -7.16
CA GLN B 173 -32.71 32.59 -8.11
C GLN B 173 -33.16 33.36 -9.35
N GLY B 174 -33.24 34.69 -9.26
CA GLY B 174 -33.65 35.48 -10.40
C GLY B 174 -32.88 35.17 -11.67
N ARG B 175 -33.46 35.50 -12.82
CA ARG B 175 -32.82 35.25 -14.12
C ARG B 175 -32.25 33.84 -14.22
N GLY B 176 -33.07 32.85 -13.91
CA GLY B 176 -32.63 31.47 -13.99
C GLY B 176 -31.39 31.16 -13.17
N GLY B 177 -31.22 31.83 -12.03
CA GLY B 177 -30.05 31.55 -11.21
C GLY B 177 -28.88 32.49 -11.39
N LEU B 178 -28.89 33.29 -12.46
CA LEU B 178 -27.82 34.25 -12.71
C LEU B 178 -27.93 35.43 -11.75
N GLY B 179 -29.15 35.66 -11.25
CA GLY B 179 -29.40 36.73 -10.31
C GLY B 179 -29.96 38.04 -10.87
N SER B 180 -31.04 38.52 -10.26
CA SER B 180 -31.68 39.78 -10.65
C SER B 180 -30.67 40.92 -10.51
N ILE B 181 -30.75 41.91 -11.39
CA ILE B 181 -29.86 43.06 -11.32
C ILE B 181 -30.64 44.21 -10.69
N PHE B 182 -30.22 44.64 -9.50
CA PHE B 182 -30.89 45.75 -8.79
C PHE B 182 -30.07 47.04 -8.87
N VAL B 183 -30.59 48.03 -9.59
CA VAL B 183 -29.92 49.32 -9.74
C VAL B 183 -30.59 50.34 -8.82
N TRP B 184 -29.78 51.02 -8.01
CA TRP B 184 -30.31 51.97 -7.04
C TRP B 184 -29.72 53.38 -7.14
N ALA B 185 -30.58 54.39 -6.95
CA ALA B 185 -30.13 55.78 -6.97
C ALA B 185 -29.53 56.01 -5.57
N SER B 186 -28.32 56.56 -5.49
CA SER B 186 -27.68 56.74 -4.18
C SER B 186 -28.29 57.77 -3.22
N GLY B 187 -29.09 58.71 -3.72
CA GLY B 187 -29.70 59.68 -2.81
C GLY B 187 -29.58 61.16 -3.13
N ASN B 188 -30.52 61.95 -2.61
CA ASN B 188 -30.53 63.40 -2.83
C ASN B 188 -30.22 64.20 -1.56
N GLY B 189 -29.59 63.56 -0.56
CA GLY B 189 -29.33 64.24 0.69
C GLY B 189 -28.09 65.12 0.81
N GLY B 190 -27.48 65.47 -0.31
CA GLY B 190 -26.28 66.29 -0.26
C GLY B 190 -26.35 67.59 0.54
N ARG B 191 -27.45 68.31 0.43
CA ARG B 191 -27.59 69.56 1.17
C ARG B 191 -27.70 69.31 2.68
N GLU B 192 -28.21 68.14 3.07
CA GLU B 192 -28.35 67.81 4.49
C GLU B 192 -27.13 67.04 4.99
N HIS B 193 -26.09 66.96 4.16
CA HIS B 193 -24.87 66.23 4.53
C HIS B 193 -25.14 64.76 4.81
N ASP B 194 -26.08 64.17 4.08
CA ASP B 194 -26.45 62.78 4.26
C ASP B 194 -25.34 61.85 3.73
N SER B 195 -25.31 60.63 4.25
CA SER B 195 -24.34 59.62 3.84
C SER B 195 -25.11 58.44 3.29
N CYS B 196 -24.78 58.01 2.07
CA CYS B 196 -25.51 56.89 1.52
C CYS B 196 -25.19 55.55 2.17
N ASN B 197 -24.30 55.53 3.15
CA ASN B 197 -24.01 54.29 3.85
C ASN B 197 -25.02 54.11 4.98
N CYS B 198 -25.83 55.15 5.22
CA CYS B 198 -26.86 55.08 6.27
C CYS B 198 -28.19 54.69 5.63
N ASP B 199 -28.11 54.22 4.39
CA ASP B 199 -29.25 53.81 3.58
C ASP B 199 -28.96 52.34 3.29
N GLY B 200 -29.78 51.44 3.81
CA GLY B 200 -29.56 50.01 3.62
C GLY B 200 -29.82 49.47 2.22
N TYR B 201 -30.47 50.24 1.36
CA TYR B 201 -30.73 49.79 0.00
C TYR B 201 -29.48 50.03 -0.85
N THR B 202 -28.94 51.24 -0.76
CA THR B 202 -27.74 51.58 -1.52
C THR B 202 -26.54 50.83 -0.96
N ASN B 203 -26.50 50.73 0.36
CA ASN B 203 -25.42 50.06 1.11
C ASN B 203 -25.34 48.53 0.89
N SER B 204 -26.42 47.96 0.37
CA SER B 204 -26.47 46.52 0.12
C SER B 204 -25.52 46.06 -0.97
N ILE B 205 -24.95 44.87 -0.81
CA ILE B 205 -24.05 44.37 -1.84
C ILE B 205 -24.88 43.92 -3.04
N TYR B 206 -26.17 43.66 -2.82
CA TYR B 206 -27.05 43.19 -3.89
C TYR B 206 -27.49 44.27 -4.88
N THR B 207 -27.24 45.53 -4.54
CA THR B 207 -27.63 46.63 -5.43
C THR B 207 -26.42 47.36 -6.00
N LEU B 208 -26.53 47.85 -7.24
CA LEU B 208 -25.46 48.65 -7.82
C LEU B 208 -25.91 50.08 -7.52
N SER B 209 -25.28 50.71 -6.53
CA SER B 209 -25.63 52.06 -6.15
C SER B 209 -24.96 53.04 -7.11
N ILE B 210 -25.76 53.92 -7.71
CA ILE B 210 -25.27 54.87 -8.70
C ILE B 210 -25.39 56.34 -8.29
N SER B 211 -24.29 57.08 -8.37
CA SER B 211 -24.28 58.51 -8.03
C SER B 211 -24.38 59.38 -9.29
N SER B 212 -24.34 60.70 -9.10
CA SER B 212 -24.49 61.65 -10.20
C SER B 212 -23.31 62.61 -10.43
N ALA B 213 -23.21 63.11 -11.65
CA ALA B 213 -22.19 64.08 -12.03
C ALA B 213 -22.90 65.16 -12.86
N THR B 214 -22.51 66.42 -12.71
CA THR B 214 -23.14 67.48 -13.50
C THR B 214 -22.50 67.51 -14.89
N GLN B 215 -23.11 68.25 -15.81
CA GLN B 215 -22.59 68.31 -17.16
C GLN B 215 -21.13 68.75 -17.21
N PHE B 216 -20.74 69.73 -16.40
CA PHE B 216 -19.36 70.19 -16.40
C PHE B 216 -18.42 69.27 -15.59
N GLY B 217 -18.94 68.13 -15.16
CA GLY B 217 -18.13 67.16 -14.43
C GLY B 217 -17.94 67.41 -12.95
N ASN B 218 -18.92 68.01 -12.30
CA ASN B 218 -18.79 68.28 -10.87
C ASN B 218 -19.75 67.48 -10.00
N VAL B 219 -19.49 67.48 -8.70
CA VAL B 219 -20.34 66.79 -7.74
C VAL B 219 -21.56 67.67 -7.51
N PRO B 220 -22.75 67.21 -7.92
CA PRO B 220 -23.99 67.98 -7.76
C PRO B 220 -24.30 68.33 -6.30
N TRP B 221 -25.05 69.41 -6.10
CA TRP B 221 -25.41 69.83 -4.75
C TRP B 221 -26.16 68.75 -3.96
N TYR B 222 -26.97 67.95 -4.65
CA TYR B 222 -27.77 66.91 -4.00
C TYR B 222 -27.04 65.59 -3.73
N SER B 223 -25.83 65.46 -4.24
CA SER B 223 -25.04 64.25 -4.10
C SER B 223 -24.65 63.82 -2.69
N GLU B 224 -24.78 62.53 -2.41
CA GLU B 224 -24.37 62.00 -1.10
C GLU B 224 -23.11 61.18 -1.33
N ALA B 225 -22.11 61.39 -0.48
CA ALA B 225 -20.86 60.63 -0.58
C ALA B 225 -20.88 59.44 0.38
N CYS B 226 -20.27 58.34 -0.04
CA CYS B 226 -20.17 57.13 0.79
C CYS B 226 -19.35 56.10 0.03
N SER B 227 -18.83 55.13 0.75
CA SER B 227 -17.99 54.09 0.15
C SER B 227 -18.75 52.97 -0.53
N SER B 228 -20.07 52.91 -0.36
CA SER B 228 -20.85 51.83 -0.97
C SER B 228 -21.22 52.08 -2.44
N THR B 229 -21.12 53.33 -2.88
CA THR B 229 -21.43 53.70 -4.26
C THR B 229 -20.48 52.97 -5.20
N LEU B 230 -21.01 52.49 -6.33
CA LEU B 230 -20.18 51.75 -7.28
C LEU B 230 -19.72 52.57 -8.49
N ALA B 231 -20.63 53.33 -9.09
CA ALA B 231 -20.29 54.15 -10.25
C ALA B 231 -21.20 55.37 -10.38
N THR B 232 -21.01 56.09 -11.48
CA THR B 232 -21.75 57.33 -11.72
C THR B 232 -22.29 57.50 -13.13
N THR B 233 -23.38 58.26 -13.26
CA THR B 233 -23.94 58.60 -14.56
C THR B 233 -24.30 60.08 -14.45
N TYR B 234 -24.41 60.76 -15.57
CA TYR B 234 -24.74 62.17 -15.57
C TYR B 234 -26.15 62.47 -15.12
N SER B 235 -26.32 63.65 -14.54
CA SER B 235 -27.64 64.14 -14.14
C SER B 235 -27.58 65.67 -14.17
N SER B 236 -28.45 66.33 -13.39
CA SER B 236 -28.51 67.79 -13.37
C SER B 236 -27.50 68.46 -12.44
N GLY B 237 -27.31 69.76 -12.66
CA GLY B 237 -26.39 70.55 -11.86
C GLY B 237 -26.95 71.95 -11.68
N ASN B 238 -26.17 72.98 -12.02
CA ASN B 238 -26.65 74.35 -11.88
C ASN B 238 -27.49 74.75 -13.11
N GLN B 239 -27.96 75.99 -13.15
CA GLN B 239 -28.81 76.38 -14.25
C GLN B 239 -28.11 76.66 -15.59
N ASN B 240 -26.79 76.58 -15.60
CA ASN B 240 -26.05 76.77 -16.85
C ASN B 240 -25.75 75.39 -17.45
N GLU B 241 -26.03 74.34 -16.69
CA GLU B 241 -25.78 72.98 -17.12
C GLU B 241 -27.08 72.34 -17.59
N LYS B 242 -27.00 71.53 -18.64
CA LYS B 242 -28.19 70.86 -19.15
C LYS B 242 -28.67 69.76 -18.20
N GLN B 243 -29.89 69.29 -18.43
CA GLN B 243 -30.47 68.26 -17.58
C GLN B 243 -30.89 67.04 -18.39
N ILE B 244 -31.70 66.16 -17.82
CA ILE B 244 -32.11 64.96 -18.52
C ILE B 244 -33.41 65.10 -19.30
N VAL B 245 -33.38 64.67 -20.56
CA VAL B 245 -34.51 64.74 -21.47
C VAL B 245 -35.20 63.38 -21.53
N THR B 246 -36.48 63.35 -21.19
CA THR B 246 -37.20 62.09 -21.18
C THR B 246 -38.71 62.27 -21.32
N THR B 247 -39.43 61.16 -21.28
CA THR B 247 -40.88 61.15 -21.38
C THR B 247 -41.51 61.69 -20.09
N ASP B 248 -42.54 62.51 -20.23
CA ASP B 248 -43.21 63.07 -19.07
C ASP B 248 -44.69 62.70 -19.06
N LEU B 249 -45.30 62.79 -17.88
CA LEU B 249 -46.70 62.47 -17.70
C LEU B 249 -47.57 63.25 -18.69
N ARG B 250 -48.74 62.70 -18.99
CA ARG B 250 -49.68 63.33 -19.91
C ARG B 250 -49.12 63.38 -21.33
N GLN B 251 -48.39 62.34 -21.68
CA GLN B 251 -47.79 62.18 -23.01
C GLN B 251 -46.92 63.35 -23.47
N LYS B 252 -46.22 63.97 -22.52
CA LYS B 252 -45.36 65.09 -22.83
C LYS B 252 -43.88 64.67 -22.87
N CYS B 253 -43.01 65.65 -23.14
CA CYS B 253 -41.57 65.43 -23.22
C CYS B 253 -41.00 66.47 -22.27
N THR B 254 -40.03 66.10 -21.45
CA THR B 254 -39.43 67.05 -20.54
C THR B 254 -37.92 67.10 -20.74
N GLU B 255 -37.35 68.27 -20.50
CA GLU B 255 -35.91 68.43 -20.62
C GLU B 255 -35.39 68.79 -19.24
N SER B 256 -36.24 68.59 -18.23
CA SER B 256 -35.86 68.91 -16.88
C SER B 256 -36.04 67.82 -15.84
N HIS B 257 -35.62 66.60 -16.16
CA HIS B 257 -35.66 65.51 -15.20
C HIS B 257 -34.34 65.71 -14.45
N THR B 258 -34.38 65.68 -13.12
CA THR B 258 -33.19 65.99 -12.32
C THR B 258 -32.87 65.09 -11.12
N GLY B 259 -31.75 65.43 -10.48
CA GLY B 259 -31.34 64.73 -9.27
C GLY B 259 -30.88 63.30 -9.40
N THR B 260 -30.68 62.66 -8.26
CA THR B 260 -30.25 61.27 -8.21
C THR B 260 -31.22 60.36 -8.97
N SER B 261 -32.48 60.76 -9.06
CA SER B 261 -33.50 59.95 -9.76
C SER B 261 -33.15 59.65 -11.21
N ALA B 262 -32.49 60.61 -11.87
CA ALA B 262 -32.15 60.44 -13.28
C ALA B 262 -30.93 59.57 -13.54
N SER B 263 -30.09 59.37 -12.53
CA SER B 263 -28.89 58.58 -12.73
C SER B 263 -29.07 57.07 -12.77
N ALA B 264 -29.80 56.52 -11.81
CA ALA B 264 -30.01 55.08 -11.79
C ALA B 264 -30.57 54.53 -13.11
N PRO B 265 -31.62 55.16 -13.67
CA PRO B 265 -32.21 54.68 -14.92
C PRO B 265 -31.22 54.61 -16.09
N LEU B 266 -30.32 55.57 -16.18
CA LEU B 266 -29.33 55.58 -17.25
C LEU B 266 -28.40 54.38 -17.04
N ALA B 267 -28.08 54.09 -15.78
CA ALA B 267 -27.25 52.95 -15.47
C ALA B 267 -28.00 51.67 -15.82
N ALA B 268 -29.29 51.62 -15.48
CA ALA B 268 -30.08 50.43 -15.81
C ALA B 268 -30.08 50.21 -17.32
N GLY B 269 -30.16 51.29 -18.09
CA GLY B 269 -30.15 51.15 -19.53
C GLY B 269 -28.84 50.59 -20.06
N ILE B 270 -27.73 51.13 -19.54
CA ILE B 270 -26.41 50.67 -19.98
C ILE B 270 -26.23 49.20 -19.62
N ILE B 271 -26.71 48.81 -18.46
CA ILE B 271 -26.63 47.42 -18.03
C ILE B 271 -27.46 46.54 -18.96
N ALA B 272 -28.57 47.07 -19.47
CA ALA B 272 -29.41 46.30 -20.38
C ALA B 272 -28.63 46.03 -21.67
N LEU B 273 -27.89 47.02 -22.14
CA LEU B 273 -27.10 46.86 -23.35
C LEU B 273 -26.06 45.78 -23.09
N THR B 274 -25.49 45.81 -21.89
CA THR B 274 -24.48 44.85 -21.51
C THR B 274 -25.01 43.42 -21.46
N LEU B 275 -26.21 43.24 -20.92
CA LEU B 275 -26.80 41.90 -20.86
C LEU B 275 -27.08 41.38 -22.26
N GLU B 276 -27.41 42.28 -23.18
CA GLU B 276 -27.67 41.84 -24.54
C GLU B 276 -26.35 41.32 -25.10
N ALA B 277 -25.27 42.03 -24.81
CA ALA B 277 -23.94 41.63 -25.28
C ALA B 277 -23.53 40.28 -24.70
N ASN B 278 -24.02 39.96 -23.50
CA ASN B 278 -23.71 38.68 -22.87
C ASN B 278 -24.79 38.34 -21.87
N LYS B 279 -25.77 37.56 -22.30
CA LYS B 279 -26.89 37.19 -21.44
C LYS B 279 -26.54 36.25 -20.30
N ASN B 280 -25.32 35.73 -20.28
CA ASN B 280 -24.91 34.79 -19.22
C ASN B 280 -24.22 35.44 -18.04
N LEU B 281 -24.14 36.76 -18.02
CA LEU B 281 -23.50 37.47 -16.91
C LEU B 281 -24.31 37.32 -15.64
N THR B 282 -23.65 37.03 -14.52
CA THR B 282 -24.34 36.89 -13.23
C THR B 282 -24.44 38.28 -12.59
N TRP B 283 -25.15 38.39 -11.48
CA TRP B 283 -25.28 39.67 -10.80
C TRP B 283 -23.90 40.16 -10.35
N ARG B 284 -23.00 39.25 -9.99
CA ARG B 284 -21.64 39.64 -9.59
C ARG B 284 -20.78 40.01 -10.83
N ASP B 285 -20.92 39.28 -11.93
CA ASP B 285 -20.17 39.61 -13.13
C ASP B 285 -20.44 41.07 -13.51
N MET B 286 -21.70 41.47 -13.43
CA MET B 286 -22.09 42.82 -13.80
C MET B 286 -21.38 43.87 -12.96
N GLN B 287 -21.24 43.63 -11.66
CA GLN B 287 -20.55 44.60 -10.83
C GLN B 287 -19.05 44.63 -11.18
N HIS B 288 -18.48 43.48 -11.52
CA HIS B 288 -17.08 43.43 -11.93
C HIS B 288 -16.88 44.31 -13.17
N LEU B 289 -17.77 44.16 -14.15
CA LEU B 289 -17.68 44.93 -15.39
C LEU B 289 -17.71 46.43 -15.12
N VAL B 290 -18.59 46.86 -14.22
CA VAL B 290 -18.70 48.27 -13.88
C VAL B 290 -17.42 48.78 -13.25
N VAL B 291 -16.87 48.00 -12.34
CA VAL B 291 -15.64 48.41 -11.67
C VAL B 291 -14.49 48.53 -12.68
N GLN B 292 -14.40 47.57 -13.57
CA GLN B 292 -13.33 47.59 -14.55
C GLN B 292 -13.41 48.62 -15.65
N THR B 293 -14.61 48.92 -16.11
CA THR B 293 -14.78 49.85 -17.21
C THR B 293 -15.11 51.30 -16.88
N SER B 294 -15.49 51.59 -15.64
CA SER B 294 -15.85 52.97 -15.32
C SER B 294 -14.68 53.95 -15.34
N LYS B 295 -14.93 55.16 -15.83
CA LYS B 295 -13.90 56.16 -16.02
C LYS B 295 -13.95 57.36 -15.09
N PRO B 296 -12.83 57.64 -14.40
CA PRO B 296 -12.78 58.78 -13.48
C PRO B 296 -12.57 60.06 -14.30
N ALA B 297 -11.66 59.98 -15.27
CA ALA B 297 -11.30 61.12 -16.10
C ALA B 297 -12.48 61.98 -16.47
N HIS B 298 -12.29 63.29 -16.30
CA HIS B 298 -13.31 64.30 -16.61
C HIS B 298 -14.18 64.64 -15.41
N LEU B 299 -14.12 63.83 -14.35
CA LEU B 299 -14.91 64.07 -13.15
C LEU B 299 -14.06 64.72 -12.04
N ASN B 300 -14.54 65.84 -11.51
CA ASN B 300 -13.81 66.55 -10.47
C ASN B 300 -14.30 66.18 -9.08
N ALA B 301 -13.35 65.88 -8.21
CA ALA B 301 -13.65 65.53 -6.82
C ALA B 301 -12.38 65.79 -6.01
N ASN B 302 -12.54 66.09 -4.74
CA ASN B 302 -11.36 66.36 -3.93
C ASN B 302 -10.85 65.11 -3.23
N ASP B 303 -11.50 63.97 -3.46
CA ASP B 303 -11.05 62.75 -2.78
C ASP B 303 -10.67 61.59 -3.69
N TRP B 304 -10.32 61.87 -4.94
CA TRP B 304 -9.89 60.77 -5.82
C TRP B 304 -8.67 60.14 -5.17
N ALA B 305 -8.65 58.82 -5.08
CA ALA B 305 -7.51 58.14 -4.47
C ALA B 305 -7.32 56.84 -5.22
N THR B 306 -6.08 56.40 -5.33
CA THR B 306 -5.76 55.17 -6.03
C THR B 306 -5.78 54.02 -5.02
N ASN B 307 -6.52 52.95 -5.33
CA ASN B 307 -6.58 51.84 -4.39
C ASN B 307 -5.45 50.83 -4.60
N GLY B 308 -5.49 49.75 -3.84
CA GLY B 308 -4.45 48.73 -3.90
C GLY B 308 -4.19 48.11 -5.25
N VAL B 309 -5.14 48.20 -6.18
CA VAL B 309 -4.93 47.62 -7.48
C VAL B 309 -4.78 48.66 -8.59
N GLY B 310 -4.47 49.89 -8.21
CA GLY B 310 -4.26 50.94 -9.19
C GLY B 310 -5.47 51.61 -9.80
N ARG B 311 -6.64 51.45 -9.20
CA ARG B 311 -7.80 52.12 -9.74
C ARG B 311 -8.15 53.35 -8.90
N LYS B 312 -8.65 54.37 -9.56
CA LYS B 312 -9.05 55.61 -8.87
C LYS B 312 -10.47 55.46 -8.34
N VAL B 313 -10.68 55.85 -7.09
CA VAL B 313 -12.01 55.79 -6.50
C VAL B 313 -12.29 57.06 -5.70
N SER B 314 -13.56 57.46 -5.70
CA SER B 314 -14.00 58.63 -4.97
C SER B 314 -15.32 58.27 -4.25
N HIS B 315 -15.54 58.84 -3.08
CA HIS B 315 -16.76 58.57 -2.34
C HIS B 315 -17.96 59.27 -2.99
N SER B 316 -17.70 60.18 -3.92
CA SER B 316 -18.79 60.86 -4.61
C SER B 316 -19.17 60.16 -5.91
N TYR B 317 -18.22 59.39 -6.46
CA TYR B 317 -18.43 58.74 -7.75
C TYR B 317 -18.18 57.24 -7.85
N GLY B 318 -17.66 56.62 -6.81
CA GLY B 318 -17.34 55.22 -6.94
C GLY B 318 -16.14 55.12 -7.90
N TYR B 319 -16.23 54.24 -8.90
CA TYR B 319 -15.13 54.11 -9.86
C TYR B 319 -15.23 55.08 -11.02
N GLY B 320 -16.22 55.95 -10.99
CA GLY B 320 -16.35 56.93 -12.06
C GLY B 320 -17.55 56.77 -12.95
N LEU B 321 -17.48 57.45 -14.08
CA LEU B 321 -18.56 57.46 -15.05
C LEU B 321 -18.68 56.14 -15.80
N LEU B 322 -19.92 55.68 -15.98
CA LEU B 322 -20.13 54.44 -16.72
C LEU B 322 -19.72 54.71 -18.17
N ASP B 323 -19.20 53.68 -18.84
CA ASP B 323 -18.78 53.77 -20.24
C ASP B 323 -19.47 52.61 -20.96
N ALA B 324 -20.60 52.89 -21.61
CA ALA B 324 -21.36 51.86 -22.30
C ALA B 324 -20.57 51.09 -23.36
N GLY B 325 -19.81 51.80 -24.18
CA GLY B 325 -19.03 51.13 -25.20
C GLY B 325 -18.09 50.12 -24.58
N ALA B 326 -17.40 50.52 -23.52
CA ALA B 326 -16.45 49.65 -22.83
C ALA B 326 -17.16 48.49 -22.14
N MET B 327 -18.33 48.77 -21.58
CA MET B 327 -19.10 47.74 -20.89
C MET B 327 -19.49 46.61 -21.85
N VAL B 328 -20.07 46.96 -22.98
CA VAL B 328 -20.50 45.97 -23.94
C VAL B 328 -19.30 45.23 -24.58
N ALA B 329 -18.19 45.95 -24.75
CA ALA B 329 -17.01 45.34 -25.33
C ALA B 329 -16.46 44.27 -24.39
N LEU B 330 -16.23 44.64 -23.13
CA LEU B 330 -15.70 43.70 -22.16
C LEU B 330 -16.65 42.54 -21.87
N ALA B 331 -17.96 42.78 -21.93
CA ALA B 331 -18.93 41.75 -21.66
C ALA B 331 -18.83 40.55 -22.58
N GLN B 332 -18.61 40.82 -23.87
CA GLN B 332 -18.54 39.77 -24.87
C GLN B 332 -17.55 38.65 -24.56
N ASN B 333 -16.37 39.01 -24.08
CA ASN B 333 -15.38 38.01 -23.78
C ASN B 333 -15.22 37.65 -22.31
N TRP B 334 -16.15 38.12 -21.50
CA TRP B 334 -16.12 37.88 -20.06
C TRP B 334 -16.31 36.43 -19.60
N THR B 335 -15.40 35.99 -18.74
CA THR B 335 -15.45 34.65 -18.17
C THR B 335 -16.12 34.78 -16.82
N THR B 336 -17.22 34.05 -16.61
CA THR B 336 -17.94 34.13 -15.34
C THR B 336 -17.03 33.93 -14.14
N VAL B 337 -17.15 34.82 -13.16
CA VAL B 337 -16.32 34.75 -11.97
C VAL B 337 -16.60 33.49 -11.15
N ALA B 338 -15.62 33.10 -10.35
CA ALA B 338 -15.73 31.93 -9.49
C ALA B 338 -16.84 32.15 -8.46
N PRO B 339 -17.29 31.07 -7.81
CA PRO B 339 -18.33 31.15 -6.80
C PRO B 339 -17.95 32.12 -5.70
N GLN B 340 -18.94 32.85 -5.20
CA GLN B 340 -18.73 33.83 -4.16
C GLN B 340 -18.42 33.19 -2.81
N ARG B 341 -17.32 33.62 -2.19
CA ARG B 341 -16.92 33.12 -0.87
C ARG B 341 -17.21 34.23 0.13
N LYS B 342 -17.37 33.85 1.40
CA LYS B 342 -17.67 34.80 2.46
C LYS B 342 -16.84 34.45 3.68
N CYS B 343 -15.99 35.37 4.10
CA CYS B 343 -15.12 35.15 5.25
C CYS B 343 -15.53 36.13 6.35
N ILE B 344 -15.96 35.58 7.47
CA ILE B 344 -16.41 36.36 8.62
C ILE B 344 -15.32 36.42 9.69
N ILE B 345 -14.97 37.62 10.11
CA ILE B 345 -13.92 37.80 11.11
C ILE B 345 -14.40 38.76 12.19
N ASP B 346 -14.69 38.22 13.38
CA ASP B 346 -15.14 39.08 14.47
C ASP B 346 -13.87 39.64 15.10
N ILE B 347 -13.74 40.95 15.10
CA ILE B 347 -12.53 41.62 15.59
C ILE B 347 -12.34 41.84 17.10
N LEU B 348 -13.34 42.39 17.79
CA LEU B 348 -13.17 42.70 19.19
C LEU B 348 -13.18 41.54 20.18
N THR B 349 -12.30 41.64 21.19
CA THR B 349 -12.24 40.63 22.24
C THR B 349 -12.79 41.27 23.50
N GLU B 350 -13.08 42.56 23.41
CA GLU B 350 -13.63 43.33 24.53
C GLU B 350 -14.16 44.66 24.02
N PRO B 351 -15.12 45.26 24.72
CA PRO B 351 -15.68 46.56 24.30
C PRO B 351 -14.57 47.60 24.31
N LYS B 352 -14.74 48.62 23.48
CA LYS B 352 -13.74 49.68 23.37
C LYS B 352 -14.38 51.04 23.58
N ASP B 353 -13.79 51.84 24.46
CA ASP B 353 -14.29 53.18 24.73
C ASP B 353 -13.90 54.03 23.52
N ILE B 354 -14.83 54.82 23.02
CA ILE B 354 -14.56 55.65 21.85
C ILE B 354 -13.84 56.94 22.20
N GLY B 355 -14.43 57.73 23.11
CA GLY B 355 -13.79 58.97 23.50
C GLY B 355 -13.65 59.94 22.33
N LYS B 356 -12.48 60.54 22.20
CA LYS B 356 -12.24 61.49 21.12
C LYS B 356 -11.82 60.76 19.85
N ARG B 357 -11.13 59.65 20.03
CA ARG B 357 -10.68 58.88 18.89
C ARG B 357 -10.36 57.44 19.28
N LEU B 358 -10.74 56.50 18.43
CA LEU B 358 -10.48 55.10 18.67
C LEU B 358 -9.91 54.48 17.42
N GLU B 359 -8.91 53.63 17.60
CA GLU B 359 -8.29 52.97 16.48
C GLU B 359 -8.21 51.50 16.83
N VAL B 360 -8.69 50.64 15.91
CA VAL B 360 -8.65 49.22 16.13
C VAL B 360 -7.90 48.58 14.98
N ARG B 361 -6.83 47.87 15.30
CA ARG B 361 -6.00 47.20 14.31
C ARG B 361 -6.13 45.70 14.47
N LYS B 362 -6.08 45.00 13.34
CA LYS B 362 -6.20 43.56 13.38
C LYS B 362 -5.62 42.96 12.11
N THR B 363 -4.73 42.00 12.27
CA THR B 363 -4.13 41.35 11.13
C THR B 363 -4.98 40.12 10.89
N VAL B 364 -5.45 39.96 9.65
CA VAL B 364 -6.31 38.82 9.31
C VAL B 364 -5.67 37.94 8.25
N THR B 365 -6.13 36.70 8.16
CA THR B 365 -5.59 35.80 7.16
C THR B 365 -6.61 35.59 6.05
N ALA B 366 -7.79 36.18 6.22
CA ALA B 366 -8.86 36.06 5.23
C ALA B 366 -9.24 34.61 4.97
N CYS B 367 -9.38 33.85 6.04
CA CYS B 367 -9.77 32.44 5.97
C CYS B 367 -8.80 31.55 5.21
N LEU B 368 -7.52 31.86 5.32
CA LEU B 368 -6.47 31.07 4.67
C LEU B 368 -6.59 29.61 5.12
N GLY B 369 -6.44 28.68 4.18
CA GLY B 369 -6.55 27.28 4.51
C GLY B 369 -7.96 26.75 4.62
N GLU B 370 -8.96 27.62 4.48
CA GLU B 370 -10.34 27.18 4.58
C GLU B 370 -11.06 27.31 3.24
N PRO B 371 -12.25 26.73 3.12
CA PRO B 371 -13.00 26.79 1.86
C PRO B 371 -13.35 28.21 1.41
N ASN B 372 -13.50 29.14 2.36
CA ASN B 372 -13.85 30.51 2.03
C ASN B 372 -12.66 31.48 2.02
N HIS B 373 -11.47 30.93 1.75
CA HIS B 373 -10.26 31.74 1.67
C HIS B 373 -10.43 32.74 0.53
N ILE B 374 -10.15 34.00 0.81
CA ILE B 374 -10.31 35.05 -0.19
C ILE B 374 -9.00 35.77 -0.49
N THR B 375 -8.59 35.74 -1.75
CA THR B 375 -7.38 36.46 -2.17
C THR B 375 -7.75 37.63 -3.07
N ARG B 376 -8.98 37.60 -3.61
CA ARG B 376 -9.46 38.65 -4.50
C ARG B 376 -10.79 39.16 -3.93
N LEU B 377 -10.73 40.30 -3.25
CA LEU B 377 -11.90 40.87 -2.60
C LEU B 377 -12.92 41.49 -3.56
N GLU B 378 -14.18 41.44 -3.15
CA GLU B 378 -15.25 42.07 -3.89
C GLU B 378 -15.76 43.12 -2.89
N HIS B 379 -16.94 42.92 -2.29
CA HIS B 379 -17.44 43.87 -1.29
C HIS B 379 -16.85 43.53 0.08
N ALA B 380 -16.81 44.49 0.97
CA ALA B 380 -16.36 44.26 2.34
C ALA B 380 -17.33 45.03 3.24
N GLN B 381 -17.73 44.42 4.35
CA GLN B 381 -18.61 45.10 5.30
C GLN B 381 -17.93 45.17 6.65
N ALA B 382 -18.18 46.26 7.37
CA ALA B 382 -17.68 46.42 8.72
C ALA B 382 -18.98 46.54 9.51
N ARG B 383 -19.39 45.45 10.14
CA ARG B 383 -20.63 45.43 10.92
C ARG B 383 -20.33 45.97 12.30
N LEU B 384 -20.83 47.17 12.58
CA LEU B 384 -20.57 47.80 13.85
C LEU B 384 -21.77 47.94 14.77
N THR B 385 -21.51 47.77 16.06
CA THR B 385 -22.52 47.96 17.10
C THR B 385 -21.83 48.88 18.10
N LEU B 386 -22.40 50.06 18.30
CA LEU B 386 -21.81 51.00 19.22
C LEU B 386 -22.83 51.97 19.79
N SER B 387 -22.49 52.53 20.94
CA SER B 387 -23.35 53.51 21.59
C SER B 387 -22.59 54.84 21.53
N TYR B 388 -23.31 55.94 21.42
CA TYR B 388 -22.69 57.26 21.37
C TYR B 388 -23.79 58.26 21.71
N ASN B 389 -23.41 59.40 22.29
CA ASN B 389 -24.40 60.38 22.67
C ASN B 389 -24.89 61.26 21.54
N ARG B 390 -24.06 61.49 20.52
CA ARG B 390 -24.45 62.32 19.38
C ARG B 390 -23.88 61.67 18.12
N ARG B 391 -24.65 60.76 17.52
CA ARG B 391 -24.23 60.01 16.35
C ARG B 391 -23.60 60.78 15.20
N GLY B 392 -24.21 61.89 14.81
CA GLY B 392 -23.68 62.69 13.71
C GLY B 392 -22.29 63.27 13.88
N ASP B 393 -21.75 63.26 15.10
CA ASP B 393 -20.41 63.80 15.30
C ASP B 393 -19.34 62.80 14.95
N LEU B 394 -19.75 61.55 14.75
CA LEU B 394 -18.79 60.49 14.41
C LEU B 394 -18.40 60.45 12.93
N ALA B 395 -17.16 60.04 12.67
CA ALA B 395 -16.65 59.84 11.34
C ALA B 395 -15.94 58.50 11.52
N ILE B 396 -16.18 57.57 10.61
CA ILE B 396 -15.60 56.24 10.71
C ILE B 396 -14.89 55.86 9.42
N HIS B 397 -13.65 55.40 9.54
CA HIS B 397 -12.86 55.04 8.38
C HIS B 397 -12.32 53.62 8.52
N LEU B 398 -12.15 52.96 7.38
CA LEU B 398 -11.62 51.60 7.37
C LEU B 398 -10.47 51.55 6.37
N VAL B 399 -9.29 51.14 6.83
CA VAL B 399 -8.14 51.06 5.95
C VAL B 399 -7.78 49.61 5.66
N SER B 400 -7.71 49.26 4.38
CA SER B 400 -7.40 47.89 3.99
C SER B 400 -5.90 47.66 4.12
N PRO B 401 -5.47 46.38 4.16
CA PRO B 401 -4.05 46.05 4.27
C PRO B 401 -3.24 46.74 3.15
N MET B 402 -3.85 46.93 1.99
CA MET B 402 -3.14 47.57 0.90
C MET B 402 -3.22 49.09 0.92
N GLY B 403 -3.64 49.64 2.06
CA GLY B 403 -3.69 51.07 2.23
C GLY B 403 -4.86 51.87 1.72
N THR B 404 -5.94 51.21 1.31
CA THR B 404 -7.08 51.95 0.80
C THR B 404 -7.97 52.39 1.96
N ARG B 405 -8.17 53.68 2.06
CA ARG B 405 -8.98 54.24 3.14
C ARG B 405 -10.42 54.49 2.72
N SER B 406 -11.32 53.66 3.24
CA SER B 406 -12.74 53.81 2.94
C SER B 406 -13.42 54.55 4.07
N THR B 407 -14.09 55.64 3.76
CA THR B 407 -14.79 56.37 4.81
C THR B 407 -16.17 55.75 4.88
N LEU B 408 -16.39 54.97 5.93
CA LEU B 408 -17.66 54.30 6.13
C LEU B 408 -18.75 55.28 6.55
N LEU B 409 -18.36 56.33 7.28
CA LEU B 409 -19.31 57.32 7.74
C LEU B 409 -18.67 58.66 7.93
N ALA B 410 -19.18 59.68 7.25
CA ALA B 410 -18.66 61.03 7.40
C ALA B 410 -19.60 61.71 8.39
N ALA B 411 -19.15 62.79 9.01
CA ALA B 411 -19.99 63.50 9.97
C ALA B 411 -21.32 63.91 9.36
N ARG B 412 -22.38 63.83 10.15
CA ARG B 412 -23.72 64.23 9.73
C ARG B 412 -24.21 65.21 10.78
N PRO B 413 -23.96 66.50 10.55
CA PRO B 413 -24.36 67.57 11.47
C PRO B 413 -25.79 67.54 11.99
N HIS B 414 -26.74 67.07 11.19
CA HIS B 414 -28.13 67.03 11.63
C HIS B 414 -28.50 65.78 12.44
N ASP B 415 -27.57 64.82 12.53
CA ASP B 415 -27.83 63.58 13.25
C ASP B 415 -27.51 63.69 14.74
N TYR B 416 -28.54 64.03 15.52
CA TYR B 416 -28.38 64.19 16.96
C TYR B 416 -28.79 62.94 17.71
N SER B 417 -29.04 61.86 16.99
CA SER B 417 -29.47 60.61 17.60
C SER B 417 -28.55 60.09 18.69
N ALA B 418 -29.15 59.53 19.73
CA ALA B 418 -28.39 58.96 20.82
C ALA B 418 -28.51 57.44 20.77
N ASP B 419 -29.07 56.94 19.67
CA ASP B 419 -29.25 55.50 19.50
C ASP B 419 -28.07 54.70 18.96
N GLY B 420 -27.01 55.36 18.53
CA GLY B 420 -25.87 54.64 18.00
C GLY B 420 -26.19 53.76 16.80
N PHE B 421 -25.39 52.70 16.61
CA PHE B 421 -25.57 51.76 15.51
C PHE B 421 -25.71 50.36 16.09
N ASN B 422 -26.70 49.63 15.58
CA ASN B 422 -26.96 48.29 16.06
C ASN B 422 -26.69 47.27 14.95
N ASP B 423 -25.48 46.73 14.96
CA ASP B 423 -25.03 45.78 13.95
C ASP B 423 -25.31 46.32 12.57
N TRP B 424 -24.92 47.57 12.33
CA TRP B 424 -25.13 48.19 11.03
C TRP B 424 -23.95 47.82 10.14
N ALA B 425 -24.27 47.29 8.95
CA ALA B 425 -23.23 46.84 8.03
C ALA B 425 -22.72 47.86 7.02
N PHE B 426 -21.79 48.72 7.45
CA PHE B 426 -21.20 49.73 6.56
C PHE B 426 -20.47 48.94 5.46
N MET B 427 -20.70 49.32 4.20
CA MET B 427 -20.08 48.60 3.09
C MET B 427 -19.20 49.46 2.21
N THR B 428 -18.09 48.88 1.73
CA THR B 428 -17.20 49.60 0.84
C THR B 428 -16.88 48.78 -0.41
N THR B 429 -16.81 49.47 -1.54
CA THR B 429 -16.51 48.84 -2.82
C THR B 429 -15.11 49.28 -3.24
N HIS B 430 -14.46 50.10 -2.42
CA HIS B 430 -13.16 50.65 -2.78
C HIS B 430 -11.95 49.72 -2.80
N SER B 431 -12.07 48.55 -2.18
CA SER B 431 -10.94 47.63 -2.16
C SER B 431 -11.19 46.45 -3.09
N TRP B 432 -12.11 46.63 -4.03
CA TRP B 432 -12.46 45.59 -4.99
C TRP B 432 -11.18 45.09 -5.68
N ASP B 433 -11.01 43.78 -5.74
CA ASP B 433 -9.86 43.09 -6.32
C ASP B 433 -8.57 43.10 -5.50
N GLU B 434 -8.59 43.73 -4.34
CA GLU B 434 -7.41 43.75 -3.48
C GLU B 434 -7.27 42.42 -2.73
N ASP B 435 -6.07 42.14 -2.24
CA ASP B 435 -5.85 40.94 -1.44
C ASP B 435 -6.22 41.44 -0.06
N PRO B 436 -7.20 40.82 0.59
CA PRO B 436 -7.62 41.27 1.92
C PRO B 436 -6.81 40.79 3.13
N SER B 437 -5.82 39.93 2.92
CA SER B 437 -5.06 39.47 4.07
C SER B 437 -4.08 40.56 4.52
N GLY B 438 -3.86 40.64 5.82
CA GLY B 438 -2.96 41.65 6.33
C GLY B 438 -3.67 42.45 7.40
N GLU B 439 -3.11 43.61 7.73
CA GLU B 439 -3.68 44.44 8.77
C GLU B 439 -4.75 45.43 8.30
N TRP B 440 -5.91 45.36 8.93
CA TRP B 440 -7.02 46.27 8.64
C TRP B 440 -7.05 47.21 9.83
N VAL B 441 -7.44 48.47 9.60
CA VAL B 441 -7.53 49.43 10.68
C VAL B 441 -8.87 50.17 10.64
N LEU B 442 -9.55 50.18 11.78
CA LEU B 442 -10.82 50.87 11.88
C LEU B 442 -10.54 52.11 12.69
N GLU B 443 -11.03 53.25 12.23
CA GLU B 443 -10.84 54.50 12.94
C GLU B 443 -12.18 55.13 13.21
N ILE B 444 -12.41 55.49 14.46
CA ILE B 444 -13.64 56.15 14.85
C ILE B 444 -13.20 57.44 15.55
N GLU B 445 -13.71 58.57 15.09
CA GLU B 445 -13.30 59.84 15.69
C GLU B 445 -14.47 60.76 15.94
N ASN B 446 -14.33 61.58 16.98
CA ASN B 446 -15.33 62.59 17.32
C ASN B 446 -14.86 63.82 16.55
N THR B 447 -15.63 64.23 15.55
CA THR B 447 -15.28 65.37 14.74
C THR B 447 -15.69 66.71 15.34
N SER B 448 -16.37 66.67 16.47
CA SER B 448 -16.79 67.90 17.13
C SER B 448 -15.88 68.22 18.31
N GLU B 449 -15.99 69.43 18.84
CA GLU B 449 -15.19 69.83 19.99
C GLU B 449 -15.91 69.40 21.26
N ALA B 450 -17.18 69.04 21.13
CA ALA B 450 -17.98 68.61 22.27
C ALA B 450 -17.38 67.38 22.94
N ASN B 451 -17.59 67.26 24.25
CA ASN B 451 -17.07 66.12 24.99
C ASN B 451 -18.08 64.98 24.84
N ASN B 452 -17.99 64.25 23.73
CA ASN B 452 -18.91 63.15 23.49
C ASN B 452 -18.39 61.86 24.09
N TYR B 453 -19.26 60.87 24.24
CA TYR B 453 -18.86 59.59 24.82
C TYR B 453 -19.66 58.42 24.26
N GLY B 454 -19.04 57.25 24.27
CA GLY B 454 -19.71 56.07 23.77
C GLY B 454 -18.79 54.86 23.79
N THR B 455 -19.34 53.71 23.40
CA THR B 455 -18.57 52.47 23.39
C THR B 455 -18.81 51.61 22.15
N LEU B 456 -17.73 51.10 21.58
CA LEU B 456 -17.83 50.22 20.43
C LEU B 456 -17.84 48.81 21.04
N THR B 457 -18.95 48.10 20.88
CA THR B 457 -19.06 46.76 21.45
C THR B 457 -18.89 45.65 20.44
N LYS B 458 -19.03 45.95 19.15
CA LYS B 458 -18.86 44.91 18.15
C LYS B 458 -18.33 45.45 16.85
N PHE B 459 -17.39 44.72 16.27
CA PHE B 459 -16.80 45.07 14.98
C PHE B 459 -16.52 43.76 14.27
N THR B 460 -17.39 43.43 13.33
CA THR B 460 -17.23 42.21 12.56
C THR B 460 -16.89 42.59 11.14
N LEU B 461 -15.78 42.07 10.65
CA LEU B 461 -15.34 42.35 9.29
C LEU B 461 -15.83 41.20 8.40
N VAL B 462 -16.60 41.54 7.37
CA VAL B 462 -17.12 40.52 6.47
C VAL B 462 -16.55 40.73 5.08
N LEU B 463 -15.85 39.72 4.58
CA LEU B 463 -15.23 39.80 3.26
C LEU B 463 -15.92 38.87 2.27
N TYR B 464 -16.22 39.39 1.09
CA TYR B 464 -16.84 38.61 0.02
C TYR B 464 -15.81 38.57 -1.11
N GLY B 465 -15.74 37.47 -1.85
CA GLY B 465 -14.76 37.41 -2.92
C GLY B 465 -14.42 36.02 -3.40
N THR B 466 -13.28 35.92 -4.09
CA THR B 466 -12.83 34.66 -4.67
C THR B 466 -11.34 34.46 -4.38
N ALA B 467 -10.81 33.32 -4.82
CA ALA B 467 -9.40 33.01 -4.64
C ALA B 467 -8.72 32.78 -5.99
N VAL C 2 -22.84 -40.29 22.65
CA VAL C 2 -21.93 -39.09 22.72
C VAL C 2 -20.71 -39.31 21.82
N TYR C 3 -20.45 -38.33 20.96
CA TYR C 3 -19.32 -38.41 20.05
C TYR C 3 -18.00 -38.42 20.79
N GLN C 4 -17.21 -39.48 20.58
CA GLN C 4 -15.90 -39.57 21.22
C GLN C 4 -14.85 -39.12 20.22
N GLU C 5 -14.10 -38.10 20.60
CA GLU C 5 -13.06 -37.57 19.72
C GLU C 5 -11.91 -38.56 19.51
N PRO C 6 -11.16 -38.38 18.42
CA PRO C 6 -10.04 -39.26 18.09
C PRO C 6 -9.13 -39.60 19.29
N THR C 7 -8.58 -40.79 19.27
CA THR C 7 -7.68 -41.24 20.32
C THR C 7 -6.20 -41.15 19.88
N ASP C 8 -5.98 -40.70 18.65
CA ASP C 8 -4.63 -40.59 18.11
C ASP C 8 -3.70 -39.83 19.04
N PRO C 9 -2.46 -40.31 19.16
CA PRO C 9 -1.50 -39.67 20.07
C PRO C 9 -1.28 -38.17 19.90
N LYS C 10 -1.34 -37.68 18.66
CA LYS C 10 -1.11 -36.26 18.40
C LYS C 10 -2.38 -35.42 18.30
N PHE C 11 -3.55 -36.05 18.38
CA PHE C 11 -4.77 -35.26 18.28
C PHE C 11 -4.83 -34.09 19.26
N PRO C 12 -4.36 -34.31 20.51
CA PRO C 12 -4.42 -33.20 21.47
C PRO C 12 -3.62 -31.98 21.01
N GLN C 13 -2.61 -32.20 20.17
CA GLN C 13 -1.80 -31.09 19.68
C GLN C 13 -2.43 -30.41 18.45
N GLN C 14 -3.51 -30.97 17.93
CA GLN C 14 -4.14 -30.36 16.77
C GLN C 14 -5.13 -29.32 17.27
N TRP C 15 -4.57 -28.27 17.87
CA TRP C 15 -5.31 -27.15 18.45
C TRP C 15 -6.33 -26.48 17.52
N TYR C 16 -6.03 -26.47 16.22
CA TYR C 16 -6.90 -25.85 15.24
C TYR C 16 -8.16 -26.67 14.92
N LEU C 17 -8.14 -27.96 15.23
CA LEU C 17 -9.30 -28.79 14.96
C LEU C 17 -10.30 -28.66 16.08
N SER C 18 -9.82 -28.81 17.30
CA SER C 18 -10.67 -28.73 18.47
C SER C 18 -9.87 -28.20 19.64
N GLY C 19 -10.47 -27.31 20.40
CA GLY C 19 -9.79 -26.74 21.55
C GLY C 19 -10.78 -26.14 22.53
N VAL C 20 -10.37 -26.06 23.79
CA VAL C 20 -11.22 -25.47 24.81
C VAL C 20 -11.22 -23.96 24.63
N THR C 21 -10.09 -23.43 24.18
CA THR C 21 -9.91 -21.99 23.95
C THR C 21 -10.89 -21.37 22.95
N GLN C 22 -11.81 -22.17 22.43
CA GLN C 22 -12.81 -21.68 21.47
C GLN C 22 -12.19 -20.97 20.25
N ARG C 23 -10.88 -21.10 20.07
CA ARG C 23 -10.20 -20.50 18.93
C ARG C 23 -9.74 -21.63 17.99
N ASP C 24 -10.70 -22.22 17.29
CA ASP C 24 -10.41 -23.31 16.36
C ASP C 24 -11.38 -23.29 15.19
N LEU C 25 -11.24 -24.26 14.29
CA LEU C 25 -12.09 -24.35 13.09
C LEU C 25 -13.43 -25.06 13.36
N ASN C 26 -13.72 -25.36 14.63
CA ASN C 26 -14.96 -25.99 15.01
C ASN C 26 -15.25 -27.28 14.26
N VAL C 27 -14.21 -28.08 14.04
CA VAL C 27 -14.34 -29.34 13.31
C VAL C 27 -15.03 -30.45 14.11
N LYS C 28 -14.78 -30.50 15.40
CA LYS C 28 -15.38 -31.53 16.23
C LYS C 28 -16.91 -31.42 16.16
N ALA C 29 -17.42 -30.20 16.11
CA ALA C 29 -18.85 -29.97 16.02
C ALA C 29 -19.41 -30.61 14.74
N ALA C 30 -18.61 -30.64 13.68
CA ALA C 30 -19.06 -31.25 12.43
C ALA C 30 -19.03 -32.78 12.58
N TRP C 31 -17.97 -33.29 13.20
CA TRP C 31 -17.85 -34.73 13.39
C TRP C 31 -19.03 -35.20 14.24
N ALA C 32 -19.32 -34.45 15.31
CA ALA C 32 -20.40 -34.76 16.22
C ALA C 32 -21.75 -34.82 15.49
N GLN C 33 -21.93 -33.99 14.46
CA GLN C 33 -23.17 -34.00 13.69
C GLN C 33 -23.19 -35.22 12.76
N GLY C 34 -22.10 -35.99 12.77
CA GLY C 34 -22.03 -37.19 11.94
C GLY C 34 -21.26 -37.09 10.63
N TYR C 35 -20.48 -36.03 10.44
CA TYR C 35 -19.75 -35.88 9.18
C TYR C 35 -18.25 -36.00 9.34
N THR C 36 -17.67 -36.96 8.62
CA THR C 36 -16.25 -37.21 8.66
C THR C 36 -15.62 -37.33 7.27
N GLY C 37 -16.41 -37.08 6.24
CA GLY C 37 -15.89 -37.12 4.89
C GLY C 37 -16.13 -38.43 4.15
N HIS C 38 -16.89 -39.33 4.76
CA HIS C 38 -17.16 -40.61 4.13
C HIS C 38 -17.79 -40.43 2.74
N GLY C 39 -17.24 -41.11 1.74
CA GLY C 39 -17.77 -41.00 0.39
C GLY C 39 -17.22 -39.86 -0.47
N ILE C 40 -16.42 -38.97 0.12
CA ILE C 40 -15.88 -37.83 -0.61
C ILE C 40 -14.43 -38.11 -1.04
N VAL C 41 -14.07 -37.66 -2.24
CA VAL C 41 -12.73 -37.89 -2.78
C VAL C 41 -11.99 -36.57 -2.94
N VAL C 42 -10.83 -36.46 -2.29
CA VAL C 42 -9.99 -35.27 -2.36
C VAL C 42 -8.64 -35.62 -2.96
N SER C 43 -8.12 -34.76 -3.83
CA SER C 43 -6.84 -35.01 -4.45
C SER C 43 -5.90 -33.83 -4.22
N ILE C 44 -4.68 -34.13 -3.77
CA ILE C 44 -3.66 -33.13 -3.50
C ILE C 44 -2.73 -32.97 -4.71
N LEU C 45 -2.82 -31.85 -5.42
CA LEU C 45 -1.97 -31.59 -6.57
C LEU C 45 -0.70 -30.99 -6.00
N ASP C 46 0.37 -31.78 -5.94
CA ASP C 46 1.60 -31.30 -5.33
C ASP C 46 2.84 -32.06 -5.81
N ASP C 47 3.76 -32.36 -4.89
CA ASP C 47 4.99 -33.05 -5.25
C ASP C 47 4.96 -34.55 -5.00
N GLY C 48 3.76 -35.09 -4.86
CA GLY C 48 3.60 -36.51 -4.63
C GLY C 48 2.93 -36.81 -3.30
N ILE C 49 2.62 -38.07 -3.07
CA ILE C 49 2.00 -38.47 -1.81
C ILE C 49 2.53 -39.85 -1.41
N GLU C 50 3.00 -39.97 -0.17
CA GLU C 50 3.50 -41.26 0.33
C GLU C 50 2.27 -42.13 0.62
N LYS C 51 1.79 -42.84 -0.39
CA LYS C 51 0.61 -43.67 -0.26
C LYS C 51 0.70 -44.78 0.77
N ASN C 52 1.92 -45.18 1.11
CA ASN C 52 2.13 -46.23 2.08
C ASN C 52 2.36 -45.67 3.49
N HIS C 53 2.15 -44.36 3.68
CA HIS C 53 2.32 -43.78 5.01
C HIS C 53 1.32 -44.45 5.95
N PRO C 54 1.75 -44.85 7.15
CA PRO C 54 0.82 -45.50 8.08
C PRO C 54 -0.43 -44.70 8.41
N ASP C 55 -0.39 -43.38 8.26
CA ASP C 55 -1.58 -42.60 8.57
C ASP C 55 -2.36 -42.19 7.33
N LEU C 56 -1.92 -42.70 6.17
CA LEU C 56 -2.58 -42.38 4.91
C LEU C 56 -3.08 -43.62 4.15
N ALA C 57 -2.31 -44.70 4.19
CA ALA C 57 -2.68 -45.92 3.47
C ALA C 57 -4.16 -46.30 3.60
N GLY C 58 -4.69 -46.23 4.82
CA GLY C 58 -6.07 -46.58 5.03
C GLY C 58 -7.10 -45.77 4.22
N ASN C 59 -6.75 -44.56 3.81
CA ASN C 59 -7.68 -43.74 3.04
C ASN C 59 -7.19 -43.51 1.61
N TYR C 60 -5.98 -43.96 1.29
CA TYR C 60 -5.42 -43.73 -0.04
C TYR C 60 -6.32 -44.21 -1.17
N ASP C 61 -6.44 -43.41 -2.21
CA ASP C 61 -7.28 -43.76 -3.35
C ASP C 61 -6.52 -43.58 -4.66
N PRO C 62 -6.13 -44.71 -5.30
CA PRO C 62 -5.38 -44.72 -6.56
C PRO C 62 -6.15 -43.98 -7.66
N GLY C 63 -7.47 -44.06 -7.59
CA GLY C 63 -8.32 -43.40 -8.57
C GLY C 63 -8.27 -41.88 -8.53
N ALA C 64 -7.75 -41.33 -7.44
CA ALA C 64 -7.64 -39.88 -7.29
C ALA C 64 -6.16 -39.50 -7.40
N SER C 65 -5.36 -40.40 -7.94
CA SER C 65 -3.91 -40.15 -8.03
C SER C 65 -3.31 -40.40 -9.40
N PHE C 66 -2.13 -39.83 -9.61
CA PHE C 66 -1.41 -40.00 -10.85
C PHE C 66 -0.07 -39.29 -10.75
N ASP C 67 0.89 -39.72 -11.55
CA ASP C 67 2.19 -39.08 -11.56
C ASP C 67 2.33 -38.44 -12.93
N VAL C 68 2.06 -37.14 -13.01
CA VAL C 68 2.14 -36.42 -14.28
C VAL C 68 3.59 -36.09 -14.64
N ASN C 69 4.44 -35.95 -13.62
CA ASN C 69 5.85 -35.64 -13.87
C ASN C 69 6.56 -36.78 -14.60
N ASP C 70 6.32 -38.02 -14.18
CA ASP C 70 6.95 -39.18 -14.82
C ASP C 70 5.98 -39.99 -15.68
N GLN C 71 4.74 -39.52 -15.80
CA GLN C 71 3.76 -40.21 -16.60
C GLN C 71 3.50 -41.67 -16.23
N ASP C 72 3.00 -41.88 -15.02
CA ASP C 72 2.65 -43.21 -14.56
C ASP C 72 1.62 -42.98 -13.47
N PRO C 73 0.88 -44.02 -13.08
CA PRO C 73 -0.14 -43.85 -12.06
C PRO C 73 0.32 -43.80 -10.60
N ASP C 74 1.60 -44.01 -10.36
CA ASP C 74 2.12 -44.03 -8.99
C ASP C 74 2.73 -42.70 -8.54
N PRO C 75 2.02 -41.95 -7.69
CA PRO C 75 2.44 -40.65 -7.16
C PRO C 75 3.45 -40.66 -6.02
N GLN C 76 4.06 -41.81 -5.76
CA GLN C 76 5.04 -41.92 -4.68
C GLN C 76 6.07 -40.80 -4.83
N PRO C 77 6.40 -40.12 -3.72
CA PRO C 77 7.39 -39.02 -3.78
C PRO C 77 8.77 -39.54 -4.12
N ARG C 78 9.61 -38.67 -4.67
CA ARG C 78 10.98 -39.03 -5.01
C ARG C 78 11.82 -38.68 -3.77
N TYR C 79 12.43 -39.69 -3.16
CA TYR C 79 13.22 -39.45 -1.96
C TYR C 79 14.60 -38.88 -2.20
N THR C 80 14.96 -37.91 -1.38
CA THR C 80 16.27 -37.25 -1.45
C THR C 80 16.71 -36.94 -0.02
N GLN C 81 18.01 -36.74 0.17
CA GLN C 81 18.57 -36.45 1.48
C GLN C 81 17.93 -35.21 2.12
N MET C 82 17.58 -34.24 1.29
CA MET C 82 16.97 -33.01 1.80
C MET C 82 15.47 -33.14 2.04
N ASN C 83 14.89 -34.27 1.62
CA ASN C 83 13.45 -34.48 1.79
C ASN C 83 12.64 -33.35 1.12
N ASP C 84 13.05 -32.98 -0.09
CA ASP C 84 12.41 -31.92 -0.87
C ASP C 84 10.95 -32.21 -1.17
N ASN C 85 10.64 -33.47 -1.46
CA ASN C 85 9.29 -33.84 -1.83
C ASN C 85 8.40 -34.36 -0.71
N ARG C 86 8.45 -33.70 0.45
CA ARG C 86 7.63 -34.08 1.60
C ARG C 86 6.38 -33.22 1.70
N HIS C 87 6.35 -32.16 0.88
CA HIS C 87 5.27 -31.20 0.89
C HIS C 87 3.88 -31.74 0.64
N GLY C 88 3.71 -32.52 -0.42
CA GLY C 88 2.40 -33.07 -0.73
C GLY C 88 1.89 -34.01 0.35
N THR C 89 2.78 -34.80 0.92
CA THR C 89 2.41 -35.75 1.95
C THR C 89 1.92 -35.01 3.19
N ARG C 90 2.55 -33.88 3.50
CA ARG C 90 2.14 -33.10 4.67
C ARG C 90 0.73 -32.54 4.45
N CYS C 91 0.47 -32.04 3.24
CA CYS C 91 -0.85 -31.49 2.93
C CYS C 91 -1.93 -32.57 2.94
N ALA C 92 -1.59 -33.74 2.42
CA ALA C 92 -2.52 -34.86 2.40
C ALA C 92 -3.01 -35.23 3.81
N GLY C 93 -2.09 -35.30 4.76
CA GLY C 93 -2.47 -35.68 6.11
C GLY C 93 -3.43 -34.71 6.78
N GLU C 94 -3.32 -33.44 6.41
CA GLU C 94 -4.20 -32.44 7.00
C GLU C 94 -5.63 -32.73 6.62
N VAL C 95 -5.81 -33.18 5.38
CA VAL C 95 -7.14 -33.47 4.88
C VAL C 95 -7.72 -34.78 5.37
N ALA C 96 -6.94 -35.86 5.24
CA ALA C 96 -7.49 -37.16 5.59
C ALA C 96 -6.60 -38.17 6.30
N ALA C 97 -5.78 -37.73 7.25
CA ALA C 97 -4.97 -38.70 7.99
C ALA C 97 -5.97 -39.62 8.71
N VAL C 98 -5.66 -40.92 8.76
CA VAL C 98 -6.53 -41.89 9.43
C VAL C 98 -6.73 -41.61 10.92
N ALA C 99 -7.95 -41.83 11.40
CA ALA C 99 -8.27 -41.58 12.82
C ALA C 99 -8.31 -42.84 13.68
N ASN C 100 -8.08 -42.66 14.97
CA ASN C 100 -8.13 -43.76 15.94
C ASN C 100 -7.28 -44.96 15.57
N ASN C 101 -6.05 -44.73 15.10
CA ASN C 101 -5.19 -45.83 14.72
C ASN C 101 -3.84 -45.76 15.41
N GLY C 102 -3.79 -45.02 16.52
CA GLY C 102 -2.57 -44.90 17.29
C GLY C 102 -1.40 -44.27 16.57
N VAL C 103 -1.68 -43.61 15.45
CA VAL C 103 -0.61 -42.97 14.68
C VAL C 103 -0.83 -41.47 14.47
N CYS C 104 0.19 -40.70 14.80
CA CYS C 104 0.17 -39.24 14.60
C CYS C 104 -1.16 -38.61 15.02
N GLY C 105 -1.76 -37.83 14.12
CA GLY C 105 -3.02 -37.17 14.44
C GLY C 105 -4.14 -37.64 13.53
N VAL C 106 -5.04 -36.74 13.16
CA VAL C 106 -6.14 -37.08 12.27
C VAL C 106 -6.38 -35.96 11.23
N GLY C 107 -7.01 -36.32 10.11
CA GLY C 107 -7.31 -35.31 9.12
C GLY C 107 -8.66 -34.70 9.44
N VAL C 108 -8.98 -33.57 8.83
CA VAL C 108 -10.27 -32.92 9.06
C VAL C 108 -11.38 -33.87 8.62
N ALA C 109 -11.18 -34.51 7.47
CA ALA C 109 -12.14 -35.47 6.94
C ALA C 109 -11.46 -36.84 7.00
N TYR C 110 -11.32 -37.38 8.22
CA TYR C 110 -10.63 -38.64 8.39
C TYR C 110 -11.24 -39.89 7.77
N ASN C 111 -12.44 -39.77 7.19
CA ASN C 111 -13.03 -40.92 6.52
C ASN C 111 -13.13 -40.70 5.01
N ALA C 112 -12.56 -39.59 4.54
CA ALA C 112 -12.58 -39.28 3.13
C ALA C 112 -11.50 -40.10 2.42
N ARG C 113 -11.61 -40.22 1.09
CA ARG C 113 -10.60 -40.92 0.33
C ARG C 113 -9.66 -39.83 -0.14
N ILE C 114 -8.36 -40.09 -0.02
CA ILE C 114 -7.35 -39.09 -0.39
C ILE C 114 -6.42 -39.61 -1.49
N GLY C 115 -6.16 -38.76 -2.47
CA GLY C 115 -5.27 -39.13 -3.55
C GLY C 115 -4.26 -38.01 -3.74
N GLY C 116 -3.29 -38.25 -4.61
CA GLY C 116 -2.28 -37.23 -4.86
C GLY C 116 -1.81 -37.26 -6.30
N VAL C 117 -1.57 -36.07 -6.86
CA VAL C 117 -1.05 -35.98 -8.21
C VAL C 117 0.34 -35.43 -8.09
N ARG C 118 1.33 -36.21 -8.53
CA ARG C 118 2.70 -35.76 -8.48
C ARG C 118 2.89 -34.89 -9.72
N MET C 119 2.98 -33.59 -9.52
CA MET C 119 3.14 -32.68 -10.65
C MET C 119 4.08 -31.51 -10.44
N LEU C 120 4.58 -31.34 -9.22
CA LEU C 120 5.50 -30.25 -8.95
C LEU C 120 6.97 -30.67 -9.05
N ASP C 121 7.23 -31.97 -9.04
CA ASP C 121 8.60 -32.47 -9.10
C ASP C 121 9.06 -32.71 -10.53
N GLY C 122 9.24 -31.62 -11.26
CA GLY C 122 9.67 -31.65 -12.65
C GLY C 122 9.32 -30.32 -13.28
N GLU C 123 9.33 -30.25 -14.60
CA GLU C 123 8.99 -29.00 -15.27
C GLU C 123 7.47 -28.84 -15.17
N VAL C 124 7.02 -27.79 -14.50
CA VAL C 124 5.60 -27.57 -14.33
C VAL C 124 5.06 -26.74 -15.49
N THR C 125 4.68 -27.43 -16.57
CA THR C 125 4.16 -26.75 -17.75
C THR C 125 2.65 -26.58 -17.70
N ASP C 126 2.13 -25.86 -18.66
CA ASP C 126 0.69 -25.63 -18.76
C ASP C 126 0.01 -26.99 -18.90
N ALA C 127 0.58 -27.86 -19.72
CA ALA C 127 0.01 -29.19 -19.94
C ALA C 127 0.01 -30.00 -18.65
N VAL C 128 1.10 -29.90 -17.90
CA VAL C 128 1.21 -30.62 -16.62
C VAL C 128 0.09 -30.15 -15.69
N GLU C 129 -0.09 -28.84 -15.60
CA GLU C 129 -1.13 -28.29 -14.76
C GLU C 129 -2.52 -28.73 -15.21
N ALA C 130 -2.77 -28.61 -16.51
CA ALA C 130 -4.07 -28.97 -17.05
C ALA C 130 -4.44 -30.43 -16.81
N ARG C 131 -3.47 -31.32 -16.96
CA ARG C 131 -3.73 -32.72 -16.74
C ARG C 131 -4.00 -33.03 -15.26
N SER C 132 -3.43 -32.23 -14.37
CA SER C 132 -3.62 -32.42 -12.94
C SER C 132 -4.99 -31.87 -12.51
N LEU C 133 -5.29 -30.63 -12.90
CA LEU C 133 -6.57 -30.02 -12.58
C LEU C 133 -7.73 -30.78 -13.22
N GLY C 134 -7.45 -31.45 -14.33
CA GLY C 134 -8.49 -32.19 -15.03
C GLY C 134 -8.48 -33.69 -14.79
N LEU C 135 -7.75 -34.15 -13.77
CA LEU C 135 -7.68 -35.59 -13.50
C LEU C 135 -9.00 -36.15 -12.98
N ASN C 136 -9.53 -37.18 -13.63
CA ASN C 136 -10.75 -37.85 -13.18
C ASN C 136 -11.81 -36.93 -12.57
N PRO C 137 -12.29 -35.95 -13.34
CA PRO C 137 -13.31 -34.99 -12.87
C PRO C 137 -14.60 -35.59 -12.34
N ASN C 138 -14.89 -36.82 -12.73
CA ASN C 138 -16.13 -37.43 -12.25
C ASN C 138 -15.93 -38.39 -11.08
N HIS C 139 -14.69 -38.49 -10.63
CA HIS C 139 -14.37 -39.33 -9.50
C HIS C 139 -13.93 -38.46 -8.33
N ILE C 140 -13.01 -37.54 -8.62
CA ILE C 140 -12.49 -36.62 -7.62
C ILE C 140 -13.49 -35.48 -7.43
N HIS C 141 -13.78 -35.14 -6.17
CA HIS C 141 -14.71 -34.06 -5.88
C HIS C 141 -14.01 -32.74 -5.61
N ILE C 142 -12.93 -32.80 -4.85
CA ILE C 142 -12.19 -31.62 -4.44
C ILE C 142 -10.69 -31.69 -4.76
N TYR C 143 -10.18 -30.61 -5.34
CA TYR C 143 -8.76 -30.53 -5.66
C TYR C 143 -8.15 -29.47 -4.73
N SER C 144 -7.00 -29.79 -4.15
CA SER C 144 -6.33 -28.87 -3.24
C SER C 144 -4.96 -28.54 -3.81
N ALA C 145 -4.65 -27.25 -3.94
CA ALA C 145 -3.37 -26.83 -4.49
C ALA C 145 -2.66 -25.83 -3.59
N SER C 146 -1.54 -26.27 -3.01
CA SER C 146 -0.74 -25.42 -2.15
C SER C 146 0.51 -25.03 -2.92
N TRP C 147 0.33 -24.39 -4.06
CA TRP C 147 1.42 -23.93 -4.91
C TRP C 147 0.91 -22.85 -5.85
N GLY C 148 1.83 -22.15 -6.50
CA GLY C 148 1.43 -21.11 -7.42
C GLY C 148 2.62 -20.35 -7.96
N PRO C 149 2.38 -19.20 -8.61
CA PRO C 149 3.46 -18.39 -9.17
C PRO C 149 4.35 -17.89 -8.04
N GLU C 150 5.58 -17.55 -8.38
CA GLU C 150 6.55 -17.07 -7.43
C GLU C 150 6.04 -15.86 -6.64
N ASP C 151 6.34 -15.85 -5.32
CA ASP C 151 5.93 -14.74 -4.46
C ASP C 151 7.02 -13.69 -4.25
N ASP C 152 7.66 -13.24 -5.32
CA ASP C 152 8.71 -12.25 -5.15
C ASP C 152 8.16 -10.84 -5.03
N GLY C 153 6.86 -10.68 -5.22
CA GLY C 153 6.26 -9.37 -5.10
C GLY C 153 6.44 -8.50 -6.32
N LYS C 154 6.78 -9.12 -7.46
CA LYS C 154 6.94 -8.34 -8.66
C LYS C 154 6.45 -9.08 -9.88
N THR C 155 5.85 -10.25 -9.69
CA THR C 155 5.36 -10.96 -10.84
C THR C 155 3.84 -10.93 -10.93
N VAL C 156 3.34 -10.99 -12.15
CA VAL C 156 1.92 -11.03 -12.42
C VAL C 156 1.87 -12.28 -13.30
N ASP C 157 1.23 -13.33 -12.80
CA ASP C 157 1.20 -14.60 -13.52
C ASP C 157 -0.06 -15.36 -13.14
N GLY C 158 -0.48 -16.26 -14.01
CA GLY C 158 -1.66 -17.06 -13.78
C GLY C 158 -1.67 -18.26 -14.71
N PRO C 159 -2.76 -19.04 -14.74
CA PRO C 159 -2.80 -20.21 -15.60
C PRO C 159 -2.73 -19.90 -17.10
N ALA C 160 -2.05 -20.75 -17.85
CA ALA C 160 -1.96 -20.61 -19.30
C ALA C 160 -3.27 -21.22 -19.86
N ARG C 161 -3.43 -21.24 -21.18
CA ARG C 161 -4.67 -21.72 -21.77
C ARG C 161 -5.21 -23.10 -21.41
N LEU C 162 -4.37 -24.13 -21.43
CA LEU C 162 -4.86 -25.46 -21.08
C LEU C 162 -5.34 -25.52 -19.64
N ALA C 163 -4.60 -24.90 -18.73
CA ALA C 163 -5.01 -24.90 -17.33
C ALA C 163 -6.33 -24.14 -17.17
N GLU C 164 -6.49 -23.04 -17.90
CA GLU C 164 -7.73 -22.26 -17.82
C GLU C 164 -8.88 -23.11 -18.30
N GLU C 165 -8.67 -23.80 -19.41
CA GLU C 165 -9.71 -24.67 -19.95
C GLU C 165 -10.02 -25.79 -18.96
N ALA C 166 -9.02 -26.27 -18.23
CA ALA C 166 -9.24 -27.33 -17.26
C ALA C 166 -10.15 -26.79 -16.14
N PHE C 167 -9.87 -25.57 -15.69
CA PHE C 167 -10.70 -24.96 -14.64
C PHE C 167 -12.14 -24.86 -15.14
N PHE C 168 -12.31 -24.31 -16.34
CA PHE C 168 -13.63 -24.11 -16.92
C PHE C 168 -14.39 -25.42 -17.13
N ARG C 169 -13.71 -26.43 -17.66
CA ARG C 169 -14.35 -27.74 -17.87
C ARG C 169 -14.71 -28.28 -16.49
N GLY C 170 -13.82 -28.08 -15.52
CA GLY C 170 -14.07 -28.57 -14.18
C GLY C 170 -15.32 -28.02 -13.51
N VAL C 171 -15.48 -26.70 -13.44
CA VAL C 171 -16.67 -26.16 -12.79
C VAL C 171 -17.93 -26.39 -13.62
N SER C 172 -17.77 -26.61 -14.92
CA SER C 172 -18.91 -26.85 -15.81
C SER C 172 -19.36 -28.29 -15.83
N GLN C 173 -18.42 -29.20 -16.00
CA GLN C 173 -18.74 -30.62 -16.12
C GLN C 173 -18.33 -31.54 -14.98
N GLY C 174 -17.33 -31.15 -14.20
CA GLY C 174 -16.89 -31.99 -13.09
C GLY C 174 -18.03 -32.36 -12.16
N ARG C 175 -17.84 -33.42 -11.39
CA ARG C 175 -18.84 -33.90 -10.43
C ARG C 175 -20.23 -33.97 -11.06
N GLY C 176 -20.32 -34.62 -12.22
CA GLY C 176 -21.60 -34.77 -12.87
C GLY C 176 -22.30 -33.45 -13.15
N GLY C 177 -21.55 -32.39 -13.44
CA GLY C 177 -22.18 -31.12 -13.74
C GLY C 177 -22.31 -30.16 -12.57
N LEU C 178 -22.06 -30.64 -11.35
CA LEU C 178 -22.15 -29.78 -10.17
C LEU C 178 -20.91 -28.88 -10.12
N GLY C 179 -19.82 -29.35 -10.71
CA GLY C 179 -18.59 -28.58 -10.76
C GLY C 179 -17.51 -28.95 -9.76
N SER C 180 -16.29 -29.19 -10.25
CA SER C 180 -15.15 -29.52 -9.40
C SER C 180 -14.91 -28.40 -8.39
N ILE C 181 -14.46 -28.75 -7.19
CA ILE C 181 -14.17 -27.74 -6.17
C ILE C 181 -12.64 -27.56 -6.15
N PHE C 182 -12.17 -26.36 -6.49
CA PHE C 182 -10.74 -26.07 -6.51
C PHE C 182 -10.37 -25.16 -5.32
N VAL C 183 -9.61 -25.70 -4.38
CA VAL C 183 -9.18 -24.95 -3.21
C VAL C 183 -7.73 -24.50 -3.40
N TRP C 184 -7.46 -23.21 -3.24
CA TRP C 184 -6.11 -22.69 -3.46
C TRP C 184 -5.52 -21.93 -2.28
N ALA C 185 -4.21 -22.09 -2.08
CA ALA C 185 -3.48 -21.40 -1.00
C ALA C 185 -3.23 -20.01 -1.57
N SER C 186 -3.55 -18.97 -0.81
CA SER C 186 -3.39 -17.61 -1.32
C SER C 186 -1.96 -17.09 -1.53
N GLY C 187 -0.97 -17.71 -0.90
CA GLY C 187 0.41 -17.27 -1.10
C GLY C 187 1.28 -16.95 0.11
N ASN C 188 2.59 -17.08 -0.06
CA ASN C 188 3.54 -16.80 1.02
C ASN C 188 4.36 -15.52 0.78
N GLY C 189 3.88 -14.61 -0.07
CA GLY C 189 4.63 -13.40 -0.35
C GLY C 189 4.52 -12.20 0.59
N GLY C 190 4.02 -12.42 1.80
CA GLY C 190 3.86 -11.33 2.76
C GLY C 190 5.09 -10.47 3.00
N ARG C 191 6.25 -11.10 3.16
CA ARG C 191 7.47 -10.35 3.39
C ARG C 191 7.87 -9.50 2.16
N GLU C 192 7.49 -9.95 0.97
CA GLU C 192 7.83 -9.21 -0.25
C GLU C 192 6.70 -8.26 -0.65
N HIS C 193 5.74 -8.08 0.26
CA HIS C 193 4.61 -7.19 -0.01
C HIS C 193 3.82 -7.61 -1.23
N ASP C 194 3.76 -8.92 -1.47
CA ASP C 194 3.04 -9.43 -2.63
C ASP C 194 1.53 -9.28 -2.46
N SER C 195 0.82 -9.28 -3.58
CA SER C 195 -0.64 -9.18 -3.60
C SER C 195 -1.19 -10.42 -4.28
N CYS C 196 -2.11 -11.12 -3.62
CA CYS C 196 -2.64 -12.33 -4.25
C CYS C 196 -3.59 -12.05 -5.42
N ASN C 197 -3.77 -10.78 -5.77
CA ASN C 197 -4.62 -10.47 -6.92
C ASN C 197 -3.73 -10.47 -8.18
N CYS C 198 -2.43 -10.58 -7.98
CA CYS C 198 -1.47 -10.64 -9.09
C CYS C 198 -1.14 -12.11 -9.38
N ASP C 199 -1.98 -12.99 -8.84
CA ASP C 199 -1.85 -14.44 -8.99
C ASP C 199 -3.16 -14.87 -9.64
N GLY C 200 -3.09 -15.33 -10.88
CA GLY C 200 -4.29 -15.74 -11.60
C GLY C 200 -5.00 -16.99 -11.10
N TYR C 201 -4.34 -17.78 -10.26
CA TYR C 201 -4.96 -18.98 -9.73
C TYR C 201 -5.86 -18.60 -8.55
N THR C 202 -5.30 -17.83 -7.62
CA THR C 202 -6.07 -17.40 -6.47
C THR C 202 -7.16 -16.40 -6.88
N ASN C 203 -6.83 -15.52 -7.82
CA ASN C 203 -7.71 -14.47 -8.34
C ASN C 203 -8.89 -15.01 -9.16
N SER C 204 -8.83 -16.26 -9.58
CA SER C 204 -9.89 -16.86 -10.37
C SER C 204 -11.18 -17.07 -9.59
N ILE C 205 -12.33 -16.91 -10.25
CA ILE C 205 -13.59 -17.12 -9.55
C ILE C 205 -13.81 -18.63 -9.34
N TYR C 206 -13.12 -19.45 -10.13
CA TYR C 206 -13.26 -20.90 -10.05
C TYR C 206 -12.57 -21.55 -8.84
N THR C 207 -11.72 -20.80 -8.16
CA THR C 207 -11.02 -21.34 -6.99
C THR C 207 -11.43 -20.64 -5.71
N LEU C 208 -11.45 -21.39 -4.60
CA LEU C 208 -11.74 -20.77 -3.31
C LEU C 208 -10.35 -20.47 -2.75
N SER C 209 -9.97 -19.20 -2.76
CA SER C 209 -8.65 -18.82 -2.27
C SER C 209 -8.70 -18.69 -0.74
N ILE C 210 -7.80 -19.39 -0.07
CA ILE C 210 -7.76 -19.43 1.39
C ILE C 210 -6.50 -18.83 2.01
N SER C 211 -6.68 -17.90 2.96
CA SER C 211 -5.57 -17.27 3.65
C SER C 211 -5.32 -17.92 5.02
N SER C 212 -4.34 -17.39 5.76
CA SER C 212 -3.96 -17.94 7.07
C SER C 212 -4.07 -16.98 8.26
N ALA C 213 -4.20 -17.57 9.45
CA ALA C 213 -4.27 -16.81 10.71
C ALA C 213 -3.37 -17.57 11.68
N THR C 214 -2.67 -16.84 12.53
CA THR C 214 -1.79 -17.48 13.50
C THR C 214 -2.63 -17.95 14.68
N GLN C 215 -2.06 -18.77 15.55
CA GLN C 215 -2.80 -19.26 16.69
C GLN C 215 -3.41 -18.15 17.53
N PHE C 216 -2.68 -17.07 17.74
CA PHE C 216 -3.19 -15.97 18.55
C PHE C 216 -4.16 -15.06 17.79
N GLY C 217 -4.50 -15.45 16.57
CA GLY C 217 -5.44 -14.67 15.78
C GLY C 217 -4.86 -13.49 15.01
N ASN C 218 -3.60 -13.57 14.61
CA ASN C 218 -3.00 -12.47 13.87
C ASN C 218 -2.68 -12.82 12.42
N VAL C 219 -2.38 -11.78 11.64
CA VAL C 219 -2.01 -11.93 10.23
C VAL C 219 -0.56 -12.37 10.20
N PRO C 220 -0.31 -13.62 9.76
CA PRO C 220 1.07 -14.16 9.69
C PRO C 220 1.98 -13.29 8.84
N TRP C 221 3.29 -13.38 9.11
CA TRP C 221 4.27 -12.61 8.36
C TRP C 221 4.24 -12.93 6.85
N TYR C 222 3.94 -14.18 6.49
CA TYR C 222 3.93 -14.61 5.10
C TYR C 222 2.64 -14.31 4.33
N SER C 223 1.63 -13.83 5.05
CA SER C 223 0.33 -13.55 4.45
C SER C 223 0.28 -12.47 3.37
N GLU C 224 -0.47 -12.74 2.31
CA GLU C 224 -0.66 -11.76 1.24
C GLU C 224 -2.09 -11.27 1.30
N ALA C 225 -2.27 -9.97 1.22
CA ALA C 225 -3.62 -9.39 1.26
C ALA C 225 -4.11 -9.11 -0.16
N CYS C 226 -5.42 -9.26 -0.36
CA CYS C 226 -6.04 -8.99 -1.66
C CYS C 226 -7.54 -9.24 -1.51
N SER C 227 -8.30 -8.67 -2.42
CA SER C 227 -9.76 -8.79 -2.37
C SER C 227 -10.31 -10.09 -2.93
N SER C 228 -9.47 -10.90 -3.56
CA SER C 228 -9.96 -12.16 -4.14
C SER C 228 -10.07 -13.31 -3.14
N THR C 229 -9.39 -13.18 -2.00
CA THR C 229 -9.42 -14.20 -0.96
C THR C 229 -10.84 -14.35 -0.41
N LEU C 230 -11.26 -15.60 -0.18
CA LEU C 230 -12.60 -15.85 0.30
C LEU C 230 -12.71 -16.10 1.81
N ALA C 231 -11.82 -16.91 2.36
CA ALA C 231 -11.85 -17.20 3.79
C ALA C 231 -10.48 -17.57 4.32
N THR C 232 -10.45 -17.95 5.59
CA THR C 232 -9.20 -18.25 6.28
C THR C 232 -9.24 -19.52 7.13
N THR C 233 -8.08 -20.14 7.33
CA THR C 233 -7.96 -21.29 8.21
C THR C 233 -6.64 -21.06 8.95
N TYR C 234 -6.48 -21.67 10.11
CA TYR C 234 -5.26 -21.50 10.88
C TYR C 234 -4.02 -22.10 10.24
N SER C 235 -2.88 -21.50 10.58
CA SER C 235 -1.59 -21.99 10.16
C SER C 235 -0.54 -21.54 11.17
N SER C 236 0.71 -21.45 10.76
CA SER C 236 1.81 -21.06 11.66
C SER C 236 1.96 -19.56 11.86
N GLY C 237 2.71 -19.20 12.90
CA GLY C 237 2.94 -17.80 13.22
C GLY C 237 4.34 -17.65 13.78
N ASN C 238 4.47 -17.04 14.95
CA ASN C 238 5.78 -16.88 15.58
C ASN C 238 6.15 -18.15 16.37
N GLN C 239 7.32 -18.17 17.00
CA GLN C 239 7.74 -19.37 17.70
C GLN C 239 7.05 -19.65 19.03
N ASN C 240 6.16 -18.76 19.45
CA ASN C 240 5.42 -18.98 20.68
C ASN C 240 4.07 -19.58 20.30
N GLU C 241 3.77 -19.59 19.00
CA GLU C 241 2.50 -20.11 18.50
C GLU C 241 2.68 -21.49 17.90
N LYS C 242 1.71 -22.37 18.12
CA LYS C 242 1.79 -23.73 17.61
C LYS C 242 1.63 -23.78 16.10
N GLN C 243 1.99 -24.91 15.51
CA GLN C 243 1.90 -25.08 14.07
C GLN C 243 1.02 -26.26 13.68
N ILE C 244 1.10 -26.68 12.43
CA ILE C 244 0.26 -27.76 11.97
C ILE C 244 0.88 -29.13 12.12
N VAL C 245 0.11 -30.05 12.69
CA VAL C 245 0.52 -31.43 12.93
C VAL C 245 -0.02 -32.34 11.83
N THR C 246 0.86 -33.03 11.13
CA THR C 246 0.43 -33.87 10.03
C THR C 246 1.43 -34.98 9.69
N THR C 247 1.10 -35.76 8.67
CA THR C 247 1.95 -36.85 8.19
C THR C 247 3.17 -36.28 7.44
N ASP C 248 4.35 -36.86 7.70
CA ASP C 248 5.57 -36.40 7.05
C ASP C 248 6.21 -37.53 6.25
N LEU C 249 7.05 -37.16 5.30
CA LEU C 249 7.75 -38.10 4.45
C LEU C 249 8.52 -39.14 5.28
N ARG C 250 8.74 -40.32 4.71
CA ARG C 250 9.45 -41.40 5.38
C ARG C 250 8.65 -41.92 6.58
N GLN C 251 7.33 -41.94 6.41
CA GLN C 251 6.40 -42.44 7.41
C GLN C 251 6.53 -41.79 8.79
N LYS C 252 6.87 -40.51 8.82
CA LYS C 252 7.02 -39.79 10.07
C LYS C 252 5.82 -38.89 10.36
N CYS C 253 5.86 -38.23 11.51
CA CYS C 253 4.80 -37.32 11.93
C CYS C 253 5.52 -36.00 12.18
N THR C 254 4.93 -34.89 11.74
CA THR C 254 5.55 -33.59 11.98
C THR C 254 4.59 -32.66 12.70
N GLU C 255 5.15 -31.76 13.49
CA GLU C 255 4.33 -30.81 14.20
C GLU C 255 4.72 -29.43 13.71
N SER C 256 5.46 -29.41 12.60
CA SER C 256 5.91 -28.15 12.05
C SER C 256 5.61 -27.91 10.59
N HIS C 257 4.37 -28.19 10.17
CA HIS C 257 3.96 -27.90 8.79
C HIS C 257 3.55 -26.42 8.91
N THR C 258 3.98 -25.60 7.97
CA THR C 258 3.74 -24.15 8.07
C THR C 258 3.33 -23.40 6.80
N GLY C 259 3.12 -22.10 6.98
CA GLY C 259 2.78 -21.22 5.89
C GLY C 259 1.42 -21.38 5.23
N THR C 260 1.27 -20.70 4.10
CA THR C 260 0.04 -20.74 3.33
C THR C 260 -0.28 -22.17 2.91
N SER C 261 0.75 -23.00 2.75
CA SER C 261 0.56 -24.40 2.34
C SER C 261 -0.36 -25.20 3.24
N ALA C 262 -0.33 -24.91 4.53
CA ALA C 262 -1.13 -25.65 5.50
C ALA C 262 -2.59 -25.23 5.57
N SER C 263 -2.90 -24.03 5.10
CA SER C 263 -4.28 -23.55 5.16
C SER C 263 -5.25 -24.15 4.14
N ALA C 264 -4.86 -24.20 2.87
CA ALA C 264 -5.76 -24.74 1.85
C ALA C 264 -6.25 -26.15 2.15
N PRO C 265 -5.34 -27.07 2.56
CA PRO C 265 -5.74 -28.44 2.87
C PRO C 265 -6.81 -28.53 3.97
N LEU C 266 -6.70 -27.68 4.99
CA LEU C 266 -7.68 -27.68 6.09
C LEU C 266 -9.03 -27.24 5.52
N ALA C 267 -9.00 -26.28 4.60
CA ALA C 267 -10.22 -25.80 3.97
C ALA C 267 -10.79 -26.92 3.09
N ALA C 268 -9.92 -27.63 2.37
CA ALA C 268 -10.37 -28.71 1.51
C ALA C 268 -11.04 -29.80 2.37
N GLY C 269 -10.49 -30.04 3.56
CA GLY C 269 -11.09 -31.03 4.43
C GLY C 269 -12.48 -30.61 4.92
N ILE C 270 -12.61 -29.36 5.34
CA ILE C 270 -13.90 -28.87 5.83
C ILE C 270 -14.92 -28.94 4.71
N ILE C 271 -14.49 -28.63 3.49
CA ILE C 271 -15.37 -28.68 2.34
C ILE C 271 -15.81 -30.12 2.06
N ALA C 272 -14.93 -31.08 2.36
CA ALA C 272 -15.25 -32.49 2.17
C ALA C 272 -16.38 -32.87 3.16
N LEU C 273 -16.29 -32.37 4.38
CA LEU C 273 -17.31 -32.66 5.37
C LEU C 273 -18.63 -32.06 4.90
N THR C 274 -18.55 -30.88 4.29
CA THR C 274 -19.72 -30.19 3.80
C THR C 274 -20.40 -30.94 2.66
N LEU C 275 -19.60 -31.47 1.73
CA LEU C 275 -20.15 -32.23 0.62
C LEU C 275 -20.83 -33.50 1.11
N GLU C 276 -20.29 -34.10 2.18
CA GLU C 276 -20.91 -35.30 2.73
C GLU C 276 -22.29 -34.91 3.26
N ALA C 277 -22.38 -33.76 3.92
CA ALA C 277 -23.64 -33.26 4.46
C ALA C 277 -24.65 -32.98 3.34
N ASN C 278 -24.17 -32.65 2.15
CA ASN C 278 -25.05 -32.34 1.01
C ASN C 278 -24.25 -32.53 -0.28
N LYS C 279 -24.33 -33.73 -0.85
CA LYS C 279 -23.62 -34.04 -2.07
C LYS C 279 -24.12 -33.31 -3.32
N ASN C 280 -25.23 -32.61 -3.21
CA ASN C 280 -25.78 -31.90 -4.37
C ASN C 280 -25.33 -30.44 -4.51
N LEU C 281 -24.46 -29.99 -3.63
CA LEU C 281 -23.98 -28.61 -3.68
C LEU C 281 -23.14 -28.39 -4.94
N THR C 282 -23.38 -27.27 -5.63
CA THR C 282 -22.61 -26.95 -6.83
C THR C 282 -21.34 -26.20 -6.39
N TRP C 283 -20.45 -25.93 -7.33
CA TRP C 283 -19.23 -25.21 -7.00
C TRP C 283 -19.57 -23.80 -6.49
N ARG C 284 -20.66 -23.23 -6.97
CA ARG C 284 -21.08 -21.90 -6.51
C ARG C 284 -21.75 -21.99 -5.13
N ASP C 285 -22.57 -23.02 -4.92
CA ASP C 285 -23.22 -23.20 -3.62
C ASP C 285 -22.15 -23.21 -2.52
N MET C 286 -21.07 -23.94 -2.79
CA MET C 286 -19.98 -24.06 -1.81
C MET C 286 -19.41 -22.70 -1.43
N GLN C 287 -19.22 -21.82 -2.40
CA GLN C 287 -18.68 -20.52 -2.08
C GLN C 287 -19.68 -19.70 -1.26
N HIS C 288 -20.97 -19.82 -1.58
CA HIS C 288 -22.01 -19.13 -0.81
C HIS C 288 -21.95 -19.58 0.66
N LEU C 289 -21.84 -20.89 0.87
CA LEU C 289 -21.78 -21.43 2.22
C LEU C 289 -20.60 -20.85 3.01
N VAL C 290 -19.44 -20.77 2.36
CA VAL C 290 -18.26 -20.21 3.01
C VAL C 290 -18.48 -18.74 3.39
N VAL C 291 -19.03 -17.96 2.48
CA VAL C 291 -19.29 -16.56 2.73
C VAL C 291 -20.23 -16.38 3.91
N GLN C 292 -21.29 -17.18 3.94
CA GLN C 292 -22.28 -17.07 4.99
C GLN C 292 -21.88 -17.56 6.38
N THR C 293 -21.07 -18.60 6.44
CA THR C 293 -20.69 -19.17 7.71
C THR C 293 -19.35 -18.78 8.30
N SER C 294 -18.47 -18.15 7.53
CA SER C 294 -17.16 -17.81 8.06
C SER C 294 -17.22 -16.73 9.14
N LYS C 295 -16.37 -16.89 10.15
CA LYS C 295 -16.34 -15.99 11.31
C LYS C 295 -15.14 -15.06 11.45
N PRO C 296 -15.40 -13.75 11.55
CA PRO C 296 -14.33 -12.76 11.70
C PRO C 296 -13.84 -12.75 13.14
N ALA C 297 -14.79 -12.80 14.07
CA ALA C 297 -14.50 -12.77 15.50
C ALA C 297 -13.27 -13.57 15.85
N HIS C 298 -12.41 -12.98 16.66
CA HIS C 298 -11.17 -13.60 17.12
C HIS C 298 -9.98 -13.33 16.22
N LEU C 299 -10.23 -12.78 15.04
CA LEU C 299 -9.15 -12.49 14.10
C LEU C 299 -8.82 -10.99 14.10
N ASN C 300 -7.55 -10.67 14.30
CA ASN C 300 -7.14 -9.26 14.31
C ASN C 300 -6.64 -8.78 12.95
N ALA C 301 -7.14 -7.63 12.52
CA ALA C 301 -6.75 -7.02 11.25
C ALA C 301 -7.07 -5.55 11.35
N ASN C 302 -6.35 -4.73 10.62
CA ASN C 302 -6.59 -3.31 10.68
C ASN C 302 -7.53 -2.85 9.60
N ASP C 303 -8.02 -3.76 8.77
CA ASP C 303 -8.92 -3.35 7.70
C ASP C 303 -10.30 -3.99 7.70
N TRP C 304 -10.75 -4.50 8.85
CA TRP C 304 -12.09 -5.09 8.88
C TRP C 304 -13.06 -4.01 8.48
N ALA C 305 -13.96 -4.33 7.56
CA ALA C 305 -14.95 -3.36 7.12
C ALA C 305 -16.26 -4.09 6.85
N THR C 306 -17.38 -3.42 7.11
CA THR C 306 -18.69 -4.02 6.92
C THR C 306 -19.16 -3.71 5.51
N ASN C 307 -19.53 -4.75 4.74
CA ASN C 307 -19.98 -4.54 3.38
C ASN C 307 -21.46 -4.18 3.28
N GLY C 308 -21.94 -4.03 2.05
CA GLY C 308 -23.32 -3.64 1.81
C GLY C 308 -24.38 -4.52 2.42
N VAL C 309 -24.03 -5.76 2.77
CA VAL C 309 -25.04 -6.63 3.35
C VAL C 309 -24.77 -6.94 4.83
N GLY C 310 -23.97 -6.09 5.47
CA GLY C 310 -23.69 -6.28 6.87
C GLY C 310 -22.65 -7.30 7.28
N ARG C 311 -21.86 -7.79 6.34
CA ARG C 311 -20.84 -8.77 6.71
C ARG C 311 -19.48 -8.13 6.77
N LYS C 312 -18.67 -8.56 7.74
CA LYS C 312 -17.32 -8.03 7.90
C LYS C 312 -16.38 -8.72 6.94
N VAL C 313 -15.52 -7.93 6.30
CA VAL C 313 -14.54 -8.49 5.36
C VAL C 313 -13.20 -7.81 5.55
N SER C 314 -12.13 -8.58 5.36
CA SER C 314 -10.76 -8.08 5.45
C SER C 314 -9.96 -8.60 4.25
N HIS C 315 -9.02 -7.81 3.78
CA HIS C 315 -8.22 -8.24 2.64
C HIS C 315 -7.21 -9.32 3.06
N SER C 316 -7.04 -9.50 4.37
CA SER C 316 -6.12 -10.52 4.88
C SER C 316 -6.84 -11.83 5.18
N TYR C 317 -8.15 -11.76 5.40
CA TYR C 317 -8.92 -12.95 5.78
C TYR C 317 -10.17 -13.27 4.99
N GLY C 318 -10.57 -12.39 4.08
CA GLY C 318 -11.80 -12.66 3.36
C GLY C 318 -12.92 -12.49 4.38
N TYR C 319 -13.85 -13.44 4.42
CA TYR C 319 -14.95 -13.34 5.37
C TYR C 319 -14.62 -13.91 6.75
N GLY C 320 -13.36 -14.30 6.94
CA GLY C 320 -12.98 -14.83 8.24
C GLY C 320 -12.63 -16.30 8.29
N LEU C 321 -12.59 -16.81 9.50
CA LEU C 321 -12.24 -18.20 9.76
C LEU C 321 -13.34 -19.16 9.37
N LEU C 322 -12.98 -20.27 8.72
CA LEU C 322 -13.98 -21.27 8.36
C LEU C 322 -14.53 -21.87 9.64
N ASP C 323 -15.80 -22.25 9.61
CA ASP C 323 -16.49 -22.85 10.77
C ASP C 323 -17.12 -24.15 10.27
N ALA C 324 -16.44 -25.28 10.50
CA ALA C 324 -16.94 -26.56 10.02
C ALA C 324 -18.35 -26.91 10.50
N GLY C 325 -18.60 -26.75 11.79
CA GLY C 325 -19.92 -27.05 12.31
C GLY C 325 -21.01 -26.24 11.60
N ALA C 326 -20.76 -24.96 11.39
CA ALA C 326 -21.74 -24.10 10.73
C ALA C 326 -21.89 -24.49 9.25
N MET C 327 -20.77 -24.84 8.63
CA MET C 327 -20.78 -25.25 7.22
C MET C 327 -21.66 -26.46 6.99
N VAL C 328 -21.45 -27.53 7.78
CA VAL C 328 -22.25 -28.73 7.59
C VAL C 328 -23.71 -28.52 8.00
N ALA C 329 -23.94 -27.63 8.97
CA ALA C 329 -25.30 -27.35 9.40
C ALA C 329 -26.08 -26.65 8.30
N LEU C 330 -25.51 -25.58 7.75
CA LEU C 330 -26.19 -24.85 6.70
C LEU C 330 -26.32 -25.66 5.41
N ALA C 331 -25.34 -26.51 5.12
CA ALA C 331 -25.39 -27.32 3.91
C ALA C 331 -26.63 -28.21 3.81
N GLN C 332 -27.01 -28.83 4.92
CA GLN C 332 -28.14 -29.74 4.93
C GLN C 332 -29.45 -29.18 4.38
N ASN C 333 -29.76 -27.93 4.71
CA ASN C 333 -31.00 -27.33 4.24
C ASN C 333 -30.82 -26.35 3.07
N TRP C 334 -29.62 -26.32 2.50
CA TRP C 334 -29.33 -25.41 1.40
C TRP C 334 -30.08 -25.65 0.09
N THR C 335 -30.66 -24.57 -0.44
CA THR C 335 -31.39 -24.61 -1.70
C THR C 335 -30.41 -24.16 -2.79
N THR C 336 -30.15 -25.01 -3.77
CA THR C 336 -29.22 -24.66 -4.85
C THR C 336 -29.50 -23.30 -5.45
N VAL C 337 -28.46 -22.48 -5.58
CA VAL C 337 -28.62 -21.14 -6.13
C VAL C 337 -29.06 -21.17 -7.59
N ALA C 338 -29.67 -20.07 -8.02
CA ALA C 338 -30.13 -19.94 -9.40
C ALA C 338 -28.94 -19.98 -10.36
N PRO C 339 -29.21 -20.20 -11.66
CA PRO C 339 -28.16 -20.23 -12.67
C PRO C 339 -27.33 -18.96 -12.64
N GLN C 340 -26.04 -19.10 -12.86
CA GLN C 340 -25.14 -17.97 -12.84
C GLN C 340 -25.33 -17.04 -14.04
N ARG C 341 -25.47 -15.74 -13.78
CA ARG C 341 -25.60 -14.76 -14.84
C ARG C 341 -24.30 -13.97 -14.89
N LYS C 342 -24.02 -13.39 -16.04
CA LYS C 342 -22.80 -12.61 -16.23
C LYS C 342 -23.13 -11.33 -16.97
N CYS C 343 -22.87 -10.20 -16.34
CA CYS C 343 -23.16 -8.90 -16.95
C CYS C 343 -21.85 -8.17 -17.21
N ILE C 344 -21.57 -7.91 -18.49
CA ILE C 344 -20.35 -7.23 -18.91
C ILE C 344 -20.61 -5.76 -19.20
N ILE C 345 -19.83 -4.89 -18.56
CA ILE C 345 -20.00 -3.45 -18.75
C ILE C 345 -18.67 -2.78 -19.03
N ASP C 346 -18.46 -2.36 -20.28
CA ASP C 346 -17.21 -1.69 -20.61
C ASP C 346 -17.39 -0.22 -20.21
N ILE C 347 -16.54 0.25 -19.31
CA ILE C 347 -16.64 1.59 -18.76
C ILE C 347 -16.07 2.79 -19.54
N LEU C 348 -14.84 2.71 -20.02
CA LEU C 348 -14.24 3.86 -20.71
C LEU C 348 -14.70 4.16 -22.12
N THR C 349 -14.85 5.45 -22.42
CA THR C 349 -15.24 5.89 -23.76
C THR C 349 -14.00 6.52 -24.39
N GLU C 350 -12.94 6.63 -23.60
CA GLU C 350 -11.68 7.19 -24.06
C GLU C 350 -10.59 6.90 -23.04
N PRO C 351 -9.33 6.85 -23.48
CA PRO C 351 -8.21 6.57 -22.57
C PRO C 351 -8.15 7.63 -21.48
N LYS C 352 -7.62 7.26 -20.32
CA LYS C 352 -7.51 8.18 -19.21
C LYS C 352 -6.07 8.26 -18.70
N ASP C 353 -5.57 9.48 -18.56
CA ASP C 353 -4.22 9.69 -18.07
C ASP C 353 -4.29 9.41 -16.58
N ILE C 354 -3.31 8.68 -16.06
CA ILE C 354 -3.31 8.33 -14.66
C ILE C 354 -2.71 9.43 -13.79
N GLY C 355 -1.48 9.84 -14.10
CA GLY C 355 -0.86 10.89 -13.32
C GLY C 355 -0.68 10.49 -11.87
N LYS C 356 -0.99 11.40 -10.96
CA LYS C 356 -0.84 11.15 -9.53
C LYS C 356 -2.05 10.40 -9.00
N ARG C 357 -3.21 10.67 -9.59
CA ARG C 357 -4.43 10.01 -9.17
C ARG C 357 -5.50 10.07 -10.24
N LEU C 358 -6.24 8.98 -10.41
CA LEU C 358 -7.30 8.93 -11.38
C LEU C 358 -8.53 8.32 -10.73
N GLU C 359 -9.68 8.88 -11.03
CA GLU C 359 -10.92 8.38 -10.46
C GLU C 359 -11.91 8.24 -11.62
N VAL C 360 -12.51 7.07 -11.76
CA VAL C 360 -13.47 6.84 -12.82
C VAL C 360 -14.78 6.43 -12.19
N ARG C 361 -15.83 7.18 -12.47
CA ARG C 361 -17.16 6.90 -11.92
C ARG C 361 -18.08 6.48 -13.02
N LYS C 362 -18.98 5.54 -12.72
CA LYS C 362 -19.91 5.07 -13.72
C LYS C 362 -21.13 4.46 -13.05
N THR C 363 -22.32 4.95 -13.43
CA THR C 363 -23.56 4.41 -12.89
C THR C 363 -23.99 3.29 -13.82
N VAL C 364 -24.22 2.10 -13.26
CA VAL C 364 -24.62 0.97 -14.10
C VAL C 364 -25.98 0.46 -13.69
N THR C 365 -26.63 -0.25 -14.62
CA THR C 365 -27.95 -0.82 -14.37
C THR C 365 -27.85 -2.31 -14.12
N ALA C 366 -26.64 -2.85 -14.28
CA ALA C 366 -26.38 -4.28 -14.07
C ALA C 366 -27.27 -5.13 -14.99
N CYS C 367 -27.37 -4.72 -16.25
CA CYS C 367 -28.15 -5.46 -17.24
C CYS C 367 -29.65 -5.54 -16.95
N LEU C 368 -30.18 -4.48 -16.35
CA LEU C 368 -31.61 -4.41 -16.05
C LEU C 368 -32.41 -4.63 -17.33
N GLY C 369 -33.47 -5.42 -17.25
CA GLY C 369 -34.29 -5.66 -18.42
C GLY C 369 -33.74 -6.72 -19.35
N GLU C 370 -32.55 -7.24 -19.07
CA GLU C 370 -31.97 -8.27 -19.92
C GLU C 370 -31.90 -9.61 -19.20
N PRO C 371 -31.64 -10.70 -19.93
CA PRO C 371 -31.56 -12.04 -19.34
C PRO C 371 -30.49 -12.17 -18.25
N ASN C 372 -29.44 -11.36 -18.33
CA ASN C 372 -28.36 -11.42 -17.35
C ASN C 372 -28.41 -10.35 -16.29
N HIS C 373 -29.61 -9.83 -16.04
CA HIS C 373 -29.82 -8.83 -15.02
C HIS C 373 -29.38 -9.40 -13.66
N ILE C 374 -28.53 -8.69 -12.93
CA ILE C 374 -28.07 -9.17 -11.62
C ILE C 374 -28.45 -8.26 -10.46
N THR C 375 -29.17 -8.80 -9.49
CA THR C 375 -29.57 -8.04 -8.32
C THR C 375 -28.84 -8.54 -7.08
N ARG C 376 -28.27 -9.74 -7.18
CA ARG C 376 -27.54 -10.34 -6.08
C ARG C 376 -26.15 -10.74 -6.62
N LEU C 377 -25.16 -9.94 -6.31
CA LEU C 377 -23.81 -10.17 -6.81
C LEU C 377 -23.06 -11.34 -6.18
N GLU C 378 -22.18 -11.95 -6.96
CA GLU C 378 -21.31 -13.00 -6.45
C GLU C 378 -19.92 -12.40 -6.65
N HIS C 379 -19.14 -12.87 -7.61
CA HIS C 379 -17.83 -12.30 -7.84
C HIS C 379 -17.96 -11.10 -8.77
N ALA C 380 -16.99 -10.19 -8.71
CA ALA C 380 -16.97 -9.04 -9.61
C ALA C 380 -15.51 -8.92 -10.05
N GLN C 381 -15.30 -8.64 -11.34
CA GLN C 381 -13.95 -8.44 -11.85
C GLN C 381 -13.85 -7.04 -12.46
N ALA C 382 -12.68 -6.43 -12.34
CA ALA C 382 -12.42 -5.15 -12.96
C ALA C 382 -11.26 -5.52 -13.90
N ARG C 383 -11.56 -5.67 -15.18
CA ARG C 383 -10.54 -6.03 -16.16
C ARG C 383 -9.87 -4.75 -16.63
N LEU C 384 -8.63 -4.58 -16.21
CA LEU C 384 -7.89 -3.36 -16.55
C LEU C 384 -6.72 -3.55 -17.50
N THR C 385 -6.57 -2.59 -18.40
CA THR C 385 -5.47 -2.55 -19.34
C THR C 385 -4.89 -1.15 -19.17
N LEU C 386 -3.63 -1.06 -18.76
CA LEU C 386 -3.02 0.23 -18.54
C LEU C 386 -1.51 0.16 -18.68
N SER C 387 -0.91 1.31 -18.94
CA SER C 387 0.54 1.42 -19.06
C SER C 387 0.97 2.28 -17.89
N TYR C 388 2.17 2.03 -17.37
CA TYR C 388 2.70 2.81 -16.27
C TYR C 388 4.21 2.58 -16.26
N ASN C 389 4.96 3.55 -15.75
CA ASN C 389 6.41 3.42 -15.72
C ASN C 389 6.94 2.55 -14.60
N ARG C 390 6.24 2.55 -13.46
CA ARG C 390 6.67 1.75 -12.31
C ARG C 390 5.43 1.13 -11.67
N ARG C 391 5.06 -0.06 -12.15
CA ARG C 391 3.86 -0.76 -11.69
C ARG C 391 3.62 -0.84 -10.19
N GLY C 392 4.66 -1.20 -9.44
CA GLY C 392 4.54 -1.33 -7.99
C GLY C 392 4.17 -0.09 -7.22
N ASP C 393 4.21 1.07 -7.85
CA ASP C 393 3.84 2.31 -7.16
C ASP C 393 2.33 2.54 -7.16
N LEU C 394 1.63 1.75 -7.97
CA LEU C 394 0.19 1.87 -8.07
C LEU C 394 -0.60 1.17 -6.97
N ALA C 395 -1.73 1.77 -6.61
CA ALA C 395 -2.66 1.20 -5.65
C ALA C 395 -3.99 1.40 -6.38
N ILE C 396 -4.79 0.34 -6.49
CA ILE C 396 -6.06 0.43 -7.18
C ILE C 396 -7.21 -0.02 -6.29
N HIS C 397 -8.26 0.79 -6.23
CA HIS C 397 -9.42 0.50 -5.40
C HIS C 397 -10.71 0.54 -6.23
N LEU C 398 -11.68 -0.27 -5.82
CA LEU C 398 -12.96 -0.33 -6.51
C LEU C 398 -14.04 -0.21 -5.44
N VAL C 399 -14.92 0.78 -5.58
CA VAL C 399 -15.98 1.00 -4.63
C VAL C 399 -17.31 0.62 -5.25
N SER C 400 -18.04 -0.27 -4.59
CA SER C 400 -19.33 -0.70 -5.10
C SER C 400 -20.37 0.38 -4.79
N PRO C 401 -21.54 0.33 -5.44
CA PRO C 401 -22.61 1.30 -5.23
C PRO C 401 -23.00 1.35 -3.76
N MET C 402 -22.91 0.21 -3.05
CA MET C 402 -23.26 0.18 -1.65
C MET C 402 -22.14 0.65 -0.72
N GLY C 403 -21.06 1.16 -1.31
CA GLY C 403 -19.95 1.70 -0.55
C GLY C 403 -18.83 0.78 -0.12
N THR C 404 -18.82 -0.45 -0.62
CA THR C 404 -17.78 -1.40 -0.23
C THR C 404 -16.52 -1.15 -1.04
N ARG C 405 -15.44 -0.84 -0.33
CA ARG C 405 -14.18 -0.53 -0.97
C ARG C 405 -13.25 -1.73 -1.08
N SER C 406 -13.09 -2.23 -2.30
CA SER C 406 -12.22 -3.36 -2.53
C SER C 406 -10.88 -2.88 -3.06
N THR C 407 -9.81 -3.22 -2.36
CA THR C 407 -8.50 -2.82 -2.85
C THR C 407 -8.08 -3.93 -3.82
N LEU C 408 -8.14 -3.63 -5.10
CA LEU C 408 -7.77 -4.57 -6.14
C LEU C 408 -6.26 -4.77 -6.18
N LEU C 409 -5.51 -3.73 -5.83
CA LEU C 409 -4.07 -3.79 -5.85
C LEU C 409 -3.42 -2.82 -4.87
N ALA C 410 -2.61 -3.34 -3.96
CA ALA C 410 -1.91 -2.49 -3.00
C ALA C 410 -0.53 -2.29 -3.58
N ALA C 411 0.19 -1.27 -3.11
CA ALA C 411 1.53 -1.00 -3.61
C ALA C 411 2.43 -2.22 -3.42
N ARG C 412 3.29 -2.46 -4.41
CA ARG C 412 4.25 -3.56 -4.35
C ARG C 412 5.62 -2.92 -4.60
N PRO C 413 6.29 -2.51 -3.52
CA PRO C 413 7.60 -1.88 -3.60
C PRO C 413 8.65 -2.55 -4.49
N HIS C 414 8.64 -3.87 -4.60
CA HIS C 414 9.61 -4.55 -5.45
C HIS C 414 9.22 -4.63 -6.91
N ASP C 415 8.01 -4.22 -7.25
CA ASP C 415 7.55 -4.30 -8.62
C ASP C 415 7.95 -3.05 -9.43
N TYR C 416 9.08 -3.13 -10.11
CA TYR C 416 9.58 -2.02 -10.92
C TYR C 416 9.24 -2.20 -12.41
N SER C 417 8.35 -3.13 -12.69
CA SER C 417 7.96 -3.39 -14.07
C SER C 417 7.39 -2.18 -14.78
N ALA C 418 7.70 -2.08 -16.07
CA ALA C 418 7.21 -0.99 -16.88
C ALA C 418 6.19 -1.55 -17.88
N ASP C 419 5.79 -2.81 -17.65
CA ASP C 419 4.85 -3.48 -18.54
C ASP C 419 3.36 -3.25 -18.26
N GLY C 420 3.04 -2.61 -17.14
CA GLY C 420 1.64 -2.36 -16.83
C GLY C 420 0.79 -3.62 -16.73
N PHE C 421 -0.51 -3.49 -16.99
CA PHE C 421 -1.44 -4.62 -16.94
C PHE C 421 -2.13 -4.74 -18.29
N ASN C 422 -2.21 -5.97 -18.79
CA ASN C 422 -2.84 -6.21 -20.07
C ASN C 422 -4.09 -7.04 -19.87
N ASP C 423 -5.23 -6.36 -19.79
CA ASP C 423 -6.53 -6.98 -19.57
C ASP C 423 -6.45 -7.95 -18.39
N TRP C 424 -5.89 -7.48 -17.28
CA TRP C 424 -5.76 -8.29 -16.09
C TRP C 424 -7.07 -8.18 -15.31
N ALA C 425 -7.66 -9.33 -14.97
CA ALA C 425 -8.93 -9.36 -14.26
C ALA C 425 -8.88 -9.35 -12.74
N PHE C 426 -8.71 -8.18 -12.14
CA PHE C 426 -8.69 -8.07 -10.68
C PHE C 426 -10.07 -8.54 -10.19
N MET C 427 -10.09 -9.39 -9.17
CA MET C 427 -11.35 -9.92 -8.67
C MET C 427 -11.58 -9.62 -7.20
N THR C 428 -12.83 -9.35 -6.85
CA THR C 428 -13.16 -9.11 -5.45
C THR C 428 -14.38 -9.93 -5.03
N THR C 429 -14.33 -10.43 -3.80
CA THR C 429 -15.42 -11.21 -3.25
C THR C 429 -16.12 -10.40 -2.16
N HIS C 430 -15.64 -9.18 -1.94
CA HIS C 430 -16.19 -8.35 -0.87
C HIS C 430 -17.59 -7.80 -1.02
N SER C 431 -18.13 -7.82 -2.24
CA SER C 431 -19.48 -7.30 -2.46
C SER C 431 -20.47 -8.43 -2.72
N TRP C 432 -20.11 -9.63 -2.28
CA TRP C 432 -20.96 -10.80 -2.43
C TRP C 432 -22.33 -10.52 -1.79
N ASP C 433 -23.39 -10.79 -2.55
CA ASP C 433 -24.78 -10.57 -2.19
C ASP C 433 -25.29 -9.14 -2.26
N GLU C 434 -24.44 -8.19 -2.61
CA GLU C 434 -24.87 -6.80 -2.74
C GLU C 434 -25.60 -6.59 -4.05
N ASP C 435 -26.41 -5.54 -4.12
CA ASP C 435 -27.10 -5.22 -5.35
C ASP C 435 -26.03 -4.41 -6.07
N PRO C 436 -25.67 -4.82 -7.30
CA PRO C 436 -24.63 -4.11 -8.06
C PRO C 436 -25.06 -2.89 -8.88
N SER C 437 -26.34 -2.58 -8.92
CA SER C 437 -26.76 -1.42 -9.71
C SER C 437 -26.43 -0.15 -8.96
N GLY C 438 -26.07 0.89 -9.70
CA GLY C 438 -25.70 2.13 -9.06
C GLY C 438 -24.33 2.58 -9.51
N GLU C 439 -23.74 3.53 -8.81
CA GLU C 439 -22.44 4.05 -9.17
C GLU C 439 -21.24 3.30 -8.57
N TRP C 440 -20.35 2.87 -9.47
CA TRP C 440 -19.14 2.17 -9.09
C TRP C 440 -18.04 3.20 -9.29
N VAL C 441 -17.00 3.13 -8.48
CA VAL C 441 -15.88 4.06 -8.60
C VAL C 441 -14.57 3.32 -8.59
N LEU C 442 -13.74 3.59 -9.60
CA LEU C 442 -12.42 2.97 -9.69
C LEU C 442 -11.42 4.07 -9.35
N GLU C 443 -10.49 3.77 -8.45
CA GLU C 443 -9.48 4.73 -8.05
C GLU C 443 -8.11 4.15 -8.31
N ILE C 444 -7.27 4.91 -9.01
CA ILE C 444 -5.90 4.50 -9.28
C ILE C 444 -5.05 5.63 -8.75
N GLU C 445 -4.10 5.32 -7.87
CA GLU C 445 -3.25 6.35 -7.32
C GLU C 445 -1.79 5.99 -7.32
N ASN C 446 -0.95 7.00 -7.46
CA ASN C 446 0.49 6.83 -7.41
C ASN C 446 0.82 6.98 -5.93
N THR C 447 1.25 5.90 -5.28
CA THR C 447 1.56 5.92 -3.87
C THR C 447 2.96 6.44 -3.57
N SER C 448 3.76 6.72 -4.60
CA SER C 448 5.11 7.22 -4.37
C SER C 448 5.18 8.72 -4.64
N GLU C 449 6.30 9.32 -4.26
CA GLU C 449 6.48 10.74 -4.48
C GLU C 449 7.07 10.97 -5.88
N ALA C 450 7.53 9.89 -6.49
CA ALA C 450 8.13 9.97 -7.82
C ALA C 450 7.12 10.48 -8.84
N ASN C 451 7.61 11.15 -9.87
CA ASN C 451 6.75 11.66 -10.92
C ASN C 451 6.52 10.53 -11.92
N ASN C 452 5.53 9.67 -11.63
CA ASN C 452 5.24 8.55 -12.52
C ASN C 452 4.21 8.93 -13.56
N TYR C 453 4.11 8.14 -14.61
CA TYR C 453 3.17 8.43 -15.69
C TYR C 453 2.64 7.16 -16.34
N GLY C 454 1.45 7.26 -16.91
CA GLY C 454 0.84 6.12 -17.56
C GLY C 454 -0.58 6.43 -17.99
N THR C 455 -1.20 5.47 -18.66
CA THR C 455 -2.55 5.65 -19.16
C THR C 455 -3.42 4.42 -18.96
N LEU C 456 -4.66 4.64 -18.55
CA LEU C 456 -5.62 3.55 -18.38
C LEU C 456 -6.38 3.54 -19.70
N THR C 457 -6.26 2.46 -20.46
CA THR C 457 -6.93 2.38 -21.76
C THR C 457 -8.19 1.51 -21.75
N LYS C 458 -8.35 0.67 -20.75
CA LYS C 458 -9.54 -0.17 -20.69
C LYS C 458 -9.92 -0.50 -19.26
N PHE C 459 -11.21 -0.43 -18.99
CA PHE C 459 -11.77 -0.78 -17.69
C PHE C 459 -13.11 -1.43 -17.98
N THR C 460 -13.14 -2.75 -17.86
CA THR C 460 -14.37 -3.49 -18.09
C THR C 460 -14.79 -4.09 -16.77
N LEU C 461 -16.01 -3.79 -16.36
CA LEU C 461 -16.55 -4.30 -15.11
C LEU C 461 -17.36 -5.56 -15.44
N VAL C 462 -17.01 -6.68 -14.82
CA VAL C 462 -17.73 -7.92 -15.09
C VAL C 462 -18.41 -8.38 -13.79
N LEU C 463 -19.72 -8.50 -13.84
CA LEU C 463 -20.50 -8.94 -12.69
C LEU C 463 -21.05 -10.34 -12.87
N TYR C 464 -20.93 -11.17 -11.84
CA TYR C 464 -21.47 -12.52 -11.86
C TYR C 464 -22.51 -12.57 -10.75
N GLY C 465 -23.57 -13.35 -10.93
CA GLY C 465 -24.58 -13.41 -9.90
C GLY C 465 -25.96 -13.85 -10.36
N THR C 466 -26.96 -13.53 -9.57
CA THR C 466 -28.32 -13.95 -9.87
C THR C 466 -29.31 -12.81 -9.62
N ALA C 467 -30.60 -13.11 -9.78
CA ALA C 467 -31.67 -12.15 -9.56
C ALA C 467 -32.84 -12.88 -8.87
N TYR D 3 -45.37 -30.53 -52.42
CA TYR D 3 -44.73 -29.26 -51.97
C TYR D 3 -44.74 -28.20 -53.07
N GLN D 4 -45.18 -26.99 -52.70
CA GLN D 4 -45.23 -25.86 -53.62
C GLN D 4 -44.02 -24.94 -53.41
N GLU D 5 -43.06 -25.00 -54.33
CA GLU D 5 -41.87 -24.18 -54.20
C GLU D 5 -42.26 -22.70 -54.19
N PRO D 6 -41.43 -21.85 -53.58
CA PRO D 6 -41.69 -20.41 -53.50
C PRO D 6 -42.09 -19.75 -54.82
N THR D 7 -42.95 -18.76 -54.71
CA THR D 7 -43.43 -18.04 -55.89
C THR D 7 -42.76 -16.69 -56.00
N ASP D 8 -41.91 -16.36 -55.04
CA ASP D 8 -41.21 -15.09 -55.02
C ASP D 8 -40.55 -14.81 -56.38
N PRO D 9 -40.65 -13.55 -56.84
CA PRO D 9 -40.08 -13.15 -58.12
C PRO D 9 -38.63 -13.48 -58.38
N LYS D 10 -37.80 -13.47 -57.35
CA LYS D 10 -36.38 -13.77 -57.53
C LYS D 10 -35.98 -15.20 -57.21
N PHE D 11 -36.92 -16.01 -56.74
CA PHE D 11 -36.57 -17.39 -56.40
C PHE D 11 -35.90 -18.13 -57.55
N PRO D 12 -36.38 -17.94 -58.79
CA PRO D 12 -35.75 -18.64 -59.90
C PRO D 12 -34.27 -18.27 -60.05
N GLN D 13 -33.88 -17.08 -59.60
CA GLN D 13 -32.49 -16.67 -59.69
C GLN D 13 -31.65 -17.23 -58.54
N GLN D 14 -32.29 -17.83 -57.55
CA GLN D 14 -31.53 -18.39 -56.43
C GLN D 14 -31.09 -19.80 -56.78
N TRP D 15 -30.19 -19.85 -57.76
CA TRP D 15 -29.62 -21.09 -58.29
C TRP D 15 -29.02 -22.03 -57.25
N TYR D 16 -28.46 -21.46 -56.19
CA TYR D 16 -27.83 -22.27 -55.13
C TYR D 16 -28.83 -22.98 -54.21
N LEU D 17 -30.08 -22.51 -54.19
CA LEU D 17 -31.09 -23.14 -53.35
C LEU D 17 -31.66 -24.36 -54.06
N SER D 18 -32.10 -24.14 -55.30
CA SER D 18 -32.66 -25.21 -56.11
C SER D 18 -32.35 -24.97 -57.58
N GLY D 19 -31.95 -26.04 -58.27
CA GLY D 19 -31.62 -25.91 -59.68
C GLY D 19 -31.72 -27.26 -60.37
N VAL D 20 -31.99 -27.22 -61.68
CA VAL D 20 -32.08 -28.46 -62.45
C VAL D 20 -30.67 -29.01 -62.63
N THR D 21 -29.70 -28.10 -62.75
CA THR D 21 -28.31 -28.46 -62.94
C THR D 21 -27.70 -29.34 -61.85
N GLN D 22 -28.51 -29.72 -60.86
CA GLN D 22 -28.04 -30.59 -59.77
C GLN D 22 -26.82 -30.03 -59.03
N ARG D 23 -26.49 -28.77 -59.28
CA ARG D 23 -25.35 -28.13 -58.62
C ARG D 23 -25.89 -27.07 -57.68
N ASP D 24 -26.46 -27.51 -56.56
CA ASP D 24 -27.04 -26.61 -55.56
C ASP D 24 -26.93 -27.21 -54.14
N LEU D 25 -27.44 -26.49 -53.15
CA LEU D 25 -27.37 -26.93 -51.76
C LEU D 25 -28.48 -27.92 -51.37
N ASN D 26 -29.27 -28.34 -52.36
CA ASN D 26 -30.34 -29.31 -52.13
C ASN D 26 -31.28 -28.89 -51.03
N VAL D 27 -31.62 -27.61 -51.00
CA VAL D 27 -32.52 -27.06 -49.99
C VAL D 27 -33.99 -27.41 -50.22
N LYS D 28 -34.41 -27.45 -51.48
CA LYS D 28 -35.79 -27.77 -51.80
C LYS D 28 -36.13 -29.15 -51.22
N ALA D 29 -35.19 -30.07 -51.30
CA ALA D 29 -35.39 -31.42 -50.77
C ALA D 29 -35.68 -31.37 -49.28
N ALA D 30 -35.10 -30.40 -48.58
CA ALA D 30 -35.34 -30.27 -47.16
C ALA D 30 -36.74 -29.67 -46.93
N TRP D 31 -37.10 -28.68 -47.73
CA TRP D 31 -38.41 -28.05 -47.61
C TRP D 31 -39.48 -29.10 -47.87
N ALA D 32 -39.25 -29.90 -48.92
CA ALA D 32 -40.18 -30.96 -49.30
C ALA D 32 -40.39 -31.95 -48.17
N GLN D 33 -39.36 -32.20 -47.37
CA GLN D 33 -39.48 -33.12 -46.24
C GLN D 33 -40.25 -32.44 -45.10
N GLY D 34 -40.59 -31.17 -45.30
CA GLY D 34 -41.35 -30.44 -44.29
C GLY D 34 -40.59 -29.49 -43.36
N TYR D 35 -39.35 -29.17 -43.70
CA TYR D 35 -38.56 -28.29 -42.85
C TYR D 35 -38.26 -26.94 -43.48
N THR D 36 -38.70 -25.89 -42.79
CA THR D 36 -38.50 -24.54 -43.28
C THR D 36 -37.93 -23.62 -42.21
N GLY D 37 -37.59 -24.18 -41.05
CA GLY D 37 -37.01 -23.39 -39.99
C GLY D 37 -37.99 -22.91 -38.94
N HIS D 38 -39.22 -23.37 -39.03
CA HIS D 38 -40.21 -22.95 -38.07
C HIS D 38 -39.77 -23.25 -36.63
N GLY D 39 -39.86 -22.24 -35.76
CA GLY D 39 -39.48 -22.41 -34.37
C GLY D 39 -38.01 -22.20 -34.03
N ILE D 40 -37.19 -22.00 -35.05
CA ILE D 40 -35.76 -21.80 -34.83
C ILE D 40 -35.43 -20.30 -34.85
N VAL D 41 -34.50 -19.88 -33.99
CA VAL D 41 -34.12 -18.48 -33.92
C VAL D 41 -32.66 -18.30 -34.31
N VAL D 42 -32.44 -17.44 -35.30
CA VAL D 42 -31.10 -17.17 -35.82
C VAL D 42 -30.80 -15.70 -35.67
N SER D 43 -29.57 -15.39 -35.26
CA SER D 43 -29.18 -14.00 -35.10
C SER D 43 -27.93 -13.68 -35.93
N ILE D 44 -27.99 -12.58 -36.66
CA ILE D 44 -26.89 -12.12 -37.50
C ILE D 44 -26.05 -11.10 -36.73
N LEU D 45 -24.83 -11.46 -36.34
CA LEU D 45 -23.95 -10.53 -35.62
C LEU D 45 -23.21 -9.75 -36.71
N ASP D 46 -23.60 -8.51 -36.92
CA ASP D 46 -23.01 -7.75 -38.01
C ASP D 46 -23.16 -6.24 -37.83
N ASP D 47 -23.41 -5.50 -38.92
CA ASP D 47 -23.55 -4.05 -38.84
C ASP D 47 -24.98 -3.53 -38.69
N GLY D 48 -25.88 -4.43 -38.31
CA GLY D 48 -27.27 -4.05 -38.14
C GLY D 48 -28.20 -4.84 -39.06
N ILE D 49 -29.50 -4.70 -38.83
CA ILE D 49 -30.46 -5.37 -39.68
C ILE D 49 -31.67 -4.45 -39.91
N GLU D 50 -32.07 -4.29 -41.17
CA GLU D 50 -33.21 -3.44 -41.52
C GLU D 50 -34.46 -4.24 -41.18
N LYS D 51 -34.88 -4.18 -39.92
CA LYS D 51 -36.02 -4.94 -39.41
C LYS D 51 -37.34 -4.66 -40.13
N ASN D 52 -37.42 -3.50 -40.76
CA ASN D 52 -38.61 -3.08 -41.48
C ASN D 52 -38.56 -3.45 -42.97
N HIS D 53 -37.52 -4.18 -43.37
CA HIS D 53 -37.41 -4.56 -44.78
C HIS D 53 -38.63 -5.42 -45.13
N PRO D 54 -39.27 -5.16 -46.28
CA PRO D 54 -40.45 -5.94 -46.67
C PRO D 54 -40.25 -7.44 -46.76
N ASP D 55 -39.01 -7.89 -46.91
CA ASP D 55 -38.79 -9.33 -46.98
C ASP D 55 -38.20 -9.87 -45.67
N LEU D 56 -38.15 -9.03 -44.64
CA LEU D 56 -37.62 -9.46 -43.35
C LEU D 56 -38.59 -9.25 -42.19
N ALA D 57 -39.36 -8.15 -42.24
CA ALA D 57 -40.29 -7.82 -41.17
C ALA D 57 -41.12 -9.00 -40.68
N GLY D 58 -41.65 -9.79 -41.61
CA GLY D 58 -42.45 -10.93 -41.25
C GLY D 58 -41.79 -11.97 -40.36
N ASN D 59 -40.46 -12.06 -40.42
CA ASN D 59 -39.75 -13.03 -39.59
C ASN D 59 -38.88 -12.35 -38.52
N TYR D 60 -38.82 -11.02 -38.54
CA TYR D 60 -38.00 -10.31 -37.57
C TYR D 60 -38.33 -10.63 -36.11
N ASP D 61 -37.30 -10.86 -35.31
CA ASP D 61 -37.47 -11.17 -33.91
C ASP D 61 -36.64 -10.24 -33.01
N PRO D 62 -37.31 -9.33 -32.30
CA PRO D 62 -36.65 -8.38 -31.40
C PRO D 62 -35.84 -9.09 -30.30
N GLY D 63 -36.33 -10.26 -29.91
CA GLY D 63 -35.67 -11.04 -28.87
C GLY D 63 -34.33 -11.60 -29.28
N ALA D 64 -34.09 -11.63 -30.59
CA ALA D 64 -32.81 -12.13 -31.11
C ALA D 64 -31.98 -10.95 -31.60
N SER D 65 -32.32 -9.75 -31.15
CA SER D 65 -31.63 -8.55 -31.61
C SER D 65 -31.20 -7.60 -30.51
N PHE D 66 -30.24 -6.74 -30.85
CA PHE D 66 -29.74 -5.73 -29.94
C PHE D 66 -28.75 -4.85 -30.66
N ASP D 67 -28.58 -3.64 -30.16
CA ASP D 67 -27.61 -2.72 -30.74
C ASP D 67 -26.52 -2.53 -29.69
N VAL D 68 -25.42 -3.28 -29.83
CA VAL D 68 -24.31 -3.20 -28.88
C VAL D 68 -23.45 -1.95 -29.13
N ASN D 69 -23.41 -1.48 -30.39
CA ASN D 69 -22.62 -0.29 -30.72
C ASN D 69 -23.18 0.96 -30.02
N ASP D 70 -24.51 1.14 -30.03
CA ASP D 70 -25.12 2.29 -29.37
C ASP D 70 -25.84 1.97 -28.06
N GLN D 71 -25.80 0.71 -27.66
CA GLN D 71 -26.42 0.29 -26.41
C GLN D 71 -27.93 0.53 -26.33
N ASP D 72 -28.66 -0.06 -27.26
CA ASP D 72 -30.11 0.04 -27.25
C ASP D 72 -30.60 -1.23 -27.92
N PRO D 73 -31.89 -1.53 -27.76
CA PRO D 73 -32.38 -2.76 -28.38
C PRO D 73 -32.70 -2.73 -29.87
N ASP D 74 -32.58 -1.56 -30.50
CA ASP D 74 -32.92 -1.43 -31.92
C ASP D 74 -31.70 -1.50 -32.84
N PRO D 75 -31.52 -2.64 -33.54
CA PRO D 75 -30.40 -2.89 -34.46
C PRO D 75 -30.51 -2.27 -35.86
N GLN D 76 -31.41 -1.31 -36.03
CA GLN D 76 -31.60 -0.64 -37.32
C GLN D 76 -30.23 -0.15 -37.80
N PRO D 77 -29.89 -0.38 -39.08
CA PRO D 77 -28.60 0.08 -39.60
C PRO D 77 -28.52 1.60 -39.62
N ARG D 78 -27.31 2.14 -39.60
CA ARG D 78 -27.12 3.58 -39.68
C ARG D 78 -26.98 3.90 -41.18
N TYR D 79 -27.88 4.71 -41.71
CA TYR D 79 -27.86 5.03 -43.13
C TYR D 79 -26.87 6.09 -43.52
N THR D 80 -26.16 5.85 -44.63
CA THR D 80 -25.18 6.79 -45.15
C THR D 80 -25.28 6.71 -46.67
N GLN D 81 -24.76 7.73 -47.35
CA GLN D 81 -24.77 7.77 -48.81
C GLN D 81 -24.09 6.58 -49.46
N MET D 82 -23.04 6.07 -48.83
CA MET D 82 -22.31 4.95 -49.37
C MET D 82 -22.96 3.60 -49.05
N ASN D 83 -23.98 3.64 -48.18
CA ASN D 83 -24.67 2.42 -47.78
C ASN D 83 -23.70 1.41 -47.19
N ASP D 84 -22.81 1.92 -46.34
CA ASP D 84 -21.79 1.11 -45.67
C ASP D 84 -22.38 0.00 -44.82
N ASN D 85 -23.49 0.27 -44.14
CA ASN D 85 -24.11 -0.71 -43.25
C ASN D 85 -25.21 -1.57 -43.85
N ARG D 86 -25.01 -2.05 -45.08
CA ARG D 86 -25.99 -2.90 -45.76
C ARG D 86 -25.64 -4.39 -45.61
N HIS D 87 -24.44 -4.64 -45.10
CA HIS D 87 -23.92 -6.00 -44.97
C HIS D 87 -24.75 -6.95 -44.11
N GLY D 88 -25.13 -6.52 -42.91
CA GLY D 88 -25.92 -7.37 -42.03
C GLY D 88 -27.27 -7.72 -42.65
N THR D 89 -27.89 -6.73 -43.27
CA THR D 89 -29.19 -6.93 -43.90
C THR D 89 -29.11 -7.96 -45.02
N ARG D 90 -28.03 -7.93 -45.80
CA ARG D 90 -27.88 -8.89 -46.89
C ARG D 90 -27.70 -10.30 -46.34
N CYS D 91 -26.96 -10.43 -45.24
CA CYS D 91 -26.76 -11.75 -44.66
C CYS D 91 -28.07 -12.28 -44.06
N ALA D 92 -28.84 -11.41 -43.43
CA ALA D 92 -30.11 -11.81 -42.82
C ALA D 92 -31.06 -12.41 -43.86
N GLY D 93 -31.15 -11.76 -45.02
CA GLY D 93 -32.03 -12.25 -46.05
C GLY D 93 -31.70 -13.65 -46.55
N GLU D 94 -30.42 -13.99 -46.55
CA GLU D 94 -30.00 -15.31 -47.01
C GLU D 94 -30.58 -16.40 -46.12
N VAL D 95 -30.63 -16.09 -44.83
CA VAL D 95 -31.12 -17.04 -43.85
C VAL D 95 -32.64 -17.13 -43.79
N ALA D 96 -33.30 -15.98 -43.67
CA ALA D 96 -34.73 -16.01 -43.48
C ALA D 96 -35.62 -15.00 -44.20
N ALA D 97 -35.30 -14.65 -45.45
CA ALA D 97 -36.17 -13.74 -46.17
C ALA D 97 -37.53 -14.45 -46.28
N VAL D 98 -38.60 -13.69 -46.15
CA VAL D 98 -39.97 -14.22 -46.22
C VAL D 98 -40.29 -14.85 -47.58
N ALA D 99 -41.00 -15.96 -47.55
CA ALA D 99 -41.37 -16.65 -48.79
C ALA D 99 -42.80 -16.37 -49.25
N ASN D 100 -43.03 -16.56 -50.55
CA ASN D 100 -44.34 -16.40 -51.18
C ASN D 100 -45.03 -15.08 -50.84
N ASN D 101 -44.28 -13.98 -50.88
CA ASN D 101 -44.86 -12.68 -50.56
C ASN D 101 -44.62 -11.69 -51.67
N GLY D 102 -44.33 -12.21 -52.87
CA GLY D 102 -44.09 -11.37 -54.04
C GLY D 102 -42.93 -10.40 -53.93
N VAL D 103 -42.03 -10.64 -53.00
CA VAL D 103 -40.90 -9.74 -52.82
C VAL D 103 -39.57 -10.48 -52.87
N CYS D 104 -38.67 -9.97 -53.70
CA CYS D 104 -37.32 -10.52 -53.85
C CYS D 104 -37.31 -12.06 -53.91
N GLY D 105 -36.48 -12.70 -53.10
CA GLY D 105 -36.40 -14.15 -53.08
C GLY D 105 -36.86 -14.75 -51.76
N VAL D 106 -36.20 -15.83 -51.32
CA VAL D 106 -36.53 -16.46 -50.05
C VAL D 106 -35.27 -16.88 -49.29
N GLY D 107 -35.39 -16.98 -47.98
CA GLY D 107 -34.26 -17.44 -47.19
C GLY D 107 -34.24 -18.96 -47.17
N VAL D 108 -33.11 -19.55 -46.78
CA VAL D 108 -33.00 -20.99 -46.70
C VAL D 108 -34.02 -21.51 -45.69
N ALA D 109 -34.16 -20.80 -44.57
CA ALA D 109 -35.11 -21.16 -43.52
C ALA D 109 -36.15 -20.05 -43.49
N TYR D 110 -36.98 -19.98 -44.52
CA TYR D 110 -37.96 -18.91 -44.62
C TYR D 110 -39.04 -18.80 -43.55
N ASN D 111 -39.11 -19.77 -42.65
CA ASN D 111 -40.09 -19.69 -41.57
C ASN D 111 -39.40 -19.52 -40.22
N ALA D 112 -38.07 -19.38 -40.23
CA ALA D 112 -37.33 -19.18 -39.00
C ALA D 112 -37.50 -17.72 -38.55
N ARG D 113 -37.17 -17.45 -37.29
CA ARG D 113 -37.22 -16.10 -36.79
C ARG D 113 -35.80 -15.58 -36.92
N ILE D 114 -35.68 -14.34 -37.39
CA ILE D 114 -34.37 -13.76 -37.63
C ILE D 114 -34.16 -12.47 -36.84
N GLY D 115 -32.99 -12.37 -36.21
CA GLY D 115 -32.66 -11.18 -35.45
C GLY D 115 -31.29 -10.68 -35.89
N GLY D 116 -30.91 -9.52 -35.39
CA GLY D 116 -29.62 -8.99 -35.74
C GLY D 116 -29.00 -8.24 -34.59
N VAL D 117 -27.68 -8.36 -34.45
CA VAL D 117 -26.99 -7.61 -33.43
C VAL D 117 -26.10 -6.60 -34.14
N ARG D 118 -26.37 -5.33 -33.89
CA ARG D 118 -25.58 -4.29 -34.51
C ARG D 118 -24.33 -4.17 -33.64
N MET D 119 -23.19 -4.66 -34.15
CA MET D 119 -21.95 -4.59 -33.38
C MET D 119 -20.70 -4.27 -34.18
N LEU D 120 -20.80 -4.19 -35.50
CA LEU D 120 -19.63 -3.87 -36.32
C LEU D 120 -19.52 -2.37 -36.63
N ASP D 121 -20.60 -1.63 -36.39
CA ASP D 121 -20.62 -0.21 -36.69
C ASP D 121 -20.19 0.63 -35.50
N GLY D 122 -18.90 0.53 -35.17
CA GLY D 122 -18.33 1.25 -34.05
C GLY D 122 -17.03 0.56 -33.66
N GLU D 123 -16.51 0.85 -32.48
CA GLU D 123 -15.28 0.20 -32.05
C GLU D 123 -15.66 -1.24 -31.68
N VAL D 124 -15.07 -2.21 -32.37
CA VAL D 124 -15.38 -3.60 -32.09
C VAL D 124 -14.39 -4.14 -31.04
N THR D 125 -14.75 -3.96 -29.78
CA THR D 125 -13.92 -4.39 -28.67
C THR D 125 -14.24 -5.83 -28.26
N ASP D 126 -13.42 -6.35 -27.36
CA ASP D 126 -13.62 -7.68 -26.84
C ASP D 126 -14.99 -7.74 -26.14
N ALA D 127 -15.31 -6.70 -25.37
CA ALA D 127 -16.59 -6.62 -24.68
C ALA D 127 -17.75 -6.58 -25.67
N VAL D 128 -17.58 -5.82 -26.75
CA VAL D 128 -18.62 -5.74 -27.77
C VAL D 128 -18.88 -7.14 -28.36
N GLU D 129 -17.80 -7.85 -28.66
CA GLU D 129 -17.91 -9.19 -29.23
C GLU D 129 -18.59 -10.14 -28.24
N ALA D 130 -18.11 -10.13 -27.00
CA ALA D 130 -18.63 -11.02 -25.97
C ALA D 130 -20.13 -10.82 -25.74
N ARG D 131 -20.57 -9.56 -25.71
CA ARG D 131 -21.98 -9.31 -25.49
C ARG D 131 -22.82 -9.77 -26.67
N SER D 132 -22.24 -9.77 -27.86
CA SER D 132 -22.96 -10.20 -29.06
C SER D 132 -23.06 -11.72 -29.12
N LEU D 133 -21.94 -12.40 -28.94
CA LEU D 133 -21.90 -13.86 -28.96
C LEU D 133 -22.71 -14.44 -27.80
N GLY D 134 -22.82 -13.70 -26.71
CA GLY D 134 -23.57 -14.17 -25.56
C GLY D 134 -24.98 -13.60 -25.42
N LEU D 135 -25.50 -12.99 -26.48
CA LEU D 135 -26.84 -12.42 -26.39
C LEU D 135 -27.91 -13.50 -26.30
N ASN D 136 -28.78 -13.40 -25.30
CA ASN D 136 -29.90 -14.34 -25.12
C ASN D 136 -29.63 -15.79 -25.53
N PRO D 137 -28.61 -16.42 -24.93
CA PRO D 137 -28.23 -17.81 -25.23
C PRO D 137 -29.36 -18.83 -25.14
N ASN D 138 -30.40 -18.53 -24.37
CA ASN D 138 -31.49 -19.48 -24.25
C ASN D 138 -32.68 -19.18 -25.15
N HIS D 139 -32.56 -18.14 -25.96
CA HIS D 139 -33.62 -17.80 -26.90
C HIS D 139 -33.09 -18.02 -28.32
N ILE D 140 -31.90 -17.50 -28.59
CA ILE D 140 -31.27 -17.65 -29.91
C ILE D 140 -30.61 -19.02 -30.02
N HIS D 141 -30.84 -19.70 -31.14
CA HIS D 141 -30.25 -21.03 -31.33
C HIS D 141 -28.94 -20.98 -32.12
N ILE D 142 -28.94 -20.16 -33.17
CA ILE D 142 -27.80 -20.06 -34.07
C ILE D 142 -27.30 -18.64 -34.26
N TYR D 143 -25.99 -18.46 -34.17
CA TYR D 143 -25.36 -17.17 -34.38
C TYR D 143 -24.57 -17.27 -35.68
N SER D 144 -24.70 -16.27 -36.55
CA SER D 144 -23.98 -16.26 -37.82
C SER D 144 -23.08 -15.03 -37.84
N ALA D 145 -21.80 -15.24 -38.14
CA ALA D 145 -20.86 -14.14 -38.16
C ALA D 145 -20.04 -14.11 -39.45
N SER D 146 -20.29 -13.07 -40.26
CA SER D 146 -19.57 -12.89 -41.51
C SER D 146 -18.58 -11.75 -41.35
N TRP D 147 -17.68 -11.90 -40.38
CA TRP D 147 -16.65 -10.92 -40.08
C TRP D 147 -15.52 -11.59 -39.32
N GLY D 148 -14.41 -10.89 -39.17
CA GLY D 148 -13.29 -11.45 -38.44
C GLY D 148 -12.07 -10.58 -38.54
N PRO D 149 -10.90 -11.09 -38.14
CA PRO D 149 -9.65 -10.33 -38.19
C PRO D 149 -9.33 -9.99 -39.65
N GLU D 150 -8.53 -8.95 -39.84
CA GLU D 150 -8.14 -8.49 -41.16
C GLU D 150 -7.48 -9.60 -42.01
N ASP D 151 -7.82 -9.64 -43.29
CA ASP D 151 -7.28 -10.64 -44.20
C ASP D 151 -6.08 -10.15 -45.00
N ASP D 152 -5.12 -9.50 -44.35
CA ASP D 152 -3.97 -9.00 -45.08
C ASP D 152 -2.93 -10.08 -45.34
N GLY D 153 -3.14 -11.26 -44.77
CA GLY D 153 -2.20 -12.34 -44.98
C GLY D 153 -0.94 -12.23 -44.13
N LYS D 154 -0.99 -11.41 -43.09
CA LYS D 154 0.18 -11.29 -42.24
C LYS D 154 -0.21 -11.15 -40.78
N THR D 155 -1.50 -11.24 -40.49
CA THR D 155 -1.90 -11.13 -39.10
C THR D 155 -2.30 -12.50 -38.51
N VAL D 156 -2.08 -12.63 -37.21
CA VAL D 156 -2.46 -13.83 -36.47
C VAL D 156 -3.27 -13.19 -35.35
N ASP D 157 -4.57 -13.46 -35.34
CA ASP D 157 -5.45 -12.84 -34.35
C ASP D 157 -6.65 -13.74 -34.10
N GLY D 158 -7.30 -13.53 -32.96
CA GLY D 158 -8.47 -14.31 -32.59
C GLY D 158 -9.20 -13.62 -31.46
N PRO D 159 -10.21 -14.27 -30.88
CA PRO D 159 -10.98 -13.68 -29.78
C PRO D 159 -10.17 -13.39 -28.51
N ALA D 160 -10.44 -12.25 -27.89
CA ALA D 160 -9.79 -11.89 -26.64
C ALA D 160 -10.54 -12.69 -25.53
N ARG D 161 -10.14 -12.52 -24.28
CA ARG D 161 -10.73 -13.30 -23.18
C ARG D 161 -12.24 -13.33 -23.01
N LEU D 162 -12.91 -12.18 -23.04
CA LEU D 162 -14.37 -12.18 -22.88
C LEU D 162 -15.06 -12.91 -24.03
N ALA D 163 -14.60 -12.71 -25.25
CA ALA D 163 -15.21 -13.39 -26.40
C ALA D 163 -14.99 -14.89 -26.27
N GLU D 164 -13.81 -15.29 -25.80
CA GLU D 164 -13.52 -16.71 -25.60
C GLU D 164 -14.49 -17.28 -24.57
N GLU D 165 -14.66 -16.55 -23.48
CA GLU D 165 -15.56 -17.01 -22.43
C GLU D 165 -16.99 -17.09 -22.95
N ALA D 166 -17.36 -16.17 -23.85
CA ALA D 166 -18.70 -16.19 -24.42
C ALA D 166 -18.88 -17.46 -25.25
N PHE D 167 -17.88 -17.81 -26.05
CA PHE D 167 -17.93 -19.03 -26.85
C PHE D 167 -18.09 -20.24 -25.94
N PHE D 168 -17.25 -20.31 -24.90
CA PHE D 168 -17.29 -21.44 -23.99
C PHE D 168 -18.60 -21.55 -23.23
N ARG D 169 -19.10 -20.43 -22.72
CA ARG D 169 -20.38 -20.43 -22.02
C ARG D 169 -21.46 -20.84 -23.01
N GLY D 170 -21.33 -20.36 -24.25
CA GLY D 170 -22.31 -20.71 -25.28
C GLY D 170 -22.45 -22.18 -25.58
N VAL D 171 -21.35 -22.86 -25.94
CA VAL D 171 -21.45 -24.29 -26.23
C VAL D 171 -21.77 -25.13 -25.00
N SER D 172 -21.46 -24.60 -23.81
CA SER D 172 -21.70 -25.31 -22.55
C SER D 172 -23.11 -25.14 -22.01
N GLN D 173 -23.58 -23.90 -21.99
CA GLN D 173 -24.88 -23.60 -21.43
C GLN D 173 -25.96 -23.13 -22.39
N GLY D 174 -25.57 -22.60 -23.54
CA GLY D 174 -26.57 -22.14 -24.50
C GLY D 174 -27.57 -23.21 -24.88
N ARG D 175 -28.72 -22.79 -25.41
CA ARG D 175 -29.77 -23.71 -25.81
C ARG D 175 -30.03 -24.78 -24.76
N GLY D 176 -30.30 -24.34 -23.54
CA GLY D 176 -30.56 -25.28 -22.46
C GLY D 176 -29.50 -26.35 -22.25
N GLY D 177 -28.24 -26.03 -22.49
CA GLY D 177 -27.20 -27.02 -22.30
C GLY D 177 -26.79 -27.78 -23.55
N LEU D 178 -27.57 -27.66 -24.62
CA LEU D 178 -27.24 -28.35 -25.87
C LEU D 178 -26.09 -27.62 -26.57
N GLY D 179 -25.95 -26.32 -26.26
CA GLY D 179 -24.89 -25.51 -26.83
C GLY D 179 -25.23 -24.65 -28.02
N SER D 180 -24.92 -23.36 -27.94
CA SER D 180 -25.15 -22.42 -29.03
C SER D 180 -24.41 -22.89 -30.29
N ILE D 181 -25.00 -22.63 -31.46
CA ILE D 181 -24.36 -22.99 -32.73
C ILE D 181 -23.73 -21.72 -33.30
N PHE D 182 -22.41 -21.71 -33.44
CA PHE D 182 -21.72 -20.54 -34.00
C PHE D 182 -21.20 -20.85 -35.40
N VAL D 183 -21.77 -20.14 -36.39
CA VAL D 183 -21.38 -20.32 -37.78
C VAL D 183 -20.47 -19.17 -38.19
N TRP D 184 -19.30 -19.49 -38.74
CA TRP D 184 -18.34 -18.45 -39.12
C TRP D 184 -17.92 -18.48 -40.59
N ALA D 185 -17.76 -17.30 -41.18
CA ALA D 185 -17.28 -17.20 -42.56
C ALA D 185 -15.75 -17.40 -42.47
N SER D 186 -15.19 -18.29 -43.29
CA SER D 186 -13.74 -18.56 -43.20
C SER D 186 -12.77 -17.42 -43.61
N GLY D 187 -13.24 -16.45 -44.41
CA GLY D 187 -12.36 -15.35 -44.78
C GLY D 187 -12.24 -14.97 -46.25
N ASN D 188 -11.88 -13.71 -46.51
CA ASN D 188 -11.72 -13.21 -47.89
C ASN D 188 -10.25 -12.94 -48.25
N GLY D 189 -9.30 -13.54 -47.53
CA GLY D 189 -7.90 -13.27 -47.80
C GLY D 189 -7.20 -14.04 -48.91
N GLY D 190 -7.96 -14.72 -49.77
CA GLY D 190 -7.35 -15.48 -50.86
C GLY D 190 -6.29 -14.77 -51.70
N ARG D 191 -6.56 -13.53 -52.08
CA ARG D 191 -5.60 -12.81 -52.90
C ARG D 191 -4.31 -12.50 -52.14
N GLU D 192 -4.41 -12.41 -50.82
CA GLU D 192 -3.24 -12.12 -49.98
C GLU D 192 -2.59 -13.39 -49.47
N HIS D 193 -3.06 -14.54 -49.97
CA HIS D 193 -2.53 -15.83 -49.56
C HIS D 193 -2.71 -16.07 -48.08
N ASP D 194 -3.81 -15.57 -47.54
CA ASP D 194 -4.08 -15.72 -46.12
C ASP D 194 -4.46 -17.17 -45.78
N SER D 195 -4.28 -17.54 -44.52
CA SER D 195 -4.63 -18.88 -44.04
C SER D 195 -5.68 -18.73 -42.94
N CYS D 196 -6.79 -19.44 -43.05
CA CYS D 196 -7.80 -19.30 -42.03
C CYS D 196 -7.44 -19.95 -40.70
N ASN D 197 -6.26 -20.56 -40.62
CA ASN D 197 -5.82 -21.13 -39.36
C ASN D 197 -5.13 -20.07 -38.51
N CYS D 198 -4.90 -18.89 -39.12
CA CYS D 198 -4.29 -17.77 -38.41
C CYS D 198 -5.40 -16.84 -37.90
N ASP D 199 -6.62 -17.35 -37.93
CA ASP D 199 -7.80 -16.62 -37.49
C ASP D 199 -8.36 -17.47 -36.35
N GLY D 200 -8.33 -16.92 -35.13
CA GLY D 200 -8.80 -17.67 -33.98
C GLY D 200 -10.30 -17.94 -33.89
N TYR D 201 -11.10 -17.22 -34.69
CA TYR D 201 -12.54 -17.43 -34.67
C TYR D 201 -12.89 -18.65 -35.53
N THR D 202 -12.35 -18.71 -36.73
CA THR D 202 -12.60 -19.82 -37.62
C THR D 202 -11.91 -21.08 -37.11
N ASN D 203 -10.71 -20.89 -36.57
CA ASN D 203 -9.87 -21.96 -36.05
C ASN D 203 -10.42 -22.62 -34.78
N SER D 204 -11.35 -21.96 -34.12
CA SER D 204 -11.94 -22.48 -32.90
C SER D 204 -12.78 -23.75 -33.14
N ILE D 205 -12.76 -24.67 -32.18
CA ILE D 205 -13.56 -25.88 -32.35
C ILE D 205 -15.05 -25.54 -32.09
N TYR D 206 -15.29 -24.41 -31.43
CA TYR D 206 -16.67 -24.00 -31.11
C TYR D 206 -17.45 -23.42 -32.29
N THR D 207 -16.76 -23.10 -33.38
CA THR D 207 -17.43 -22.53 -34.54
C THR D 207 -17.39 -23.47 -35.74
N LEU D 208 -18.44 -23.42 -36.57
CA LEU D 208 -18.43 -24.22 -37.79
C LEU D 208 -17.93 -23.24 -38.85
N SER D 209 -16.68 -23.38 -39.26
CA SER D 209 -16.09 -22.48 -40.25
C SER D 209 -16.51 -22.94 -41.65
N ILE D 210 -17.11 -22.03 -42.41
CA ILE D 210 -17.63 -22.30 -43.75
C ILE D 210 -16.91 -21.57 -44.89
N SER D 211 -16.48 -22.33 -45.90
CA SER D 211 -15.81 -21.74 -47.06
C SER D 211 -16.78 -21.59 -48.25
N SER D 212 -16.27 -21.13 -49.37
CA SER D 212 -17.10 -20.87 -50.55
C SER D 212 -16.70 -21.61 -51.82
N ALA D 213 -17.67 -21.76 -52.72
CA ALA D 213 -17.46 -22.40 -54.02
C ALA D 213 -18.18 -21.52 -55.06
N THR D 214 -17.61 -21.41 -56.26
CA THR D 214 -18.25 -20.60 -57.30
C THR D 214 -19.32 -21.44 -57.97
N GLN D 215 -20.19 -20.81 -58.73
CA GLN D 215 -21.25 -21.54 -59.39
C GLN D 215 -20.73 -22.72 -60.23
N PHE D 216 -19.61 -22.53 -60.93
CA PHE D 216 -19.07 -23.62 -61.75
C PHE D 216 -18.28 -24.64 -60.93
N GLY D 217 -18.32 -24.50 -59.61
CA GLY D 217 -17.62 -25.46 -58.76
C GLY D 217 -16.15 -25.24 -58.54
N ASN D 218 -15.69 -24.00 -58.60
CA ASN D 218 -14.27 -23.71 -58.38
C ASN D 218 -13.97 -22.97 -57.09
N VAL D 219 -12.70 -22.92 -56.73
CA VAL D 219 -12.26 -22.22 -55.53
C VAL D 219 -12.21 -20.74 -55.89
N PRO D 220 -13.06 -19.93 -55.24
CA PRO D 220 -13.10 -18.49 -55.52
C PRO D 220 -11.78 -17.79 -55.25
N TRP D 221 -11.55 -16.67 -55.93
CA TRP D 221 -10.32 -15.89 -55.77
C TRP D 221 -10.09 -15.44 -54.33
N TYR D 222 -11.17 -15.16 -53.61
CA TYR D 222 -11.05 -14.67 -52.23
C TYR D 222 -10.90 -15.77 -51.18
N SER D 223 -11.07 -17.02 -51.59
CA SER D 223 -11.01 -18.15 -50.66
C SER D 223 -9.70 -18.37 -49.92
N GLU D 224 -9.79 -18.68 -48.63
CA GLU D 224 -8.60 -18.99 -47.82
C GLU D 224 -8.62 -20.48 -47.54
N ALA D 225 -7.49 -21.14 -47.68
CA ALA D 225 -7.40 -22.56 -47.40
C ALA D 225 -6.82 -22.79 -46.01
N CYS D 226 -7.28 -23.84 -45.35
CA CYS D 226 -6.78 -24.20 -44.03
C CYS D 226 -7.50 -25.49 -43.61
N SER D 227 -6.91 -26.19 -42.64
CA SER D 227 -7.47 -27.45 -42.15
C SER D 227 -8.60 -27.28 -41.15
N SER D 228 -8.86 -26.07 -40.66
CA SER D 228 -9.93 -25.88 -39.68
C SER D 228 -11.32 -25.73 -40.29
N THR D 229 -11.37 -25.48 -41.59
CA THR D 229 -12.65 -25.33 -42.27
C THR D 229 -13.42 -26.65 -42.24
N LEU D 230 -14.72 -26.59 -42.02
CA LEU D 230 -15.54 -27.78 -41.92
C LEU D 230 -16.30 -28.15 -43.20
N ALA D 231 -16.93 -27.16 -43.83
CA ALA D 231 -17.70 -27.41 -45.04
C ALA D 231 -17.81 -26.17 -45.93
N THR D 232 -18.58 -26.29 -47.01
CA THR D 232 -18.70 -25.21 -47.99
C THR D 232 -20.13 -24.94 -48.45
N THR D 233 -20.38 -23.69 -48.86
CA THR D 233 -21.68 -23.33 -49.43
C THR D 233 -21.31 -22.43 -50.61
N TYR D 234 -22.21 -22.32 -51.57
CA TYR D 234 -21.96 -21.50 -52.75
C TYR D 234 -21.90 -20.02 -52.46
N SER D 235 -21.15 -19.30 -53.29
CA SER D 235 -21.04 -17.85 -53.22
C SER D 235 -20.68 -17.33 -54.61
N SER D 236 -20.04 -16.17 -54.68
CA SER D 236 -19.70 -15.57 -55.97
C SER D 236 -18.37 -16.06 -56.56
N GLY D 237 -18.19 -15.80 -57.85
CA GLY D 237 -16.97 -16.19 -58.54
C GLY D 237 -16.62 -15.13 -59.57
N ASN D 238 -16.45 -15.54 -60.83
CA ASN D 238 -16.13 -14.57 -61.89
C ASN D 238 -17.41 -13.92 -62.41
N GLN D 239 -17.30 -13.02 -63.38
CA GLN D 239 -18.48 -12.33 -63.86
C GLN D 239 -19.41 -13.14 -64.77
N ASN D 240 -19.04 -14.36 -65.10
CA ASN D 240 -19.91 -15.22 -65.91
C ASN D 240 -20.71 -16.11 -64.95
N GLU D 241 -20.33 -16.11 -63.68
CA GLU D 241 -21.00 -16.91 -62.67
C GLU D 241 -21.98 -16.06 -61.86
N LYS D 242 -23.12 -16.64 -61.52
CA LYS D 242 -24.14 -15.91 -60.76
C LYS D 242 -23.71 -15.69 -59.32
N GLN D 243 -24.40 -14.77 -58.64
CA GLN D 243 -24.05 -14.47 -57.25
C GLN D 243 -25.23 -14.72 -56.31
N ILE D 244 -25.17 -14.18 -55.10
CA ILE D 244 -26.24 -14.40 -54.15
C ILE D 244 -27.31 -13.31 -54.19
N VAL D 245 -28.56 -13.77 -54.20
CA VAL D 245 -29.72 -12.90 -54.25
C VAL D 245 -30.30 -12.78 -52.86
N THR D 246 -30.42 -11.55 -52.36
CA THR D 246 -30.91 -11.34 -51.02
C THR D 246 -31.44 -9.93 -50.79
N THR D 247 -31.91 -9.67 -49.57
CA THR D 247 -32.45 -8.37 -49.17
C THR D 247 -31.33 -7.33 -49.04
N ASP D 248 -31.55 -6.12 -49.53
CA ASP D 248 -30.53 -5.07 -49.45
C ASP D 248 -31.07 -3.87 -48.69
N LEU D 249 -30.16 -3.04 -48.18
CA LEU D 249 -30.52 -1.83 -47.44
C LEU D 249 -31.51 -0.97 -48.23
N ARG D 250 -32.28 -0.16 -47.51
CA ARG D 250 -33.26 0.72 -48.12
C ARG D 250 -34.38 -0.05 -48.81
N GLN D 251 -34.77 -1.16 -48.21
CA GLN D 251 -35.85 -2.00 -48.70
C GLN D 251 -35.67 -2.49 -50.13
N LYS D 252 -34.44 -2.72 -50.55
CA LYS D 252 -34.18 -3.18 -51.91
C LYS D 252 -33.84 -4.66 -51.99
N CYS D 253 -33.66 -5.14 -53.21
CA CYS D 253 -33.30 -6.55 -53.45
C CYS D 253 -32.00 -6.50 -54.24
N THR D 254 -31.03 -7.34 -53.88
CA THR D 254 -29.77 -7.34 -54.60
C THR D 254 -29.45 -8.73 -55.13
N GLU D 255 -28.81 -8.77 -56.29
CA GLU D 255 -28.44 -10.05 -56.87
C GLU D 255 -26.94 -10.13 -56.87
N SER D 256 -26.30 -9.24 -56.11
CA SER D 256 -24.86 -9.22 -56.08
C SER D 256 -24.21 -9.24 -54.69
N HIS D 257 -24.71 -10.12 -53.81
CA HIS D 257 -24.10 -10.27 -52.49
C HIS D 257 -22.96 -11.25 -52.80
N THR D 258 -21.76 -10.94 -52.32
CA THR D 258 -20.59 -11.76 -52.67
C THR D 258 -19.64 -12.14 -51.55
N GLY D 259 -18.58 -12.87 -51.94
CA GLY D 259 -17.54 -13.28 -51.02
C GLY D 259 -17.88 -14.26 -49.93
N THR D 260 -16.93 -14.41 -49.01
CA THR D 260 -17.10 -15.33 -47.89
C THR D 260 -18.32 -14.95 -47.06
N SER D 261 -18.68 -13.67 -47.07
CA SER D 261 -19.84 -13.18 -46.29
C SER D 261 -21.14 -13.90 -46.61
N ALA D 262 -21.29 -14.30 -47.87
CA ALA D 262 -22.53 -14.95 -48.31
C ALA D 262 -22.63 -16.43 -47.98
N SER D 263 -21.50 -17.08 -47.70
CA SER D 263 -21.52 -18.50 -47.41
C SER D 263 -21.99 -18.89 -46.02
N ALA D 264 -21.49 -18.23 -44.99
CA ALA D 264 -21.88 -18.56 -43.63
C ALA D 264 -23.39 -18.50 -43.40
N PRO D 265 -24.06 -17.43 -43.86
CA PRO D 265 -25.51 -17.32 -43.67
C PRO D 265 -26.28 -18.48 -44.29
N LEU D 266 -25.85 -18.95 -45.46
CA LEU D 266 -26.54 -20.07 -46.11
C LEU D 266 -26.37 -21.32 -45.23
N ALA D 267 -25.19 -21.46 -44.65
CA ALA D 267 -24.93 -22.60 -43.76
C ALA D 267 -25.81 -22.44 -42.50
N ALA D 268 -25.92 -21.22 -41.98
CA ALA D 268 -26.75 -21.00 -40.79
C ALA D 268 -28.19 -21.39 -41.08
N GLY D 269 -28.65 -21.07 -42.30
CA GLY D 269 -30.01 -21.41 -42.66
C GLY D 269 -30.22 -22.92 -42.73
N ILE D 270 -29.28 -23.62 -43.36
CA ILE D 270 -29.37 -25.07 -43.48
C ILE D 270 -29.37 -25.71 -42.08
N ILE D 271 -28.55 -25.16 -41.20
CA ILE D 271 -28.48 -25.66 -39.84
C ILE D 271 -29.79 -25.42 -39.11
N ALA D 272 -30.48 -24.33 -39.44
CA ALA D 272 -31.76 -24.01 -38.83
C ALA D 272 -32.78 -25.09 -39.23
N LEU D 273 -32.76 -25.49 -40.50
CA LEU D 273 -33.68 -26.52 -40.97
C LEU D 273 -33.36 -27.82 -40.24
N THR D 274 -32.08 -28.07 -40.00
CA THR D 274 -31.65 -29.28 -39.32
C THR D 274 -32.14 -29.31 -37.87
N LEU D 275 -32.05 -28.19 -37.18
CA LEU D 275 -32.51 -28.11 -35.79
C LEU D 275 -34.01 -28.34 -35.73
N GLU D 276 -34.75 -27.86 -36.73
CA GLU D 276 -36.19 -28.07 -36.73
C GLU D 276 -36.43 -29.58 -36.85
N ALA D 277 -35.63 -30.25 -37.67
CA ALA D 277 -35.77 -31.68 -37.87
C ALA D 277 -35.45 -32.44 -36.58
N ASN D 278 -34.58 -31.87 -35.74
CA ASN D 278 -34.22 -32.51 -34.47
C ASN D 278 -33.70 -31.44 -33.52
N LYS D 279 -34.59 -30.91 -32.69
CA LYS D 279 -34.24 -29.87 -31.75
C LYS D 279 -33.32 -30.30 -30.61
N ASN D 280 -33.06 -31.60 -30.50
CA ASN D 280 -32.21 -32.10 -29.42
C ASN D 280 -30.74 -32.27 -29.79
N LEU D 281 -30.36 -31.85 -31.00
CA LEU D 281 -28.97 -31.95 -31.44
C LEU D 281 -28.09 -31.01 -30.62
N THR D 282 -26.93 -31.48 -30.18
CA THR D 282 -26.01 -30.64 -29.43
C THR D 282 -25.10 -29.92 -30.42
N TRP D 283 -24.28 -28.99 -29.93
CA TRP D 283 -23.36 -28.29 -30.83
C TRP D 283 -22.41 -29.29 -31.52
N ARG D 284 -22.03 -30.36 -30.82
CA ARG D 284 -21.15 -31.36 -31.43
C ARG D 284 -21.92 -32.25 -32.41
N ASP D 285 -23.16 -32.59 -32.10
CA ASP D 285 -23.96 -33.41 -33.02
C ASP D 285 -24.01 -32.71 -34.37
N MET D 286 -24.25 -31.40 -34.34
CA MET D 286 -24.36 -30.62 -35.57
C MET D 286 -23.11 -30.73 -36.43
N GLN D 287 -21.93 -30.68 -35.82
CA GLN D 287 -20.71 -30.78 -36.59
C GLN D 287 -20.59 -32.20 -37.18
N HIS D 288 -21.03 -33.21 -36.42
CA HIS D 288 -20.97 -34.59 -36.92
C HIS D 288 -21.83 -34.71 -38.18
N LEU D 289 -23.04 -34.14 -38.12
CA LEU D 289 -23.95 -34.20 -39.25
C LEU D 289 -23.33 -33.57 -40.51
N VAL D 290 -22.68 -32.41 -40.33
CA VAL D 290 -22.05 -31.71 -41.44
C VAL D 290 -20.96 -32.57 -42.06
N VAL D 291 -20.13 -33.17 -41.22
CA VAL D 291 -19.05 -34.02 -41.69
C VAL D 291 -19.58 -35.20 -42.49
N GLN D 292 -20.62 -35.82 -41.95
CA GLN D 292 -21.19 -36.99 -42.59
C GLN D 292 -21.97 -36.76 -43.87
N THR D 293 -22.68 -35.64 -43.96
CA THR D 293 -23.49 -35.39 -45.14
C THR D 293 -22.94 -34.48 -46.22
N SER D 294 -21.84 -33.78 -45.96
CA SER D 294 -21.31 -32.87 -46.96
C SER D 294 -20.72 -33.60 -48.18
N LYS D 295 -20.98 -33.04 -49.35
CA LYS D 295 -20.57 -33.63 -50.62
C LYS D 295 -19.43 -32.95 -51.36
N PRO D 296 -18.39 -33.73 -51.71
CA PRO D 296 -17.25 -33.18 -52.45
C PRO D 296 -17.61 -33.06 -53.92
N ALA D 297 -18.24 -34.12 -54.43
CA ALA D 297 -18.61 -34.20 -55.84
C ALA D 297 -19.11 -32.88 -56.40
N HIS D 298 -18.56 -32.54 -57.57
CA HIS D 298 -18.89 -31.31 -58.29
C HIS D 298 -17.98 -30.15 -57.94
N LEU D 299 -17.17 -30.31 -56.89
CA LEU D 299 -16.25 -29.26 -56.47
C LEU D 299 -14.83 -29.55 -56.93
N ASN D 300 -14.21 -28.60 -57.61
CA ASN D 300 -12.84 -28.79 -58.10
C ASN D 300 -11.81 -28.21 -57.14
N ALA D 301 -10.76 -28.97 -56.89
CA ALA D 301 -9.68 -28.56 -56.01
C ALA D 301 -8.50 -29.47 -56.32
N ASN D 302 -7.29 -28.96 -56.14
CA ASN D 302 -6.12 -29.75 -56.43
C ASN D 302 -5.64 -30.54 -55.21
N ASP D 303 -6.34 -30.45 -54.09
CA ASP D 303 -5.88 -31.15 -52.90
C ASP D 303 -6.88 -32.12 -52.27
N TRP D 304 -7.86 -32.57 -53.04
CA TRP D 304 -8.82 -33.53 -52.47
C TRP D 304 -8.01 -34.75 -52.03
N ALA D 305 -8.24 -35.22 -50.81
CA ALA D 305 -7.52 -36.39 -50.31
C ALA D 305 -8.46 -37.19 -49.44
N THR D 306 -8.30 -38.50 -49.46
CA THR D 306 -9.14 -39.39 -48.67
C THR D 306 -8.51 -39.58 -47.30
N ASN D 307 -9.28 -39.35 -46.23
CA ASN D 307 -8.72 -39.52 -44.90
C ASN D 307 -8.83 -40.96 -44.40
N GLY D 308 -8.42 -41.17 -43.15
CA GLY D 308 -8.43 -42.49 -42.56
C GLY D 308 -9.74 -43.24 -42.53
N VAL D 309 -10.85 -42.53 -42.67
CA VAL D 309 -12.14 -43.20 -42.65
C VAL D 309 -12.84 -43.18 -43.99
N GLY D 310 -12.08 -42.92 -45.05
CA GLY D 310 -12.67 -42.93 -46.38
C GLY D 310 -13.41 -41.70 -46.86
N ARG D 311 -13.27 -40.58 -46.18
CA ARG D 311 -13.96 -39.39 -46.62
C ARG D 311 -12.99 -38.45 -47.33
N LYS D 312 -13.48 -37.78 -48.38
CA LYS D 312 -12.66 -36.84 -49.12
C LYS D 312 -12.65 -35.50 -48.40
N VAL D 313 -11.48 -34.88 -48.29
CA VAL D 313 -11.35 -33.60 -47.63
C VAL D 313 -10.39 -32.70 -48.41
N SER D 314 -10.69 -31.40 -48.43
CA SER D 314 -9.85 -30.40 -49.08
C SER D 314 -9.67 -29.22 -48.14
N HIS D 315 -8.52 -28.56 -48.21
CA HIS D 315 -8.29 -27.41 -47.35
C HIS D 315 -9.07 -26.20 -47.84
N SER D 316 -9.62 -26.29 -49.05
CA SER D 316 -10.41 -25.19 -49.60
C SER D 316 -11.88 -25.35 -49.29
N TYR D 317 -12.29 -26.60 -49.08
CA TYR D 317 -13.71 -26.90 -48.88
C TYR D 317 -14.10 -27.71 -47.65
N GLY D 318 -13.14 -28.21 -46.88
CA GLY D 318 -13.51 -29.03 -45.75
C GLY D 318 -14.05 -30.33 -46.32
N TYR D 319 -15.20 -30.78 -45.84
CA TYR D 319 -15.78 -32.02 -46.35
C TYR D 319 -16.63 -31.84 -47.60
N GLY D 320 -16.70 -30.61 -48.09
CA GLY D 320 -17.48 -30.36 -49.29
C GLY D 320 -18.70 -29.47 -49.11
N LEU D 321 -19.55 -29.53 -50.11
CA LEU D 321 -20.78 -28.73 -50.15
C LEU D 321 -21.83 -29.26 -49.19
N LEU D 322 -22.48 -28.36 -48.45
CA LEU D 322 -23.55 -28.77 -47.54
C LEU D 322 -24.71 -29.31 -48.39
N ASP D 323 -25.41 -30.29 -47.83
CA ASP D 323 -26.54 -30.93 -48.49
C ASP D 323 -27.70 -30.85 -47.50
N ALA D 324 -28.58 -29.85 -47.67
CA ALA D 324 -29.70 -29.67 -46.76
C ALA D 324 -30.62 -30.89 -46.65
N GLY D 325 -30.96 -31.49 -47.79
CA GLY D 325 -31.83 -32.65 -47.75
C GLY D 325 -31.21 -33.76 -46.92
N ALA D 326 -29.93 -34.02 -47.13
CA ALA D 326 -29.23 -35.07 -46.40
C ALA D 326 -29.11 -34.72 -44.91
N MET D 327 -28.88 -33.44 -44.62
CA MET D 327 -28.75 -32.95 -43.25
C MET D 327 -30.01 -33.20 -42.44
N VAL D 328 -31.17 -32.78 -42.95
CA VAL D 328 -32.41 -32.98 -42.23
C VAL D 328 -32.81 -34.45 -42.15
N ALA D 329 -32.44 -35.23 -43.17
CA ALA D 329 -32.78 -36.64 -43.17
C ALA D 329 -32.00 -37.35 -42.07
N LEU D 330 -30.70 -37.16 -42.03
CA LEU D 330 -29.87 -37.79 -41.01
C LEU D 330 -30.19 -37.30 -39.60
N ALA D 331 -30.57 -36.04 -39.47
CA ALA D 331 -30.88 -35.47 -38.16
C ALA D 331 -32.01 -36.20 -37.44
N GLN D 332 -33.04 -36.57 -38.19
CA GLN D 332 -34.19 -37.22 -37.62
C GLN D 332 -33.92 -38.49 -36.83
N ASN D 333 -33.00 -39.32 -37.34
CA ASN D 333 -32.66 -40.56 -36.65
C ASN D 333 -31.37 -40.49 -35.83
N TRP D 334 -30.78 -39.30 -35.72
CA TRP D 334 -29.50 -39.14 -35.01
C TRP D 334 -29.52 -39.41 -33.52
N THR D 335 -28.55 -40.21 -33.07
CA THR D 335 -28.36 -40.54 -31.66
C THR D 335 -27.28 -39.61 -31.10
N THR D 336 -27.62 -38.83 -30.07
CA THR D 336 -26.67 -37.89 -29.48
C THR D 336 -25.34 -38.56 -29.17
N VAL D 337 -24.25 -37.91 -29.59
CA VAL D 337 -22.93 -38.45 -29.37
C VAL D 337 -22.57 -38.48 -27.89
N ALA D 338 -21.63 -39.37 -27.53
CA ALA D 338 -21.18 -39.51 -26.16
C ALA D 338 -20.50 -38.23 -25.69
N PRO D 339 -20.32 -38.07 -24.37
CA PRO D 339 -19.67 -36.88 -23.79
C PRO D 339 -18.30 -36.66 -24.42
N GLN D 340 -17.95 -35.39 -24.59
CA GLN D 340 -16.68 -35.03 -25.19
C GLN D 340 -15.50 -35.28 -24.26
N ARG D 341 -14.49 -35.98 -24.76
CA ARG D 341 -13.30 -36.24 -23.97
C ARG D 341 -12.19 -35.38 -24.56
N LYS D 342 -11.17 -35.12 -23.75
CA LYS D 342 -10.06 -34.29 -24.17
C LYS D 342 -8.77 -34.91 -23.68
N CYS D 343 -7.91 -35.29 -24.62
CA CYS D 343 -6.63 -35.92 -24.27
C CYS D 343 -5.50 -34.98 -24.65
N ILE D 344 -4.75 -34.54 -23.64
CA ILE D 344 -3.63 -33.62 -23.84
C ILE D 344 -2.31 -34.38 -23.83
N ILE D 345 -1.51 -34.18 -24.87
CA ILE D 345 -0.22 -34.85 -25.00
C ILE D 345 0.88 -33.86 -25.36
N ASP D 346 1.73 -33.53 -24.39
CA ASP D 346 2.82 -32.60 -24.65
C ASP D 346 3.91 -33.44 -25.31
N ILE D 347 4.30 -33.08 -26.52
CA ILE D 347 5.28 -33.84 -27.29
C ILE D 347 6.78 -33.62 -27.09
N LEU D 348 7.24 -32.39 -27.05
CA LEU D 348 8.68 -32.14 -26.89
C LEU D 348 9.29 -32.34 -25.51
N THR D 349 10.49 -32.91 -25.50
CA THR D 349 11.23 -33.13 -24.26
C THR D 349 12.40 -32.14 -24.25
N GLU D 350 12.54 -31.42 -25.36
CA GLU D 350 13.60 -30.41 -25.51
C GLU D 350 13.30 -29.56 -26.75
N PRO D 351 13.81 -28.32 -26.75
CA PRO D 351 13.58 -27.42 -27.88
C PRO D 351 14.15 -28.05 -29.15
N LYS D 352 13.60 -27.69 -30.30
CA LYS D 352 14.07 -28.22 -31.58
C LYS D 352 14.41 -27.09 -32.55
N ASP D 353 15.60 -27.15 -33.12
CA ASP D 353 16.03 -26.15 -34.10
C ASP D 353 15.24 -26.43 -35.38
N ILE D 354 14.72 -25.39 -36.00
CA ILE D 354 13.92 -25.58 -37.19
C ILE D 354 14.78 -25.69 -38.45
N GLY D 355 15.63 -24.69 -38.68
CA GLY D 355 16.48 -24.73 -39.85
C GLY D 355 15.68 -24.74 -41.13
N LYS D 356 16.08 -25.61 -42.06
CA LYS D 356 15.40 -25.71 -43.35
C LYS D 356 14.19 -26.62 -43.25
N ARG D 357 14.27 -27.60 -42.37
CA ARG D 357 13.17 -28.54 -42.19
C ARG D 357 13.27 -29.28 -40.87
N LEU D 358 12.13 -29.45 -40.21
CA LEU D 358 12.09 -30.15 -38.94
C LEU D 358 10.96 -31.15 -38.97
N GLU D 359 11.21 -32.32 -38.43
CA GLU D 359 10.20 -33.36 -38.40
C GLU D 359 10.17 -33.93 -36.99
N VAL D 360 8.98 -33.97 -36.40
CA VAL D 360 8.83 -34.48 -35.04
C VAL D 360 7.86 -35.64 -35.08
N ARG D 361 8.31 -36.80 -34.62
CA ARG D 361 7.48 -37.99 -34.60
C ARG D 361 7.19 -38.38 -33.18
N LYS D 362 6.00 -38.92 -32.95
CA LYS D 362 5.63 -39.34 -31.61
C LYS D 362 4.49 -40.33 -31.66
N THR D 363 4.68 -41.46 -31.01
CA THR D 363 3.64 -42.47 -30.98
C THR D 363 2.87 -42.20 -29.71
N VAL D 364 1.56 -42.06 -29.82
CA VAL D 364 0.72 -41.77 -28.67
C VAL D 364 -0.31 -42.88 -28.45
N THR D 365 -0.82 -42.94 -27.23
CA THR D 365 -1.81 -43.95 -26.89
C THR D 365 -3.19 -43.32 -26.79
N ALA D 366 -3.25 -42.00 -26.95
CA ALA D 366 -4.51 -41.27 -26.88
C ALA D 366 -5.23 -41.48 -25.54
N CYS D 367 -4.45 -41.44 -24.47
CA CYS D 367 -4.98 -41.61 -23.11
C CYS D 367 -5.61 -42.97 -22.83
N LEU D 368 -5.05 -44.00 -23.44
CA LEU D 368 -5.53 -45.37 -23.25
C LEU D 368 -5.52 -45.70 -21.75
N GLY D 369 -6.58 -46.35 -21.28
CA GLY D 369 -6.65 -46.71 -19.88
C GLY D 369 -7.09 -45.58 -18.95
N GLU D 370 -7.29 -44.39 -19.49
CA GLU D 370 -7.73 -43.26 -18.70
C GLU D 370 -9.15 -42.86 -19.07
N PRO D 371 -9.78 -42.01 -18.24
CA PRO D 371 -11.16 -41.55 -18.49
C PRO D 371 -11.34 -40.82 -19.82
N ASN D 372 -10.27 -40.18 -20.28
CA ASN D 372 -10.33 -39.44 -21.54
C ASN D 372 -9.74 -40.16 -22.75
N HIS D 373 -9.74 -41.49 -22.69
CA HIS D 373 -9.24 -42.32 -23.77
C HIS D 373 -10.10 -42.01 -25.00
N ILE D 374 -9.45 -41.73 -26.14
CA ILE D 374 -10.20 -41.42 -27.35
C ILE D 374 -9.90 -42.40 -28.49
N THR D 375 -10.94 -43.03 -29.03
CA THR D 375 -10.77 -43.95 -30.15
C THR D 375 -11.43 -43.39 -31.41
N ARG D 376 -12.29 -42.40 -31.22
CA ARG D 376 -13.00 -41.77 -32.34
C ARG D 376 -12.75 -40.26 -32.21
N LEU D 377 -11.81 -39.76 -32.99
CA LEU D 377 -11.44 -38.35 -32.95
C LEU D 377 -12.48 -37.38 -33.52
N GLU D 378 -12.48 -36.16 -32.98
CA GLU D 378 -13.34 -35.11 -33.49
C GLU D 378 -12.32 -34.06 -33.93
N HIS D 379 -12.18 -32.96 -33.21
CA HIS D 379 -11.18 -31.96 -33.58
C HIS D 379 -9.82 -32.35 -32.99
N ALA D 380 -8.74 -31.85 -33.60
CA ALA D 380 -7.39 -32.05 -33.05
C ALA D 380 -6.68 -30.71 -33.17
N GLN D 381 -5.93 -30.34 -32.14
CA GLN D 381 -5.17 -29.10 -32.17
C GLN D 381 -3.70 -29.42 -31.97
N ALA D 382 -2.84 -28.64 -32.60
CA ALA D 382 -1.41 -28.76 -32.46
C ALA D 382 -1.06 -27.38 -31.93
N ARG D 383 -0.86 -27.29 -30.62
CA ARG D 383 -0.53 -26.00 -29.99
C ARG D 383 0.96 -25.81 -30.11
N LEU D 384 1.36 -24.85 -30.93
CA LEU D 384 2.77 -24.61 -31.14
C LEU D 384 3.30 -23.29 -30.61
N THR D 385 4.52 -23.34 -30.11
CA THR D 385 5.21 -22.16 -29.64
C THR D 385 6.57 -22.22 -30.32
N LEU D 386 6.87 -21.24 -31.14
CA LEU D 386 8.14 -21.25 -31.86
C LEU D 386 8.59 -19.85 -32.23
N SER D 387 9.90 -19.72 -32.45
CA SER D 387 10.46 -18.46 -32.86
C SER D 387 10.97 -18.66 -34.28
N TYR D 388 10.93 -17.62 -35.10
CA TYR D 388 11.40 -17.71 -36.47
C TYR D 388 11.63 -16.30 -36.94
N ASN D 389 12.56 -16.12 -37.88
CA ASN D 389 12.86 -14.78 -38.36
C ASN D 389 11.86 -14.22 -39.37
N ARG D 390 11.27 -15.10 -40.18
CA ARG D 390 10.28 -14.66 -41.17
C ARG D 390 9.14 -15.67 -41.21
N ARG D 391 8.14 -15.43 -40.36
CA ARG D 391 7.01 -16.33 -40.20
C ARG D 391 6.33 -16.85 -41.47
N GLY D 392 6.08 -15.98 -42.43
CA GLY D 392 5.42 -16.38 -43.66
C GLY D 392 6.14 -17.40 -44.53
N ASP D 393 7.41 -17.67 -44.26
CA ASP D 393 8.14 -18.63 -45.05
C ASP D 393 7.90 -20.06 -44.58
N LEU D 394 7.27 -20.18 -43.41
CA LEU D 394 6.98 -21.49 -42.85
C LEU D 394 5.73 -22.15 -43.42
N ALA D 395 5.78 -23.47 -43.48
CA ALA D 395 4.65 -24.30 -43.91
C ALA D 395 4.69 -25.39 -42.84
N ILE D 396 3.55 -25.69 -42.24
CA ILE D 396 3.48 -26.68 -41.19
C ILE D 396 2.43 -27.72 -41.50
N HIS D 397 2.80 -28.99 -41.38
CA HIS D 397 1.88 -30.09 -41.67
C HIS D 397 1.82 -31.04 -40.49
N LEU D 398 0.68 -31.69 -40.33
CA LEU D 398 0.48 -32.65 -39.26
C LEU D 398 -0.09 -33.92 -39.89
N VAL D 399 0.57 -35.06 -39.67
CA VAL D 399 0.08 -36.31 -40.24
C VAL D 399 -0.45 -37.22 -39.17
N SER D 400 -1.69 -37.68 -39.31
CA SER D 400 -2.28 -38.55 -38.32
C SER D 400 -1.79 -39.99 -38.49
N PRO D 401 -1.92 -40.82 -37.44
CA PRO D 401 -1.47 -42.20 -37.53
C PRO D 401 -2.05 -42.90 -38.76
N MET D 402 -3.28 -42.54 -39.13
CA MET D 402 -3.90 -43.16 -40.28
C MET D 402 -3.48 -42.54 -41.62
N GLY D 403 -2.44 -41.72 -41.58
CA GLY D 403 -1.93 -41.11 -42.79
C GLY D 403 -2.57 -39.85 -43.35
N THR D 404 -3.46 -39.22 -42.59
CA THR D 404 -4.11 -38.01 -43.07
C THR D 404 -3.20 -36.79 -42.84
N ARG D 405 -2.87 -36.12 -43.93
CA ARG D 405 -1.99 -34.98 -43.86
C ARG D 405 -2.74 -33.65 -43.81
N SER D 406 -2.72 -33.02 -42.63
CA SER D 406 -3.38 -31.73 -42.45
C SER D 406 -2.34 -30.63 -42.55
N THR D 407 -2.57 -29.68 -43.45
CA THR D 407 -1.65 -28.55 -43.54
C THR D 407 -2.16 -27.51 -42.57
N LEU D 408 -1.47 -27.38 -41.44
CA LEU D 408 -1.84 -26.43 -40.40
C LEU D 408 -1.53 -25.00 -40.82
N LEU D 409 -0.52 -24.84 -41.66
CA LEU D 409 -0.13 -23.51 -42.11
C LEU D 409 0.61 -23.59 -43.44
N ALA D 410 0.09 -22.87 -44.42
CA ALA D 410 0.72 -22.82 -45.73
C ALA D 410 1.53 -21.52 -45.71
N ALA D 411 2.48 -21.38 -46.62
CA ALA D 411 3.28 -20.18 -46.69
C ALA D 411 2.42 -18.93 -46.88
N ARG D 412 2.82 -17.85 -46.23
CA ARG D 412 2.10 -16.57 -46.34
C ARG D 412 3.16 -15.55 -46.73
N PRO D 413 3.36 -15.37 -48.05
CA PRO D 413 4.36 -14.43 -48.58
C PRO D 413 4.40 -13.03 -47.98
N HIS D 414 3.25 -12.50 -47.56
CA HIS D 414 3.23 -11.16 -46.97
C HIS D 414 3.54 -11.13 -45.47
N ASP D 415 3.66 -12.30 -44.85
CA ASP D 415 3.92 -12.36 -43.42
C ASP D 415 5.42 -12.32 -43.10
N TYR D 416 5.94 -11.11 -42.87
CA TYR D 416 7.34 -10.92 -42.56
C TYR D 416 7.60 -10.82 -41.05
N SER D 417 6.58 -11.14 -40.26
CA SER D 417 6.71 -11.08 -38.80
C SER D 417 7.87 -11.91 -38.25
N ALA D 418 8.51 -11.37 -37.22
CA ALA D 418 9.60 -12.06 -36.56
C ALA D 418 9.12 -12.51 -35.18
N ASP D 419 7.81 -12.44 -34.96
CA ASP D 419 7.25 -12.80 -33.67
C ASP D 419 6.89 -14.27 -33.47
N GLY D 420 7.00 -15.08 -34.51
CA GLY D 420 6.68 -16.49 -34.39
C GLY D 420 5.26 -16.76 -33.90
N PHE D 421 5.07 -17.90 -33.25
CA PHE D 421 3.76 -18.29 -32.71
C PHE D 421 3.91 -18.56 -31.22
N ASN D 422 2.98 -18.02 -30.44
CA ASN D 422 3.00 -18.20 -29.00
C ASN D 422 1.80 -19.05 -28.55
N ASP D 423 2.04 -20.34 -28.40
CA ASP D 423 1.02 -21.31 -28.03
C ASP D 423 -0.22 -21.12 -28.91
N TRP D 424 -0.02 -21.11 -30.21
CA TRP D 424 -1.12 -20.93 -31.15
C TRP D 424 -1.71 -22.30 -31.45
N ALA D 425 -3.03 -22.44 -31.29
CA ALA D 425 -3.67 -23.73 -31.48
C ALA D 425 -4.17 -24.04 -32.89
N PHE D 426 -3.27 -24.46 -33.77
CA PHE D 426 -3.66 -24.82 -35.13
C PHE D 426 -4.64 -25.98 -35.02
N MET D 427 -5.77 -25.90 -35.72
CA MET D 427 -6.78 -26.93 -35.63
C MET D 427 -7.09 -27.63 -36.97
N THR D 428 -7.40 -28.92 -36.91
CA THR D 428 -7.76 -29.62 -38.12
C THR D 428 -8.98 -30.48 -37.88
N THR D 429 -9.85 -30.51 -38.88
CA THR D 429 -11.07 -31.30 -38.84
C THR D 429 -10.92 -32.50 -39.79
N HIS D 430 -9.76 -32.60 -40.43
CA HIS D 430 -9.55 -33.66 -41.42
C HIS D 430 -9.45 -35.10 -40.93
N SER D 431 -9.17 -35.30 -39.64
CA SER D 431 -9.07 -36.65 -39.11
C SER D 431 -10.29 -37.04 -38.29
N TRP D 432 -11.38 -36.33 -38.50
CA TRP D 432 -12.63 -36.58 -37.81
C TRP D 432 -12.99 -38.07 -37.96
N ASP D 433 -13.31 -38.71 -36.83
CA ASP D 433 -13.68 -40.12 -36.76
C ASP D 433 -12.53 -41.13 -36.88
N GLU D 434 -11.30 -40.64 -37.06
CA GLU D 434 -10.16 -41.53 -37.13
C GLU D 434 -9.76 -41.99 -35.72
N ASP D 435 -9.02 -43.10 -35.64
CA ASP D 435 -8.53 -43.56 -34.35
C ASP D 435 -7.24 -42.76 -34.23
N PRO D 436 -7.08 -41.98 -33.17
CA PRO D 436 -5.88 -41.17 -33.01
C PRO D 436 -4.63 -41.84 -32.41
N SER D 437 -4.74 -43.09 -31.98
CA SER D 437 -3.57 -43.73 -31.39
C SER D 437 -2.60 -44.13 -32.49
N GLY D 438 -1.31 -44.01 -32.20
CA GLY D 438 -0.34 -44.35 -33.20
C GLY D 438 0.64 -43.21 -33.36
N GLU D 439 1.41 -43.24 -34.43
CA GLU D 439 2.41 -42.21 -34.65
C GLU D 439 1.91 -40.98 -35.40
N TRP D 440 2.09 -39.82 -34.79
CA TRP D 440 1.72 -38.55 -35.40
C TRP D 440 3.03 -37.94 -35.84
N VAL D 441 2.99 -37.16 -36.92
CA VAL D 441 4.20 -36.51 -37.40
C VAL D 441 3.94 -35.04 -37.67
N LEU D 442 4.79 -34.19 -37.13
CA LEU D 442 4.67 -32.76 -37.35
C LEU D 442 5.82 -32.38 -38.27
N GLU D 443 5.52 -31.63 -39.32
CA GLU D 443 6.55 -31.21 -40.27
C GLU D 443 6.55 -29.69 -40.37
N ILE D 444 7.71 -29.09 -40.17
CA ILE D 444 7.85 -27.65 -40.30
C ILE D 444 8.95 -27.45 -41.33
N GLU D 445 8.66 -26.68 -42.38
CA GLU D 445 9.65 -26.46 -43.41
C GLU D 445 9.76 -25.01 -43.83
N ASN D 446 10.96 -24.64 -44.25
CA ASN D 446 11.22 -23.30 -44.75
C ASN D 446 10.96 -23.42 -46.23
N THR D 447 9.91 -22.77 -46.71
CA THR D 447 9.55 -22.82 -48.12
C THR D 447 10.32 -21.85 -49.00
N SER D 448 11.14 -21.01 -48.39
CA SER D 448 11.93 -20.05 -49.14
C SER D 448 13.38 -20.52 -49.29
N GLU D 449 14.13 -19.87 -50.15
CA GLU D 449 15.52 -20.22 -50.35
C GLU D 449 16.37 -19.46 -49.34
N ALA D 450 15.77 -18.48 -48.67
CA ALA D 450 16.49 -17.68 -47.70
C ALA D 450 16.97 -18.54 -46.54
N ASN D 451 18.08 -18.12 -45.93
CA ASN D 451 18.62 -18.86 -44.80
C ASN D 451 17.91 -18.37 -43.55
N ASN D 452 16.74 -18.96 -43.28
CA ASN D 452 15.96 -18.58 -42.10
C ASN D 452 16.34 -19.41 -40.90
N TYR D 453 15.97 -18.94 -39.73
CA TYR D 453 16.30 -19.65 -38.50
C TYR D 453 15.25 -19.46 -37.41
N GLY D 454 15.17 -20.45 -36.53
CA GLY D 454 14.20 -20.37 -35.45
C GLY D 454 14.20 -21.65 -34.65
N THR D 455 13.39 -21.68 -33.59
CA THR D 455 13.31 -22.84 -32.72
C THR D 455 11.89 -23.16 -32.30
N LEU D 456 11.56 -24.45 -32.31
CA LEU D 456 10.25 -24.91 -31.88
C LEU D 456 10.46 -25.28 -30.41
N THR D 457 9.80 -24.57 -29.51
CA THR D 457 9.96 -24.84 -28.10
C THR D 457 8.81 -25.60 -27.45
N LYS D 458 7.67 -25.68 -28.13
CA LYS D 458 6.55 -26.40 -27.57
C LYS D 458 5.64 -26.93 -28.65
N PHE D 459 5.21 -28.17 -28.48
CA PHE D 459 4.30 -28.82 -29.39
C PHE D 459 3.40 -29.70 -28.54
N THR D 460 2.18 -29.25 -28.33
CA THR D 460 1.22 -29.98 -27.53
C THR D 460 0.10 -30.43 -28.44
N LEU D 461 -0.16 -31.73 -28.46
CA LEU D 461 -1.21 -32.29 -29.29
C LEU D 461 -2.45 -32.44 -28.41
N VAL D 462 -3.55 -31.81 -28.81
CA VAL D 462 -4.78 -31.91 -28.04
C VAL D 462 -5.84 -32.61 -28.88
N LEU D 463 -6.33 -33.73 -28.36
CA LEU D 463 -7.33 -34.51 -29.07
C LEU D 463 -8.69 -34.41 -28.36
N TYR D 464 -9.74 -34.24 -29.15
CA TYR D 464 -11.10 -34.17 -28.62
C TYR D 464 -11.83 -35.33 -29.29
N GLY D 465 -12.77 -35.94 -28.57
CA GLY D 465 -13.48 -37.06 -29.15
C GLY D 465 -14.17 -37.96 -28.15
N THR D 466 -14.48 -39.17 -28.60
CA THR D 466 -15.18 -40.16 -27.80
C THR D 466 -14.48 -41.52 -27.86
N ALA D 467 -15.02 -42.50 -27.14
CA ALA D 467 -14.42 -43.83 -27.15
C ALA D 467 -15.44 -44.98 -27.35
N TYR E 3 86.65 -9.20 35.84
CA TYR E 3 85.69 -10.31 35.57
C TYR E 3 86.37 -11.69 35.56
N GLN E 4 85.81 -12.62 36.35
CA GLN E 4 86.36 -13.98 36.44
C GLN E 4 85.50 -15.03 35.72
N GLU E 5 86.03 -15.59 34.63
CA GLU E 5 85.30 -16.61 33.89
C GLU E 5 85.08 -17.85 34.77
N PRO E 6 83.96 -18.58 34.54
CA PRO E 6 83.61 -19.78 35.31
C PRO E 6 84.75 -20.74 35.58
N THR E 7 84.71 -21.36 36.76
CA THR E 7 85.75 -22.31 37.16
C THR E 7 85.27 -23.75 37.01
N ASP E 8 84.01 -23.91 36.60
CA ASP E 8 83.41 -25.24 36.43
C ASP E 8 84.31 -26.15 35.61
N PRO E 9 84.44 -27.41 36.05
CA PRO E 9 85.29 -28.39 35.37
C PRO E 9 85.09 -28.56 33.88
N LYS E 10 83.86 -28.44 33.41
CA LYS E 10 83.58 -28.61 31.98
C LYS E 10 83.51 -27.32 31.17
N PHE E 11 83.61 -26.16 31.83
CA PHE E 11 83.53 -24.91 31.10
C PHE E 11 84.51 -24.84 29.94
N PRO E 12 85.74 -25.35 30.13
CA PRO E 12 86.69 -25.27 29.00
C PRO E 12 86.19 -26.03 27.78
N GLN E 13 85.34 -27.02 27.99
CA GLN E 13 84.82 -27.78 26.87
C GLN E 13 83.60 -27.12 26.21
N GLN E 14 83.08 -26.06 26.81
CA GLN E 14 81.95 -25.36 26.23
C GLN E 14 82.46 -24.33 25.21
N TRP E 15 83.03 -24.88 24.14
CA TRP E 15 83.62 -24.13 23.04
C TRP E 15 82.74 -23.06 22.42
N TYR E 16 81.44 -23.29 22.40
CA TYR E 16 80.48 -22.35 21.83
C TYR E 16 80.21 -21.13 22.71
N LEU E 17 80.54 -21.21 23.99
CA LEU E 17 80.31 -20.08 24.88
C LEU E 17 81.46 -19.08 24.79
N SER E 18 82.66 -19.61 24.93
CA SER E 18 83.87 -18.80 24.86
C SER E 18 85.01 -19.63 24.27
N GLY E 19 85.74 -19.04 23.35
CA GLY E 19 86.86 -19.73 22.72
C GLY E 19 87.86 -18.75 22.14
N VAL E 20 89.11 -19.19 22.04
CA VAL E 20 90.16 -18.33 21.48
C VAL E 20 89.95 -18.26 19.97
N THR E 21 89.46 -19.37 19.40
CA THR E 21 89.22 -19.49 17.96
C THR E 21 88.25 -18.47 17.39
N GLN E 22 87.75 -17.56 18.22
CA GLN E 22 86.82 -16.51 17.78
C GLN E 22 85.57 -17.06 17.07
N ARG E 23 85.35 -18.36 17.17
CA ARG E 23 84.18 -19.00 16.56
C ARG E 23 83.25 -19.47 17.68
N ASP E 24 82.56 -18.52 18.31
CA ASP E 24 81.64 -18.81 19.40
C ASP E 24 80.49 -17.79 19.45
N LEU E 25 79.62 -17.95 20.44
CA LEU E 25 78.46 -17.05 20.59
C LEU E 25 78.78 -15.75 21.33
N ASN E 26 80.05 -15.53 21.63
CA ASN E 26 80.49 -14.30 22.29
C ASN E 26 79.76 -14.02 23.60
N VAL E 27 79.54 -15.07 24.37
CA VAL E 27 78.82 -14.95 25.62
C VAL E 27 79.65 -14.34 26.74
N LYS E 28 80.93 -14.66 26.77
CA LYS E 28 81.80 -14.13 27.83
C LYS E 28 81.77 -12.59 27.76
N ALA E 29 81.73 -12.03 26.56
CA ALA E 29 81.68 -10.59 26.40
C ALA E 29 80.42 -10.01 27.06
N ALA E 30 79.33 -10.78 27.08
CA ALA E 30 78.11 -10.31 27.71
C ALA E 30 78.26 -10.40 29.22
N TRP E 31 78.84 -11.50 29.70
CA TRP E 31 79.05 -11.67 31.12
C TRP E 31 79.96 -10.55 31.62
N ALA E 32 80.99 -10.25 30.83
CA ALA E 32 81.94 -9.21 31.17
C ALA E 32 81.26 -7.86 31.30
N GLN E 33 80.22 -7.63 30.51
CA GLN E 33 79.49 -6.36 30.59
C GLN E 33 78.58 -6.37 31.81
N GLY E 34 78.55 -7.48 32.53
CA GLY E 34 77.75 -7.56 33.74
C GLY E 34 76.40 -8.27 33.64
N TYR E 35 76.18 -9.00 32.55
CA TYR E 35 74.90 -9.69 32.40
C TYR E 35 75.02 -11.20 32.48
N THR E 36 74.28 -11.78 33.42
CA THR E 36 74.32 -13.22 33.63
C THR E 36 72.91 -13.83 33.73
N GLY E 37 71.89 -13.00 33.50
CA GLY E 37 70.52 -13.49 33.56
C GLY E 37 69.81 -13.27 34.87
N HIS E 38 70.46 -12.57 35.80
CA HIS E 38 69.84 -12.32 37.09
C HIS E 38 68.48 -11.63 36.96
N GLY E 39 67.47 -12.18 37.63
CA GLY E 39 66.14 -11.59 37.57
C GLY E 39 65.25 -12.07 36.43
N ILE E 40 65.80 -12.84 35.50
CA ILE E 40 65.04 -13.35 34.36
C ILE E 40 64.56 -14.78 34.61
N VAL E 41 63.36 -15.10 34.15
CA VAL E 41 62.78 -16.42 34.34
C VAL E 41 62.58 -17.12 33.00
N VAL E 42 63.17 -18.31 32.86
CA VAL E 42 63.06 -19.09 31.63
C VAL E 42 62.43 -20.42 31.94
N SER E 43 61.54 -20.87 31.07
CA SER E 43 60.89 -22.16 31.25
C SER E 43 61.11 -23.07 30.04
N ILE E 44 61.48 -24.32 30.31
CA ILE E 44 61.72 -25.30 29.27
C ILE E 44 60.48 -26.19 29.10
N LEU E 45 59.78 -26.03 27.98
CA LEU E 45 58.58 -26.84 27.71
C LEU E 45 59.11 -28.10 27.05
N ASP E 46 59.13 -29.21 27.82
CA ASP E 46 59.71 -30.43 27.29
C ASP E 46 59.20 -31.68 28.03
N ASP E 47 60.09 -32.65 28.25
CA ASP E 47 59.70 -33.90 28.91
C ASP E 47 59.97 -33.92 30.41
N GLY E 48 60.16 -32.74 30.98
CA GLY E 48 60.43 -32.65 32.41
C GLY E 48 61.79 -32.04 32.71
N ILE E 49 62.02 -31.72 33.97
CA ILE E 49 63.30 -31.16 34.39
C ILE E 49 63.70 -31.76 35.74
N GLU E 50 64.94 -32.24 35.84
CA GLU E 50 65.45 -32.83 37.07
C GLU E 50 65.80 -31.67 37.99
N LYS E 51 64.79 -31.17 38.70
CA LYS E 51 64.97 -30.02 39.58
C LYS E 51 66.02 -30.19 40.68
N ASN E 52 66.33 -31.43 41.03
CA ASN E 52 67.30 -31.71 42.06
C ASN E 52 68.70 -31.97 41.47
N HIS E 53 68.87 -31.72 40.18
CA HIS E 53 70.18 -31.92 39.58
C HIS E 53 71.16 -30.97 40.25
N PRO E 54 72.34 -31.46 40.64
CA PRO E 54 73.32 -30.59 41.29
C PRO E 54 73.70 -29.30 40.54
N ASP E 55 73.53 -29.29 39.23
CA ASP E 55 73.88 -28.09 38.48
C ASP E 55 72.63 -27.27 38.12
N LEU E 56 71.46 -27.70 38.62
CA LEU E 56 70.22 -26.97 38.34
C LEU E 56 69.48 -26.49 39.61
N ALA E 57 69.53 -27.29 40.67
CA ALA E 57 68.83 -26.96 41.91
C ALA E 57 69.00 -25.51 42.34
N GLY E 58 70.23 -25.02 42.27
CA GLY E 58 70.48 -23.65 42.65
C GLY E 58 69.69 -22.58 41.93
N ASN E 59 69.27 -22.86 40.69
CA ASN E 59 68.50 -21.88 39.92
C ASN E 59 67.07 -22.31 39.67
N TYR E 60 66.72 -23.52 40.08
CA TYR E 60 65.37 -24.02 39.85
C TYR E 60 64.29 -23.12 40.41
N ASP E 61 63.25 -22.91 39.62
CA ASP E 61 62.13 -22.07 40.02
C ASP E 61 60.81 -22.81 39.85
N PRO E 62 60.16 -23.19 40.96
CA PRO E 62 58.87 -23.91 40.97
C PRO E 62 57.80 -23.07 40.27
N GLY E 63 57.90 -21.75 40.39
CA GLY E 63 56.94 -20.86 39.77
C GLY E 63 56.97 -20.86 38.25
N ALA E 64 58.04 -21.39 37.67
CA ALA E 64 58.17 -21.46 36.22
C ALA E 64 58.00 -22.91 35.78
N SER E 65 57.46 -23.75 36.65
CA SER E 65 57.30 -25.16 36.36
C SER E 65 55.90 -25.73 36.61
N PHE E 66 55.65 -26.89 36.00
CA PHE E 66 54.39 -27.58 36.17
C PHE E 66 54.46 -28.89 35.39
N ASP E 67 53.62 -29.85 35.79
CA ASP E 67 53.58 -31.12 35.10
C ASP E 67 52.18 -31.21 34.48
N VAL E 68 52.09 -30.87 33.19
CA VAL E 68 50.82 -30.89 32.47
C VAL E 68 50.41 -32.31 32.11
N ASN E 69 51.41 -33.19 31.93
CA ASN E 69 51.13 -34.58 31.58
C ASN E 69 50.37 -35.31 32.69
N ASP E 70 50.81 -35.12 33.94
CA ASP E 70 50.16 -35.76 35.09
C ASP E 70 49.36 -34.81 35.95
N GLN E 71 49.24 -33.57 35.52
CA GLN E 71 48.47 -32.59 36.27
C GLN E 71 48.89 -32.38 37.71
N ASP E 72 50.13 -31.96 37.93
CA ASP E 72 50.62 -31.66 39.26
C ASP E 72 51.74 -30.65 39.06
N PRO E 73 52.14 -29.95 40.14
CA PRO E 73 53.20 -28.94 39.98
C PRO E 73 54.63 -29.44 39.90
N ASP E 74 54.84 -30.75 40.04
CA ASP E 74 56.20 -31.30 40.02
C ASP E 74 56.60 -31.88 38.67
N PRO E 75 57.49 -31.17 37.95
CA PRO E 75 57.98 -31.55 36.62
C PRO E 75 59.10 -32.58 36.58
N GLN E 76 59.35 -33.27 37.69
CA GLN E 76 60.39 -34.27 37.74
C GLN E 76 60.20 -35.27 36.60
N PRO E 77 61.29 -35.60 35.88
CA PRO E 77 61.19 -36.55 34.76
C PRO E 77 60.80 -37.94 35.24
N ARG E 78 60.23 -38.73 34.35
CA ARG E 78 59.86 -40.11 34.66
C ARG E 78 61.07 -40.95 34.27
N TYR E 79 61.68 -41.62 35.25
CA TYR E 79 62.87 -42.45 34.99
C TYR E 79 62.57 -43.79 34.36
N THR E 80 63.35 -44.15 33.36
CA THR E 80 63.22 -45.42 32.65
C THR E 80 64.62 -45.90 32.31
N GLN E 81 64.77 -47.19 32.06
CA GLN E 81 66.06 -47.75 31.72
C GLN E 81 66.70 -47.11 30.50
N MET E 82 65.87 -46.67 29.56
CA MET E 82 66.38 -46.05 28.35
C MET E 82 66.65 -44.56 28.51
N ASN E 83 66.27 -44.01 29.66
CA ASN E 83 66.48 -42.59 29.93
C ASN E 83 65.84 -41.73 28.85
N ASP E 84 64.63 -42.10 28.47
CA ASP E 84 63.86 -41.40 27.45
C ASP E 84 63.61 -39.94 27.80
N ASN E 85 63.38 -39.67 29.08
CA ASN E 85 63.05 -38.32 29.51
C ASN E 85 64.18 -37.47 30.02
N ARG E 86 65.33 -37.57 29.36
CA ARG E 86 66.52 -36.79 29.73
C ARG E 86 66.61 -35.51 28.92
N HIS E 87 65.78 -35.41 27.88
CA HIS E 87 65.82 -34.28 26.96
C HIS E 87 65.59 -32.89 27.58
N GLY E 88 64.54 -32.72 28.37
CA GLY E 88 64.29 -31.44 28.98
C GLY E 88 65.39 -31.00 29.91
N THR E 89 65.95 -31.94 30.66
CA THR E 89 67.02 -31.62 31.60
C THR E 89 68.27 -31.14 30.85
N ARG E 90 68.57 -31.77 29.73
CA ARG E 90 69.72 -31.34 28.94
C ARG E 90 69.52 -29.91 28.42
N CYS E 91 68.32 -29.59 27.95
CA CYS E 91 68.05 -28.24 27.45
C CYS E 91 68.11 -27.20 28.57
N ALA E 92 67.59 -27.57 29.74
CA ALA E 92 67.59 -26.66 30.88
C ALA E 92 69.02 -26.24 31.27
N GLY E 93 69.94 -27.21 31.30
CA GLY E 93 71.32 -26.91 31.66
C GLY E 93 72.00 -25.92 30.72
N GLU E 94 71.64 -25.95 29.45
CA GLU E 94 72.23 -25.05 28.47
C GLU E 94 71.89 -23.62 28.79
N VAL E 95 70.67 -23.42 29.28
CA VAL E 95 70.20 -22.10 29.62
C VAL E 95 70.72 -21.59 30.95
N ALA E 96 70.56 -22.40 32.00
CA ALA E 96 70.95 -21.92 33.32
C ALA E 96 71.66 -22.86 34.29
N ALA E 97 72.58 -23.68 33.81
CA ALA E 97 73.31 -24.55 34.73
C ALA E 97 74.08 -23.60 35.67
N VAL E 98 74.15 -23.96 36.94
CA VAL E 98 74.85 -23.15 37.94
C VAL E 98 76.34 -22.99 37.65
N ALA E 99 76.87 -21.79 37.90
CA ALA E 99 78.28 -21.51 37.65
C ALA E 99 79.16 -21.56 38.91
N ASN E 100 80.46 -21.80 38.69
CA ASN E 100 81.45 -21.85 39.76
C ASN E 100 81.06 -22.71 40.95
N ASN E 101 80.56 -23.91 40.67
CA ASN E 101 80.14 -24.78 41.75
C ASN E 101 80.80 -26.15 41.61
N GLY E 102 81.91 -26.21 40.88
CA GLY E 102 82.64 -27.44 40.68
C GLY E 102 81.87 -28.59 40.03
N VAL E 103 80.75 -28.28 39.38
CA VAL E 103 79.93 -29.29 38.72
C VAL E 103 79.69 -29.01 37.24
N CYS E 104 79.98 -30.00 36.41
CA CYS E 104 79.76 -29.91 34.97
C CYS E 104 80.22 -28.56 34.39
N GLY E 105 79.34 -27.90 33.64
CA GLY E 105 79.69 -26.61 33.04
C GLY E 105 78.82 -25.48 33.55
N VAL E 106 78.47 -24.54 32.67
CA VAL E 106 77.61 -23.42 33.06
C VAL E 106 76.57 -23.12 31.97
N GLY E 107 75.47 -22.50 32.37
CA GLY E 107 74.46 -22.13 31.41
C GLY E 107 74.81 -20.76 30.84
N VAL E 108 74.20 -20.38 29.72
CA VAL E 108 74.47 -19.08 29.12
C VAL E 108 74.06 -17.98 30.11
N ALA E 109 72.94 -18.18 30.79
CA ALA E 109 72.45 -17.22 31.77
C ALA E 109 72.49 -17.95 33.11
N TYR E 110 73.71 -18.16 33.62
CA TYR E 110 73.88 -18.90 34.86
C TYR E 110 73.30 -18.31 36.13
N ASN E 111 72.76 -17.10 36.06
CA ASN E 111 72.12 -16.52 37.23
C ASN E 111 70.61 -16.36 37.04
N ALA E 112 70.10 -16.87 35.92
CA ALA E 112 68.67 -16.79 35.64
C ALA E 112 67.96 -17.89 36.42
N ARG E 113 66.66 -17.75 36.57
CA ARG E 113 65.86 -18.77 37.24
C ARG E 113 65.33 -19.67 36.15
N ILE E 114 65.42 -20.97 36.37
CA ILE E 114 65.01 -21.93 35.36
C ILE E 114 63.89 -22.85 35.83
N GLY E 115 62.88 -23.01 34.98
CA GLY E 115 61.78 -23.88 35.32
C GLY E 115 61.55 -24.85 34.17
N GLY E 116 60.66 -25.82 34.39
CA GLY E 116 60.39 -26.77 33.34
C GLY E 116 58.93 -27.19 33.35
N VAL E 117 58.36 -27.38 32.17
CA VAL E 117 56.98 -27.85 32.08
C VAL E 117 57.07 -29.24 31.48
N ARG E 118 56.62 -30.23 32.24
CA ARG E 118 56.62 -31.59 31.76
C ARG E 118 55.36 -31.72 30.91
N MET E 119 55.53 -31.78 29.59
CA MET E 119 54.38 -31.87 28.71
C MET E 119 54.55 -32.78 27.48
N LEU E 120 55.75 -33.30 27.28
CA LEU E 120 55.97 -34.21 26.14
C LEU E 120 55.82 -35.67 26.51
N ASP E 121 55.82 -35.98 27.81
CA ASP E 121 55.74 -37.36 28.27
C ASP E 121 54.30 -37.80 28.49
N GLY E 122 53.56 -37.92 27.40
CA GLY E 122 52.16 -38.29 27.45
C GLY E 122 51.52 -37.87 26.13
N GLU E 123 50.21 -37.83 26.08
CA GLU E 123 49.54 -37.42 24.85
C GLU E 123 49.69 -35.91 24.75
N VAL E 124 50.35 -35.44 23.71
CA VAL E 124 50.55 -34.01 23.54
C VAL E 124 49.40 -33.42 22.73
N THR E 125 48.35 -33.02 23.43
CA THR E 125 47.17 -32.45 22.80
C THR E 125 47.28 -30.95 22.68
N ASP E 126 46.31 -30.35 22.02
CA ASP E 126 46.26 -28.91 21.85
C ASP E 126 46.16 -28.28 23.23
N ALA E 127 45.33 -28.86 24.10
CA ALA E 127 45.13 -28.34 25.46
C ALA E 127 46.43 -28.41 26.25
N VAL E 128 47.17 -29.51 26.07
CA VAL E 128 48.43 -29.68 26.77
C VAL E 128 49.41 -28.59 26.34
N GLU E 129 49.48 -28.35 25.02
CA GLU E 129 50.36 -27.33 24.49
C GLU E 129 49.95 -25.93 24.97
N ALA E 130 48.64 -25.64 24.90
CA ALA E 130 48.15 -24.32 25.31
C ALA E 130 48.43 -24.02 26.78
N ARG E 131 48.26 -25.02 27.63
CA ARG E 131 48.51 -24.80 29.05
C ARG E 131 50.00 -24.61 29.34
N SER E 132 50.86 -25.18 28.49
CA SER E 132 52.30 -25.05 28.66
C SER E 132 52.76 -23.67 28.18
N LEU E 133 52.34 -23.28 26.98
CA LEU E 133 52.72 -21.99 26.41
C LEU E 133 52.12 -20.85 27.21
N GLY E 134 51.00 -21.12 27.87
CA GLY E 134 50.35 -20.09 28.67
C GLY E 134 50.59 -20.17 30.16
N LEU E 135 51.60 -20.93 30.57
CA LEU E 135 51.88 -21.07 31.99
C LEU E 135 52.44 -19.77 32.58
N ASN E 136 51.82 -19.28 33.66
CA ASN E 136 52.30 -18.08 34.33
C ASN E 136 52.93 -17.01 33.48
N PRO E 137 52.19 -16.49 32.49
CA PRO E 137 52.68 -15.45 31.57
C PRO E 137 53.26 -14.20 32.22
N ASN E 138 52.90 -13.95 33.47
CA ASN E 138 53.42 -12.77 34.13
C ASN E 138 54.58 -13.03 35.07
N HIS E 139 55.00 -14.28 35.13
CA HIS E 139 56.14 -14.65 35.95
C HIS E 139 57.27 -15.09 35.03
N ILE E 140 56.94 -15.97 34.08
CA ILE E 140 57.92 -16.48 33.11
C ILE E 140 58.14 -15.44 32.01
N HIS E 141 59.40 -15.20 31.67
CA HIS E 141 59.70 -14.23 30.63
C HIS E 141 59.93 -14.90 29.28
N ILE E 142 60.64 -16.03 29.31
CA ILE E 142 61.01 -16.73 28.09
C ILE E 142 60.66 -18.20 28.10
N TYR E 143 60.03 -18.66 27.02
CA TYR E 143 59.66 -20.08 26.88
C TYR E 143 60.56 -20.67 25.81
N SER E 144 61.14 -21.84 26.08
CA SER E 144 62.01 -22.49 25.10
C SER E 144 61.41 -23.83 24.73
N ALA E 145 61.24 -24.07 23.44
CA ALA E 145 60.66 -25.32 22.98
C ALA E 145 61.51 -26.04 21.93
N SER E 146 62.06 -27.18 22.32
CA SER E 146 62.87 -28.00 21.44
C SER E 146 62.08 -29.22 21.00
N TRP E 147 60.93 -28.95 20.37
CA TRP E 147 60.06 -30.01 19.89
C TRP E 147 59.12 -29.44 18.86
N GLY E 148 58.42 -30.30 18.14
CA GLY E 148 57.49 -29.82 17.14
C GLY E 148 56.91 -30.97 16.35
N PRO E 149 56.25 -30.66 15.22
CA PRO E 149 55.65 -31.69 14.37
C PRO E 149 56.74 -32.61 13.83
N GLU E 150 56.36 -33.81 13.45
CA GLU E 150 57.27 -34.81 12.92
C GLU E 150 58.05 -34.29 11.71
N ASP E 151 59.34 -34.62 11.66
CA ASP E 151 60.22 -34.20 10.58
C ASP E 151 60.36 -35.26 9.48
N ASP E 152 59.25 -35.82 9.01
CA ASP E 152 59.36 -36.84 7.98
C ASP E 152 59.47 -36.26 6.59
N GLY E 153 59.38 -34.94 6.48
CA GLY E 153 59.50 -34.30 5.20
C GLY E 153 58.26 -34.42 4.33
N LYS E 154 57.14 -34.75 4.94
CA LYS E 154 55.91 -34.85 4.18
C LYS E 154 54.71 -34.34 4.93
N THR E 155 54.94 -33.81 6.12
CA THR E 155 53.81 -33.31 6.88
C THR E 155 53.77 -31.78 6.88
N VAL E 156 52.56 -31.26 7.00
CA VAL E 156 52.36 -29.83 7.11
C VAL E 156 51.49 -29.78 8.35
N ASP E 157 52.01 -29.20 9.42
CA ASP E 157 51.30 -29.17 10.69
C ASP E 157 51.75 -27.97 11.50
N GLY E 158 50.92 -27.58 12.46
CA GLY E 158 51.22 -26.44 13.32
C GLY E 158 50.29 -26.45 14.51
N PRO E 159 50.29 -25.38 15.32
CA PRO E 159 49.43 -25.30 16.51
C PRO E 159 47.94 -25.32 16.21
N ALA E 160 47.18 -26.02 17.06
CA ALA E 160 45.74 -26.07 16.93
C ALA E 160 45.22 -24.77 17.58
N ARG E 161 43.90 -24.58 17.62
CA ARG E 161 43.33 -23.34 18.13
C ARG E 161 43.75 -22.85 19.52
N LEU E 162 43.72 -23.72 20.53
CA LEU E 162 44.10 -23.28 21.87
C LEU E 162 45.56 -22.86 21.93
N ALA E 163 46.43 -23.60 21.25
CA ALA E 163 47.85 -23.27 21.25
C ALA E 163 48.04 -21.92 20.55
N GLU E 164 47.31 -21.70 19.46
CA GLU E 164 47.41 -20.44 18.74
C GLU E 164 46.98 -19.31 19.68
N GLU E 165 45.88 -19.53 20.40
CA GLU E 165 45.38 -18.51 21.31
C GLU E 165 46.38 -18.25 22.41
N ALA E 166 47.09 -19.30 22.84
CA ALA E 166 48.08 -19.14 23.88
C ALA E 166 49.21 -18.23 23.37
N PHE E 167 49.65 -18.49 22.14
CA PHE E 167 50.70 -17.67 21.53
C PHE E 167 50.26 -16.21 21.47
N PHE E 168 49.04 -15.97 20.98
CA PHE E 168 48.51 -14.61 20.83
C PHE E 168 48.36 -13.90 22.16
N ARG E 169 47.79 -14.58 23.14
CA ARG E 169 47.63 -14.00 24.47
C ARG E 169 49.03 -13.71 25.02
N GLY E 170 49.96 -14.62 24.75
CA GLY E 170 51.32 -14.43 25.22
C GLY E 170 52.02 -13.17 24.73
N VAL E 171 52.08 -12.97 23.42
CA VAL E 171 52.75 -11.78 22.90
C VAL E 171 51.97 -10.51 23.20
N SER E 172 50.66 -10.64 23.42
CA SER E 172 49.81 -9.49 23.71
C SER E 172 49.82 -9.07 25.17
N GLN E 173 49.63 -10.05 26.05
CA GLN E 173 49.54 -9.78 27.48
C GLN E 173 50.68 -10.26 28.36
N GLY E 174 51.44 -11.25 27.90
CA GLY E 174 52.54 -11.76 28.70
C GLY E 174 53.51 -10.67 29.13
N ARG E 175 54.30 -10.94 30.16
CA ARG E 175 55.27 -9.96 30.66
C ARG E 175 54.69 -8.56 30.80
N GLY E 176 53.55 -8.46 31.48
CA GLY E 176 52.94 -7.16 31.67
C GLY E 176 52.65 -6.40 30.40
N GLY E 177 52.33 -7.11 29.32
CA GLY E 177 52.03 -6.43 28.07
C GLY E 177 53.19 -6.31 27.09
N LEU E 178 54.41 -6.58 27.55
CA LEU E 178 55.57 -6.52 26.68
C LEU E 178 55.60 -7.72 25.75
N GLY E 179 54.96 -8.80 26.18
CA GLY E 179 54.87 -10.01 25.39
C GLY E 179 55.85 -11.14 25.70
N SER E 180 55.30 -12.34 25.91
CA SER E 180 56.12 -13.52 26.17
C SER E 180 57.11 -13.73 25.02
N ILE E 181 58.29 -14.26 25.33
CA ILE E 181 59.29 -14.54 24.30
C ILE E 181 59.27 -16.04 24.05
N PHE E 182 58.89 -16.44 22.84
CA PHE E 182 58.83 -17.87 22.49
C PHE E 182 59.99 -18.25 21.56
N VAL E 183 60.90 -19.06 22.07
CA VAL E 183 62.06 -19.50 21.29
C VAL E 183 61.80 -20.92 20.81
N TRP E 184 61.97 -21.15 19.50
CA TRP E 184 61.70 -22.46 18.92
C TRP E 184 62.86 -23.06 18.15
N ALA E 185 63.02 -24.38 18.24
CA ALA E 185 64.06 -25.10 17.51
C ALA E 185 63.49 -25.32 16.10
N SER E 186 64.24 -24.94 15.06
CA SER E 186 63.71 -25.07 13.70
C SER E 186 63.45 -26.47 13.14
N GLY E 187 64.05 -27.51 13.71
CA GLY E 187 63.79 -28.86 13.23
C GLY E 187 64.98 -29.76 12.89
N ASN E 188 64.76 -31.08 12.92
CA ASN E 188 65.80 -32.05 12.61
C ASN E 188 65.52 -32.82 11.32
N GLY E 189 64.71 -32.24 10.44
CA GLY E 189 64.36 -32.96 9.21
C GLY E 189 65.28 -32.85 8.01
N GLY E 190 66.51 -32.38 8.22
CA GLY E 190 67.44 -32.23 7.11
C GLY E 190 67.63 -33.45 6.21
N ARG E 191 67.78 -34.63 6.81
CA ARG E 191 67.96 -35.84 6.02
C ARG E 191 66.73 -36.20 5.18
N GLU E 192 65.55 -35.76 5.62
CA GLU E 192 64.31 -36.03 4.91
C GLU E 192 63.95 -34.87 3.99
N HIS E 193 64.86 -33.91 3.85
CA HIS E 193 64.64 -32.74 3.01
C HIS E 193 63.43 -31.94 3.47
N ASP E 194 63.21 -31.88 4.77
CA ASP E 194 62.09 -31.17 5.32
C ASP E 194 62.29 -29.66 5.25
N SER E 195 61.18 -28.92 5.28
CA SER E 195 61.21 -27.46 5.23
C SER E 195 60.56 -26.93 6.50
N CYS E 196 61.26 -26.07 7.23
CA CYS E 196 60.67 -25.54 8.45
C CYS E 196 59.53 -24.57 8.21
N ASN E 197 59.20 -24.29 6.95
CA ASN E 197 58.06 -23.42 6.69
C ASN E 197 56.78 -24.27 6.69
N CYS E 198 56.93 -25.60 6.73
CA CYS E 198 55.79 -26.51 6.78
C CYS E 198 55.49 -26.87 8.24
N ASP E 199 56.07 -26.10 9.14
CA ASP E 199 55.95 -26.28 10.56
C ASP E 199 55.35 -24.97 11.07
N GLY E 200 54.10 -25.02 11.56
CA GLY E 200 53.43 -23.82 12.03
C GLY E 200 53.97 -23.15 13.29
N TYR E 201 54.80 -23.86 14.04
CA TYR E 201 55.35 -23.28 15.25
C TYR E 201 56.55 -22.42 14.92
N THR E 202 57.44 -22.96 14.09
CA THR E 202 58.62 -22.23 13.67
C THR E 202 58.22 -21.09 12.73
N ASN E 203 57.27 -21.38 11.85
CA ASN E 203 56.77 -20.45 10.84
C ASN E 203 55.98 -19.25 11.43
N SER E 204 55.60 -19.35 12.69
CA SER E 204 54.84 -18.29 13.35
C SER E 204 55.67 -17.02 13.57
N ILE E 205 55.04 -15.85 13.46
CA ILE E 205 55.78 -14.62 13.70
C ILE E 205 56.01 -14.46 15.20
N TYR E 206 55.20 -15.17 16.01
CA TYR E 206 55.32 -15.08 17.48
C TYR E 206 56.53 -15.80 18.07
N THR E 207 57.15 -16.69 17.30
CA THR E 207 58.30 -17.44 17.78
C THR E 207 59.60 -17.03 17.10
N LEU E 208 60.70 -17.11 17.83
CA LEU E 208 62.00 -16.83 17.21
C LEU E 208 62.52 -18.22 16.86
N SER E 209 62.46 -18.56 15.58
CA SER E 209 62.92 -19.88 15.15
C SER E 209 64.44 -19.85 15.01
N ILE E 210 65.11 -20.79 15.66
CA ILE E 210 66.57 -20.87 15.67
C ILE E 210 67.15 -22.13 15.01
N SER E 211 68.08 -21.94 14.08
CA SER E 211 68.72 -23.06 13.39
C SER E 211 70.10 -23.36 14.00
N SER E 212 70.80 -24.35 13.43
CA SER E 212 72.09 -24.79 13.94
C SER E 212 73.27 -24.69 12.99
N ALA E 213 74.47 -24.64 13.56
CA ALA E 213 75.71 -24.57 12.79
C ALA E 213 76.68 -25.52 13.50
N THR E 214 77.51 -26.23 12.73
CA THR E 214 78.47 -27.13 13.33
C THR E 214 79.68 -26.34 13.80
N GLN E 215 80.54 -26.96 14.59
CA GLN E 215 81.72 -26.27 15.11
C GLN E 215 82.57 -25.66 13.99
N PHE E 216 82.73 -26.38 12.88
CA PHE E 216 83.54 -25.84 11.79
C PHE E 216 82.78 -24.85 10.91
N GLY E 217 81.59 -24.47 11.35
CA GLY E 217 80.80 -23.49 10.62
C GLY E 217 80.00 -23.98 9.43
N ASN E 218 79.58 -25.23 9.45
CA ASN E 218 78.81 -25.79 8.35
C ASN E 218 77.35 -26.07 8.69
N VAL E 219 76.55 -26.30 7.67
CA VAL E 219 75.14 -26.62 7.82
C VAL E 219 75.07 -28.08 8.22
N PRO E 220 74.61 -28.37 9.45
CA PRO E 220 74.51 -29.75 9.95
C PRO E 220 73.62 -30.63 9.09
N TRP E 221 73.88 -31.93 9.10
CA TRP E 221 73.06 -32.87 8.33
C TRP E 221 71.57 -32.81 8.68
N TYR E 222 71.24 -32.53 9.94
CA TYR E 222 69.84 -32.50 10.38
C TYR E 222 69.10 -31.19 10.13
N SER E 223 69.83 -30.17 9.70
CA SER E 223 69.28 -28.85 9.47
C SER E 223 68.19 -28.72 8.38
N GLU E 224 67.15 -27.95 8.70
CA GLU E 224 66.08 -27.69 7.73
C GLU E 224 66.20 -26.24 7.28
N ALA E 225 66.10 -26.01 5.98
CA ALA E 225 66.18 -24.65 5.47
C ALA E 225 64.77 -24.09 5.25
N CYS E 226 64.63 -22.78 5.43
CA CYS E 226 63.36 -22.11 5.20
C CYS E 226 63.54 -20.63 5.48
N SER E 227 62.63 -19.81 4.96
CA SER E 227 62.71 -18.37 5.13
C SER E 227 62.17 -17.85 6.47
N SER E 228 61.54 -18.71 7.27
CA SER E 228 61.00 -18.26 8.55
C SER E 228 62.03 -18.24 9.69
N THR E 229 63.14 -18.93 9.51
CA THR E 229 64.20 -18.97 10.51
C THR E 229 64.77 -17.57 10.72
N LEU E 230 65.01 -17.20 11.97
CA LEU E 230 65.54 -15.88 12.29
C LEU E 230 67.06 -15.81 12.51
N ALA E 231 67.61 -16.76 13.26
CA ALA E 231 69.05 -16.77 13.53
C ALA E 231 69.56 -18.17 13.86
N THR E 232 70.84 -18.24 14.22
CA THR E 232 71.49 -19.51 14.48
C THR E 232 72.37 -19.56 15.72
N THR E 233 72.51 -20.75 16.30
CA THR E 233 73.40 -20.95 17.42
C THR E 233 74.07 -22.28 17.11
N TYR E 234 75.25 -22.50 17.69
CA TYR E 234 76.00 -23.72 17.47
C TYR E 234 75.33 -24.94 18.05
N SER E 235 75.64 -26.10 17.44
CA SER E 235 75.17 -27.39 17.91
C SER E 235 76.14 -28.45 17.38
N SER E 236 75.68 -29.70 17.25
CA SER E 236 76.53 -30.79 16.80
C SER E 236 76.69 -30.90 15.28
N GLY E 237 77.69 -31.67 14.87
CA GLY E 237 77.97 -31.88 13.45
C GLY E 237 78.51 -33.30 13.28
N ASN E 238 79.68 -33.44 12.64
CA ASN E 238 80.24 -34.77 12.43
C ASN E 238 81.03 -35.22 13.68
N GLN E 239 81.65 -36.39 13.64
CA GLN E 239 82.35 -36.87 14.82
C GLN E 239 83.69 -36.23 15.13
N ASN E 240 84.16 -35.33 14.26
CA ASN E 240 85.42 -34.63 14.51
C ASN E 240 85.08 -33.29 15.14
N GLU E 241 83.80 -32.95 15.15
CA GLU E 241 83.32 -31.69 15.73
C GLU E 241 82.75 -31.90 17.11
N LYS E 242 83.02 -30.96 18.01
CA LYS E 242 82.53 -31.07 19.38
C LYS E 242 81.03 -30.85 19.45
N GLN E 243 80.43 -31.21 20.58
CA GLN E 243 78.98 -31.08 20.74
C GLN E 243 78.64 -30.22 21.95
N ILE E 244 77.40 -30.30 22.42
CA ILE E 244 76.97 -29.48 23.54
C ILE E 244 77.12 -30.17 24.90
N VAL E 245 77.72 -29.44 25.84
CA VAL E 245 77.97 -29.95 27.18
C VAL E 245 76.91 -29.40 28.12
N THR E 246 76.19 -30.29 28.79
CA THR E 246 75.14 -29.83 29.68
C THR E 246 74.76 -30.87 30.74
N THR E 247 73.78 -30.54 31.56
CA THR E 247 73.29 -31.42 32.62
C THR E 247 72.51 -32.57 32.00
N ASP E 248 72.70 -33.78 32.54
CA ASP E 248 72.01 -34.96 32.03
C ASP E 248 71.21 -35.62 33.16
N LEU E 249 70.22 -36.42 32.78
CA LEU E 249 69.37 -37.13 33.73
C LEU E 249 70.20 -37.96 34.70
N ARG E 250 69.65 -38.18 35.90
CA ARG E 250 70.32 -38.95 36.94
C ARG E 250 71.54 -38.21 37.47
N GLN E 251 71.40 -36.88 37.54
CA GLN E 251 72.46 -36.01 38.05
C GLN E 251 73.81 -36.17 37.40
N LYS E 252 73.81 -36.45 36.10
CA LYS E 252 75.06 -36.62 35.37
C LYS E 252 75.37 -35.39 34.51
N CYS E 253 76.51 -35.46 33.81
CA CYS E 253 76.95 -34.39 32.93
C CYS E 253 77.17 -35.05 31.58
N THR E 254 76.72 -34.41 30.50
CA THR E 254 76.92 -34.99 29.18
C THR E 254 77.64 -34.03 28.28
N GLU E 255 78.42 -34.57 27.35
CA GLU E 255 79.14 -33.75 26.40
C GLU E 255 78.61 -34.07 25.02
N SER E 256 77.48 -34.77 24.98
CA SER E 256 76.92 -35.14 23.71
C SER E 256 75.45 -34.80 23.50
N HIS E 257 75.07 -33.57 23.83
CA HIS E 257 73.69 -33.11 23.59
C HIS E 257 73.81 -32.66 22.12
N THR E 258 72.85 -33.07 21.29
CA THR E 258 72.94 -32.80 19.86
C THR E 258 71.68 -32.30 19.15
N GLY E 259 71.86 -32.03 17.85
CA GLY E 259 70.76 -31.59 17.00
C GLY E 259 70.13 -30.24 17.24
N THR E 260 69.01 -30.03 16.57
CA THR E 260 68.27 -28.78 16.67
C THR E 260 67.87 -28.48 18.11
N SER E 261 67.71 -29.53 18.91
CA SER E 261 67.31 -29.38 20.32
C SER E 261 68.26 -28.51 21.13
N ALA E 262 69.54 -28.59 20.82
CA ALA E 262 70.55 -27.84 21.57
C ALA E 262 70.67 -26.38 21.19
N SER E 263 70.16 -25.99 20.03
CA SER E 263 70.28 -24.61 19.62
C SER E 263 69.31 -23.62 20.25
N ALA E 264 68.03 -23.98 20.31
CA ALA E 264 67.03 -23.07 20.88
C ALA E 264 67.38 -22.65 22.31
N PRO E 265 67.76 -23.60 23.19
CA PRO E 265 68.11 -23.26 24.57
C PRO E 265 69.24 -22.23 24.68
N LEU E 266 70.25 -22.35 23.81
CA LEU E 266 71.36 -21.39 23.84
C LEU E 266 70.82 -20.02 23.45
N ALA E 267 69.90 -20.00 22.50
CA ALA E 267 69.31 -18.74 22.08
C ALA E 267 68.48 -18.17 23.25
N ALA E 268 67.72 -19.03 23.92
CA ALA E 268 66.90 -18.58 25.05
C ALA E 268 67.79 -17.96 26.13
N GLY E 269 68.96 -18.57 26.35
CA GLY E 269 69.89 -18.07 27.34
C GLY E 269 70.42 -16.68 26.97
N ILE E 270 70.80 -16.50 25.71
CA ILE E 270 71.30 -15.21 25.24
C ILE E 270 70.21 -14.15 25.36
N ILE E 271 68.98 -14.55 25.04
CA ILE E 271 67.86 -13.62 25.14
C ILE E 271 67.63 -13.24 26.61
N ALA E 272 67.90 -14.15 27.53
CA ALA E 272 67.74 -13.86 28.95
C ALA E 272 68.75 -12.78 29.36
N LEU E 273 69.98 -12.89 28.87
CA LEU E 273 70.99 -11.90 29.18
C LEU E 273 70.55 -10.56 28.62
N THR E 274 69.95 -10.59 27.45
CA THR E 274 69.48 -9.37 26.80
C THR E 274 68.36 -8.68 27.59
N LEU E 275 67.43 -9.48 28.11
CA LEU E 275 66.34 -8.92 28.90
C LEU E 275 66.89 -8.29 30.17
N GLU E 276 67.93 -8.89 30.75
CA GLU E 276 68.51 -8.32 31.96
C GLU E 276 69.06 -6.94 31.61
N ALA E 277 69.70 -6.84 30.46
CA ALA E 277 70.28 -5.59 30.00
C ALA E 277 69.20 -4.53 29.76
N ASN E 278 67.99 -4.96 29.43
CA ASN E 278 66.88 -4.03 29.18
C ASN E 278 65.58 -4.79 29.35
N LYS E 279 65.01 -4.72 30.55
CA LYS E 279 63.77 -5.42 30.86
C LYS E 279 62.53 -4.86 30.17
N ASN E 280 62.66 -3.71 29.51
CA ASN E 280 61.51 -3.11 28.83
C ASN E 280 61.36 -3.49 27.36
N LEU E 281 62.20 -4.39 26.87
CA LEU E 281 62.12 -4.83 25.47
C LEU E 281 60.83 -5.62 25.22
N THR E 282 60.14 -5.31 24.13
CA THR E 282 58.90 -6.03 23.80
C THR E 282 59.28 -7.28 22.99
N TRP E 283 58.30 -8.15 22.73
CA TRP E 283 58.58 -9.35 21.96
C TRP E 283 59.13 -8.96 20.56
N ARG E 284 58.65 -7.84 20.02
CA ARG E 284 59.11 -7.41 18.71
C ARG E 284 60.51 -6.77 18.80
N ASP E 285 60.76 -6.00 19.87
CA ASP E 285 62.09 -5.39 20.03
C ASP E 285 63.13 -6.49 19.98
N MET E 286 62.86 -7.59 20.68
CA MET E 286 63.80 -8.71 20.75
C MET E 286 64.15 -9.25 19.37
N GLN E 287 63.16 -9.40 18.51
CA GLN E 287 63.44 -9.91 17.17
C GLN E 287 64.27 -8.89 16.39
N HIS E 288 64.01 -7.59 16.59
CA HIS E 288 64.80 -6.55 15.91
C HIS E 288 66.27 -6.66 16.32
N LEU E 289 66.51 -6.85 17.62
CA LEU E 289 67.88 -6.96 18.12
C LEU E 289 68.60 -8.12 17.47
N VAL E 290 67.93 -9.26 17.38
CA VAL E 290 68.51 -10.46 16.77
C VAL E 290 68.87 -10.19 15.31
N VAL E 291 67.95 -9.59 14.57
CA VAL E 291 68.21 -9.29 13.16
C VAL E 291 69.42 -8.36 13.01
N GLN E 292 69.48 -7.34 13.84
CA GLN E 292 70.57 -6.37 13.77
C GLN E 292 71.94 -6.85 14.22
N THR E 293 71.99 -7.69 15.24
CA THR E 293 73.27 -8.14 15.76
C THR E 293 73.80 -9.50 15.33
N SER E 294 72.98 -10.32 14.68
CA SER E 294 73.47 -11.64 14.26
C SER E 294 74.51 -11.58 13.16
N LYS E 295 75.53 -12.42 13.28
CA LYS E 295 76.66 -12.45 12.36
C LYS E 295 76.74 -13.63 11.38
N PRO E 296 76.88 -13.35 10.08
CA PRO E 296 76.98 -14.39 9.08
C PRO E 296 78.42 -14.93 9.08
N ALA E 297 79.37 -14.00 9.13
CA ALA E 297 80.79 -14.34 9.07
C ALA E 297 81.13 -15.58 9.84
N HIS E 298 81.88 -16.45 9.17
CA HIS E 298 82.32 -17.73 9.72
C HIS E 298 81.39 -18.89 9.41
N LEU E 299 80.20 -18.58 8.91
CA LEU E 299 79.23 -19.62 8.58
C LEU E 299 79.18 -19.89 7.08
N ASN E 300 79.35 -21.16 6.69
CA ASN E 300 79.33 -21.53 5.29
C ASN E 300 77.94 -21.98 4.82
N ALA E 301 77.51 -21.41 3.69
CA ALA E 301 76.24 -21.76 3.09
C ALA E 301 76.34 -21.38 1.63
N ASN E 302 75.60 -22.08 0.78
CA ASN E 302 75.64 -21.77 -0.65
C ASN E 302 74.56 -20.77 -1.06
N ASP E 303 73.77 -20.29 -0.11
CA ASP E 303 72.71 -19.34 -0.46
C ASP E 303 72.76 -17.99 0.24
N TRP E 304 73.92 -17.60 0.77
CA TRP E 304 74.00 -16.30 1.42
C TRP E 304 73.64 -15.27 0.36
N ALA E 305 72.77 -14.33 0.72
CA ALA E 305 72.36 -13.30 -0.22
C ALA E 305 72.16 -12.00 0.56
N THR E 306 72.42 -10.87 -0.07
CA THR E 306 72.25 -9.57 0.59
C THR E 306 70.84 -9.06 0.29
N ASN E 307 70.10 -8.70 1.33
CA ASN E 307 68.74 -8.22 1.13
C ASN E 307 68.71 -6.72 0.82
N GLY E 308 67.49 -6.19 0.71
CA GLY E 308 67.28 -4.79 0.37
C GLY E 308 67.91 -3.77 1.30
N VAL E 309 68.25 -4.15 2.51
CA VAL E 309 68.87 -3.21 3.42
C VAL E 309 70.34 -3.53 3.70
N GLY E 310 70.95 -4.34 2.85
CA GLY E 310 72.36 -4.64 3.03
C GLY E 310 72.74 -5.72 4.01
N ARG E 311 71.78 -6.52 4.48
CA ARG E 311 72.13 -7.58 5.41
C ARG E 311 72.16 -8.94 4.69
N LYS E 312 73.11 -9.78 5.10
CA LYS E 312 73.25 -11.11 4.53
C LYS E 312 72.23 -12.04 5.19
N VAL E 313 71.57 -12.87 4.39
CA VAL E 313 70.60 -13.83 4.92
C VAL E 313 70.73 -15.15 4.19
N SER E 314 70.53 -16.25 4.91
CA SER E 314 70.58 -17.59 4.35
C SER E 314 69.37 -18.36 4.87
N HIS E 315 68.85 -19.29 4.07
CA HIS E 315 67.70 -20.08 4.49
C HIS E 315 68.11 -21.14 5.51
N SER E 316 69.41 -21.34 5.64
CA SER E 316 69.91 -22.30 6.63
C SER E 316 70.24 -21.64 7.96
N TYR E 317 70.47 -20.32 7.94
CA TYR E 317 70.88 -19.62 9.15
C TYR E 317 70.14 -18.36 9.54
N GLY E 318 69.24 -17.90 8.67
CA GLY E 318 68.55 -16.67 8.99
C GLY E 318 69.60 -15.57 8.85
N TYR E 319 69.72 -14.70 9.85
CA TYR E 319 70.69 -13.62 9.78
C TYR E 319 72.06 -14.01 10.30
N GLY E 320 72.21 -15.27 10.67
CA GLY E 320 73.50 -15.73 11.15
C GLY E 320 73.57 -16.13 12.61
N LEU E 321 74.79 -16.20 13.10
CA LEU E 321 75.08 -16.60 14.46
C LEU E 321 74.73 -15.51 15.47
N LEU E 322 74.07 -15.89 16.57
CA LEU E 322 73.74 -14.91 17.59
C LEU E 322 75.05 -14.43 18.23
N ASP E 323 75.07 -13.16 18.62
CA ASP E 323 76.25 -12.54 19.24
C ASP E 323 75.77 -11.93 20.57
N ALA E 324 75.98 -12.65 21.66
CA ALA E 324 75.52 -12.18 22.97
C ALA E 324 76.07 -10.80 23.36
N GLY E 325 77.37 -10.60 23.17
CA GLY E 325 77.96 -9.33 23.51
C GLY E 325 77.26 -8.19 22.78
N ALA E 326 77.04 -8.37 21.49
CA ALA E 326 76.40 -7.34 20.68
C ALA E 326 74.92 -7.15 21.08
N MET E 327 74.25 -8.26 21.40
CA MET E 327 72.87 -8.22 21.82
C MET E 327 72.69 -7.37 23.07
N VAL E 328 73.46 -7.67 24.10
CA VAL E 328 73.35 -6.91 25.35
C VAL E 328 73.78 -5.47 25.18
N ALA E 329 74.75 -5.23 24.31
CA ALA E 329 75.21 -3.86 24.08
C ALA E 329 74.12 -3.03 23.43
N LEU E 330 73.56 -3.53 22.34
CA LEU E 330 72.51 -2.80 21.64
C LEU E 330 71.25 -2.66 22.48
N ALA E 331 70.94 -3.65 23.30
CA ALA E 331 69.74 -3.60 24.13
C ALA E 331 69.69 -2.39 25.06
N GLN E 332 70.81 -2.07 25.66
CA GLN E 332 70.88 -0.97 26.62
C GLN E 332 70.35 0.37 26.11
N ASN E 333 70.68 0.71 24.87
CA ASN E 333 70.23 1.97 24.32
C ASN E 333 69.05 1.87 23.38
N TRP E 334 68.43 0.69 23.31
CA TRP E 334 67.31 0.48 22.40
C TRP E 334 66.01 1.25 22.70
N THR E 335 65.49 1.87 21.67
CA THR E 335 64.25 2.64 21.75
C THR E 335 63.13 1.72 21.27
N THR E 336 62.14 1.47 22.11
CA THR E 336 61.03 0.58 21.75
C THR E 336 60.44 0.94 20.39
N VAL E 337 60.26 -0.06 19.54
CA VAL E 337 59.72 0.16 18.21
C VAL E 337 58.27 0.62 18.26
N ALA E 338 57.85 1.28 17.19
CA ALA E 338 56.50 1.79 17.08
C ALA E 338 55.48 0.64 17.09
N PRO E 339 54.21 0.96 17.30
CA PRO E 339 53.17 -0.07 17.32
C PRO E 339 53.15 -0.87 16.03
N GLN E 340 52.86 -2.16 16.14
CA GLN E 340 52.85 -3.03 14.99
C GLN E 340 51.64 -2.78 14.09
N ARG E 341 51.90 -2.61 12.79
CA ARG E 341 50.82 -2.41 11.83
C ARG E 341 50.71 -3.68 11.00
N LYS E 342 49.53 -3.88 10.40
CA LYS E 342 49.29 -5.06 9.60
C LYS E 342 48.56 -4.66 8.33
N CYS E 343 49.18 -4.89 7.18
CA CYS E 343 48.56 -4.54 5.91
C CYS E 343 48.25 -5.81 5.15
N ILE E 344 46.97 -6.03 4.87
CA ILE E 344 46.51 -7.21 4.16
C ILE E 344 46.21 -6.90 2.70
N ILE E 345 46.82 -7.67 1.80
CA ILE E 345 46.64 -7.46 0.37
C ILE E 345 46.29 -8.76 -0.34
N ASP E 346 45.03 -8.92 -0.74
CA ASP E 346 44.64 -10.14 -1.44
C ASP E 346 45.02 -9.92 -2.89
N ILE E 347 45.90 -10.77 -3.41
CA ILE E 347 46.43 -10.64 -4.75
C ILE E 347 45.62 -11.12 -5.96
N LEU E 348 45.10 -12.35 -5.92
CA LEU E 348 44.38 -12.89 -7.06
C LEU E 348 42.98 -12.35 -7.33
N THR E 349 42.67 -12.18 -8.61
CA THR E 349 41.35 -11.72 -9.03
C THR E 349 40.66 -12.90 -9.72
N GLU E 350 41.41 -13.99 -9.87
CA GLU E 350 40.93 -15.22 -10.48
C GLU E 350 41.91 -16.36 -10.23
N PRO E 351 41.43 -17.60 -10.21
CA PRO E 351 42.30 -18.75 -9.98
C PRO E 351 43.37 -18.81 -11.07
N LYS E 352 44.52 -19.39 -10.73
CA LYS E 352 45.63 -19.49 -11.67
C LYS E 352 46.10 -20.93 -11.81
N ASP E 353 46.19 -21.39 -13.04
CA ASP E 353 46.64 -22.75 -13.30
C ASP E 353 48.14 -22.76 -13.04
N ILE E 354 48.63 -23.77 -12.35
CA ILE E 354 50.05 -23.83 -12.04
C ILE E 354 50.88 -24.42 -13.17
N GLY E 355 50.51 -25.60 -13.62
CA GLY E 355 51.27 -26.21 -14.71
C GLY E 355 52.71 -26.46 -14.33
N LYS E 356 53.63 -26.13 -15.24
CA LYS E 356 55.05 -26.34 -14.98
C LYS E 356 55.64 -25.17 -14.22
N ARG E 357 55.09 -23.98 -14.44
CA ARG E 357 55.55 -22.79 -13.75
C ARG E 357 54.51 -21.69 -13.76
N LEU E 358 54.39 -20.99 -12.64
CA LEU E 358 53.44 -19.91 -12.53
C LEU E 358 54.14 -18.72 -11.88
N GLU E 359 53.86 -17.53 -12.40
CA GLU E 359 54.46 -16.33 -11.85
C GLU E 359 53.36 -15.31 -11.67
N VAL E 360 53.24 -14.77 -10.47
CA VAL E 360 52.22 -13.77 -10.18
C VAL E 360 52.91 -12.49 -9.73
N ARG E 361 52.64 -11.40 -10.44
CA ARG E 361 53.24 -10.11 -10.15
C ARG E 361 52.15 -9.17 -9.68
N LYS E 362 52.50 -8.30 -8.73
CA LYS E 362 51.54 -7.36 -8.21
C LYS E 362 52.26 -6.18 -7.55
N THR E 363 51.90 -4.98 -7.98
CA THR E 363 52.50 -3.79 -7.42
C THR E 363 51.58 -3.37 -6.28
N VAL E 364 52.15 -3.20 -5.09
CA VAL E 364 51.34 -2.81 -3.94
C VAL E 364 51.79 -1.48 -3.37
N THR E 365 50.89 -0.84 -2.62
CA THR E 365 51.20 0.44 -2.01
C THR E 365 51.44 0.27 -0.51
N ALA E 366 51.27 -0.96 -0.02
CA ALA E 366 51.48 -1.26 1.38
C ALA E 366 50.60 -0.38 2.27
N CYS E 367 49.34 -0.23 1.88
CA CYS E 367 48.37 0.56 2.65
C CYS E 367 48.70 2.04 2.78
N LEU E 368 49.31 2.58 1.73
CA LEU E 368 49.65 4.01 1.71
C LEU E 368 48.41 4.84 1.98
N GLY E 369 48.54 5.86 2.81
CA GLY E 369 47.40 6.72 3.12
C GLY E 369 46.45 6.17 4.15
N GLU E 370 46.71 4.96 4.64
CA GLU E 370 45.85 4.37 5.66
C GLU E 370 46.59 4.23 6.98
N PRO E 371 45.87 3.94 8.07
CA PRO E 371 46.49 3.80 9.40
C PRO E 371 47.54 2.69 9.48
N ASN E 372 47.41 1.67 8.64
CA ASN E 372 48.35 0.56 8.65
C ASN E 372 49.41 0.63 7.55
N HIS E 373 49.71 1.85 7.09
CA HIS E 373 50.72 2.06 6.06
C HIS E 373 52.06 1.57 6.62
N ILE E 374 52.77 0.75 5.86
CA ILE E 374 54.06 0.22 6.31
C ILE E 374 55.19 0.59 5.38
N THR E 375 56.20 1.24 5.94
CA THR E 375 57.37 1.63 5.15
C THR E 375 58.59 0.86 5.61
N ARG E 376 58.49 0.25 6.79
CA ARG E 376 59.57 -0.54 7.35
C ARG E 376 59.00 -1.91 7.73
N LEU E 377 59.26 -2.90 6.89
CA LEU E 377 58.72 -4.24 7.08
C LEU E 377 59.38 -5.05 8.20
N GLU E 378 58.58 -5.92 8.79
CA GLU E 378 59.05 -6.84 9.81
C GLU E 378 58.81 -8.21 9.16
N HIS E 379 57.84 -8.97 9.63
CA HIS E 379 57.56 -10.26 9.00
C HIS E 379 56.63 -10.06 7.79
N ALA E 380 56.64 -11.02 6.87
CA ALA E 380 55.73 -10.98 5.73
C ALA E 380 55.22 -12.41 5.55
N GLN E 381 53.93 -12.56 5.28
CA GLN E 381 53.37 -13.89 5.05
C GLN E 381 52.72 -13.91 3.67
N ALA E 382 52.84 -15.05 3.00
CA ALA E 382 52.21 -15.26 1.71
C ALA E 382 51.24 -16.40 2.06
N ARG E 383 49.96 -16.08 2.23
CA ARG E 383 48.97 -17.08 2.58
C ARG E 383 48.46 -17.68 1.29
N LEU E 384 48.81 -18.94 1.07
CA LEU E 384 48.43 -19.60 -0.16
C LEU E 384 47.44 -20.74 0.01
N THR E 385 46.55 -20.85 -0.96
CA THR E 385 45.58 -21.92 -1.01
C THR E 385 45.72 -22.45 -2.44
N LEU E 386 46.07 -23.72 -2.56
CA LEU E 386 46.25 -24.29 -3.88
C LEU E 386 46.07 -25.79 -3.88
N SER E 387 45.79 -26.33 -5.06
CA SER E 387 45.63 -27.76 -5.21
C SER E 387 46.77 -28.21 -6.10
N TYR E 388 47.24 -29.43 -5.91
CA TYR E 388 48.31 -29.97 -6.72
C TYR E 388 48.28 -31.48 -6.55
N ASN E 389 48.78 -32.21 -7.55
CA ASN E 389 48.74 -33.67 -7.47
C ASN E 389 49.86 -34.27 -6.63
N ARG E 390 51.02 -33.62 -6.62
CA ARG E 390 52.16 -34.11 -5.84
C ARG E 390 52.85 -32.91 -5.17
N ARG E 391 52.39 -32.57 -3.98
CA ARG E 391 52.88 -31.40 -3.25
C ARG E 391 54.39 -31.22 -3.18
N GLY E 392 55.12 -32.28 -2.86
CA GLY E 392 56.57 -32.19 -2.75
C GLY E 392 57.33 -31.77 -3.99
N ASP E 393 56.69 -31.78 -5.15
CA ASP E 393 57.39 -31.38 -6.37
C ASP E 393 57.42 -29.87 -6.55
N LEU E 394 56.67 -29.17 -5.72
CA LEU E 394 56.59 -27.72 -5.79
C LEU E 394 57.73 -27.01 -5.07
N ALA E 395 58.10 -25.86 -5.63
CA ALA E 395 59.10 -24.98 -5.02
C ALA E 395 58.40 -23.62 -5.18
N ILE E 396 58.37 -22.84 -4.12
CA ILE E 396 57.67 -21.54 -4.14
C ILE E 396 58.60 -20.44 -3.65
N HIS E 397 58.69 -19.37 -4.44
CA HIS E 397 59.56 -18.26 -4.10
C HIS E 397 58.79 -16.96 -4.10
N LEU E 398 59.21 -16.04 -3.26
CA LEU E 398 58.57 -14.74 -3.16
C LEU E 398 59.67 -13.69 -3.25
N VAL E 399 59.55 -12.78 -4.21
CA VAL E 399 60.56 -11.73 -4.38
C VAL E 399 60.00 -10.38 -3.97
N SER E 400 60.69 -9.70 -3.06
CA SER E 400 60.22 -8.40 -2.59
C SER E 400 60.55 -7.31 -3.62
N PRO E 401 59.90 -6.15 -3.51
CA PRO E 401 60.16 -5.04 -4.45
C PRO E 401 61.65 -4.71 -4.48
N MET E 402 62.34 -4.85 -3.35
CA MET E 402 63.76 -4.55 -3.30
C MET E 402 64.67 -5.69 -3.78
N GLY E 403 64.06 -6.71 -4.39
CA GLY E 403 64.84 -7.80 -4.95
C GLY E 403 65.24 -8.97 -4.07
N THR E 404 64.71 -9.03 -2.86
CA THR E 404 65.05 -10.13 -1.96
C THR E 404 64.20 -11.35 -2.28
N ARG E 405 64.86 -12.45 -2.65
CA ARG E 405 64.16 -13.68 -3.00
C ARG E 405 64.03 -14.65 -1.84
N SER E 406 62.82 -14.78 -1.30
CA SER E 406 62.60 -15.69 -0.18
C SER E 406 62.04 -17.00 -0.73
N THR E 407 62.69 -18.11 -0.42
CA THR E 407 62.15 -19.39 -0.86
C THR E 407 61.21 -19.84 0.24
N LEU E 408 59.91 -19.71 -0.02
CA LEU E 408 58.86 -20.09 0.92
C LEU E 408 58.76 -21.61 1.06
N LEU E 409 59.07 -22.33 -0.01
CA LEU E 409 59.01 -23.78 0.01
C LEU E 409 59.96 -24.39 -1.01
N ALA E 410 60.86 -25.25 -0.54
CA ALA E 410 61.78 -25.93 -1.44
C ALA E 410 61.16 -27.31 -1.66
N ALA E 411 61.59 -27.99 -2.72
CA ALA E 411 61.07 -29.31 -3.03
C ALA E 411 61.23 -30.27 -1.85
N ARG E 412 60.22 -31.10 -1.62
CA ARG E 412 60.26 -32.11 -0.55
C ARG E 412 59.96 -33.45 -1.23
N PRO E 413 61.01 -34.14 -1.69
CA PRO E 413 60.87 -35.43 -2.36
C PRO E 413 59.97 -36.47 -1.71
N HIS E 414 59.88 -36.50 -0.39
CA HIS E 414 59.02 -37.48 0.26
C HIS E 414 57.56 -37.06 0.38
N ASP E 415 57.26 -35.81 0.01
CA ASP E 415 55.89 -35.31 0.12
C ASP E 415 55.07 -35.62 -1.12
N TYR E 416 54.35 -36.75 -1.07
CA TYR E 416 53.51 -37.18 -2.20
C TYR E 416 52.05 -36.79 -1.99
N SER E 417 51.79 -35.94 -1.01
CA SER E 417 50.43 -35.51 -0.73
C SER E 417 49.71 -34.90 -1.92
N ALA E 418 48.41 -35.16 -2.01
CA ALA E 418 47.58 -34.60 -3.06
C ALA E 418 46.65 -33.56 -2.45
N ASP E 419 46.88 -33.22 -1.18
CA ASP E 419 46.05 -32.25 -0.48
C ASP E 419 46.39 -30.77 -0.65
N GLY E 420 47.51 -30.47 -1.31
CA GLY E 420 47.87 -29.08 -1.52
C GLY E 420 48.01 -28.28 -0.22
N PHE E 421 47.78 -26.98 -0.30
CA PHE E 421 47.87 -26.09 0.86
C PHE E 421 46.55 -25.36 1.02
N ASN E 422 46.06 -25.31 2.25
CA ASN E 422 44.81 -24.64 2.55
C ASN E 422 45.05 -23.41 3.42
N ASP E 423 45.15 -22.26 2.78
CA ASP E 423 45.42 -20.99 3.45
C ASP E 423 46.61 -21.15 4.42
N TRP E 424 47.71 -21.71 3.90
CA TRP E 424 48.91 -21.90 4.70
C TRP E 424 49.74 -20.61 4.61
N ALA E 425 50.09 -20.07 5.77
CA ALA E 425 50.85 -18.83 5.84
C ALA E 425 52.36 -18.94 5.80
N PHE E 426 52.93 -19.09 4.61
CA PHE E 426 54.38 -19.17 4.47
C PHE E 426 54.95 -17.85 4.97
N MET E 427 55.97 -17.90 5.81
CA MET E 427 56.51 -16.66 6.37
C MET E 427 57.99 -16.45 6.06
N THR E 428 58.37 -15.17 5.87
CA THR E 428 59.76 -14.86 5.61
C THR E 428 60.24 -13.70 6.46
N THR E 429 61.47 -13.81 6.95
CA THR E 429 62.09 -12.76 7.77
C THR E 429 63.18 -12.08 6.97
N HIS E 430 63.38 -12.51 5.72
CA HIS E 430 64.46 -11.97 4.91
C HIS E 430 64.33 -10.54 4.40
N SER E 431 63.13 -9.98 4.43
CA SER E 431 62.95 -8.60 3.96
C SER E 431 62.76 -7.64 5.12
N TRP E 432 63.18 -8.07 6.31
CA TRP E 432 63.06 -7.25 7.52
C TRP E 432 63.72 -5.89 7.27
N ASP E 433 62.99 -4.83 7.61
CA ASP E 433 63.40 -3.43 7.45
C ASP E 433 63.31 -2.86 6.03
N GLU E 434 62.95 -3.69 5.06
CA GLU E 434 62.80 -3.22 3.68
C GLU E 434 61.52 -2.40 3.55
N ASP E 435 61.45 -1.58 2.51
CA ASP E 435 60.25 -0.81 2.21
C ASP E 435 59.46 -1.82 1.36
N PRO E 436 58.25 -2.20 1.81
CA PRO E 436 57.45 -3.18 1.07
C PRO E 436 56.64 -2.69 -0.13
N SER E 437 56.62 -1.40 -0.39
CA SER E 437 55.83 -0.92 -1.52
C SER E 437 56.56 -1.22 -2.81
N GLY E 438 55.79 -1.53 -3.85
CA GLY E 438 56.42 -1.85 -5.13
C GLY E 438 55.92 -3.19 -5.62
N GLU E 439 56.59 -3.75 -6.61
CA GLU E 439 56.18 -5.01 -7.17
C GLU E 439 56.72 -6.25 -6.45
N TRP E 440 55.80 -7.14 -6.06
CA TRP E 440 56.15 -8.39 -5.41
C TRP E 440 55.91 -9.44 -6.47
N VAL E 441 56.70 -10.51 -6.45
CA VAL E 441 56.52 -11.59 -7.41
C VAL E 441 56.49 -12.95 -6.72
N LEU E 442 55.45 -13.73 -7.00
CA LEU E 442 55.34 -15.06 -6.44
C LEU E 442 55.64 -16.03 -7.56
N GLU E 443 56.53 -16.98 -7.29
CA GLU E 443 56.88 -17.97 -8.30
C GLU E 443 56.58 -19.37 -7.79
N ILE E 444 55.84 -20.13 -8.57
CA ILE E 444 55.54 -21.51 -8.20
C ILE E 444 56.02 -22.35 -9.37
N GLU E 445 56.87 -23.33 -9.09
CA GLU E 445 57.40 -24.15 -10.16
C GLU E 445 57.36 -25.64 -9.85
N ASN E 446 57.20 -26.45 -10.88
CA ASN E 446 57.20 -27.90 -10.74
C ASN E 446 58.66 -28.28 -10.94
N THR E 447 59.32 -28.74 -9.88
CA THR E 447 60.72 -29.10 -9.95
C THR E 447 60.97 -30.49 -10.51
N SER E 448 59.90 -31.26 -10.79
CA SER E 448 60.08 -32.59 -11.34
C SER E 448 59.80 -32.60 -12.84
N GLU E 449 60.10 -33.70 -13.49
CA GLU E 449 59.85 -33.83 -14.91
C GLU E 449 58.45 -34.36 -15.14
N ALA E 450 57.84 -34.85 -14.07
CA ALA E 450 56.48 -35.40 -14.16
C ALA E 450 55.50 -34.33 -14.62
N ASN E 451 54.43 -34.76 -15.28
CA ASN E 451 53.42 -33.84 -15.75
C ASN E 451 52.44 -33.62 -14.62
N ASN E 452 52.78 -32.69 -13.73
CA ASN E 452 51.92 -32.40 -12.59
C ASN E 452 50.91 -31.33 -12.93
N TYR E 453 49.88 -31.20 -12.10
CA TYR E 453 48.84 -30.22 -12.35
C TYR E 453 48.21 -29.74 -11.05
N GLY E 454 47.67 -28.53 -11.11
CA GLY E 454 47.02 -27.96 -9.95
C GLY E 454 46.66 -26.53 -10.20
N THR E 455 46.02 -25.91 -9.21
CA THR E 455 45.58 -24.53 -9.34
C THR E 455 45.79 -23.73 -8.08
N LEU E 456 46.24 -22.48 -8.25
CA LEU E 456 46.43 -21.56 -7.15
C LEU E 456 45.14 -20.74 -7.09
N THR E 457 44.39 -20.89 -6.01
CA THR E 457 43.13 -20.17 -5.88
C THR E 457 43.19 -18.96 -4.96
N LYS E 458 44.23 -18.86 -4.13
CA LYS E 458 44.33 -17.72 -3.24
C LYS E 458 45.78 -17.39 -2.90
N PHE E 459 46.08 -16.10 -2.95
CA PHE E 459 47.39 -15.59 -2.61
C PHE E 459 47.17 -14.26 -1.90
N THR E 460 47.29 -14.29 -0.58
CA THR E 460 47.11 -13.10 0.23
C THR E 460 48.46 -12.72 0.82
N LEU E 461 48.88 -11.50 0.57
CA LEU E 461 50.15 -11.02 1.09
C LEU E 461 49.86 -10.26 2.37
N VAL E 462 50.49 -10.67 3.46
CA VAL E 462 50.27 -9.99 4.74
C VAL E 462 51.57 -9.37 5.19
N LEU E 463 51.57 -8.06 5.37
CA LEU E 463 52.75 -7.33 5.80
C LEU E 463 52.60 -6.82 7.23
N TYR E 464 53.63 -7.01 8.05
CA TYR E 464 53.64 -6.52 9.42
C TYR E 464 54.80 -5.53 9.46
N GLY E 465 54.67 -4.48 10.27
CA GLY E 465 55.75 -3.50 10.35
C GLY E 465 55.32 -2.15 10.88
N THR E 466 56.15 -1.15 10.58
CA THR E 466 55.87 0.20 11.04
C THR E 466 56.07 1.19 9.90
N ALA E 467 55.83 2.46 10.21
CA ALA E 467 55.99 3.53 9.24
C ALA E 467 56.87 4.61 9.87
N TYR F 3 14.36 18.23 29.31
CA TYR F 3 14.69 17.51 28.03
C TYR F 3 13.50 17.53 27.07
N GLN F 4 13.77 17.85 25.81
CA GLN F 4 12.73 17.89 24.80
C GLN F 4 13.01 16.79 23.78
N GLU F 5 12.15 15.78 23.74
CA GLU F 5 12.32 14.66 22.83
C GLU F 5 12.30 15.11 21.36
N PRO F 6 12.83 14.28 20.45
CA PRO F 6 12.89 14.58 19.02
C PRO F 6 11.57 15.04 18.41
N THR F 7 11.68 15.94 17.43
CA THR F 7 10.52 16.50 16.75
C THR F 7 10.36 15.87 15.36
N ASP F 8 11.29 15.00 14.99
CA ASP F 8 11.25 14.35 13.68
C ASP F 8 9.87 13.76 13.40
N PRO F 9 9.41 13.92 12.15
CA PRO F 9 8.09 13.41 11.75
C PRO F 9 7.78 11.95 12.06
N LYS F 10 8.78 11.08 11.97
CA LYS F 10 8.54 9.65 12.22
C LYS F 10 8.89 9.18 13.62
N PHE F 11 9.41 10.07 14.46
CA PHE F 11 9.78 9.66 15.81
C PHE F 11 8.63 9.01 16.56
N PRO F 12 7.39 9.50 16.37
CA PRO F 12 6.26 8.89 17.07
C PRO F 12 6.06 7.43 16.68
N GLN F 13 6.48 7.07 15.47
CA GLN F 13 6.36 5.71 15.00
C GLN F 13 7.50 4.80 15.49
N GLN F 14 8.51 5.39 16.12
CA GLN F 14 9.62 4.59 16.61
C GLN F 14 9.28 4.09 18.01
N TRP F 15 8.28 3.22 18.04
CA TRP F 15 7.75 2.63 19.26
C TRP F 15 8.77 1.96 20.17
N TYR F 16 9.81 1.39 19.58
CA TYR F 16 10.86 0.70 20.31
C TYR F 16 11.82 1.65 21.04
N LEU F 17 11.85 2.91 20.63
CA LEU F 17 12.74 3.87 21.29
C LEU F 17 12.08 4.40 22.54
N SER F 18 10.84 4.86 22.37
CA SER F 18 10.09 5.43 23.48
C SER F 18 8.60 5.17 23.25
N GLY F 19 7.93 4.75 24.31
CA GLY F 19 6.50 4.48 24.22
C GLY F 19 5.84 4.55 25.58
N VAL F 20 4.54 4.85 25.57
CA VAL F 20 3.79 4.93 26.82
C VAL F 20 3.57 3.50 27.33
N THR F 21 3.43 2.57 26.39
CA THR F 21 3.19 1.16 26.68
C THR F 21 4.28 0.49 27.52
N GLN F 22 5.30 1.24 27.92
CA GLN F 22 6.39 0.72 28.74
C GLN F 22 7.09 -0.52 28.13
N ARG F 23 6.79 -0.79 26.86
CA ARG F 23 7.40 -1.93 26.17
C ARG F 23 8.35 -1.37 25.11
N ASP F 24 9.50 -0.86 25.56
CA ASP F 24 10.50 -0.28 24.67
C ASP F 24 11.93 -0.46 25.22
N LEU F 25 12.92 0.04 24.50
CA LEU F 25 14.31 -0.08 24.93
C LEU F 25 14.76 1.00 25.93
N ASN F 26 13.81 1.78 26.41
CA ASN F 26 14.08 2.82 27.41
C ASN F 26 15.20 3.77 27.02
N VAL F 27 15.21 4.16 25.75
CA VAL F 27 16.23 5.03 25.22
C VAL F 27 16.05 6.49 25.64
N LYS F 28 14.80 6.95 25.70
CA LYS F 28 14.55 8.34 26.09
C LYS F 28 15.16 8.60 27.47
N ALA F 29 15.06 7.61 28.35
CA ALA F 29 15.61 7.74 29.69
C ALA F 29 17.11 8.00 29.64
N ALA F 30 17.79 7.45 28.63
CA ALA F 30 19.23 7.65 28.49
C ALA F 30 19.47 9.06 27.95
N TRP F 31 18.68 9.47 26.97
CA TRP F 31 18.81 10.79 26.40
C TRP F 31 18.59 11.83 27.50
N ALA F 32 17.57 11.59 28.31
CA ALA F 32 17.23 12.50 29.41
C ALA F 32 18.39 12.64 30.38
N GLN F 33 19.16 11.57 30.57
CA GLN F 33 20.31 11.62 31.47
C GLN F 33 21.46 12.39 30.80
N GLY F 34 21.26 12.78 29.56
CA GLY F 34 22.28 13.54 28.84
C GLY F 34 23.15 12.79 27.85
N TYR F 35 22.78 11.56 27.49
CA TYR F 35 23.58 10.79 26.56
C TYR F 35 22.92 10.57 25.20
N THR F 36 23.60 11.03 24.16
CA THR F 36 23.09 10.91 22.80
C THR F 36 24.13 10.35 21.82
N GLY F 37 25.26 9.91 22.36
CA GLY F 37 26.30 9.34 21.52
C GLY F 37 27.37 10.32 21.06
N HIS F 38 27.33 11.54 21.58
CA HIS F 38 28.32 12.53 21.19
C HIS F 38 29.75 12.03 21.45
N GLY F 39 30.61 12.14 20.45
CA GLY F 39 31.99 11.70 20.61
C GLY F 39 32.26 10.23 20.30
N ILE F 40 31.22 9.45 20.08
CA ILE F 40 31.40 8.02 19.80
C ILE F 40 31.33 7.76 18.31
N VAL F 41 32.16 6.83 17.83
CA VAL F 41 32.19 6.49 16.41
C VAL F 41 31.73 5.04 16.17
N VAL F 42 30.72 4.89 15.33
CA VAL F 42 30.17 3.58 15.02
C VAL F 42 30.30 3.34 13.53
N SER F 43 30.65 2.11 13.16
CA SER F 43 30.79 1.77 11.75
C SER F 43 29.92 0.56 11.40
N ILE F 44 29.17 0.69 10.30
CA ILE F 44 28.29 -0.37 9.83
C ILE F 44 29.01 -1.20 8.75
N LEU F 45 29.36 -2.45 9.05
CA LEU F 45 30.03 -3.29 8.06
C LEU F 45 28.89 -3.96 7.30
N ASP F 46 28.66 -3.52 6.07
CA ASP F 46 27.53 -4.05 5.31
C ASP F 46 27.70 -3.86 3.79
N ASP F 47 26.60 -3.52 3.11
CA ASP F 47 26.62 -3.33 1.67
C ASP F 47 26.80 -1.88 1.21
N GLY F 48 27.26 -1.03 2.13
CA GLY F 48 27.48 0.36 1.79
C GLY F 48 26.61 1.29 2.63
N ILE F 49 26.87 2.58 2.54
CA ILE F 49 26.09 3.57 3.27
C ILE F 49 25.87 4.81 2.41
N GLU F 50 24.63 5.27 2.32
CA GLU F 50 24.30 6.44 1.52
C GLU F 50 24.69 7.65 2.34
N LYS F 51 25.97 8.02 2.27
CA LYS F 51 26.50 9.13 3.05
C LYS F 51 25.81 10.47 2.83
N ASN F 52 25.18 10.63 1.69
CA ASN F 52 24.50 11.87 1.37
C ASN F 52 23.01 11.82 1.74
N HIS F 53 22.59 10.78 2.45
CA HIS F 53 21.19 10.68 2.84
C HIS F 53 20.88 11.87 3.75
N PRO F 54 19.75 12.55 3.52
CA PRO F 54 19.42 13.70 4.37
C PRO F 54 19.38 13.42 5.88
N ASP F 55 19.18 12.18 6.28
CA ASP F 55 19.13 11.90 7.71
C ASP F 55 20.42 11.27 8.20
N LEU F 56 21.42 11.20 7.33
CA LEU F 56 22.72 10.64 7.71
C LEU F 56 23.90 11.60 7.50
N ALA F 57 23.85 12.39 6.45
CA ALA F 57 24.96 13.32 6.14
C ALA F 57 25.48 14.07 7.35
N GLY F 58 24.58 14.62 8.15
CA GLY F 58 25.00 15.36 9.33
C GLY F 58 25.89 14.61 10.31
N ASN F 59 25.81 13.29 10.35
CA ASN F 59 26.64 12.51 11.27
C ASN F 59 27.66 11.63 10.55
N TYR F 60 27.62 11.63 9.22
CA TYR F 60 28.54 10.82 8.45
C TYR F 60 30.01 11.09 8.77
N ASP F 61 30.78 10.01 8.93
CA ASP F 61 32.19 10.11 9.25
C ASP F 61 33.05 9.29 8.27
N PRO F 62 33.76 9.97 7.36
CA PRO F 62 34.61 9.32 6.36
C PRO F 62 35.69 8.47 7.02
N GLY F 63 36.11 8.88 8.22
CA GLY F 63 37.15 8.16 8.94
C GLY F 63 36.69 6.81 9.45
N ALA F 64 35.38 6.59 9.46
CA ALA F 64 34.83 5.33 9.93
C ALA F 64 34.29 4.56 8.73
N SER F 65 34.73 4.96 7.54
CA SER F 65 34.24 4.34 6.32
C SER F 65 35.30 3.90 5.33
N PHE F 66 34.91 3.00 4.43
CA PHE F 66 35.79 2.52 3.38
C PHE F 66 35.01 1.60 2.48
N ASP F 67 35.50 1.43 1.25
CA ASP F 67 34.87 0.51 0.31
C ASP F 67 35.88 -0.60 0.06
N VAL F 68 35.73 -1.72 0.77
CA VAL F 68 36.63 -2.84 0.62
C VAL F 68 36.34 -3.63 -0.65
N ASN F 69 35.09 -3.61 -1.10
CA ASN F 69 34.71 -4.33 -2.31
C ASN F 69 35.40 -3.75 -3.54
N ASP F 70 35.42 -2.42 -3.66
CA ASP F 70 36.05 -1.79 -4.81
C ASP F 70 37.39 -1.14 -4.50
N GLN F 71 37.83 -1.26 -3.26
CA GLN F 71 39.11 -0.68 -2.85
C GLN F 71 39.22 0.82 -3.03
N ASP F 72 38.34 1.56 -2.36
CA ASP F 72 38.41 3.02 -2.39
C ASP F 72 37.77 3.49 -1.10
N PRO F 73 37.97 4.75 -0.73
CA PRO F 73 37.37 5.23 0.52
C PRO F 73 35.90 5.60 0.53
N ASP F 74 35.25 5.55 -0.64
CA ASP F 74 33.84 5.93 -0.76
C ASP F 74 32.89 4.72 -0.69
N PRO F 75 32.18 4.55 0.45
CA PRO F 75 31.24 3.45 0.69
C PRO F 75 29.84 3.62 0.08
N GLN F 76 29.66 4.58 -0.82
CA GLN F 76 28.37 4.80 -1.45
C GLN F 76 27.84 3.47 -2.00
N PRO F 77 26.55 3.18 -1.76
CA PRO F 77 25.97 1.92 -2.26
C PRO F 77 25.90 1.92 -3.79
N ARG F 78 25.88 0.72 -4.37
CA ARG F 78 25.77 0.58 -5.82
C ARG F 78 24.27 0.50 -6.10
N TYR F 79 23.75 1.46 -6.86
CA TYR F 79 22.32 1.50 -7.14
C TYR F 79 21.89 0.53 -8.24
N THR F 80 20.78 -0.14 -8.00
CA THR F 80 20.20 -1.10 -8.95
C THR F 80 18.68 -0.96 -8.87
N GLN F 81 17.97 -1.41 -9.90
CA GLN F 81 16.52 -1.35 -9.92
C GLN F 81 15.89 -2.06 -8.73
N MET F 82 16.49 -3.15 -8.29
CA MET F 82 15.97 -3.91 -7.17
C MET F 82 16.34 -3.33 -5.80
N ASN F 83 17.21 -2.32 -5.80
CA ASN F 83 17.64 -1.69 -4.54
C ASN F 83 18.24 -2.73 -3.61
N ASP F 84 19.06 -3.61 -4.16
CA ASP F 84 19.71 -4.66 -3.41
C ASP F 84 20.60 -4.15 -2.30
N ASN F 85 21.27 -3.03 -2.54
CA ASN F 85 22.19 -2.48 -1.56
C ASN F 85 21.66 -1.40 -0.64
N ARG F 86 20.43 -1.58 -0.16
CA ARG F 86 19.79 -0.62 0.74
C ARG F 86 19.94 -1.05 2.19
N HIS F 87 20.42 -2.27 2.39
CA HIS F 87 20.58 -2.85 3.71
C HIS F 87 21.47 -2.07 4.68
N GLY F 88 22.69 -1.74 4.26
CA GLY F 88 23.59 -1.00 5.15
C GLY F 88 23.04 0.35 5.56
N THR F 89 22.41 1.04 4.61
CA THR F 89 21.86 2.36 4.89
C THR F 89 20.75 2.28 5.93
N ARG F 90 19.94 1.22 5.85
CA ARG F 90 18.87 1.05 6.82
C ARG F 90 19.42 0.81 8.23
N CYS F 91 20.47 0.00 8.32
CA CYS F 91 21.08 -0.26 9.61
C CYS F 91 21.73 0.99 10.17
N ALA F 92 22.38 1.78 9.32
CA ALA F 92 23.05 3.00 9.77
C ALA F 92 22.07 3.97 10.43
N GLY F 93 20.90 4.15 9.81
CA GLY F 93 19.92 5.06 10.35
C GLY F 93 19.43 4.69 11.74
N GLU F 94 19.38 3.39 12.02
CA GLU F 94 18.92 2.92 13.32
C GLU F 94 19.85 3.40 14.41
N VAL F 95 21.13 3.42 14.08
CA VAL F 95 22.15 3.83 15.03
C VAL F 95 22.27 5.33 15.19
N ALA F 96 22.38 6.06 14.08
CA ALA F 96 22.60 7.48 14.18
C ALA F 96 21.89 8.43 13.21
N ALA F 97 20.63 8.15 12.88
CA ALA F 97 19.93 9.08 12.00
C ALA F 97 19.88 10.43 12.76
N VAL F 98 20.06 11.53 12.03
CA VAL F 98 20.03 12.86 12.62
C VAL F 98 18.69 13.20 13.28
N ALA F 99 18.74 13.89 14.41
CA ALA F 99 17.54 14.26 15.15
C ALA F 99 17.10 15.72 14.94
N ASN F 100 15.82 15.97 15.17
CA ASN F 100 15.24 17.30 15.07
C ASN F 100 15.58 18.02 13.78
N ASN F 101 15.47 17.32 12.65
CA ASN F 101 15.79 17.94 11.38
C ASN F 101 14.64 17.77 10.39
N GLY F 102 13.45 17.51 10.91
CA GLY F 102 12.27 17.36 10.08
C GLY F 102 12.33 16.24 9.05
N VAL F 103 13.25 15.31 9.23
CA VAL F 103 13.39 14.20 8.30
C VAL F 103 13.29 12.83 8.99
N CYS F 104 12.41 11.99 8.46
CA CYS F 104 12.23 10.63 8.96
C CYS F 104 12.18 10.56 10.49
N GLY F 105 13.02 9.69 11.07
CA GLY F 105 13.04 9.55 12.51
C GLY F 105 14.38 9.94 13.13
N VAL F 106 14.82 9.21 14.15
CA VAL F 106 16.10 9.47 14.81
C VAL F 106 16.83 8.17 15.16
N GLY F 107 18.15 8.24 15.25
CA GLY F 107 18.92 7.07 15.62
C GLY F 107 18.96 6.97 17.13
N VAL F 108 19.31 5.81 17.67
CA VAL F 108 19.42 5.67 19.12
C VAL F 108 20.48 6.63 19.66
N ALA F 109 21.58 6.76 18.93
CA ALA F 109 22.67 7.66 19.31
C ALA F 109 22.72 8.72 18.21
N TYR F 110 21.72 9.61 18.22
CA TYR F 110 21.63 10.63 17.18
C TYR F 110 22.73 11.68 17.11
N ASN F 111 23.65 11.68 18.06
CA ASN F 111 24.77 12.62 18.00
C ASN F 111 26.10 11.90 17.78
N ALA F 112 26.04 10.59 17.57
CA ALA F 112 27.24 9.81 17.32
C ALA F 112 27.66 10.01 15.87
N ARG F 113 28.90 9.66 15.58
CA ARG F 113 29.40 9.76 14.21
C ARG F 113 29.20 8.37 13.63
N ILE F 114 28.69 8.32 12.40
CA ILE F 114 28.42 7.04 11.77
C ILE F 114 29.16 6.86 10.47
N GLY F 115 29.75 5.68 10.31
CA GLY F 115 30.46 5.38 9.08
C GLY F 115 29.98 4.05 8.54
N GLY F 116 30.44 3.69 7.36
CA GLY F 116 30.05 2.42 6.79
C GLY F 116 31.17 1.80 5.97
N VAL F 117 31.28 0.48 6.04
CA VAL F 117 32.28 -0.21 5.24
C VAL F 117 31.50 -1.01 4.21
N ARG F 118 31.75 -0.72 2.94
CA ARG F 118 31.09 -1.45 1.88
C ARG F 118 31.89 -2.71 1.71
N MET F 119 31.36 -3.85 2.17
CA MET F 119 32.08 -5.11 2.04
C MET F 119 31.24 -6.34 1.67
N LEU F 120 29.92 -6.19 1.61
CA LEU F 120 29.05 -7.31 1.25
C LEU F 120 28.71 -7.35 -0.24
N ASP F 121 28.96 -6.25 -0.94
CA ASP F 121 28.63 -6.17 -2.37
C ASP F 121 29.80 -6.59 -3.24
N GLY F 122 30.11 -7.89 -3.17
CA GLY F 122 31.21 -8.46 -3.93
C GLY F 122 31.57 -9.80 -3.30
N GLU F 123 32.72 -10.34 -3.64
CA GLU F 123 33.12 -11.62 -3.06
C GLU F 123 33.55 -11.31 -1.63
N VAL F 124 32.84 -11.87 -0.66
CA VAL F 124 33.15 -11.64 0.75
C VAL F 124 34.18 -12.68 1.21
N THR F 125 35.45 -12.37 1.01
CA THR F 125 36.54 -13.27 1.39
C THR F 125 36.99 -13.02 2.82
N ASP F 126 37.87 -13.89 3.30
CA ASP F 126 38.43 -13.75 4.64
C ASP F 126 39.15 -12.38 4.73
N ALA F 127 39.91 -12.05 3.69
CA ALA F 127 40.65 -10.79 3.65
C ALA F 127 39.70 -9.60 3.69
N VAL F 128 38.60 -9.69 2.95
CA VAL F 128 37.62 -8.62 2.94
C VAL F 128 37.05 -8.43 4.34
N GLU F 129 36.74 -9.53 5.01
CA GLU F 129 36.19 -9.45 6.36
C GLU F 129 37.23 -8.86 7.33
N ALA F 130 38.45 -9.37 7.26
CA ALA F 130 39.52 -8.91 8.15
C ALA F 130 39.79 -7.42 7.99
N ARG F 131 39.81 -6.92 6.76
CA ARG F 131 40.06 -5.50 6.57
C ARG F 131 38.90 -4.63 7.09
N SER F 132 37.69 -5.19 7.09
CA SER F 132 36.53 -4.46 7.58
C SER F 132 36.51 -4.43 9.11
N LEU F 133 36.68 -5.59 9.73
CA LEU F 133 36.69 -5.69 11.18
C LEU F 133 37.88 -4.95 11.77
N GLY F 134 38.94 -4.83 10.98
CA GLY F 134 40.14 -4.15 11.45
C GLY F 134 40.31 -2.73 10.97
N LEU F 135 39.25 -2.15 10.41
CA LEU F 135 39.35 -0.78 9.91
C LEU F 135 39.52 0.26 11.02
N ASN F 136 40.56 1.08 10.93
CA ASN F 136 40.77 2.14 11.92
C ASN F 136 40.38 1.83 13.35
N PRO F 137 40.98 0.79 13.94
CA PRO F 137 40.68 0.37 15.32
C PRO F 137 40.85 1.44 16.40
N ASN F 138 41.61 2.48 16.09
CA ASN F 138 41.81 3.53 17.09
C ASN F 138 40.94 4.74 16.86
N HIS F 139 40.09 4.68 15.83
CA HIS F 139 39.18 5.77 15.56
C HIS F 139 37.74 5.29 15.79
N ILE F 140 37.43 4.12 15.23
CA ILE F 140 36.11 3.51 15.36
C ILE F 140 36.00 2.83 16.72
N HIS F 141 34.89 3.05 17.43
CA HIS F 141 34.70 2.43 18.73
C HIS F 141 33.87 1.15 18.66
N ILE F 142 32.79 1.21 17.88
CA ILE F 142 31.86 0.12 17.76
C ILE F 142 31.64 -0.32 16.32
N TYR F 143 31.68 -1.63 16.09
CA TYR F 143 31.44 -2.18 14.76
C TYR F 143 30.12 -2.95 14.83
N SER F 144 29.25 -2.74 13.85
CA SER F 144 27.96 -3.42 13.83
C SER F 144 27.88 -4.27 12.59
N ALA F 145 27.54 -5.55 12.76
CA ALA F 145 27.46 -6.45 11.61
C ALA F 145 26.14 -7.22 11.56
N SER F 146 25.33 -6.91 10.56
CA SER F 146 24.05 -7.58 10.37
C SER F 146 24.16 -8.55 9.18
N TRP F 147 25.11 -9.46 9.29
CA TRP F 147 25.35 -10.46 8.24
C TRP F 147 26.08 -11.63 8.87
N GLY F 148 26.18 -12.72 8.12
CA GLY F 148 26.87 -13.89 8.63
C GLY F 148 26.72 -15.06 7.71
N PRO F 149 27.10 -16.26 8.17
CA PRO F 149 27.00 -17.48 7.35
C PRO F 149 25.53 -17.76 7.00
N GLU F 150 25.31 -18.52 5.94
CA GLU F 150 23.97 -18.84 5.50
C GLU F 150 23.14 -19.51 6.60
N ASP F 151 21.88 -19.13 6.70
CA ASP F 151 20.97 -19.68 7.70
C ASP F 151 20.13 -20.83 7.14
N ASP F 152 20.74 -21.80 6.47
CA ASP F 152 19.94 -22.89 5.93
C ASP F 152 19.67 -23.97 6.96
N GLY F 153 20.23 -23.82 8.16
CA GLY F 153 20.02 -24.80 9.20
C GLY F 153 20.84 -26.07 9.04
N LYS F 154 21.86 -26.03 8.18
CA LYS F 154 22.68 -27.22 8.00
C LYS F 154 24.16 -26.89 7.85
N THR F 155 24.51 -25.62 7.98
CA THR F 155 25.91 -25.25 7.86
C THR F 155 26.52 -24.93 9.21
N VAL F 156 27.81 -25.18 9.32
CA VAL F 156 28.58 -24.87 10.51
C VAL F 156 29.70 -24.06 9.89
N ASP F 157 29.78 -22.78 10.23
CA ASP F 157 30.75 -21.90 9.61
C ASP F 157 31.05 -20.73 10.54
N GLY F 158 32.21 -20.11 10.34
CA GLY F 158 32.62 -19.00 11.17
C GLY F 158 33.78 -18.27 10.49
N PRO F 159 34.39 -17.31 11.17
CA PRO F 159 35.51 -16.55 10.59
C PRO F 159 36.74 -17.37 10.24
N ALA F 160 37.36 -17.06 9.10
CA ALA F 160 38.59 -17.74 8.71
C ALA F 160 39.73 -17.07 9.50
N ARG F 161 40.98 -17.49 9.28
CA ARG F 161 42.09 -16.96 10.05
C ARG F 161 42.31 -15.46 10.14
N LEU F 162 42.29 -14.75 9.02
CA LEU F 162 42.50 -13.30 9.07
C LEU F 162 41.39 -12.61 9.87
N ALA F 163 40.15 -13.02 9.67
CA ALA F 163 39.03 -12.42 10.39
C ALA F 163 39.19 -12.70 11.88
N GLU F 164 39.59 -13.92 12.23
CA GLU F 164 39.80 -14.26 13.63
C GLU F 164 40.87 -13.36 14.21
N GLU F 165 41.97 -13.21 13.48
CA GLU F 165 43.06 -12.35 13.94
C GLU F 165 42.57 -10.92 14.10
N ALA F 166 41.70 -10.49 13.19
CA ALA F 166 41.17 -9.13 13.28
C ALA F 166 40.37 -8.96 14.58
N PHE F 167 39.54 -9.95 14.91
CA PHE F 167 38.75 -9.91 16.14
C PHE F 167 39.70 -9.83 17.35
N PHE F 168 40.70 -10.71 17.36
CA PHE F 168 41.63 -10.74 18.47
C PHE F 168 42.45 -9.43 18.62
N ARG F 169 42.93 -8.90 17.51
CA ARG F 169 43.67 -7.64 17.54
C ARG F 169 42.71 -6.54 18.01
N GLY F 170 41.46 -6.63 17.56
CA GLY F 170 40.47 -5.65 17.96
C GLY F 170 40.21 -5.56 19.46
N VAL F 171 39.86 -6.67 20.10
CA VAL F 171 39.59 -6.65 21.53
C VAL F 171 40.85 -6.38 22.36
N SER F 172 42.01 -6.72 21.80
CA SER F 172 43.29 -6.53 22.48
C SER F 172 43.85 -5.12 22.37
N GLN F 173 43.88 -4.60 21.15
CA GLN F 173 44.47 -3.31 20.90
C GLN F 173 43.54 -2.17 20.49
N GLY F 174 42.37 -2.50 19.95
CA GLY F 174 41.44 -1.47 19.55
C GLY F 174 41.11 -0.50 20.67
N ARG F 175 40.61 0.69 20.31
CA ARG F 175 40.25 1.71 21.29
C ARG F 175 41.35 1.89 22.35
N GLY F 176 42.57 2.11 21.89
CA GLY F 176 43.67 2.31 22.82
C GLY F 176 43.85 1.22 23.85
N GLY F 177 43.56 -0.01 23.48
CA GLY F 177 43.72 -1.11 24.42
C GLY F 177 42.48 -1.53 25.18
N LEU F 178 41.44 -0.71 25.13
CA LEU F 178 40.20 -1.02 25.83
C LEU F 178 39.45 -2.10 25.06
N GLY F 179 39.71 -2.18 23.75
CA GLY F 179 39.11 -3.19 22.91
C GLY F 179 37.91 -2.77 22.07
N SER F 180 37.97 -3.07 20.78
CA SER F 180 36.86 -2.77 19.87
C SER F 180 35.59 -3.47 20.35
N ILE F 181 34.44 -2.85 20.11
CA ILE F 181 33.16 -3.45 20.49
C ILE F 181 32.54 -4.02 19.20
N PHE F 182 32.37 -5.33 19.13
CA PHE F 182 31.78 -5.98 17.95
C PHE F 182 30.34 -6.45 18.26
N VAL F 183 29.37 -5.84 17.61
CA VAL F 183 27.97 -6.19 17.81
C VAL F 183 27.50 -7.04 16.63
N TRP F 184 26.93 -8.21 16.91
CA TRP F 184 26.49 -9.12 15.85
C TRP F 184 25.01 -9.50 15.89
N ALA F 185 24.39 -9.61 14.72
CA ALA F 185 23.00 -10.05 14.61
C ALA F 185 23.04 -11.58 14.72
N SER F 186 22.23 -12.15 15.62
CA SER F 186 22.26 -13.60 15.83
C SER F 186 21.81 -14.50 14.68
N GLY F 187 21.04 -13.98 13.73
CA GLY F 187 20.62 -14.79 12.59
C GLY F 187 19.13 -14.83 12.23
N ASN F 188 18.83 -15.16 10.98
CA ASN F 188 17.44 -15.25 10.50
C ASN F 188 17.04 -16.69 10.18
N GLY F 189 17.72 -17.68 10.74
CA GLY F 189 17.40 -19.07 10.43
C GLY F 189 16.28 -19.78 11.19
N GLY F 190 15.45 -19.02 11.91
CA GLY F 190 14.38 -19.63 12.67
C GLY F 190 13.49 -20.62 11.92
N ARG F 191 13.09 -20.28 10.72
CA ARG F 191 12.23 -21.16 9.93
C ARG F 191 12.94 -22.48 9.56
N GLU F 192 14.27 -22.42 9.44
CA GLU F 192 15.06 -23.60 9.10
C GLU F 192 15.55 -24.33 10.34
N HIS F 193 15.09 -23.89 11.52
CA HIS F 193 15.50 -24.50 12.78
C HIS F 193 17.00 -24.38 13.01
N ASP F 194 17.57 -23.26 12.54
CA ASP F 194 19.00 -23.04 12.69
C ASP F 194 19.38 -22.73 14.14
N SER F 195 20.65 -22.96 14.47
CA SER F 195 21.17 -22.67 15.81
C SER F 195 22.29 -21.65 15.67
N CYS F 196 22.22 -20.56 16.42
CA CYS F 196 23.27 -19.58 16.30
C CYS F 196 24.59 -20.01 16.93
N ASN F 197 24.66 -21.22 17.48
CA ASN F 197 25.93 -21.68 18.02
C ASN F 197 26.72 -22.37 16.91
N CYS F 198 26.09 -22.53 15.74
CA CYS F 198 26.76 -23.13 14.59
C CYS F 198 27.29 -22.02 13.68
N ASP F 199 27.30 -20.81 14.24
CA ASP F 199 27.76 -19.59 13.57
C ASP F 199 28.94 -19.10 14.41
N GLY F 200 30.14 -19.15 13.84
CA GLY F 200 31.34 -18.74 14.57
C GLY F 200 31.45 -17.26 14.90
N TYR F 201 30.68 -16.41 14.24
CA TYR F 201 30.74 -14.98 14.52
C TYR F 201 29.91 -14.67 15.75
N THR F 202 28.68 -15.18 15.78
CA THR F 202 27.81 -14.93 16.94
C THR F 202 28.32 -15.70 18.17
N ASN F 203 28.82 -16.90 17.92
CA ASN F 203 29.33 -17.79 18.94
C ASN F 203 30.64 -17.31 19.60
N SER F 204 31.32 -16.36 18.97
CA SER F 204 32.58 -15.81 19.50
C SER F 204 32.40 -15.02 20.78
N ILE F 205 33.36 -15.12 21.70
CA ILE F 205 33.24 -14.35 22.95
C ILE F 205 33.55 -12.88 22.66
N TYR F 206 34.20 -12.60 21.53
CA TYR F 206 34.56 -11.24 21.16
C TYR F 206 33.38 -10.40 20.63
N THR F 207 32.27 -11.04 20.31
CA THR F 207 31.11 -10.32 19.79
C THR F 207 29.93 -10.37 20.75
N LEU F 208 29.12 -9.30 20.75
CA LEU F 208 27.91 -9.31 21.56
C LEU F 208 26.84 -9.73 20.57
N SER F 209 26.37 -10.97 20.69
CA SER F 209 25.36 -11.48 19.78
C SER F 209 23.98 -11.04 20.29
N ILE F 210 23.23 -10.37 19.40
CA ILE F 210 21.92 -9.84 19.72
C ILE F 210 20.75 -10.49 19.00
N SER F 211 19.73 -10.90 19.76
CA SER F 211 18.54 -11.52 19.16
C SER F 211 17.38 -10.52 19.09
N SER F 212 16.23 -10.98 18.60
CA SER F 212 15.08 -10.10 18.41
C SER F 212 13.83 -10.51 19.16
N ALA F 213 12.94 -9.54 19.38
CA ALA F 213 11.66 -9.73 20.03
C ALA F 213 10.64 -8.94 19.21
N THR F 214 9.42 -9.46 19.07
CA THR F 214 8.40 -8.75 18.31
C THR F 214 7.76 -7.70 19.25
N GLN F 215 6.99 -6.80 18.66
CA GLN F 215 6.37 -5.74 19.42
C GLN F 215 5.55 -6.27 20.59
N PHE F 216 4.82 -7.36 20.39
CA PHE F 216 4.00 -7.91 21.46
C PHE F 216 4.83 -8.76 22.43
N GLY F 217 6.14 -8.75 22.26
CA GLY F 217 7.00 -9.50 23.17
C GLY F 217 7.17 -10.99 22.90
N ASN F 218 7.08 -11.38 21.63
CA ASN F 218 7.22 -12.80 21.28
C ASN F 218 8.49 -13.11 20.49
N VAL F 219 8.80 -14.39 20.39
CA VAL F 219 9.98 -14.85 19.65
C VAL F 219 9.60 -14.85 18.18
N PRO F 220 10.22 -13.96 17.39
CA PRO F 220 9.94 -13.84 15.96
C PRO F 220 10.16 -15.15 15.20
N TRP F 221 9.43 -15.32 14.09
CA TRP F 221 9.55 -16.52 13.29
C TRP F 221 10.98 -16.77 12.80
N TYR F 222 11.73 -15.71 12.54
CA TYR F 222 13.10 -15.84 12.02
C TYR F 222 14.16 -16.06 13.09
N SER F 223 13.79 -15.95 14.35
CA SER F 223 14.74 -16.08 15.46
C SER F 223 15.43 -17.42 15.62
N GLU F 224 16.73 -17.37 15.91
CA GLU F 224 17.50 -18.60 16.15
C GLU F 224 17.84 -18.65 17.64
N ALA F 225 17.65 -19.80 18.24
CA ALA F 225 17.95 -19.96 19.66
C ALA F 225 19.34 -20.58 19.82
N CYS F 226 20.03 -20.18 20.88
CA CYS F 226 21.35 -20.74 21.20
C CYS F 226 21.82 -20.09 22.51
N SER F 227 22.79 -20.73 23.15
CA SER F 227 23.32 -20.24 24.43
C SER F 227 24.34 -19.11 24.32
N SER F 228 24.81 -18.81 23.11
CA SER F 228 25.82 -17.77 22.94
C SER F 228 25.25 -16.36 22.87
N THR F 229 23.95 -16.25 22.60
CA THR F 229 23.29 -14.95 22.53
C THR F 229 23.38 -14.25 23.88
N LEU F 230 23.63 -12.95 23.87
CA LEU F 230 23.77 -12.20 25.12
C LEU F 230 22.52 -11.41 25.53
N ALA F 231 21.91 -10.71 24.58
CA ALA F 231 20.72 -9.92 24.88
C ALA F 231 19.81 -9.75 23.65
N THR F 232 18.78 -8.94 23.81
CA THR F 232 17.78 -8.74 22.77
C THR F 232 17.33 -7.30 22.57
N THR F 233 16.93 -6.97 21.35
CA THR F 233 16.36 -5.66 21.05
C THR F 233 15.17 -5.95 20.15
N TYR F 234 14.22 -5.02 20.09
CA TYR F 234 13.04 -5.20 19.27
C TYR F 234 13.31 -5.21 17.77
N SER F 235 12.44 -5.91 17.07
CA SER F 235 12.48 -5.95 15.61
C SER F 235 11.07 -6.28 15.12
N SER F 236 10.95 -6.82 13.91
CA SER F 236 9.64 -7.13 13.33
C SER F 236 9.01 -8.46 13.78
N GLY F 237 7.71 -8.59 13.53
CA GLY F 237 6.98 -9.80 13.89
C GLY F 237 5.94 -10.08 12.84
N ASN F 238 4.67 -10.25 13.26
CA ASN F 238 3.60 -10.49 12.29
C ASN F 238 3.10 -9.16 11.71
N GLN F 239 2.12 -9.23 10.82
CA GLN F 239 1.64 -8.00 10.19
C GLN F 239 0.76 -7.10 11.04
N ASN F 240 0.47 -7.50 12.28
CA ASN F 240 -0.29 -6.65 13.18
C ASN F 240 0.71 -5.90 14.08
N GLU F 241 1.97 -6.31 14.01
CA GLU F 241 3.01 -5.70 14.84
C GLU F 241 3.83 -4.70 14.02
N LYS F 242 4.21 -3.59 14.64
CA LYS F 242 5.00 -2.59 13.94
C LYS F 242 6.43 -3.05 13.68
N GLN F 243 7.11 -2.35 12.78
CA GLN F 243 8.48 -2.72 12.44
C GLN F 243 9.46 -1.57 12.72
N ILE F 244 10.64 -1.63 12.14
CA ILE F 244 11.65 -0.61 12.38
C ILE F 244 11.61 0.52 11.35
N VAL F 245 11.65 1.74 11.85
CA VAL F 245 11.62 2.95 11.03
C VAL F 245 13.04 3.49 10.89
N THR F 246 13.50 3.65 9.67
CA THR F 246 14.86 4.12 9.46
C THR F 246 15.08 4.72 8.07
N THR F 247 16.30 5.15 7.82
CA THR F 247 16.70 5.72 6.53
C THR F 247 16.79 4.64 5.46
N ASP F 248 16.27 4.92 4.26
CA ASP F 248 16.32 3.95 3.17
C ASP F 248 17.06 4.52 1.96
N LEU F 249 17.52 3.62 1.10
CA LEU F 249 18.25 3.99 -0.12
C LEU F 249 17.47 5.02 -0.93
N ARG F 250 18.20 5.81 -1.71
CA ARG F 250 17.63 6.84 -2.55
C ARG F 250 16.98 7.94 -1.70
N GLN F 251 17.63 8.24 -0.58
CA GLN F 251 17.18 9.29 0.32
C GLN F 251 15.75 9.18 0.80
N LYS F 252 15.28 7.95 0.99
CA LYS F 252 13.92 7.72 1.46
C LYS F 252 13.87 7.32 2.92
N CYS F 253 12.66 7.13 3.42
CA CYS F 253 12.45 6.74 4.81
C CYS F 253 11.61 5.47 4.73
N THR F 254 11.94 4.49 5.54
CA THR F 254 11.18 3.25 5.52
C THR F 254 10.66 2.90 6.90
N GLU F 255 9.49 2.29 6.94
CA GLU F 255 8.91 1.88 8.21
C GLU F 255 8.87 0.37 8.24
N SER F 256 9.57 -0.24 7.29
CA SER F 256 9.58 -1.70 7.19
C SER F 256 10.96 -2.37 7.17
N HIS F 257 11.85 -1.95 8.06
CA HIS F 257 13.15 -2.59 8.15
C HIS F 257 12.82 -3.79 9.09
N THR F 258 13.25 -4.99 8.71
CA THR F 258 12.89 -6.19 9.46
C THR F 258 13.99 -7.19 9.77
N GLY F 259 13.60 -8.26 10.48
CA GLY F 259 14.51 -9.34 10.82
C GLY F 259 15.63 -9.07 11.81
N THR F 260 16.51 -10.05 11.91
CA THR F 260 17.65 -9.97 12.82
C THR F 260 18.50 -8.76 12.49
N SER F 261 18.50 -8.34 11.22
CA SER F 261 19.28 -7.19 10.78
C SER F 261 19.00 -5.90 11.54
N ALA F 262 17.76 -5.73 11.96
CA ALA F 262 17.38 -4.51 12.66
C ALA F 262 17.73 -4.49 14.14
N SER F 263 18.01 -5.64 14.74
CA SER F 263 18.32 -5.69 16.15
C SER F 263 19.74 -5.28 16.55
N ALA F 264 20.74 -5.77 15.82
CA ALA F 264 22.12 -5.44 16.17
C ALA F 264 22.39 -3.92 16.17
N PRO F 265 21.92 -3.20 15.14
CA PRO F 265 22.14 -1.75 15.07
C PRO F 265 21.57 -1.01 16.28
N LEU F 266 20.40 -1.43 16.75
CA LEU F 266 19.80 -0.78 17.93
C LEU F 266 20.70 -1.02 19.14
N ALA F 267 21.24 -2.22 19.23
CA ALA F 267 22.15 -2.56 20.33
C ALA F 267 23.42 -1.72 20.20
N ALA F 268 23.92 -1.57 18.97
CA ALA F 268 25.13 -0.79 18.76
C ALA F 268 24.89 0.65 19.21
N GLY F 269 23.70 1.17 18.90
CA GLY F 269 23.38 2.52 19.31
C GLY F 269 23.34 2.67 20.82
N ILE F 270 22.70 1.73 21.50
CA ILE F 270 22.62 1.80 22.96
C ILE F 270 24.01 1.72 23.56
N ILE F 271 24.86 0.88 22.99
CA ILE F 271 26.23 0.74 23.46
C ILE F 271 26.99 2.05 23.26
N ALA F 272 26.68 2.79 22.19
CA ALA F 272 27.33 4.07 21.94
C ALA F 272 26.97 5.05 23.06
N LEU F 273 25.70 5.04 23.47
CA LEU F 273 25.26 5.92 24.54
C LEU F 273 26.02 5.55 25.80
N THR F 274 26.20 4.25 26.00
CA THR F 274 26.90 3.74 27.17
C THR F 274 28.37 4.18 27.20
N LEU F 275 29.03 4.14 26.05
CA LEU F 275 30.42 4.56 25.99
C LEU F 275 30.55 6.04 26.28
N GLU F 276 29.57 6.83 25.86
CA GLU F 276 29.64 8.25 26.13
C GLU F 276 29.55 8.45 27.64
N ALA F 277 28.71 7.64 28.29
CA ALA F 277 28.55 7.73 29.73
C ALA F 277 29.83 7.35 30.45
N ASN F 278 30.63 6.49 29.83
CA ASN F 278 31.90 6.05 30.42
C ASN F 278 32.81 5.54 29.31
N LYS F 279 33.66 6.43 28.82
CA LYS F 279 34.59 6.11 27.73
C LYS F 279 35.69 5.12 28.10
N ASN F 280 35.83 4.79 29.38
CA ASN F 280 36.88 3.89 29.83
C ASN F 280 36.46 2.43 29.93
N LEU F 281 35.24 2.11 29.53
CA LEU F 281 34.75 0.73 29.58
C LEU F 281 35.51 -0.14 28.59
N THR F 282 35.93 -1.33 29.03
CA THR F 282 36.65 -2.25 28.15
C THR F 282 35.61 -3.10 27.41
N TRP F 283 36.07 -3.90 26.45
CA TRP F 283 35.14 -4.75 25.71
C TRP F 283 34.43 -5.71 26.65
N ARG F 284 35.13 -6.14 27.72
CA ARG F 284 34.51 -7.04 28.69
C ARG F 284 33.55 -6.28 29.63
N ASP F 285 33.92 -5.06 30.04
CA ASP F 285 33.04 -4.27 30.90
C ASP F 285 31.67 -4.16 30.21
N MET F 286 31.69 -3.86 28.92
CA MET F 286 30.45 -3.68 28.16
C MET F 286 29.55 -4.92 28.23
N GLN F 287 30.13 -6.11 28.13
CA GLN F 287 29.31 -7.32 28.21
C GLN F 287 28.76 -7.49 29.62
N HIS F 288 29.54 -7.11 30.64
CA HIS F 288 29.06 -7.22 32.01
C HIS F 288 27.84 -6.31 32.19
N LEU F 289 27.93 -5.08 31.67
CA LEU F 289 26.82 -4.14 31.79
C LEU F 289 25.54 -4.69 31.17
N VAL F 290 25.68 -5.31 30.01
CA VAL F 290 24.54 -5.88 29.30
C VAL F 290 23.90 -7.00 30.11
N VAL F 291 24.73 -7.88 30.65
CA VAL F 291 24.23 -8.99 31.45
C VAL F 291 23.48 -8.46 32.68
N GLN F 292 24.04 -7.44 33.34
CA GLN F 292 23.43 -6.91 34.54
C GLN F 292 22.17 -6.08 34.35
N THR F 293 22.09 -5.33 33.27
CA THR F 293 20.95 -4.46 33.07
C THR F 293 19.83 -4.93 32.15
N SER F 294 20.05 -6.01 31.40
CA SER F 294 19.01 -6.48 30.49
C SER F 294 17.79 -7.05 31.22
N LYS F 295 16.61 -6.74 30.69
CA LYS F 295 15.35 -7.13 31.29
C LYS F 295 14.55 -8.22 30.60
N PRO F 296 14.20 -9.29 31.33
CA PRO F 296 13.41 -10.39 30.76
C PRO F 296 11.94 -9.98 30.69
N ALA F 297 11.47 -9.39 31.77
CA ALA F 297 10.07 -8.97 31.91
C ALA F 297 9.51 -8.42 30.62
N HIS F 298 8.33 -8.90 30.28
CA HIS F 298 7.59 -8.51 29.08
C HIS F 298 7.90 -9.39 27.88
N LEU F 299 8.93 -10.22 27.97
CA LEU F 299 9.30 -11.09 26.86
C LEU F 299 8.82 -12.52 27.10
N ASN F 300 8.08 -13.07 26.14
CA ASN F 300 7.56 -14.43 26.28
C ASN F 300 8.47 -15.48 25.65
N ALA F 301 8.72 -16.54 26.39
CA ALA F 301 9.56 -17.65 25.94
C ALA F 301 9.20 -18.85 26.78
N ASN F 302 9.34 -20.04 26.22
CA ASN F 302 9.03 -21.23 26.98
C ASN F 302 10.23 -21.79 27.73
N ASP F 303 11.38 -21.13 27.61
CA ASP F 303 12.57 -21.65 28.29
C ASP F 303 13.24 -20.71 29.28
N TRP F 304 12.51 -19.70 29.78
CA TRP F 304 13.13 -18.82 30.77
C TRP F 304 13.56 -19.69 31.95
N ALA F 305 14.79 -19.52 32.42
CA ALA F 305 15.30 -20.30 33.54
C ALA F 305 16.21 -19.39 34.37
N THR F 306 16.23 -19.63 35.68
CA THR F 306 17.05 -18.82 36.57
C THR F 306 18.40 -19.51 36.71
N ASN F 307 19.48 -18.77 36.49
CA ASN F 307 20.81 -19.38 36.61
C ASN F 307 21.34 -19.35 38.04
N GLY F 308 22.57 -19.81 38.21
CA GLY F 308 23.21 -19.88 39.52
C GLY F 308 23.29 -18.59 40.31
N VAL F 309 23.16 -17.45 39.65
CA VAL F 309 23.23 -16.19 40.37
C VAL F 309 21.91 -15.45 40.39
N GLY F 310 20.83 -16.17 40.15
CA GLY F 310 19.51 -15.55 40.20
C GLY F 310 19.03 -14.74 39.01
N ARG F 311 19.70 -14.86 37.88
CA ARG F 311 19.26 -14.11 36.70
C ARG F 311 18.51 -15.03 35.74
N LYS F 312 17.47 -14.48 35.11
CA LYS F 312 16.67 -15.23 34.14
C LYS F 312 17.37 -15.19 32.78
N VAL F 313 17.44 -16.35 32.12
CA VAL F 313 18.05 -16.44 30.81
C VAL F 313 17.22 -17.33 29.90
N SER F 314 17.20 -16.99 28.62
CA SER F 314 16.49 -17.75 27.61
C SER F 314 17.41 -17.93 26.41
N HIS F 315 17.29 -19.05 25.70
CA HIS F 315 18.12 -19.27 24.54
C HIS F 315 17.66 -18.42 23.37
N SER F 316 16.46 -17.82 23.50
CA SER F 316 15.92 -16.96 22.45
C SER F 316 16.25 -15.51 22.69
N TYR F 317 16.51 -15.16 23.95
CA TYR F 317 16.76 -13.77 24.30
C TYR F 317 18.02 -13.44 25.09
N GLY F 318 18.76 -14.45 25.53
CA GLY F 318 19.92 -14.16 26.34
C GLY F 318 19.39 -13.64 27.67
N TYR F 319 19.90 -12.52 28.16
CA TYR F 319 19.43 -11.99 29.43
C TYR F 319 18.22 -11.08 29.30
N GLY F 320 17.69 -10.97 28.09
CA GLY F 320 16.52 -10.15 27.88
C GLY F 320 16.74 -8.89 27.06
N LEU F 321 15.76 -8.01 27.16
CA LEU F 321 15.74 -6.75 26.43
C LEU F 321 16.76 -5.74 26.97
N LEU F 322 17.47 -5.09 26.07
CA LEU F 322 18.42 -4.07 26.50
C LEU F 322 17.64 -2.91 27.11
N ASP F 323 18.23 -2.28 28.13
CA ASP F 323 17.62 -1.15 28.82
C ASP F 323 18.64 -0.01 28.75
N ALA F 324 18.47 0.91 27.81
CA ALA F 324 19.42 2.01 27.64
C ALA F 324 19.58 2.86 28.91
N GLY F 325 18.47 3.22 29.54
CA GLY F 325 18.54 4.03 30.75
C GLY F 325 19.38 3.35 31.82
N ALA F 326 19.15 2.06 32.02
CA ALA F 326 19.89 1.30 33.01
C ALA F 326 21.36 1.15 32.62
N MET F 327 21.61 0.96 31.32
CA MET F 327 22.97 0.82 30.82
C MET F 327 23.81 2.05 31.11
N VAL F 328 23.31 3.23 30.75
CA VAL F 328 24.08 4.45 30.97
C VAL F 328 24.21 4.79 32.45
N ALA F 329 23.19 4.42 33.23
CA ALA F 329 23.22 4.70 34.67
C ALA F 329 24.33 3.87 35.31
N LEU F 330 24.31 2.56 35.07
CA LEU F 330 25.31 1.67 35.65
C LEU F 330 26.73 1.97 35.15
N ALA F 331 26.84 2.38 33.89
CA ALA F 331 28.15 2.69 33.31
C ALA F 331 28.93 3.77 34.07
N GLN F 332 28.22 4.81 34.48
CA GLN F 332 28.84 5.94 35.19
C GLN F 332 29.68 5.56 36.42
N ASN F 333 29.18 4.64 37.22
CA ASN F 333 29.89 4.24 38.42
C ASN F 333 30.65 2.92 38.31
N TRP F 334 30.70 2.37 37.11
CA TRP F 334 31.35 1.09 36.87
C TRP F 334 32.86 1.05 37.10
N THR F 335 33.28 0.03 37.84
CA THR F 335 34.69 -0.20 38.14
C THR F 335 35.17 -1.27 37.17
N THR F 336 36.17 -0.94 36.36
CA THR F 336 36.72 -1.87 35.38
C THR F 336 37.01 -3.23 36.00
N VAL F 337 36.57 -4.28 35.31
CA VAL F 337 36.76 -5.64 35.81
C VAL F 337 38.23 -6.03 35.81
N ALA F 338 38.55 -7.01 36.66
CA ALA F 338 39.91 -7.50 36.75
C ALA F 338 40.34 -8.14 35.43
N PRO F 339 41.65 -8.35 35.25
CA PRO F 339 42.17 -8.96 34.02
C PRO F 339 41.52 -10.31 33.74
N GLN F 340 41.28 -10.59 32.47
CA GLN F 340 40.65 -11.84 32.08
C GLN F 340 41.55 -13.05 32.28
N ARG F 341 41.03 -14.08 32.92
CA ARG F 341 41.79 -15.31 33.13
C ARG F 341 41.17 -16.38 32.24
N LYS F 342 41.95 -17.39 31.91
CA LYS F 342 41.47 -18.47 31.04
C LYS F 342 41.93 -19.79 31.61
N CYS F 343 40.98 -20.65 31.97
CA CYS F 343 41.30 -21.95 32.54
C CYS F 343 40.86 -23.04 31.56
N ILE F 344 41.83 -23.81 31.08
CA ILE F 344 41.58 -24.89 30.12
C ILE F 344 41.56 -26.24 30.82
N ILE F 345 40.48 -26.98 30.64
CA ILE F 345 40.34 -28.29 31.25
C ILE F 345 39.93 -29.33 30.22
N ASP F 346 40.86 -30.19 29.83
CA ASP F 346 40.55 -31.24 28.87
C ASP F 346 39.90 -32.36 29.67
N ILE F 347 38.65 -32.69 29.32
CA ILE F 347 37.87 -33.67 30.05
C ILE F 347 38.05 -35.18 29.76
N LEU F 348 38.03 -35.58 28.49
CA LEU F 348 38.14 -37.01 28.18
C LEU F 348 39.50 -37.67 28.35
N THR F 349 39.47 -38.90 28.86
CA THR F 349 40.68 -39.69 29.03
C THR F 349 40.64 -40.80 27.99
N GLU F 350 39.52 -40.88 27.28
CA GLU F 350 39.32 -41.88 26.24
C GLU F 350 38.09 -41.53 25.43
N PRO F 351 38.04 -41.96 24.17
CA PRO F 351 36.88 -41.67 23.32
C PRO F 351 35.62 -42.26 23.92
N LYS F 352 34.48 -41.65 23.62
CA LYS F 352 33.21 -42.11 24.15
C LYS F 352 32.21 -42.36 23.04
N ASP F 353 31.60 -43.54 23.07
CA ASP F 353 30.60 -43.89 22.06
C ASP F 353 29.35 -43.08 22.40
N ILE F 354 28.73 -42.47 21.41
CA ILE F 354 27.55 -41.67 21.66
C ILE F 354 26.27 -42.50 21.74
N GLY F 355 26.01 -43.30 20.71
CA GLY F 355 24.82 -44.12 20.74
C GLY F 355 23.56 -43.29 20.82
N LYS F 356 22.63 -43.69 21.68
CA LYS F 356 21.37 -42.97 21.82
C LYS F 356 21.51 -41.81 22.77
N ARG F 357 22.40 -41.94 23.75
CA ARG F 357 22.63 -40.89 24.72
C ARG F 357 23.96 -41.07 25.44
N LEU F 358 24.65 -39.96 25.64
CA LEU F 358 25.94 -39.99 26.31
C LEU F 358 25.96 -38.89 27.34
N GLU F 359 26.51 -39.21 28.51
CA GLU F 359 26.60 -38.25 29.57
C GLU F 359 28.01 -38.29 30.11
N VAL F 360 28.65 -37.13 30.19
CA VAL F 360 30.01 -37.04 30.68
C VAL F 360 30.01 -36.10 31.87
N ARG F 361 30.50 -36.61 33.00
CA ARG F 361 30.56 -35.84 34.24
C ARG F 361 32.01 -35.61 34.62
N LYS F 362 32.29 -34.43 35.16
CA LYS F 362 33.65 -34.12 35.56
C LYS F 362 33.65 -33.03 36.62
N THR F 363 34.30 -33.29 37.74
CA THR F 363 34.40 -32.30 38.80
C THR F 363 35.67 -31.52 38.52
N VAL F 364 35.59 -30.21 38.47
CA VAL F 364 36.76 -29.40 38.19
C VAL F 364 37.03 -28.43 39.32
N THR F 365 38.28 -27.95 39.39
CA THR F 365 38.66 -27.00 40.43
C THR F 365 38.79 -25.61 39.85
N ALA F 366 38.62 -25.49 38.53
CA ALA F 366 38.72 -24.21 37.85
C ALA F 366 40.07 -23.55 38.09
N CYS F 367 41.13 -24.34 37.98
CA CYS F 367 42.50 -23.86 38.16
C CYS F 367 42.80 -23.29 39.54
N LEU F 368 42.20 -23.89 40.56
CA LEU F 368 42.43 -23.47 41.94
C LEU F 368 43.93 -23.54 42.23
N GLY F 369 44.44 -22.53 42.91
CA GLY F 369 45.85 -22.51 43.24
C GLY F 369 46.78 -22.05 42.12
N GLU F 370 46.22 -21.78 40.95
CA GLU F 370 47.03 -21.33 39.81
C GLU F 370 46.69 -19.87 39.49
N PRO F 371 47.52 -19.22 38.65
CA PRO F 371 47.30 -17.82 38.28
C PRO F 371 45.97 -17.58 37.56
N ASN F 372 45.46 -18.60 36.86
CA ASN F 372 44.21 -18.48 36.13
C ASN F 372 42.99 -19.05 36.87
N HIS F 373 43.09 -19.10 38.20
CA HIS F 373 41.99 -19.59 39.02
C HIS F 373 40.75 -18.70 38.78
N ILE F 374 39.61 -19.32 38.50
CA ILE F 374 38.40 -18.54 38.25
C ILE F 374 37.28 -18.83 39.24
N THR F 375 36.79 -17.79 39.91
CA THR F 375 35.70 -17.95 40.86
C THR F 375 34.44 -17.24 40.33
N ARG F 376 34.65 -16.33 39.38
CA ARG F 376 33.55 -15.59 38.77
C ARG F 376 33.64 -15.79 37.25
N LEU F 377 32.79 -16.67 36.73
CA LEU F 377 32.80 -16.98 35.32
C LEU F 377 32.25 -15.90 34.41
N GLU F 378 32.76 -15.86 33.19
CA GLU F 378 32.27 -14.95 32.16
C GLU F 378 31.77 -15.91 31.09
N HIS F 379 32.49 -16.03 29.97
CA HIS F 379 32.06 -16.98 28.93
C HIS F 379 32.62 -18.36 29.25
N ALA F 380 31.96 -19.40 28.73
CA ALA F 380 32.46 -20.77 28.89
C ALA F 380 32.30 -21.43 27.52
N GLN F 381 33.30 -22.19 27.09
CA GLN F 381 33.24 -22.90 25.81
C GLN F 381 33.41 -24.38 26.06
N ALA F 382 32.70 -25.19 25.28
CA ALA F 382 32.82 -26.63 25.35
C ALA F 382 33.31 -26.95 23.94
N ARG F 383 34.61 -27.18 23.80
CA ARG F 383 35.21 -27.48 22.50
C ARG F 383 35.06 -28.96 22.24
N LEU F 384 34.19 -29.31 21.30
CA LEU F 384 33.94 -30.70 21.00
C LEU F 384 34.41 -31.17 19.64
N THR F 385 34.88 -32.40 19.62
CA THR F 385 35.30 -33.07 18.40
C THR F 385 34.58 -34.39 18.45
N LEU F 386 33.74 -34.66 17.46
CA LEU F 386 32.99 -35.89 17.44
C LEU F 386 32.57 -36.26 16.04
N SER F 387 32.30 -37.55 15.85
CA SER F 387 31.85 -38.05 14.55
C SER F 387 30.42 -38.52 14.77
N TYR F 388 29.58 -38.40 13.75
CA TYR F 388 28.21 -38.84 13.84
C TYR F 388 27.71 -39.03 12.43
N ASN F 389 26.73 -39.91 12.24
CA ASN F 389 26.22 -40.16 10.90
C ASN F 389 25.23 -39.11 10.41
N ARG F 390 24.46 -38.52 11.32
CA ARG F 390 23.48 -37.50 10.96
C ARG F 390 23.52 -36.39 12.01
N ARG F 391 24.39 -35.41 11.79
CA ARG F 391 24.60 -34.31 12.72
C ARG F 391 23.35 -33.62 13.30
N GLY F 392 22.41 -33.27 12.44
CA GLY F 392 21.19 -32.61 12.89
C GLY F 392 20.32 -33.35 13.89
N ASP F 393 20.56 -34.65 14.10
CA ASP F 393 19.75 -35.39 15.06
C ASP F 393 20.25 -35.19 16.49
N LEU F 394 21.43 -34.62 16.62
CA LEU F 394 22.03 -34.40 17.93
C LEU F 394 21.52 -33.18 18.66
N ALA F 395 21.49 -33.27 19.98
CA ALA F 395 21.11 -32.16 20.85
C ALA F 395 22.18 -32.27 21.93
N ILE F 396 22.83 -31.16 22.24
CA ILE F 396 23.90 -31.17 23.23
C ILE F 396 23.63 -30.14 24.32
N HIS F 397 23.77 -30.58 25.56
CA HIS F 397 23.54 -29.70 26.70
C HIS F 397 24.72 -29.73 27.65
N LEU F 398 24.92 -28.61 28.35
CA LEU F 398 26.02 -28.49 29.29
C LEU F 398 25.43 -27.93 30.57
N VAL F 399 25.65 -28.63 31.68
CA VAL F 399 25.12 -28.20 32.96
C VAL F 399 26.25 -27.75 33.87
N SER F 400 26.15 -26.52 34.37
CA SER F 400 27.19 -26.00 35.25
C SER F 400 27.02 -26.56 36.66
N PRO F 401 28.07 -26.46 37.49
CA PRO F 401 28.01 -26.97 38.86
C PRO F 401 26.83 -26.36 39.62
N MET F 402 26.46 -25.12 39.29
CA MET F 402 25.34 -24.48 39.96
C MET F 402 23.98 -24.84 39.34
N GLY F 403 23.97 -25.84 38.47
CA GLY F 403 22.73 -26.31 37.87
C GLY F 403 22.16 -25.59 36.66
N THR F 404 22.93 -24.70 36.04
CA THR F 404 22.44 -23.99 34.87
C THR F 404 22.64 -24.85 33.63
N ARG F 405 21.54 -25.15 32.95
CA ARG F 405 21.57 -25.98 31.77
C ARG F 405 21.62 -25.17 30.48
N SER F 406 22.77 -25.20 29.81
CA SER F 406 22.94 -24.48 28.56
C SER F 406 22.81 -25.45 27.41
N THR F 407 21.90 -25.19 26.50
CA THR F 407 21.76 -26.07 25.35
C THR F 407 22.72 -25.53 24.31
N LEU F 408 23.83 -26.25 24.13
CA LEU F 408 24.86 -25.86 23.18
C LEU F 408 24.39 -26.10 21.74
N LEU F 409 23.54 -27.10 21.55
CA LEU F 409 23.05 -27.43 20.23
C LEU F 409 21.70 -28.11 20.28
N ALA F 410 20.72 -27.52 19.60
CA ALA F 410 19.40 -28.13 19.55
C ALA F 410 19.36 -28.87 18.22
N ALA F 411 18.41 -29.79 18.07
CA ALA F 411 18.29 -30.55 16.84
C ALA F 411 18.10 -29.62 15.64
N ARG F 412 18.71 -29.99 14.52
CA ARG F 412 18.59 -29.24 13.27
C ARG F 412 18.15 -30.25 12.22
N PRO F 413 16.84 -30.39 12.04
CA PRO F 413 16.27 -31.34 11.09
C PRO F 413 16.85 -31.34 9.68
N HIS F 414 17.30 -30.19 9.19
CA HIS F 414 17.86 -30.14 7.83
C HIS F 414 19.35 -30.50 7.76
N ASP F 415 19.99 -30.68 8.91
CA ASP F 415 21.40 -30.99 8.92
C ASP F 415 21.68 -32.48 8.83
N TYR F 416 21.87 -32.95 7.60
CA TYR F 416 22.13 -34.36 7.35
C TYR F 416 23.62 -34.65 7.22
N SER F 417 24.44 -33.67 7.58
CA SER F 417 25.89 -33.84 7.49
C SER F 417 26.43 -35.04 8.24
N ALA F 418 27.43 -35.68 7.65
CA ALA F 418 28.08 -36.84 8.27
C ALA F 418 29.47 -36.43 8.73
N ASP F 419 29.75 -35.12 8.67
CA ASP F 419 31.06 -34.61 9.06
C ASP F 419 31.29 -34.33 10.54
N GLY F 420 30.24 -34.39 11.36
CA GLY F 420 30.40 -34.14 12.79
C GLY F 420 30.94 -32.76 13.11
N PHE F 421 31.61 -32.65 14.26
CA PHE F 421 32.21 -31.38 14.68
C PHE F 421 33.70 -31.58 14.89
N ASN F 422 34.50 -30.64 14.39
CA ASN F 422 35.94 -30.73 14.53
C ASN F 422 36.44 -29.59 15.41
N ASP F 423 36.62 -29.89 16.70
CA ASP F 423 37.03 -28.91 17.69
C ASP F 423 36.21 -27.65 17.56
N TRP F 424 34.88 -27.82 17.55
CA TRP F 424 33.98 -26.66 17.45
C TRP F 424 33.73 -26.14 18.86
N ALA F 425 33.91 -24.83 19.05
CA ALA F 425 33.77 -24.22 20.37
C ALA F 425 32.38 -23.68 20.72
N PHE F 426 31.48 -24.56 21.13
CA PHE F 426 30.13 -24.16 21.52
C PHE F 426 30.30 -23.24 22.72
N MET F 427 29.63 -22.09 22.70
CA MET F 427 29.79 -21.12 23.78
C MET F 427 28.48 -20.78 24.50
N THR F 428 28.56 -20.55 25.80
CA THR F 428 27.37 -20.16 26.56
C THR F 428 27.66 -18.98 27.46
N THR F 429 26.69 -18.09 27.55
CA THR F 429 26.78 -16.89 28.38
C THR F 429 25.88 -17.06 29.59
N HIS F 430 25.17 -18.18 29.67
CA HIS F 430 24.21 -18.41 30.73
C HIS F 430 24.73 -18.60 32.14
N SER F 431 26.01 -18.91 32.30
CA SER F 431 26.56 -19.10 33.63
C SER F 431 27.43 -17.92 34.07
N TRP F 432 27.24 -16.78 33.41
CA TRP F 432 27.98 -15.58 33.72
C TRP F 432 27.85 -15.26 35.21
N ASP F 433 29.00 -15.02 35.85
CA ASP F 433 29.11 -14.71 37.28
C ASP F 433 28.99 -15.89 38.23
N GLU F 434 28.75 -17.07 37.71
CA GLU F 434 28.65 -18.26 38.56
C GLU F 434 30.05 -18.70 38.96
N ASP F 435 30.13 -19.51 40.01
CA ASP F 435 31.41 -20.06 40.43
C ASP F 435 31.47 -21.32 39.60
N PRO F 436 32.50 -21.47 38.76
CA PRO F 436 32.64 -22.65 37.91
C PRO F 436 33.21 -23.91 38.51
N SER F 437 33.65 -23.88 39.76
CA SER F 437 34.22 -25.10 40.35
C SER F 437 33.09 -26.06 40.74
N GLY F 438 33.34 -27.34 40.55
CA GLY F 438 32.32 -28.32 40.88
C GLY F 438 32.13 -29.24 39.71
N GLU F 439 31.03 -29.98 39.72
CA GLU F 439 30.75 -30.92 38.66
C GLU F 439 29.99 -30.32 37.47
N TRP F 440 30.56 -30.51 36.28
CA TRP F 440 29.95 -30.06 35.03
C TRP F 440 29.49 -31.34 34.37
N VAL F 441 28.39 -31.26 33.63
CA VAL F 441 27.87 -32.43 32.94
C VAL F 441 27.56 -32.09 31.49
N LEU F 442 28.05 -32.93 30.60
CA LEU F 442 27.81 -32.73 29.18
C LEU F 442 26.85 -33.84 28.78
N GLU F 443 25.81 -33.49 28.05
CA GLU F 443 24.82 -34.47 27.61
C GLU F 443 24.71 -34.39 26.09
N ILE F 444 24.83 -35.54 25.44
CA ILE F 444 24.68 -35.61 24.00
C ILE F 444 23.60 -36.67 23.77
N GLU F 445 22.55 -36.31 23.04
CA GLU F 445 21.47 -37.25 22.81
C GLU F 445 21.02 -37.31 21.37
N ASN F 446 20.57 -38.48 20.96
CA ASN F 446 20.05 -38.67 19.62
C ASN F 446 18.57 -38.36 19.76
N THR F 447 18.12 -37.26 19.16
CA THR F 447 16.72 -36.85 19.26
C THR F 447 15.81 -37.57 18.27
N SER F 448 16.38 -38.38 17.39
CA SER F 448 15.59 -39.11 16.40
C SER F 448 15.40 -40.57 16.82
N GLU F 449 14.50 -41.27 16.15
CA GLU F 449 14.27 -42.67 16.44
C GLU F 449 15.23 -43.52 15.64
N ALA F 450 15.87 -42.90 14.66
CA ALA F 450 16.83 -43.61 13.81
C ALA F 450 17.98 -44.15 14.65
N ASN F 451 18.57 -45.25 14.20
CA ASN F 451 19.69 -45.87 14.88
C ASN F 451 20.95 -45.17 14.40
N ASN F 452 21.26 -44.05 15.03
CA ASN F 452 22.44 -43.28 14.66
C ASN F 452 23.65 -43.73 15.45
N TYR F 453 24.83 -43.37 14.99
CA TYR F 453 26.06 -43.78 15.65
C TYR F 453 27.17 -42.76 15.49
N GLY F 454 28.09 -42.74 16.45
CA GLY F 454 29.19 -41.82 16.38
C GLY F 454 30.02 -41.87 17.63
N THR F 455 31.10 -41.10 17.66
CA THR F 455 31.98 -41.08 18.82
C THR F 455 32.45 -39.69 19.19
N LEU F 456 32.47 -39.41 20.48
CA LEU F 456 32.95 -38.14 21.00
C LEU F 456 34.42 -38.41 21.33
N THR F 457 35.33 -37.75 20.62
CA THR F 457 36.76 -37.96 20.86
C THR F 457 37.44 -36.85 21.65
N LYS F 458 36.80 -35.69 21.77
CA LYS F 458 37.41 -34.63 22.54
C LYS F 458 36.35 -33.71 23.13
N PHE F 459 36.58 -33.34 24.39
CA PHE F 459 35.71 -32.44 25.10
C PHE F 459 36.59 -31.61 26.00
N THR F 460 36.84 -30.37 25.58
CA THR F 460 37.68 -29.46 26.33
C THR F 460 36.83 -28.32 26.86
N LEU F 461 36.84 -28.14 28.16
CA LEU F 461 36.06 -27.08 28.78
C LEU F 461 36.98 -25.87 28.96
N VAL F 462 36.58 -24.73 28.41
CA VAL F 462 37.39 -23.52 28.52
C VAL F 462 36.60 -22.47 29.30
N LEU F 463 37.15 -22.04 30.42
CA LEU F 463 36.52 -21.07 31.27
C LEU F 463 37.24 -19.73 31.21
N TYR F 464 36.49 -18.65 31.08
CA TYR F 464 37.04 -17.31 31.06
C TYR F 464 36.42 -16.60 32.26
N GLY F 465 37.17 -15.70 32.89
CA GLY F 465 36.64 -15.01 34.04
C GLY F 465 37.68 -14.39 34.95
N THR F 466 37.26 -14.09 36.17
CA THR F 466 38.13 -13.47 37.17
C THR F 466 38.00 -14.16 38.52
N ALA F 467 38.73 -13.63 39.49
CA ALA F 467 38.73 -14.16 40.84
C ALA F 467 38.45 -13.07 41.88
C1 2UE G 1 -27.82 32.99 25.30
N1 2UE G 1 -26.38 36.50 19.98
O1 2UE G 1 -29.41 31.57 24.21
C2 2UE G 1 -28.27 31.73 24.62
N2 2UE G 1 -25.84 34.35 19.26
C3 2UE G 1 -27.23 33.99 24.34
N3 2UE G 1 -27.28 35.67 18.03
C4 2UE G 1 -28.08 34.78 23.55
C5 2UE G 1 -25.85 34.03 24.12
C6 2UE G 1 -27.54 35.61 22.55
C7 2UE G 1 -26.13 35.64 22.32
C8 2UE G 1 -25.31 34.85 23.12
C9 2UE G 1 -25.56 36.47 21.19
C10 2UE G 1 -26.49 35.51 19.09
N ARG G 2 -27.30 30.84 24.46
CA ARG G 2 -27.50 29.56 23.81
C ARG G 2 -27.19 28.42 24.77
N TBG G 3 -28.13 27.48 24.88
CA TBG G 3 -28.03 26.42 25.69
CB TBG G 3 -29.16 26.51 26.81
CG1 TBG G 3 -28.91 25.46 27.91
CG2 TBG G 3 -29.14 27.89 27.45
CG3 TBG G 3 -30.54 26.31 26.19
C TBG G 3 -28.07 25.04 25.01
O TBG G 3 -28.73 24.86 24.01
N ARG G 4 -27.35 24.09 25.61
CA ARG G 4 -27.31 22.71 25.08
C ARG G 4 -28.74 22.21 25.29
N23 00S G 5 -29.31 21.59 24.27
C16 00S G 5 -30.67 21.07 24.32
C17 00S G 5 -31.58 22.05 23.64
C22 00S G 5 -31.80 21.96 22.25
C21 00S G 5 -32.54 22.95 21.56
C24 00S G 5 -33.11 24.03 22.25
C27 00S G 5 -33.91 25.07 21.51
N35 00S G 5 -34.39 24.73 20.33
N34 00S G 5 -34.11 26.28 22.02
C19 00S G 5 -32.92 24.13 23.65
C18 00S G 5 -32.16 23.12 24.34
C1 2UE H 1 -40.84 56.64 4.86
N1 2UE H 1 -41.35 50.29 6.30
O1 2UE H 1 -38.70 56.46 3.77
C2 2UE H 1 -39.92 56.52 3.66
N2 2UE H 1 -41.16 50.23 3.99
C3 2UE H 1 -41.32 55.32 5.35
N3 2UE H 1 -39.75 48.97 5.30
C4 2UE H 1 -40.49 54.51 6.16
C5 2UE H 1 -42.56 54.80 4.92
C6 2UE H 1 -40.86 53.19 6.50
C7 2UE H 1 -42.10 52.66 6.04
C8 2UE H 1 -42.93 53.48 5.26
C9 2UE H 1 -42.48 51.24 6.34
C10 2UE H 1 -40.76 49.83 5.20
N ARG H 2 -40.59 56.43 2.51
CA ARG H 2 -39.89 56.30 1.24
C ARG H 2 -40.21 57.49 0.34
N TBG H 3 -39.16 58.09 -0.22
CA TBG H 3 -39.28 59.16 -1.01
CB TBG H 3 -38.58 60.41 -0.30
CG1 TBG H 3 -38.88 61.71 -1.06
CG2 TBG H 3 -39.10 60.55 1.14
CG3 TBG H 3 -37.05 60.21 -0.22
C TBG H 3 -38.72 58.98 -2.44
O TBG H 3 -37.77 58.26 -2.66
N ARG H 4 -39.36 59.68 -3.38
CA ARG H 4 -38.94 59.64 -4.79
C ARG H 4 -37.56 60.30 -4.75
N23 00S H 5 -36.59 59.71 -5.43
C16 00S H 5 -35.22 60.23 -5.45
C17 00S H 5 -34.39 59.46 -4.46
C22 00S H 5 -33.76 58.26 -4.84
C21 00S H 5 -33.08 57.47 -3.88
C24 00S H 5 -33.01 57.86 -2.53
C27 00S H 5 -32.28 57.01 -1.52
N35 00S H 5 -31.40 56.12 -1.98
N34 00S H 5 -32.50 57.12 -0.22
C19 00S H 5 -33.63 59.06 -2.14
C18 00S H 5 -34.32 59.87 -3.11
C1 2UE I 1 7.67 -20.88 -12.33
N1 2UE I 1 3.93 -22.11 -17.53
O1 2UE I 1 5.86 -20.16 -10.92
C2 2UE I 1 6.63 -21.07 -11.26
N2 2UE I 1 2.98 -23.50 -15.93
C3 2UE I 1 7.19 -21.27 -13.68
N3 2UE I 1 1.67 -22.00 -17.10
C4 2UE I 1 6.37 -20.38 -14.41
C5 2UE I 1 7.43 -22.56 -14.19
C6 2UE I 1 5.77 -20.80 -15.62
C7 2UE I 1 5.99 -22.13 -16.12
C8 2UE I 1 6.83 -22.99 -15.38
C9 2UE I 1 5.31 -22.61 -17.37
C10 2UE I 1 2.86 -22.55 -16.86
N ARG I 2 6.60 -22.30 -10.77
CA ARG I 2 5.64 -22.71 -9.74
C ARG I 2 6.38 -23.18 -8.48
N TBG I 3 5.99 -22.63 -7.34
CA TBG I 3 6.54 -22.91 -6.16
CB TBG I 3 7.24 -21.61 -5.58
CG1 TBG I 3 8.10 -21.94 -4.35
CG2 TBG I 3 8.14 -20.97 -6.66
CG3 TBG I 3 6.19 -20.56 -5.19
C TBG I 3 5.58 -23.51 -5.10
O TBG I 3 4.41 -23.20 -5.05
N ARG I 4 6.16 -24.37 -4.25
CA ARG I 4 5.39 -25.01 -3.18
C ARG I 4 5.04 -23.85 -2.26
N23 00S I 5 3.78 -23.77 -1.85
C16 00S I 5 3.32 -22.69 -0.99
C17 00S I 5 2.61 -21.67 -1.83
C22 00S I 5 1.24 -21.83 -2.11
C21 00S I 5 0.58 -20.95 -2.99
C24 00S I 5 1.28 -19.90 -3.62
C27 00S I 5 0.56 -18.97 -4.56
N35 00S I 5 -0.76 -18.91 -4.47
N34 00S I 5 1.22 -18.23 -5.46
C19 00S I 5 2.65 -19.73 -3.34
C18 00S I 5 3.31 -20.62 -2.44
C1 2UE J 1 -9.44 -4.83 -36.21
N1 2UE J 1 -9.89 -6.43 -29.90
O1 2UE J 1 -9.87 -7.06 -37.03
C2 2UE J 1 -10.31 -5.93 -36.77
N2 2UE J 1 -11.98 -7.07 -30.68
C3 2UE J 1 -9.48 -4.78 -34.71
N3 2UE J 1 -10.66 -8.56 -29.54
C4 2UE J 1 -8.70 -5.68 -33.97
C5 2UE J 1 -10.37 -3.93 -34.04
C6 2UE J 1 -8.83 -5.76 -32.57
C7 2UE J 1 -9.76 -4.92 -31.88
C8 2UE J 1 -10.52 -4.00 -32.63
C9 2UE J 1 -9.96 -5.05 -30.40
C10 2UE J 1 -10.85 -7.35 -30.03
N ARG J 2 -11.58 -5.59 -36.91
CA ARG J 2 -12.59 -6.50 -37.42
C ARG J 2 -13.21 -5.96 -38.69
N TBG J 3 -13.23 -6.79 -39.74
CA TBG J 3 -13.72 -6.46 -40.95
CB TBG J 3 -12.53 -6.50 -42.02
CG1 TBG J 3 -12.97 -5.89 -43.35
CG2 TBG J 3 -11.34 -5.69 -41.49
CG3 TBG J 3 -12.05 -7.93 -42.27
C TBG J 3 -14.91 -7.32 -41.43
O TBG J 3 -15.01 -8.50 -41.16
N ARG J 4 -15.79 -6.66 -42.19
CA ARG J 4 -16.96 -7.34 -42.77
C ARG J 4 -16.36 -8.33 -43.77
N23 00S J 5 -16.80 -9.59 -43.72
C16 00S J 5 -16.29 -10.62 -44.59
C17 00S J 5 -15.32 -11.47 -43.83
C22 00S J 5 -15.77 -12.56 -43.06
C21 00S J 5 -14.88 -13.27 -42.22
C24 00S J 5 -13.53 -12.91 -42.12
C27 00S J 5 -12.58 -13.70 -41.26
N35 00S J 5 -12.95 -14.92 -40.87
N34 00S J 5 -11.42 -13.20 -40.86
C19 00S J 5 -13.07 -11.83 -42.89
C18 00S J 5 -13.96 -11.11 -43.74
C1 2UE K 1 52.44 -35.97 16.76
N1 2UE K 1 47.32 -32.17 18.20
O1 2UE K 1 53.89 -34.20 16.08
C2 2UE K 1 53.53 -34.97 16.96
N2 2UE K 1 48.96 -31.31 19.60
C3 2UE K 1 51.10 -35.47 17.19
N3 2UE K 1 47.80 -29.92 18.17
C4 2UE K 1 50.36 -34.62 16.35
C5 2UE K 1 50.62 -35.74 18.50
C6 2UE K 1 49.17 -34.02 16.81
C7 2UE K 1 48.70 -34.26 18.13
C8 2UE K 1 49.43 -35.14 18.96
C9 2UE K 1 47.45 -33.57 18.64
C10 2UE K 1 48.02 -31.14 18.67
N ARG K 2 54.03 -34.98 18.20
CA ARG K 2 55.09 -34.08 18.62
C ARG K 2 56.33 -34.86 19.04
N TBG K 3 57.48 -34.47 18.51
CA TBG K 3 58.65 -35.05 18.76
CB TBG K 3 59.20 -35.74 17.41
CG1 TBG K 3 60.41 -36.65 17.70
CG2 TBG K 3 58.08 -36.58 16.76
CG3 TBG K 3 59.60 -34.66 16.38
C TBG K 3 59.74 -34.14 19.36
O TBG K 3 59.81 -32.97 19.08
N ARG K 4 60.58 -34.77 20.20
CA ARG K 4 61.70 -34.05 20.83
C ARG K 4 62.61 -33.69 19.65
N23 00S K 5 63.04 -32.44 19.60
C16 00S K 5 63.90 -31.95 18.53
C17 00S K 5 63.06 -31.20 17.56
C22 00S K 5 62.82 -29.82 17.74
C21 00S K 5 61.93 -29.12 16.90
C24 00S K 5 61.25 -29.77 15.85
C27 00S K 5 60.31 -29.01 14.96
N35 00S K 5 60.41 -27.68 14.94
N34 00S K 5 59.38 -29.63 14.23
C19 00S K 5 61.50 -31.15 15.64
C18 00S K 5 62.40 -31.86 16.50
C1 2UE L 1 28.87 -17.49 1.78
N1 2UE L 1 35.22 -17.34 3.27
O1 2UE L 1 28.11 -17.16 4.03
C2 2UE L 1 28.36 -16.67 2.91
N2 2UE L 1 34.52 -15.25 4.02
C3 2UE L 1 30.37 -17.51 1.71
N3 2UE L 1 35.64 -16.70 5.44
C4 2UE L 1 31.10 -18.37 2.56
C5 2UE L 1 31.06 -16.59 0.90
C6 2UE L 1 32.51 -18.28 2.62
C7 2UE L 1 33.20 -17.32 1.82
C8 2UE L 1 32.46 -16.50 0.95
C9 2UE L 1 34.70 -17.18 1.91
C10 2UE L 1 35.13 -16.43 4.24
N ARG L 2 28.26 -15.38 2.63
CA ARG L 2 27.79 -14.41 3.61
C ARG L 2 26.52 -13.72 3.13
N TBG L 3 25.50 -13.69 3.98
CA TBG L 3 24.32 -13.14 3.71
CB TBG L 3 23.19 -14.28 3.70
CG1 TBG L 3 21.85 -13.76 3.14
CG2 TBG L 3 23.66 -15.46 2.83
CG3 TBG L 3 22.96 -14.83 5.12
C TBG L 3 23.87 -11.98 4.62
O TBG L 3 24.18 -11.95 5.79
N ARG L 4 23.14 -11.04 4.02
CA ARG L 4 22.63 -9.90 4.76
C ARG L 4 21.64 -10.52 5.75
N23 00S L 5 21.71 -10.12 7.01
C16 00S L 5 20.83 -10.66 8.04
C17 00S L 5 21.58 -11.68 8.83
C22 00S L 5 22.38 -11.30 9.93
C21 00S L 5 23.21 -12.25 10.59
C24 00S L 5 23.23 -13.59 10.17
C27 00S L 5 24.09 -14.60 10.88
N35 00S L 5 24.52 -14.28 12.10
N34 00S L 5 24.45 -15.75 10.32
C19 00S L 5 22.43 -13.98 9.09
C18 00S L 5 21.61 -13.02 8.42
C FMT M . -33.76 16.11 29.65
O1 FMT M . -33.38 17.31 29.62
O2 FMT M . -33.68 15.33 30.63
C FMT N . -35.47 30.04 -0.42
O1 FMT N . -36.17 29.98 0.63
O2 FMT N . -35.82 29.65 -1.58
C FMT O . -37.51 33.46 2.03
O1 FMT O . -36.84 32.43 2.26
O2 FMT O . -37.90 33.85 0.90
CA CA P . -19.86 0.35 17.65
CA CA Q . -37.81 26.76 23.71
CA CA R . -9.36 23.11 19.26
NA NA S . -37.99 24.77 11.23
C FMT T . -25.33 35.88 -2.04
O1 FMT T . -24.75 36.90 -1.55
O2 FMT T . -24.75 34.87 -2.54
C FMT U . -25.06 37.05 2.25
O1 FMT U . -25.28 37.36 1.05
O2 FMT U . -24.20 36.24 2.65
C FMT V . -32.96 67.32 -7.17
O1 FMT V . -33.62 67.25 -6.09
O2 FMT V . -33.04 68.25 -8.00
CA CA W . -38.51 58.75 -29.37
CA CA X . -29.68 59.39 1.80
CA CA Y . -53.85 50.25 -11.37
NA NA Z . -25.32 48.69 -3.29
C FMT AA . 6.27 -20.26 5.99
O1 FMT AA . 6.61 -20.23 4.77
O2 FMT AA . 7.02 -20.56 6.96
C FMT BA . -19.06 -20.68 -15.37
O1 FMT BA . -18.50 -19.68 -14.82
O2 FMT BA . -20.31 -20.84 -15.54
C FMT CA . -16.63 -17.19 -17.28
O1 FMT CA . -16.68 -18.12 -16.45
O2 FMT CA . -17.61 -16.64 -17.81
CA CA DA . -3.92 -41.17 12.88
CA CA EA . 1.76 -14.28 -4.43
CA CA FA . 5.69 -42.43 -10.40
NA NA GA . -10.23 -17.83 -6.32
C FMT HA . -16.53 -27.91 -24.18
O1 FMT HA . -15.58 -27.80 -25.01
O2 FMT HA . -16.95 -28.99 -23.68
C FMT IA . -12.05 -26.70 -24.18
O1 FMT IA . -13.08 -26.72 -24.88
O2 FMT IA . -11.55 -27.68 -23.56
C FMT JA . -15.76 -10.53 -52.21
O1 FMT JA . -14.74 -10.12 -51.60
O2 FMT JA . -16.14 -10.15 -53.35
CA CA KA . -39.65 -12.95 -50.44
CA CA LA . -8.18 -14.54 -42.97
CA CA MA . -29.89 1.42 -32.27
NA NA NA . -14.23 -23.55 -36.29
C FMT OA . 70.44 -35.15 16.31
O1 FMT OA . 69.48 -35.41 15.53
O2 FMT OA . 71.59 -35.62 16.24
C FMT PA . 50.23 -9.46 17.44
O1 FMT PA . 50.74 -9.83 16.35
O2 FMT PA . 49.96 -8.27 17.77
C FMT QA . 48.12 -11.32 13.80
O1 FMT QA . 48.85 -11.45 14.81
O2 FMT QA . 47.49 -10.29 13.47
CA CA RA . 78.22 -25.86 37.04
CA CA SA . 60.45 -30.03 10.23
CA CA TA . 54.76 -34.65 38.42
NA NA UA . 58.86 -17.99 14.17
C FMT VA . 40.89 -11.95 24.80
O1 FMT VA . 40.25 -13.02 24.95
O2 FMT VA . 41.65 -11.41 25.66
C FMT WA . 41.20 -16.38 23.66
O1 FMT WA . 40.95 -15.16 23.46
O2 FMT WA . 41.88 -16.85 24.61
C FMT XA . 12.99 -10.86 7.82
O1 FMT XA . 13.83 -11.80 7.76
O2 FMT XA . 11.81 -10.91 7.42
CA CA YA . 15.77 12.73 11.42
CA CA ZA . 22.32 -19.01 11.52
CA CA AB . 33.37 3.12 -3.77
NA NA BB . 29.35 -13.53 20.57
#